data_8CIM
#
_entry.id   8CIM
#
_cell.length_a   1.00
_cell.length_b   1.00
_cell.length_c   1.00
_cell.angle_alpha   90.00
_cell.angle_beta   90.00
_cell.angle_gamma   90.00
#
_symmetry.space_group_name_H-M   'P 1'
#
loop_
_entity.id
_entity.type
_entity.pdbx_description
1 polymer 'Spike glycoprotein,Fibritin'
2 polymer 'BA.2-07 FAB HEAVY CHAIN'
3 polymer 'BA.2-07 FAB LIGHT CHAIN'
4 branched 2-acetamido-2-deoxy-beta-D-glucopyranose-(1-4)-2-acetamido-2-deoxy-beta-D-glucopyranose
5 non-polymer 2-acetamido-2-deoxy-beta-D-glucopyranose
#
loop_
_entity_poly.entity_id
_entity_poly.type
_entity_poly.pdbx_seq_one_letter_code
_entity_poly.pdbx_strand_id
1 'polypeptide(L)'
;MFVFLVLLPLVSSQCVNLITRTQSYTNSFTRGVYYPDKVFRSSVLHSTQDLFLPFFSNVTWFHAIHVSGTNGTKRFDNPV
LPFNDGVYFASTEKSNIIRGWIFGTTLDSKTQSLLIVNNATNVVIKVCEFQFCNDPFLDVYYHKNNKSWMESEFRVYSSA
NNCTFEYVSQPFLMDLEGKQGNFKNLREFVFKNIDGYFKIYSKHTPINLGRDLPQGFSALEPLVDLPIGINITRFQTLLA
LHRSYLTPGDSSSGWTAGAAAYYVGYLQPRTFLLKYNENGTITDAVDCALDPLSETKCTLKSFTVEKGIYQTSNFRVQPT
ESIVRFPNITNLCPFDEVFNATRFASVYAWNRKRISNCVADYSVLYNFAPFFAFKCYGVSPTKLNDLCFTNVYADSFVIR
GNEVSQIAPGQTGNIADYNYKLPDDFTGCVIAWNSNKLDSKVGGNYNYQYRLFRKSNLKPFERDISTEIYQAGNKPCNGV
AGFNCYFPLRSYGFRPTYGVGHQPYRVVVLSFELLHAPATVCGPKKSTNLVKNKCVNFNFNGLTGTGVLTESNKKFLPFQ
QFGRDIADTTDAVRDPQTLEILDITPCSFGGVSVITPGTNTSNQVAVLYQGVNCTEVPVAIHADQLTPTWRVYSTGSNVF
QTRAGCLIGAEYVNNSYECDIPIGAGICASYQTQTKSHRRARSVASQSIIAYTMSLGAENLVAYSNNSIAIPTNFTISVT
TEILPVSMTKTSVDCTMYICGDSTECSNLLLQYGSFCTQLKRALTGIAVEQDKNTQEVFAQVKQIYKTPPIKYFGGFNFS
QILPDPSKPSKRSFIEDLLFNKVTLADAGFIKQYGDCLGDIAARDLICAQKFNGLTVLPPLLTDEMIAQYTSALLAGTIT
SGWTFGAGAALQIPFAMQMAYRFNGIGVTQNVLYENQKLIANQFNSAIGKIQDSLSSTASALGKLQDVVNHNAQALNTLV
KQLSSKFGAISSVLNDILSRLDKVEAEVQIDRLITGRLQSLQTYVTQQLIRAAEIRASANLAATKMSECVLGQSKRVDFC
GKGYHLMSFPQSAPHGVVFLHVTYVPAQEKNFTTAPAICHDGKAHFPREGVFVSNGTHWFVTQRNFYEPQIITTDNTFVS
GNCDVVIGIVNNTVYDPLQPELDSFKEELDKYFKNHTSPDVDLGDISGINASVVNIQKEIDRLNEVAKNLNESLIDLQEL
GKYEQGSGYIPEAPRDGQAYVRKDGEWVLLSTFLGRSLEVLFQGPGHHHHHHHHGSAWSHPQFEKGGGSGGGSGGSAWSH
PQFEK
;
A,B,C
2 'polypeptide(L)'
;EVQLVQSGAEVKEPGSSVKVSCKASGGSFSTSGISWVRQAPGQGLEWMGVIIPIQGTGNYAQKFQGRVTITADESTTTVY
MELSSLRSDDTALYYCARDQHIYDSSGHGGLWFDPWGQGTLVTVSSASTKGPSVFPLAPSSKSTSGGTAALGCLVKDYFP
EPVTVSWNSGALTSGVHTFPAVLQSSGLYSLSSVVTVPSSSLGTQTYICNVNHKPSNTKVDKRVEPKSCDK
;
D,F,H
3 'polypeptide(L)'
;AIRMTQSPSSLSASVGDRVTITCRASQSISSYLNWYQQKPGKAPKVLIYGASSLHSGVPSRFSGSGSGTDFTLTISRLQP
EDFATYYCQQSHSSPRSFGGGTKVEIKRTVAAPSVFIFPPSDEQLKSGTASVVCLLNNFYPREAKVQWKVDNALQSGNSQ
ESVTEQDSKDSTYSLSSTLTLSKADYEKHKVYACEVTHQGLSSPVTKSFNRGEC
;
E,G,L
#
# COMPACT_ATOMS: atom_id res chain seq x y z
N THR A 22 50.08 0.46 -37.33
CA THR A 22 50.70 0.58 -36.01
C THR A 22 49.64 0.70 -34.92
N GLN A 23 49.62 -0.25 -33.99
CA GLN A 23 48.62 -0.29 -32.92
C GLN A 23 49.34 -0.39 -31.58
N SER A 24 49.33 0.70 -30.83
CA SER A 24 49.82 0.71 -29.45
C SER A 24 48.64 0.67 -28.49
N TYR A 25 48.93 0.56 -27.20
CA TYR A 25 47.90 0.54 -26.17
C TYR A 25 48.24 1.54 -25.10
N THR A 26 47.20 2.20 -24.57
CA THR A 26 47.39 3.26 -23.59
C THR A 26 46.27 3.23 -22.56
N ASN A 27 46.50 3.90 -21.44
CA ASN A 27 45.50 4.08 -20.40
C ASN A 27 44.72 5.36 -20.66
N SER A 28 43.40 5.27 -20.66
CA SER A 28 42.55 6.42 -20.90
C SER A 28 42.46 7.37 -19.70
N PHE A 29 42.95 6.95 -18.54
CA PHE A 29 42.87 7.75 -17.31
C PHE A 29 41.39 8.03 -17.05
N THR A 30 40.98 9.29 -16.90
CA THR A 30 39.59 9.65 -16.64
C THR A 30 38.90 10.24 -17.87
N ARG A 31 39.54 10.19 -19.03
CA ARG A 31 38.96 10.80 -20.22
C ARG A 31 37.69 10.06 -20.64
N GLY A 32 36.76 10.82 -21.21
CA GLY A 32 35.58 10.26 -21.83
C GLY A 32 34.26 10.47 -21.13
N VAL A 33 34.12 11.50 -20.30
CA VAL A 33 32.88 11.76 -19.58
C VAL A 33 32.09 12.82 -20.34
N TYR A 34 30.84 12.51 -20.63
CA TYR A 34 29.97 13.38 -21.39
C TYR A 34 28.67 13.58 -20.64
N TYR A 35 27.94 14.63 -21.01
CA TYR A 35 26.67 14.92 -20.35
C TYR A 35 25.64 13.88 -20.76
N PRO A 36 25.11 13.08 -19.84
CA PRO A 36 24.17 12.02 -20.24
C PRO A 36 22.78 12.54 -20.58
N ASP A 37 22.42 13.75 -20.16
CA ASP A 37 21.11 14.29 -20.46
C ASP A 37 21.25 15.79 -20.71
N LYS A 38 20.15 16.38 -21.18
CA LYS A 38 20.11 17.81 -21.51
C LYS A 38 19.30 18.58 -20.46
N VAL A 39 19.47 18.21 -19.20
CA VAL A 39 18.80 18.85 -18.07
C VAL A 39 19.84 19.61 -17.26
N PHE A 40 19.58 20.89 -17.02
CA PHE A 40 20.53 21.70 -16.29
C PHE A 40 20.52 21.36 -14.81
N ARG A 41 21.71 21.14 -14.24
CA ARG A 41 21.86 20.90 -12.82
C ARG A 41 23.08 21.67 -12.33
N SER A 42 22.97 22.24 -11.12
CA SER A 42 24.04 23.05 -10.55
C SER A 42 24.28 22.62 -9.11
N SER A 43 25.55 22.40 -8.78
CA SER A 43 25.98 22.06 -7.42
C SER A 43 25.22 20.84 -6.89
N VAL A 44 25.45 19.70 -7.54
CA VAL A 44 24.75 18.47 -7.16
C VAL A 44 25.60 17.28 -7.61
N LEU A 45 25.52 16.20 -6.84
CA LEU A 45 26.11 14.92 -7.21
C LEU A 45 25.00 14.02 -7.74
N HIS A 46 25.10 13.63 -9.01
CA HIS A 46 24.05 12.89 -9.68
C HIS A 46 24.58 11.53 -10.15
N SER A 47 23.78 10.48 -9.95
CA SER A 47 24.15 9.13 -10.30
C SER A 47 23.43 8.71 -11.59
N THR A 48 24.20 8.31 -12.59
CA THR A 48 23.65 7.98 -13.90
C THR A 48 24.24 6.69 -14.42
N GLN A 49 23.39 5.78 -14.88
CA GLN A 49 23.82 4.56 -15.54
C GLN A 49 23.67 4.74 -17.04
N ASP A 50 24.78 4.65 -17.77
CA ASP A 50 24.78 4.91 -19.20
C ASP A 50 26.04 4.31 -19.80
N LEU A 51 26.15 4.40 -21.12
CA LEU A 51 27.33 3.89 -21.83
C LEU A 51 28.47 4.88 -21.65
N PHE A 52 29.37 4.58 -20.73
CA PHE A 52 30.53 5.41 -20.45
C PHE A 52 31.80 4.62 -20.73
N LEU A 53 32.87 5.34 -21.02
CA LEU A 53 34.18 4.74 -21.15
C LEU A 53 34.77 4.53 -19.76
N PRO A 54 35.03 3.30 -19.34
CA PRO A 54 35.50 3.08 -17.96
C PRO A 54 36.80 3.80 -17.69
N PHE A 55 36.95 4.28 -16.47
CA PHE A 55 38.18 4.94 -16.08
C PHE A 55 39.35 3.95 -16.12
N PHE A 56 40.51 4.45 -16.55
CA PHE A 56 41.72 3.64 -16.67
C PHE A 56 41.48 2.43 -17.57
N SER A 57 40.80 2.66 -18.70
CA SER A 57 40.55 1.62 -19.67
C SER A 57 41.79 1.42 -20.53
N ASN A 58 41.65 0.64 -21.61
CA ASN A 58 42.75 0.26 -22.48
C ASN A 58 42.41 0.72 -23.90
N VAL A 59 42.85 1.92 -24.25
CA VAL A 59 42.54 2.50 -25.56
C VAL A 59 43.62 2.09 -26.56
N THR A 60 43.20 1.92 -27.81
CA THR A 60 44.08 1.53 -28.90
C THR A 60 44.52 2.77 -29.67
N TRP A 61 45.83 2.91 -29.86
CA TRP A 61 46.43 4.06 -30.51
C TRP A 61 46.86 3.65 -31.91
N PHE A 62 46.37 4.37 -32.92
CA PHE A 62 46.68 4.08 -34.31
C PHE A 62 47.57 5.17 -34.89
N HIS A 63 48.43 4.78 -35.82
CA HIS A 63 49.30 5.70 -36.54
C HIS A 63 49.05 5.58 -38.04
N ALA A 64 49.07 6.72 -38.73
CA ALA A 64 48.89 6.74 -40.17
C ALA A 64 50.05 6.05 -40.88
N ASN A 78 44.82 -1.56 -43.56
CA ASN A 78 43.92 -0.72 -42.78
C ASN A 78 42.51 -1.30 -42.78
N PRO A 79 42.23 -2.22 -41.85
CA PRO A 79 40.90 -2.82 -41.76
C PRO A 79 39.91 -1.85 -41.13
N VAL A 80 38.69 -2.34 -40.91
CA VAL A 80 37.62 -1.56 -40.32
C VAL A 80 37.48 -1.97 -38.86
N LEU A 81 37.52 -0.97 -37.97
CA LEU A 81 37.33 -1.24 -36.55
C LEU A 81 35.87 -1.58 -36.26
N PRO A 82 35.62 -2.42 -35.27
CA PRO A 82 34.23 -2.67 -34.85
C PRO A 82 33.66 -1.47 -34.13
N PHE A 83 32.37 -1.54 -33.83
CA PHE A 83 31.66 -0.45 -33.17
C PHE A 83 31.23 -0.78 -31.75
N ASN A 84 30.70 -1.98 -31.52
CA ASN A 84 30.21 -2.42 -30.20
C ASN A 84 29.09 -1.47 -29.77
N ASP A 85 29.07 -1.05 -28.51
CA ASP A 85 28.01 -0.18 -27.99
C ASP A 85 28.31 1.30 -28.19
N GLY A 86 29.52 1.65 -28.59
CA GLY A 86 29.89 3.03 -28.77
C GLY A 86 31.36 3.15 -29.07
N VAL A 87 31.75 4.35 -29.49
CA VAL A 87 33.13 4.62 -29.87
C VAL A 87 33.55 5.96 -29.27
N TYR A 88 34.73 5.97 -28.65
CA TYR A 88 35.38 7.20 -28.20
C TYR A 88 36.61 7.42 -29.06
N PHE A 89 36.61 8.52 -29.80
CA PHE A 89 37.68 8.87 -30.72
C PHE A 89 38.41 10.10 -30.20
N ALA A 90 39.74 10.06 -30.21
CA ALA A 90 40.52 11.20 -29.75
C ALA A 90 41.65 11.46 -30.74
N SER A 91 41.95 12.74 -30.97
CA SER A 91 43.03 13.10 -31.88
C SER A 91 43.72 14.37 -31.39
N THR A 92 45.03 14.29 -31.19
CA THR A 92 45.84 15.45 -30.83
C THR A 92 46.40 16.03 -32.12
N GLU A 93 45.83 17.13 -32.59
CA GLU A 93 46.15 17.64 -33.92
C GLU A 93 46.42 19.14 -33.87
N LYS A 94 46.84 19.66 -35.02
CA LYS A 94 47.08 21.08 -35.22
C LYS A 94 46.66 21.60 -36.58
N SER A 95 46.36 20.74 -37.56
CA SER A 95 46.09 21.21 -38.92
C SER A 95 44.89 20.55 -39.56
N ASN A 96 44.09 19.78 -38.81
CA ASN A 96 42.89 19.12 -39.32
C ASN A 96 43.22 18.19 -40.49
N ILE A 97 43.99 17.15 -40.18
CA ILE A 97 44.26 16.10 -41.16
C ILE A 97 43.11 15.11 -41.23
N ILE A 98 42.70 14.58 -40.08
CA ILE A 98 41.55 13.68 -40.02
C ILE A 98 40.28 14.47 -40.24
N ARG A 99 39.42 13.99 -41.14
CA ARG A 99 38.25 14.76 -41.50
C ARG A 99 36.93 14.04 -41.27
N GLY A 100 36.83 12.76 -41.62
CA GLY A 100 35.54 12.09 -41.69
C GLY A 100 35.56 10.71 -41.08
N TRP A 101 34.39 10.09 -41.10
CA TRP A 101 34.19 8.75 -40.59
C TRP A 101 33.12 8.03 -41.40
N ILE A 102 33.15 6.70 -41.33
CA ILE A 102 32.21 5.84 -42.03
C ILE A 102 31.67 4.82 -41.04
N PHE A 103 30.36 4.62 -41.03
CA PHE A 103 29.70 3.69 -40.14
C PHE A 103 28.77 2.79 -40.94
N GLY A 104 28.62 1.55 -40.48
CA GLY A 104 27.74 0.62 -41.16
C GLY A 104 27.98 -0.80 -40.69
N THR A 105 27.41 -1.74 -41.46
CA THR A 105 27.51 -3.16 -41.18
C THR A 105 28.35 -3.91 -42.21
N THR A 106 28.04 -3.78 -43.49
CA THR A 106 28.79 -4.45 -44.55
C THR A 106 29.60 -3.52 -45.43
N LEU A 107 29.16 -2.26 -45.57
CA LEU A 107 29.89 -1.26 -46.35
C LEU A 107 30.12 -1.73 -47.78
N ASP A 108 29.10 -2.36 -48.37
CA ASP A 108 29.21 -2.85 -49.75
C ASP A 108 27.95 -2.56 -50.55
N SER A 109 27.27 -1.46 -50.24
CA SER A 109 26.07 -1.00 -50.92
C SER A 109 24.90 -1.98 -50.82
N LYS A 110 25.04 -3.03 -50.02
CA LYS A 110 23.93 -3.93 -49.74
C LYS A 110 23.03 -3.41 -48.63
N THR A 111 23.44 -2.35 -47.94
CA THR A 111 22.65 -1.76 -46.87
C THR A 111 23.07 -0.31 -46.70
N GLN A 112 22.24 0.46 -46.00
CA GLN A 112 22.51 1.87 -45.79
C GLN A 112 23.72 2.05 -44.88
N SER A 113 24.56 3.03 -45.22
CA SER A 113 25.76 3.33 -44.46
C SER A 113 25.87 4.83 -44.24
N LEU A 114 26.45 5.20 -43.10
CA LEU A 114 26.56 6.59 -42.68
C LEU A 114 27.94 7.13 -43.03
N LEU A 115 27.98 8.20 -43.82
CA LEU A 115 29.21 8.89 -44.17
C LEU A 115 29.16 10.28 -43.55
N ILE A 116 30.16 10.60 -42.73
CA ILE A 116 30.24 11.89 -42.05
C ILE A 116 31.55 12.53 -42.45
N VAL A 117 31.51 13.45 -43.42
CA VAL A 117 32.71 14.19 -43.82
C VAL A 117 32.46 15.67 -43.57
N ASN A 118 33.47 16.50 -43.83
CA ASN A 118 33.30 17.93 -43.62
C ASN A 118 34.23 18.69 -44.55
N ASN A 119 33.70 19.72 -45.20
CA ASN A 119 34.50 20.62 -46.02
C ASN A 119 35.21 21.62 -45.11
N ALA A 120 35.68 22.73 -45.68
CA ALA A 120 36.26 23.78 -44.87
C ALA A 120 35.27 24.35 -43.85
N THR A 121 33.99 24.35 -44.20
CA THR A 121 32.98 24.81 -43.24
C THR A 121 31.79 23.87 -43.11
N ASN A 122 31.33 23.28 -44.21
CA ASN A 122 30.08 22.52 -44.21
C ASN A 122 30.34 21.07 -43.83
N VAL A 123 29.59 20.58 -42.85
CA VAL A 123 29.60 19.16 -42.52
C VAL A 123 28.58 18.44 -43.38
N VAL A 124 29.00 17.38 -44.07
CA VAL A 124 28.14 16.63 -44.96
C VAL A 124 27.91 15.25 -44.34
N ILE A 125 26.66 14.95 -44.02
CA ILE A 125 26.26 13.67 -43.44
C ILE A 125 25.27 13.03 -44.40
N LYS A 126 25.58 11.80 -44.82
CA LYS A 126 24.74 11.10 -45.78
C LYS A 126 24.53 9.66 -45.34
N VAL A 127 23.42 9.07 -45.79
CA VAL A 127 23.07 7.71 -45.43
C VAL A 127 22.78 6.89 -46.68
N CYS A 128 23.39 7.26 -47.80
CA CYS A 128 23.19 6.50 -49.04
C CYS A 128 23.80 5.11 -48.92
N GLU A 129 23.44 4.24 -49.86
CA GLU A 129 23.99 2.90 -49.93
C GLU A 129 25.30 2.94 -50.71
N PHE A 130 26.32 3.52 -50.07
CA PHE A 130 27.60 3.75 -50.74
C PHE A 130 28.31 2.42 -51.01
N GLN A 131 29.14 2.44 -52.04
CA GLN A 131 30.05 1.34 -52.36
C GLN A 131 31.46 1.82 -52.07
N PHE A 132 31.89 1.64 -50.81
CA PHE A 132 33.17 2.16 -50.38
C PHE A 132 34.33 1.40 -51.01
N CYS A 133 35.40 2.13 -51.31
CA CYS A 133 36.63 1.50 -51.77
C CYS A 133 37.32 0.80 -50.60
N ASN A 134 38.28 -0.06 -50.94
CA ASN A 134 38.98 -0.83 -49.92
C ASN A 134 39.78 0.08 -48.99
N ASP A 135 40.41 1.12 -49.55
CA ASP A 135 41.25 2.04 -48.77
C ASP A 135 40.75 3.46 -49.03
N PRO A 136 39.65 3.85 -48.41
CA PRO A 136 39.13 5.21 -48.62
C PRO A 136 40.12 6.26 -48.12
N PHE A 137 40.20 7.36 -48.86
CA PHE A 137 41.05 8.48 -48.46
C PHE A 137 40.58 9.72 -49.22
N LEU A 138 41.16 10.87 -48.85
CA LEU A 138 40.81 12.15 -49.44
C LEU A 138 42.08 12.82 -49.94
N ASP A 139 41.97 13.55 -51.04
CA ASP A 139 43.10 14.24 -51.64
C ASP A 139 42.99 15.74 -51.42
N VAL A 140 44.11 16.36 -51.05
CA VAL A 140 44.16 17.78 -50.78
C VAL A 140 43.80 18.59 -52.03
N PHE A 154 37.44 13.26 -54.12
CA PHE A 154 36.75 12.17 -53.43
C PHE A 154 36.97 10.85 -54.18
N ARG A 155 37.47 9.85 -53.46
CA ARG A 155 37.72 8.52 -54.00
C ARG A 155 37.28 7.44 -53.02
N VAL A 156 36.12 7.64 -52.42
CA VAL A 156 35.66 6.78 -51.33
C VAL A 156 34.60 5.80 -51.83
N TYR A 157 33.49 6.35 -52.32
CA TYR A 157 32.35 5.56 -52.74
C TYR A 157 32.20 5.67 -54.26
N SER A 158 32.31 4.54 -54.94
CA SER A 158 32.10 4.53 -56.39
C SER A 158 30.62 4.71 -56.74
N SER A 159 29.73 4.30 -55.84
CA SER A 159 28.29 4.38 -56.07
C SER A 159 27.62 5.04 -54.86
N ALA A 160 26.52 5.74 -55.13
CA ALA A 160 25.76 6.41 -54.08
C ALA A 160 24.29 6.41 -54.49
N ASN A 161 23.54 5.44 -53.97
CA ASN A 161 22.14 5.26 -54.34
C ASN A 161 21.28 5.20 -53.09
N ASN A 162 20.03 5.64 -53.23
CA ASN A 162 19.02 5.59 -52.18
C ASN A 162 19.46 6.37 -50.94
N CYS A 163 19.60 7.69 -51.13
CA CYS A 163 19.95 8.59 -50.02
C CYS A 163 18.66 9.00 -49.31
N THR A 164 18.39 8.38 -48.16
CA THR A 164 17.16 8.63 -47.43
C THR A 164 17.27 9.78 -46.43
N PHE A 165 18.47 10.35 -46.25
CA PHE A 165 18.66 11.42 -45.29
C PHE A 165 19.96 12.15 -45.62
N GLU A 166 19.94 13.47 -45.46
CA GLU A 166 21.12 14.29 -45.74
C GLU A 166 21.13 15.46 -44.77
N TYR A 167 22.27 15.67 -44.12
CA TYR A 167 22.42 16.69 -43.08
C TYR A 167 23.62 17.57 -43.41
N VAL A 168 23.42 18.88 -43.44
CA VAL A 168 24.47 19.83 -43.78
C VAL A 168 24.55 20.89 -42.69
N SER A 169 25.76 21.20 -42.25
CA SER A 169 25.98 22.24 -41.26
C SER A 169 27.20 23.09 -41.62
N PHE A 183 52.02 23.86 -28.66
CA PHE A 183 50.73 23.42 -28.14
C PHE A 183 49.88 22.82 -29.25
N LYS A 184 49.09 21.81 -28.90
CA LYS A 184 48.18 21.13 -29.82
C LYS A 184 46.77 21.22 -29.29
N ASN A 185 45.81 20.78 -30.09
CA ASN A 185 44.42 20.72 -29.68
C ASN A 185 44.01 19.25 -29.65
N LEU A 186 43.55 18.79 -28.50
CA LEU A 186 43.00 17.45 -28.36
C LEU A 186 41.51 17.53 -28.62
N ARG A 187 41.07 16.88 -29.70
CA ARG A 187 39.66 16.81 -30.04
C ARG A 187 39.15 15.43 -29.66
N GLU A 188 38.10 15.40 -28.85
CA GLU A 188 37.49 14.17 -28.38
C GLU A 188 36.06 14.11 -28.87
N PHE A 189 35.65 12.96 -29.37
CA PHE A 189 34.30 12.72 -29.83
C PHE A 189 33.82 11.39 -29.28
N VAL A 190 32.53 11.31 -29.00
CA VAL A 190 31.88 10.07 -28.60
C VAL A 190 30.71 9.86 -29.53
N PHE A 191 30.72 8.73 -30.23
CA PHE A 191 29.64 8.35 -31.13
C PHE A 191 28.94 7.14 -30.55
N LYS A 192 27.63 7.25 -30.33
CA LYS A 192 26.87 6.09 -29.87
C LYS A 192 25.52 6.10 -30.57
N ASN A 193 24.99 4.90 -30.78
CA ASN A 193 23.82 4.73 -31.63
C ASN A 193 22.65 4.11 -30.88
N ILE A 194 22.41 4.56 -29.66
CA ILE A 194 21.33 4.02 -28.86
C ILE A 194 19.99 4.51 -29.39
N ASP A 195 18.92 3.84 -28.95
CA ASP A 195 17.57 4.09 -29.44
C ASP A 195 17.52 4.14 -30.96
N GLY A 196 17.09 5.26 -31.51
CA GLY A 196 17.08 5.44 -32.95
C GLY A 196 17.79 6.71 -33.36
N TYR A 197 18.71 7.17 -32.50
CA TYR A 197 19.44 8.41 -32.73
C TYR A 197 20.93 8.13 -32.66
N PHE A 198 21.68 8.71 -33.61
CA PHE A 198 23.13 8.61 -33.63
C PHE A 198 23.69 9.85 -32.94
N LYS A 199 23.97 9.72 -31.65
CA LYS A 199 24.43 10.85 -30.86
C LYS A 199 25.94 11.01 -30.97
N ILE A 200 26.37 12.25 -31.18
CA ILE A 200 27.76 12.64 -31.32
C ILE A 200 28.04 13.74 -30.30
N TYR A 201 28.94 13.48 -29.37
CA TYR A 201 29.37 14.44 -28.36
C TYR A 201 30.80 14.86 -28.67
N SER A 202 31.08 16.16 -28.57
CA SER A 202 32.37 16.68 -28.98
C SER A 202 32.95 17.60 -27.92
N LYS A 203 34.28 17.66 -27.88
CA LYS A 203 34.98 18.58 -26.98
C LYS A 203 36.38 18.80 -27.51
N HIS A 204 36.73 20.05 -27.80
CA HIS A 204 38.08 20.40 -28.22
C HIS A 204 38.75 21.21 -27.13
N THR A 205 39.92 20.73 -26.68
CA THR A 205 40.61 21.39 -25.59
C THR A 205 42.11 21.54 -25.90
N PRO A 206 42.69 22.70 -25.59
CA PRO A 206 44.11 22.91 -25.88
C PRO A 206 45.00 22.20 -24.85
N ILE A 207 45.96 21.43 -25.33
CA ILE A 207 46.88 20.68 -24.49
C ILE A 207 48.31 20.98 -24.95
N ASN A 208 49.25 20.71 -24.06
CA ASN A 208 50.66 20.90 -24.36
C ASN A 208 51.48 19.64 -24.02
N LEU A 213 47.21 11.76 -23.78
CA LEU A 213 46.00 12.08 -23.04
C LEU A 213 46.35 12.69 -21.68
N PRO A 214 46.00 13.95 -21.48
CA PRO A 214 46.37 14.63 -20.23
C PRO A 214 45.68 14.01 -19.03
N GLN A 215 46.39 14.06 -17.90
CA GLN A 215 45.85 13.57 -16.63
C GLN A 215 44.97 14.66 -16.02
N GLY A 216 43.83 14.88 -16.66
CA GLY A 216 42.89 15.90 -16.24
C GLY A 216 41.47 15.48 -16.59
N PHE A 217 40.54 16.37 -16.34
CA PHE A 217 39.12 16.09 -16.54
C PHE A 217 38.48 17.18 -17.40
N SER A 218 37.61 16.77 -18.31
CA SER A 218 36.89 17.69 -19.18
C SER A 218 35.69 16.96 -19.77
N ALA A 219 34.50 17.53 -19.57
CA ALA A 219 33.29 16.91 -20.07
C ALA A 219 33.08 17.22 -21.55
N LEU A 220 32.32 16.36 -22.22
CA LEU A 220 32.08 16.44 -23.65
C LEU A 220 30.63 16.83 -23.89
N GLU A 221 30.42 18.09 -24.28
CA GLU A 221 29.08 18.58 -24.51
C GLU A 221 28.48 17.94 -25.77
N PRO A 222 27.19 17.62 -25.78
CA PRO A 222 26.59 17.03 -26.97
C PRO A 222 26.65 17.97 -28.16
N LEU A 223 26.84 17.39 -29.35
CA LEU A 223 26.98 18.17 -30.57
C LEU A 223 25.89 17.87 -31.59
N VAL A 224 25.65 16.61 -31.92
CA VAL A 224 24.75 16.24 -33.01
C VAL A 224 23.87 15.09 -32.57
N ASP A 225 22.59 15.15 -32.94
CA ASP A 225 21.67 14.03 -32.78
C ASP A 225 20.94 13.83 -34.11
N LEU A 226 21.00 12.61 -34.64
CA LEU A 226 20.47 12.31 -35.96
C LEU A 226 19.43 11.20 -35.86
N PRO A 227 18.24 11.38 -36.43
CA PRO A 227 17.18 10.38 -36.26
C PRO A 227 17.39 9.11 -37.06
N ILE A 228 18.56 8.96 -37.68
CA ILE A 228 18.83 7.78 -38.50
C ILE A 228 18.85 6.54 -37.61
N GLY A 229 18.18 5.48 -38.07
CA GLY A 229 18.14 4.24 -37.32
C GLY A 229 18.98 3.15 -37.95
N ILE A 230 20.08 3.54 -38.60
CA ILE A 230 20.94 2.58 -39.27
C ILE A 230 21.59 1.66 -38.25
N ASN A 231 21.53 0.35 -38.51
CA ASN A 231 22.28 -0.60 -37.70
C ASN A 231 23.76 -0.41 -37.98
N ILE A 232 24.55 -0.19 -36.93
CA ILE A 232 25.98 0.06 -37.06
C ILE A 232 26.73 -1.00 -36.27
N THR A 233 27.74 -1.61 -36.90
CA THR A 233 28.56 -2.61 -36.23
C THR A 233 30.05 -2.34 -36.48
N ARG A 234 30.37 -1.68 -37.59
CA ARG A 234 31.76 -1.41 -37.95
C ARG A 234 31.92 0.04 -38.36
N PHE A 235 33.12 0.57 -38.16
CA PHE A 235 33.41 1.96 -38.50
C PHE A 235 34.89 2.09 -38.86
N GLN A 236 35.20 3.20 -39.52
CA GLN A 236 36.56 3.46 -39.97
C GLN A 236 36.80 4.97 -40.01
N THR A 237 38.07 5.35 -39.96
CA THR A 237 38.46 6.75 -39.94
C THR A 237 38.87 7.21 -41.33
N LEU A 238 38.61 8.48 -41.62
CA LEU A 238 38.89 9.07 -42.92
C LEU A 238 39.74 10.32 -42.74
N LEU A 239 40.81 10.42 -43.52
CA LEU A 239 41.70 11.57 -43.44
C LEU A 239 42.16 11.97 -44.83
N ALA A 240 42.57 13.22 -44.96
CA ALA A 240 43.03 13.75 -46.24
C ALA A 240 44.55 13.91 -46.24
N ALA A 261 47.76 9.50 -36.18
CA ALA A 261 47.76 9.04 -34.80
C ALA A 261 46.48 9.45 -34.09
N TYR A 262 45.69 8.47 -33.64
CA TYR A 262 44.45 8.76 -32.96
C TYR A 262 44.12 7.60 -32.02
N TYR A 263 43.35 7.91 -30.98
CA TYR A 263 42.99 6.95 -29.94
C TYR A 263 41.55 6.51 -30.12
N VAL A 264 41.30 5.22 -29.89
CA VAL A 264 39.96 4.64 -29.98
C VAL A 264 39.70 3.83 -28.72
N GLY A 265 38.53 4.06 -28.11
CA GLY A 265 38.06 3.24 -27.01
C GLY A 265 36.62 2.86 -27.22
N TYR A 266 36.15 1.89 -26.43
CA TYR A 266 34.80 1.37 -26.55
C TYR A 266 34.01 1.62 -25.27
N LEU A 267 32.78 2.08 -25.43
CA LEU A 267 31.92 2.41 -24.29
C LEU A 267 31.24 1.17 -23.74
N GLN A 268 31.04 1.15 -22.43
CA GLN A 268 30.39 0.05 -21.74
C GLN A 268 29.33 0.59 -20.79
N PRO A 269 28.32 -0.22 -20.47
CA PRO A 269 27.24 0.30 -19.61
C PRO A 269 27.65 0.44 -18.15
N ARG A 270 28.24 1.56 -17.80
CA ARG A 270 28.75 1.81 -16.45
C ARG A 270 27.86 2.79 -15.71
N THR A 271 27.99 2.76 -14.38
CA THR A 271 27.31 3.69 -13.48
C THR A 271 28.32 4.71 -12.98
N PHE A 272 27.98 5.99 -13.13
CA PHE A 272 28.89 7.08 -12.80
C PHE A 272 28.22 8.02 -11.81
N LEU A 273 29.05 8.63 -10.98
CA LEU A 273 28.62 9.69 -10.06
C LEU A 273 29.27 10.98 -10.51
N LEU A 274 28.48 11.89 -11.04
CA LEU A 274 28.97 13.13 -11.65
C LEU A 274 28.73 14.31 -10.71
N LYS A 275 29.64 15.29 -10.79
CA LYS A 275 29.59 16.47 -9.95
C LYS A 275 29.32 17.70 -10.80
N TYR A 276 28.19 18.37 -10.55
CA TYR A 276 27.84 19.60 -11.23
C TYR A 276 28.14 20.77 -10.29
N ASN A 277 29.01 21.67 -10.72
CA ASN A 277 29.42 22.79 -9.89
C ASN A 277 28.38 23.90 -9.96
N GLU A 278 28.73 25.09 -9.46
CA GLU A 278 27.77 26.17 -9.35
C GLU A 278 27.29 26.66 -10.72
N ASN A 279 28.12 26.54 -11.74
CA ASN A 279 27.79 27.02 -13.07
C ASN A 279 27.17 25.94 -13.95
N GLY A 280 26.93 24.75 -13.41
CA GLY A 280 26.30 23.69 -14.18
C GLY A 280 27.23 22.86 -15.02
N THR A 281 28.53 22.87 -14.73
CA THR A 281 29.53 22.15 -15.50
C THR A 281 29.94 20.88 -14.77
N ILE A 282 30.04 19.77 -15.49
CA ILE A 282 30.57 18.55 -14.91
C ILE A 282 32.06 18.76 -14.67
N THR A 283 32.48 18.77 -13.41
CA THR A 283 33.87 18.99 -13.05
C THR A 283 34.56 17.75 -12.50
N ASP A 284 33.81 16.74 -12.08
CA ASP A 284 34.43 15.53 -11.57
C ASP A 284 33.46 14.36 -11.75
N ALA A 285 34.03 13.16 -11.82
CA ALA A 285 33.23 11.95 -12.00
C ALA A 285 33.90 10.80 -11.29
N VAL A 286 33.07 9.89 -10.77
CA VAL A 286 33.53 8.69 -10.09
C VAL A 286 32.93 7.48 -10.79
N ASP A 287 33.78 6.52 -11.14
CA ASP A 287 33.34 5.27 -11.77
C ASP A 287 33.12 4.24 -10.68
N CYS A 288 31.85 3.89 -10.44
CA CYS A 288 31.50 3.10 -9.26
C CYS A 288 32.04 1.67 -9.30
N ALA A 289 32.35 1.14 -10.48
CA ALA A 289 32.80 -0.24 -10.60
C ALA A 289 34.31 -0.36 -10.77
N LEU A 290 35.05 0.72 -10.56
CA LEU A 290 36.49 0.68 -10.80
C LEU A 290 37.21 -0.12 -9.72
N ASP A 291 36.90 0.13 -8.45
CA ASP A 291 37.62 -0.47 -7.34
C ASP A 291 36.78 -0.31 -6.09
N PRO A 292 37.16 -0.98 -4.98
CA PRO A 292 36.34 -0.85 -3.75
C PRO A 292 36.19 0.57 -3.26
N LEU A 293 37.22 1.40 -3.39
CA LEU A 293 37.13 2.78 -2.92
C LEU A 293 36.07 3.56 -3.68
N SER A 294 35.99 3.35 -4.99
CA SER A 294 34.97 4.03 -5.78
C SER A 294 33.57 3.51 -5.48
N GLU A 295 33.45 2.21 -5.17
CA GLU A 295 32.18 1.69 -4.69
C GLU A 295 31.77 2.39 -3.40
N THR A 296 32.71 2.59 -2.48
CA THR A 296 32.41 3.32 -1.25
C THR A 296 31.98 4.75 -1.55
N LYS A 297 32.68 5.43 -2.45
CA LYS A 297 32.33 6.81 -2.80
C LYS A 297 30.93 6.89 -3.39
N CYS A 298 30.57 5.95 -4.27
CA CYS A 298 29.24 5.97 -4.85
C CYS A 298 28.17 5.58 -3.84
N THR A 299 28.50 4.68 -2.91
CA THR A 299 27.54 4.29 -1.88
C THR A 299 27.23 5.46 -0.95
N LEU A 300 28.27 6.20 -0.55
CA LEU A 300 28.07 7.38 0.29
C LEU A 300 27.50 8.56 -0.48
N LYS A 301 27.45 8.47 -1.81
CA LYS A 301 27.03 9.60 -2.66
C LYS A 301 27.90 10.83 -2.40
N SER A 302 29.21 10.61 -2.23
CA SER A 302 30.12 11.70 -1.95
C SER A 302 31.51 11.34 -2.46
N PHE A 303 32.32 12.38 -2.69
CA PHE A 303 33.65 12.20 -3.24
C PHE A 303 34.71 12.00 -2.17
N THR A 304 34.54 12.61 -1.00
CA THR A 304 35.43 12.39 0.12
C THR A 304 34.85 11.31 1.03
N VAL A 305 35.69 10.37 1.45
CA VAL A 305 35.30 9.28 2.32
C VAL A 305 36.11 9.39 3.61
N GLU A 306 35.42 9.40 4.74
CA GLU A 306 36.10 9.52 6.02
C GLU A 306 36.67 8.17 6.45
N LYS A 307 37.52 8.22 7.48
CA LYS A 307 38.08 7.01 8.04
C LYS A 307 37.00 6.13 8.64
N GLY A 308 37.10 4.83 8.41
CA GLY A 308 36.15 3.89 8.96
C GLY A 308 36.01 2.69 8.07
N ILE A 309 35.07 1.81 8.43
CA ILE A 309 34.76 0.61 7.67
C ILE A 309 33.32 0.73 7.18
N TYR A 310 33.14 0.65 5.86
CA TYR A 310 31.85 0.90 5.24
C TYR A 310 31.35 -0.38 4.60
N GLN A 311 30.13 -0.77 4.95
CA GLN A 311 29.48 -1.91 4.32
C GLN A 311 29.00 -1.47 2.95
N THR A 312 29.74 -1.84 1.90
CA THR A 312 29.45 -1.30 0.58
C THR A 312 28.49 -2.18 -0.21
N SER A 313 28.83 -3.45 -0.42
CA SER A 313 28.06 -4.21 -1.41
C SER A 313 27.94 -5.65 -0.96
N ASN A 314 27.45 -6.49 -1.87
CA ASN A 314 27.34 -7.93 -1.66
C ASN A 314 27.90 -8.66 -2.85
N PHE A 315 28.80 -9.60 -2.60
CA PHE A 315 29.35 -10.41 -3.68
C PHE A 315 28.49 -11.65 -3.87
N ARG A 316 28.23 -11.97 -5.14
CA ARG A 316 27.43 -13.12 -5.53
C ARG A 316 28.16 -13.88 -6.62
N VAL A 317 27.96 -15.19 -6.64
CA VAL A 317 28.49 -16.03 -7.71
C VAL A 317 27.40 -16.21 -8.76
N GLN A 318 27.65 -15.75 -9.96
CA GLN A 318 26.67 -15.78 -11.02
C GLN A 318 26.56 -17.18 -11.62
N PRO A 319 25.39 -17.54 -12.13
CA PRO A 319 25.22 -18.87 -12.74
C PRO A 319 26.06 -19.00 -14.00
N THR A 320 26.47 -20.24 -14.27
CA THR A 320 27.33 -20.55 -15.40
C THR A 320 26.57 -21.02 -16.62
N GLU A 321 25.50 -21.79 -16.44
CA GLU A 321 24.71 -22.29 -17.56
C GLU A 321 23.27 -22.50 -17.11
N SER A 322 22.43 -22.93 -18.04
CA SER A 322 21.03 -23.17 -17.78
C SER A 322 20.70 -24.65 -18.00
N ILE A 323 19.87 -25.18 -17.11
CA ILE A 323 19.46 -26.58 -17.10
C ILE A 323 17.95 -26.63 -17.21
N VAL A 324 17.45 -27.43 -18.14
CA VAL A 324 16.00 -27.64 -18.30
C VAL A 324 15.73 -29.13 -18.18
N ARG A 325 14.74 -29.48 -17.35
CA ARG A 325 14.37 -30.88 -17.14
C ARG A 325 12.87 -31.00 -17.23
N PHE A 326 12.38 -31.66 -18.27
CA PHE A 326 10.98 -31.89 -18.53
C PHE A 326 10.75 -33.38 -18.69
N PRO A 327 9.52 -33.86 -18.48
CA PRO A 327 9.26 -35.30 -18.49
C PRO A 327 9.49 -35.91 -19.86
N ASN A 328 9.43 -37.24 -19.89
CA ASN A 328 9.52 -38.03 -21.12
C ASN A 328 8.14 -38.13 -21.73
N ILE A 329 7.83 -37.24 -22.68
CA ILE A 329 6.54 -37.20 -23.33
C ILE A 329 6.74 -36.79 -24.77
N THR A 330 6.13 -37.52 -25.70
CA THR A 330 6.21 -37.21 -27.12
C THR A 330 4.86 -36.99 -27.78
N ASN A 331 3.79 -37.60 -27.27
CA ASN A 331 2.48 -37.48 -27.89
C ASN A 331 1.99 -36.03 -27.81
N LEU A 332 1.29 -35.60 -28.86
CA LEU A 332 0.71 -34.26 -28.89
C LEU A 332 -0.69 -34.29 -28.31
N CYS A 333 -1.06 -33.21 -27.61
CA CYS A 333 -2.35 -33.19 -26.94
C CYS A 333 -3.47 -33.05 -27.97
N PRO A 334 -4.61 -33.70 -27.75
CA PRO A 334 -5.72 -33.70 -28.73
C PRO A 334 -6.60 -32.46 -28.61
N PHE A 335 -6.03 -31.30 -28.91
CA PHE A 335 -6.82 -30.09 -29.02
C PHE A 335 -7.55 -29.99 -30.35
N ASP A 336 -7.23 -30.87 -31.31
CA ASP A 336 -7.92 -30.83 -32.59
C ASP A 336 -9.40 -31.13 -32.42
N GLU A 337 -9.74 -32.13 -31.60
CA GLU A 337 -11.11 -32.60 -31.51
C GLU A 337 -11.97 -31.80 -30.54
N VAL A 338 -11.37 -30.88 -29.78
CA VAL A 338 -12.15 -30.02 -28.90
C VAL A 338 -12.69 -28.81 -29.66
N PHE A 339 -11.82 -28.09 -30.36
CA PHE A 339 -12.21 -26.86 -31.04
C PHE A 339 -12.87 -27.10 -32.38
N ASN A 340 -12.77 -28.30 -32.94
CA ASN A 340 -13.24 -28.56 -34.30
C ASN A 340 -14.34 -29.62 -34.29
N ALA A 341 -15.18 -29.60 -33.28
CA ALA A 341 -16.35 -30.48 -33.24
C ALA A 341 -17.40 -29.98 -34.22
N THR A 342 -18.20 -30.90 -34.75
CA THR A 342 -19.28 -30.52 -35.63
C THR A 342 -20.37 -29.76 -34.88
N ARG A 343 -20.71 -30.23 -33.67
CA ARG A 343 -21.74 -29.61 -32.86
C ARG A 343 -21.32 -29.65 -31.40
N PHE A 344 -21.33 -28.49 -30.75
CA PHE A 344 -20.99 -28.41 -29.34
C PHE A 344 -22.19 -28.77 -28.48
N ALA A 345 -21.92 -29.18 -27.25
CA ALA A 345 -22.97 -29.63 -26.35
C ALA A 345 -23.78 -28.44 -25.85
N SER A 346 -24.92 -28.74 -25.24
CA SER A 346 -25.70 -27.74 -24.54
C SER A 346 -24.97 -27.31 -23.28
N VAL A 347 -25.29 -26.12 -22.79
CA VAL A 347 -24.59 -25.58 -21.63
C VAL A 347 -24.94 -26.39 -20.38
N TYR A 348 -26.18 -26.87 -20.27
CA TYR A 348 -26.56 -27.65 -19.10
C TYR A 348 -25.94 -29.04 -19.09
N ALA A 349 -25.57 -29.57 -20.26
CA ALA A 349 -24.91 -30.86 -20.36
C ALA A 349 -23.56 -30.69 -21.03
N TRP A 350 -22.79 -29.70 -20.55
CA TRP A 350 -21.53 -29.31 -21.19
C TRP A 350 -20.58 -30.48 -21.31
N ASN A 351 -19.95 -30.61 -22.47
CA ASN A 351 -18.98 -31.69 -22.66
C ASN A 351 -17.70 -31.39 -21.91
N ARG A 352 -17.05 -32.44 -21.41
CA ARG A 352 -15.76 -32.32 -20.75
C ARG A 352 -14.81 -33.37 -21.30
N LYS A 353 -13.58 -32.96 -21.60
CA LYS A 353 -12.55 -33.86 -22.07
C LYS A 353 -11.31 -33.69 -21.21
N ARG A 354 -10.61 -34.80 -20.97
CA ARG A 354 -9.43 -34.81 -20.11
C ARG A 354 -8.18 -34.95 -20.96
N ILE A 355 -7.19 -34.11 -20.68
CA ILE A 355 -5.95 -34.03 -21.43
C ILE A 355 -4.81 -34.39 -20.47
N SER A 356 -4.04 -35.41 -20.83
CA SER A 356 -2.94 -35.87 -20.00
C SER A 356 -1.95 -36.65 -20.87
N ASN A 357 -0.73 -36.79 -20.35
CA ASN A 357 0.33 -37.56 -20.99
C ASN A 357 0.58 -37.10 -22.43
N CYS A 358 0.75 -35.80 -22.60
CA CYS A 358 0.99 -35.24 -23.92
C CYS A 358 1.65 -33.88 -23.78
N VAL A 359 2.25 -33.41 -24.87
CA VAL A 359 2.84 -32.08 -24.93
C VAL A 359 1.83 -31.16 -25.60
N ALA A 360 1.44 -30.10 -24.90
CA ALA A 360 0.39 -29.20 -25.36
C ALA A 360 1.01 -27.91 -25.87
N ASP A 361 0.86 -27.67 -27.17
CA ASP A 361 1.30 -26.43 -27.79
C ASP A 361 0.09 -25.51 -27.90
N TYR A 362 0.04 -24.49 -27.06
CA TYR A 362 -1.08 -23.57 -27.00
C TYR A 362 -1.01 -22.49 -28.07
N SER A 363 0.00 -22.52 -28.93
CA SER A 363 0.11 -21.54 -30.00
C SER A 363 -0.57 -21.97 -31.28
N VAL A 364 -1.12 -23.20 -31.34
CA VAL A 364 -1.94 -23.60 -32.48
C VAL A 364 -3.41 -23.46 -32.19
N LEU A 365 -3.80 -23.13 -30.96
CA LEU A 365 -5.20 -22.93 -30.65
C LEU A 365 -5.79 -21.75 -31.42
N TYR A 366 -4.94 -20.85 -31.92
CA TYR A 366 -5.42 -19.76 -32.75
C TYR A 366 -5.83 -20.24 -34.14
N ASN A 367 -5.31 -21.38 -34.58
CA ASN A 367 -5.62 -21.88 -35.91
C ASN A 367 -6.88 -22.74 -35.96
N PHE A 368 -7.48 -23.04 -34.81
CA PHE A 368 -8.64 -23.93 -34.76
C PHE A 368 -9.95 -23.18 -34.64
N ALA A 369 -9.99 -22.07 -33.93
CA ALA A 369 -11.20 -21.30 -33.71
C ALA A 369 -10.94 -19.83 -34.00
N PRO A 370 -11.87 -19.16 -34.65
CA PRO A 370 -11.72 -17.73 -34.97
C PRO A 370 -12.03 -16.80 -33.80
N PHE A 371 -11.45 -17.09 -32.65
CA PHE A 371 -11.63 -16.21 -31.51
C PHE A 371 -10.61 -15.07 -31.56
N PHE A 372 -10.82 -14.07 -30.72
CA PHE A 372 -10.02 -12.85 -30.74
C PHE A 372 -8.91 -12.85 -29.69
N ALA A 373 -9.17 -13.41 -28.52
CA ALA A 373 -8.14 -13.48 -27.48
C ALA A 373 -8.59 -14.47 -26.41
N PHE A 374 -7.62 -15.00 -25.68
CA PHE A 374 -7.89 -15.78 -24.49
C PHE A 374 -8.39 -14.88 -23.36
N LYS A 375 -8.97 -15.51 -22.34
CA LYS A 375 -9.22 -14.86 -21.05
C LYS A 375 -8.65 -15.79 -20.00
N CYS A 376 -7.38 -15.60 -19.63
CA CYS A 376 -6.70 -16.52 -18.73
C CYS A 376 -6.64 -15.93 -17.33
N TYR A 377 -7.09 -16.71 -16.35
CA TYR A 377 -7.08 -16.33 -14.95
C TYR A 377 -6.03 -17.15 -14.22
N GLY A 378 -5.15 -16.46 -13.49
CA GLY A 378 -4.06 -17.10 -12.77
C GLY A 378 -2.86 -17.44 -13.61
N VAL A 379 -2.88 -17.14 -14.91
CA VAL A 379 -1.79 -17.51 -15.81
C VAL A 379 -1.87 -16.58 -17.01
N SER A 380 -0.76 -16.40 -17.69
CA SER A 380 -0.86 -15.54 -18.86
C SER A 380 -0.85 -16.36 -20.14
N PRO A 381 -1.60 -15.95 -21.15
CA PRO A 381 -1.72 -16.77 -22.37
C PRO A 381 -0.40 -17.05 -23.05
N THR A 382 0.55 -16.12 -23.01
CA THR A 382 1.82 -16.33 -23.69
C THR A 382 2.77 -17.25 -22.93
N LYS A 383 2.55 -17.44 -21.63
CA LYS A 383 3.44 -18.28 -20.82
C LYS A 383 3.03 -19.73 -20.79
N LEU A 384 1.88 -20.08 -21.39
CA LEU A 384 1.36 -21.43 -21.26
C LEU A 384 2.31 -22.48 -21.80
N ASN A 385 3.11 -22.13 -22.81
CA ASN A 385 4.03 -23.10 -23.40
C ASN A 385 5.25 -23.36 -22.55
N ASP A 386 5.44 -22.61 -21.46
CA ASP A 386 6.61 -22.79 -20.60
C ASP A 386 6.26 -23.43 -19.27
N LEU A 387 5.11 -24.09 -19.18
CA LEU A 387 4.62 -24.65 -17.92
C LEU A 387 4.22 -26.11 -18.13
N CYS A 388 4.33 -26.88 -17.06
CA CYS A 388 3.85 -28.26 -17.00
C CYS A 388 2.70 -28.34 -16.03
N PHE A 389 1.59 -28.94 -16.48
CA PHE A 389 0.41 -29.13 -15.65
C PHE A 389 0.18 -30.62 -15.43
N THR A 390 -0.34 -30.96 -14.26
CA THR A 390 -0.62 -32.37 -13.97
C THR A 390 -1.76 -32.88 -14.83
N ASN A 391 -2.77 -32.04 -15.09
CA ASN A 391 -3.86 -32.42 -15.98
C ASN A 391 -4.44 -31.18 -16.63
N VAL A 392 -5.18 -31.38 -17.72
CA VAL A 392 -5.92 -30.30 -18.35
C VAL A 392 -7.34 -30.79 -18.58
N TYR A 393 -8.32 -29.91 -18.43
CA TYR A 393 -9.70 -30.24 -18.73
C TYR A 393 -10.26 -29.22 -19.69
N ALA A 394 -10.82 -29.70 -20.80
CA ALA A 394 -11.43 -28.84 -21.81
C ALA A 394 -12.94 -29.04 -21.76
N ASP A 395 -13.66 -28.04 -21.25
CA ASP A 395 -15.11 -28.08 -21.09
C ASP A 395 -15.72 -27.20 -22.16
N SER A 396 -16.47 -27.80 -23.07
CA SER A 396 -17.00 -27.11 -24.24
C SER A 396 -18.53 -27.09 -24.21
N PHE A 397 -19.10 -25.95 -24.61
CA PHE A 397 -20.54 -25.78 -24.67
C PHE A 397 -20.87 -24.56 -25.52
N VAL A 398 -22.16 -24.23 -25.60
CA VAL A 398 -22.65 -23.10 -26.36
C VAL A 398 -23.57 -22.28 -25.47
N ILE A 399 -23.35 -20.97 -25.45
CA ILE A 399 -24.23 -20.03 -24.76
C ILE A 399 -24.56 -18.93 -25.76
N ARG A 400 -25.22 -17.86 -25.33
CA ARG A 400 -25.36 -16.69 -26.18
C ARG A 400 -24.45 -15.58 -25.66
N GLY A 401 -24.47 -14.45 -26.37
CA GLY A 401 -23.49 -13.40 -26.10
C GLY A 401 -23.57 -12.84 -24.70
N ASN A 402 -24.79 -12.52 -24.25
CA ASN A 402 -24.97 -11.90 -22.93
C ASN A 402 -24.30 -12.71 -21.83
N GLU A 403 -24.28 -14.03 -21.98
CA GLU A 403 -23.84 -14.94 -20.94
C GLU A 403 -22.36 -15.26 -21.02
N VAL A 404 -21.65 -14.77 -22.05
CA VAL A 404 -20.22 -15.03 -22.12
C VAL A 404 -19.50 -14.39 -20.95
N SER A 405 -20.02 -13.26 -20.46
CA SER A 405 -19.42 -12.62 -19.29
C SER A 405 -19.60 -13.47 -18.02
N GLN A 406 -20.52 -14.42 -18.02
CA GLN A 406 -20.75 -15.22 -16.83
C GLN A 406 -19.79 -16.38 -16.68
N ILE A 407 -19.00 -16.70 -17.72
CA ILE A 407 -18.03 -17.79 -17.64
C ILE A 407 -16.75 -17.17 -17.09
N ALA A 408 -16.71 -17.01 -15.78
CA ALA A 408 -15.60 -16.39 -15.07
C ALA A 408 -15.76 -16.67 -13.59
N PRO A 409 -14.68 -16.80 -12.84
CA PRO A 409 -14.79 -17.06 -11.39
C PRO A 409 -15.50 -15.91 -10.68
N GLY A 410 -16.38 -16.27 -9.75
CA GLY A 410 -17.10 -15.30 -8.95
C GLY A 410 -18.35 -14.74 -9.57
N GLN A 411 -18.74 -15.20 -10.76
CA GLN A 411 -19.91 -14.66 -11.43
C GLN A 411 -21.19 -15.37 -10.99
N THR A 412 -22.31 -14.67 -11.16
CA THR A 412 -23.63 -15.23 -10.85
C THR A 412 -24.59 -14.87 -11.97
N GLY A 413 -25.63 -15.69 -12.11
CA GLY A 413 -26.60 -15.55 -13.18
C GLY A 413 -27.32 -16.86 -13.36
N ASN A 414 -27.99 -16.99 -14.50
CA ASN A 414 -28.58 -18.28 -14.84
C ASN A 414 -27.50 -19.32 -15.11
N ILE A 415 -26.53 -18.96 -15.96
CA ILE A 415 -25.51 -19.92 -16.37
C ILE A 415 -24.58 -20.25 -15.21
N ALA A 416 -24.11 -19.24 -14.49
CA ALA A 416 -23.14 -19.48 -13.44
C ALA A 416 -23.74 -20.18 -12.23
N ASP A 417 -25.06 -20.16 -12.08
CA ASP A 417 -25.71 -20.79 -10.94
C ASP A 417 -26.25 -22.17 -11.28
N TYR A 418 -27.03 -22.30 -12.36
CA TYR A 418 -27.76 -23.51 -12.64
C TYR A 418 -27.16 -24.34 -13.77
N ASN A 419 -26.23 -23.79 -14.55
CA ASN A 419 -25.71 -24.48 -15.73
C ASN A 419 -24.23 -24.81 -15.60
N TYR A 420 -23.36 -23.83 -15.41
CA TYR A 420 -21.92 -24.08 -15.44
C TYR A 420 -21.24 -23.11 -14.48
N LYS A 421 -20.69 -23.65 -13.40
CA LYS A 421 -20.08 -22.85 -12.34
C LYS A 421 -18.58 -23.13 -12.29
N LEU A 422 -17.77 -22.07 -12.21
CA LEU A 422 -16.33 -22.09 -12.12
C LEU A 422 -15.88 -21.76 -10.70
N PRO A 423 -14.86 -22.44 -10.19
CA PRO A 423 -14.39 -22.18 -8.83
C PRO A 423 -13.82 -20.78 -8.68
N ASP A 424 -13.86 -20.27 -7.45
CA ASP A 424 -13.32 -18.95 -7.17
C ASP A 424 -11.80 -18.93 -7.25
N ASP A 425 -11.14 -20.06 -7.07
CA ASP A 425 -9.69 -20.20 -7.19
C ASP A 425 -9.30 -20.75 -8.55
N PHE A 426 -10.05 -20.38 -9.58
CA PHE A 426 -9.84 -20.92 -10.91
C PHE A 426 -8.50 -20.46 -11.49
N THR A 427 -7.78 -21.38 -12.12
CA THR A 427 -6.59 -21.08 -12.89
C THR A 427 -6.73 -21.77 -14.24
N GLY A 428 -6.93 -20.99 -15.28
CA GLY A 428 -7.18 -21.57 -16.59
C GLY A 428 -7.37 -20.49 -17.62
N CYS A 429 -8.01 -20.86 -18.74
CA CYS A 429 -8.23 -19.95 -19.84
C CYS A 429 -9.59 -20.21 -20.48
N VAL A 430 -10.35 -19.14 -20.68
CA VAL A 430 -11.66 -19.22 -21.33
C VAL A 430 -11.53 -18.68 -22.75
N ILE A 431 -12.06 -19.44 -23.71
CA ILE A 431 -12.00 -19.11 -25.13
C ILE A 431 -13.42 -19.12 -25.65
N ALA A 432 -13.92 -17.97 -26.08
CA ALA A 432 -15.28 -17.86 -26.60
C ALA A 432 -15.24 -17.22 -27.97
N TRP A 433 -15.93 -17.81 -28.94
CA TRP A 433 -16.01 -17.21 -30.26
C TRP A 433 -17.42 -17.30 -30.81
N ASN A 434 -17.81 -16.26 -31.55
CA ASN A 434 -19.13 -16.22 -32.17
C ASN A 434 -19.25 -17.33 -33.20
N SER A 435 -20.37 -18.04 -33.17
CA SER A 435 -20.64 -19.13 -34.11
C SER A 435 -22.02 -18.96 -34.71
N ASN A 436 -22.32 -17.75 -35.18
CA ASN A 436 -23.62 -17.48 -35.77
C ASN A 436 -23.80 -18.18 -37.10
N LYS A 437 -22.71 -18.44 -37.82
CA LYS A 437 -22.82 -19.12 -39.11
C LYS A 437 -23.14 -20.61 -38.97
N LEU A 438 -22.86 -21.20 -37.82
CA LEU A 438 -23.04 -22.63 -37.59
C LEU A 438 -24.24 -22.97 -36.73
N ASP A 439 -24.45 -22.23 -35.64
CA ASP A 439 -25.42 -22.59 -34.62
C ASP A 439 -26.75 -21.86 -34.77
N SER A 440 -26.98 -21.20 -35.90
CA SER A 440 -28.20 -20.44 -36.13
C SER A 440 -28.89 -20.93 -37.39
N LYS A 441 -30.20 -21.15 -37.30
CA LYS A 441 -31.01 -21.52 -38.45
C LYS A 441 -31.99 -20.40 -38.77
N VAL A 442 -32.49 -20.42 -40.01
CA VAL A 442 -33.45 -19.42 -40.44
C VAL A 442 -34.72 -19.49 -39.61
N GLY A 443 -35.20 -20.71 -39.37
CA GLY A 443 -36.37 -20.88 -38.53
C GLY A 443 -36.09 -20.88 -37.04
N GLY A 444 -34.82 -20.85 -36.65
CA GLY A 444 -34.46 -20.93 -35.24
C GLY A 444 -33.75 -22.22 -34.91
N ASN A 445 -32.66 -22.14 -34.15
CA ASN A 445 -31.89 -23.31 -33.77
C ASN A 445 -32.26 -23.69 -32.33
N TYR A 446 -33.06 -24.76 -32.19
CA TYR A 446 -33.54 -25.19 -30.89
C TYR A 446 -32.88 -26.46 -30.40
N ASN A 447 -31.67 -26.74 -30.88
CA ASN A 447 -30.88 -27.87 -30.39
C ASN A 447 -30.05 -27.53 -29.17
N TYR A 448 -30.05 -26.28 -28.72
CA TYR A 448 -29.28 -25.84 -27.58
C TYR A 448 -30.22 -25.36 -26.50
N GLN A 449 -29.99 -25.82 -25.27
CA GLN A 449 -30.89 -25.56 -24.15
C GLN A 449 -30.08 -25.15 -22.94
N TYR A 450 -30.76 -24.49 -22.00
CA TYR A 450 -30.14 -24.12 -20.73
C TYR A 450 -31.14 -24.37 -19.60
N ARG A 451 -30.61 -24.67 -18.43
CA ARG A 451 -31.44 -24.91 -17.25
C ARG A 451 -31.80 -23.57 -16.61
N LEU A 452 -33.10 -23.34 -16.44
CA LEU A 452 -33.60 -22.06 -15.96
C LEU A 452 -33.90 -22.05 -14.47
N PHE A 453 -34.34 -23.17 -13.90
CA PHE A 453 -34.70 -23.26 -12.50
C PHE A 453 -33.89 -24.36 -11.84
N ARG A 454 -33.49 -24.14 -10.59
CA ARG A 454 -32.86 -25.18 -9.81
C ARG A 454 -33.04 -24.85 -8.33
N LYS A 455 -33.14 -25.89 -7.51
CA LYS A 455 -33.37 -25.70 -6.09
C LYS A 455 -32.21 -24.98 -5.42
N SER A 456 -30.98 -25.33 -5.79
CA SER A 456 -29.79 -24.74 -5.20
C SER A 456 -28.75 -24.52 -6.29
N ASN A 457 -27.85 -23.58 -6.02
CA ASN A 457 -26.78 -23.28 -6.97
C ASN A 457 -25.85 -24.46 -7.14
N LEU A 458 -25.30 -24.60 -8.34
CA LEU A 458 -24.36 -25.67 -8.61
C LEU A 458 -23.08 -25.47 -7.82
N LYS A 459 -22.49 -26.59 -7.38
CA LYS A 459 -21.12 -26.57 -6.94
C LYS A 459 -20.21 -26.40 -8.15
N PRO A 460 -19.01 -25.87 -7.96
CA PRO A 460 -18.09 -25.71 -9.09
C PRO A 460 -17.82 -27.03 -9.79
N PHE A 461 -17.79 -26.98 -11.12
CA PHE A 461 -17.52 -28.15 -11.96
C PHE A 461 -18.49 -29.29 -11.66
N GLU A 462 -19.77 -28.96 -11.47
CA GLU A 462 -20.81 -29.95 -11.28
C GLU A 462 -21.77 -29.88 -12.45
N ARG A 463 -22.09 -31.04 -13.02
CA ARG A 463 -23.00 -31.15 -14.15
C ARG A 463 -24.32 -31.72 -13.66
N ASP A 464 -25.42 -31.05 -14.03
CA ASP A 464 -26.76 -31.47 -13.64
C ASP A 464 -27.58 -31.67 -14.90
N ILE A 465 -27.88 -32.93 -15.21
CA ILE A 465 -28.64 -33.27 -16.42
C ILE A 465 -30.01 -33.82 -16.08
N SER A 466 -30.50 -33.57 -14.87
CA SER A 466 -31.81 -34.05 -14.46
C SER A 466 -32.92 -33.24 -15.14
N THR A 467 -33.88 -33.94 -15.74
CA THR A 467 -35.01 -33.31 -16.40
C THR A 467 -36.29 -33.38 -15.59
N GLU A 468 -36.17 -33.40 -14.26
CA GLU A 468 -37.34 -33.45 -13.39
C GLU A 468 -38.06 -32.11 -13.38
N ILE A 469 -39.39 -32.18 -13.22
CA ILE A 469 -40.21 -30.98 -13.19
C ILE A 469 -39.92 -30.19 -11.92
N TYR A 470 -39.60 -28.91 -12.08
CA TYR A 470 -39.29 -28.05 -10.95
C TYR A 470 -40.58 -27.58 -10.28
N GLN A 471 -40.62 -27.69 -8.96
CA GLN A 471 -41.81 -27.35 -8.17
C GLN A 471 -41.53 -26.05 -7.42
N ALA A 472 -42.13 -24.97 -7.90
CA ALA A 472 -41.92 -23.66 -7.27
C ALA A 472 -42.67 -23.55 -5.94
N GLY A 473 -43.89 -24.09 -5.88
CA GLY A 473 -44.71 -24.01 -4.71
C GLY A 473 -44.72 -25.28 -3.90
N ASN A 474 -45.81 -25.48 -3.14
CA ASN A 474 -45.97 -26.66 -2.31
C ASN A 474 -46.85 -27.73 -2.94
N LYS A 475 -47.62 -27.40 -3.97
CA LYS A 475 -48.49 -28.38 -4.60
C LYS A 475 -47.66 -29.38 -5.40
N PRO A 476 -47.76 -30.68 -5.12
CA PRO A 476 -46.97 -31.65 -5.88
C PRO A 476 -47.34 -31.64 -7.36
N CYS A 477 -46.33 -31.82 -8.21
CA CYS A 477 -46.52 -31.81 -9.64
C CYS A 477 -46.72 -33.18 -10.24
N ASN A 478 -46.16 -34.22 -9.61
CA ASN A 478 -46.29 -35.60 -10.08
C ASN A 478 -45.80 -35.75 -11.52
N GLY A 479 -44.80 -34.95 -11.89
CA GLY A 479 -44.22 -35.01 -13.22
C GLY A 479 -45.03 -34.34 -14.30
N VAL A 480 -46.09 -33.61 -13.96
CA VAL A 480 -46.95 -32.96 -14.93
C VAL A 480 -46.80 -31.45 -14.77
N ALA A 481 -46.54 -30.76 -15.87
CA ALA A 481 -46.46 -29.31 -15.83
C ALA A 481 -47.82 -28.72 -15.49
N GLY A 482 -47.78 -27.60 -14.78
CA GLY A 482 -49.01 -26.97 -14.36
C GLY A 482 -48.72 -25.74 -13.54
N PHE A 483 -49.67 -25.42 -12.67
CA PHE A 483 -49.51 -24.25 -11.81
C PHE A 483 -48.36 -24.43 -10.83
N ASN A 484 -47.37 -23.54 -10.90
CA ASN A 484 -46.15 -23.65 -10.10
C ASN A 484 -45.48 -25.00 -10.33
N CYS A 485 -45.50 -25.45 -11.59
CA CYS A 485 -44.83 -26.69 -12.01
C CYS A 485 -44.18 -26.40 -13.35
N TYR A 486 -42.89 -26.07 -13.33
CA TYR A 486 -42.19 -25.61 -14.53
C TYR A 486 -41.25 -26.70 -15.04
N PHE A 487 -40.89 -26.60 -16.32
CA PHE A 487 -39.86 -27.44 -16.89
C PHE A 487 -38.55 -26.68 -16.86
N PRO A 488 -37.54 -27.15 -16.14
CA PRO A 488 -36.35 -26.32 -15.90
C PRO A 488 -35.55 -26.00 -17.15
N LEU A 489 -35.67 -26.78 -18.21
CA LEU A 489 -34.87 -26.58 -19.41
C LEU A 489 -35.64 -25.76 -20.43
N ARG A 490 -35.00 -24.70 -20.92
CA ARG A 490 -35.58 -23.85 -21.97
C ARG A 490 -34.60 -23.78 -23.12
N SER A 491 -35.11 -23.85 -24.35
CA SER A 491 -34.26 -23.85 -25.53
C SER A 491 -33.94 -22.42 -25.97
N TYR A 492 -32.67 -22.20 -26.29
CA TYR A 492 -32.29 -20.98 -26.98
C TYR A 492 -32.92 -20.97 -28.37
N GLY A 493 -33.44 -19.83 -28.78
CA GLY A 493 -33.83 -19.67 -30.16
C GLY A 493 -32.81 -18.83 -30.87
N PHE A 494 -31.93 -19.45 -31.64
CA PHE A 494 -30.86 -18.74 -32.34
C PHE A 494 -31.28 -18.52 -33.78
N ARG A 495 -31.20 -17.27 -34.23
CA ARG A 495 -31.53 -16.92 -35.59
C ARG A 495 -30.44 -16.00 -36.14
N PRO A 496 -30.19 -16.05 -37.45
CA PRO A 496 -29.11 -15.21 -38.00
C PRO A 496 -29.38 -13.72 -37.92
N THR A 497 -30.64 -13.31 -37.76
CA THR A 497 -31.00 -11.90 -37.72
C THR A 497 -30.90 -11.30 -36.33
N TYR A 498 -30.54 -12.08 -35.32
CA TYR A 498 -30.44 -11.55 -33.98
C TYR A 498 -29.20 -10.68 -33.82
N GLY A 499 -29.26 -9.79 -32.83
CA GLY A 499 -28.14 -8.91 -32.55
C GLY A 499 -26.99 -9.66 -31.92
N VAL A 500 -25.86 -8.97 -31.84
CA VAL A 500 -24.61 -9.62 -31.42
C VAL A 500 -24.72 -10.19 -30.02
N GLY A 501 -25.55 -9.58 -29.17
CA GLY A 501 -25.72 -10.09 -27.82
C GLY A 501 -26.54 -11.36 -27.74
N HIS A 502 -27.42 -11.61 -28.71
CA HIS A 502 -28.28 -12.77 -28.71
C HIS A 502 -27.83 -13.84 -29.70
N GLN A 503 -26.66 -13.69 -30.28
CA GLN A 503 -26.15 -14.70 -31.19
C GLN A 503 -25.36 -15.76 -30.43
N PRO A 504 -25.31 -16.99 -30.95
CA PRO A 504 -24.63 -18.07 -30.22
C PRO A 504 -23.14 -17.85 -30.15
N TYR A 505 -22.56 -18.29 -29.03
CA TYR A 505 -21.13 -18.22 -28.78
C TYR A 505 -20.66 -19.57 -28.27
N ARG A 506 -19.67 -20.15 -28.94
CA ARG A 506 -19.08 -21.41 -28.53
C ARG A 506 -17.96 -21.12 -27.55
N VAL A 507 -17.98 -21.82 -26.41
CA VAL A 507 -17.06 -21.57 -25.31
C VAL A 507 -16.32 -22.86 -25.00
N VAL A 508 -15.00 -22.73 -24.83
CA VAL A 508 -14.11 -23.81 -24.39
C VAL A 508 -13.34 -23.28 -23.20
N VAL A 509 -13.45 -23.98 -22.06
CA VAL A 509 -12.77 -23.60 -20.84
C VAL A 509 -11.68 -24.63 -20.57
N LEU A 510 -10.43 -24.16 -20.49
CA LEU A 510 -9.30 -25.00 -20.18
C LEU A 510 -8.93 -24.79 -18.72
N SER A 511 -9.07 -25.84 -17.92
CA SER A 511 -8.71 -25.83 -16.51
C SER A 511 -7.42 -26.59 -16.33
N PHE A 512 -6.44 -25.98 -15.67
CA PHE A 512 -5.10 -26.52 -15.54
C PHE A 512 -4.92 -27.05 -14.12
N GLU A 513 -4.93 -28.37 -13.97
CA GLU A 513 -4.66 -29.00 -12.68
C GLU A 513 -3.16 -29.05 -12.47
N LEU A 514 -2.66 -28.20 -11.57
CA LEU A 514 -1.25 -28.15 -11.19
C LEU A 514 -1.14 -28.59 -9.74
N LEU A 515 -1.02 -29.91 -9.55
CA LEU A 515 -0.95 -30.52 -8.24
C LEU A 515 0.49 -30.90 -7.93
N HIS A 516 0.68 -31.62 -6.83
CA HIS A 516 2.00 -32.14 -6.48
C HIS A 516 2.36 -33.40 -7.27
N ALA A 517 1.43 -33.93 -8.06
CA ALA A 517 1.67 -35.13 -8.82
C ALA A 517 2.70 -34.88 -9.91
N PRO A 518 3.30 -35.94 -10.46
CA PRO A 518 4.16 -35.77 -11.63
C PRO A 518 3.42 -35.11 -12.78
N ALA A 519 4.11 -34.21 -13.47
CA ALA A 519 3.51 -33.52 -14.59
C ALA A 519 3.21 -34.47 -15.73
N THR A 520 2.10 -34.23 -16.42
CA THR A 520 1.73 -35.02 -17.59
C THR A 520 1.47 -34.19 -18.83
N VAL A 521 1.01 -32.95 -18.68
CA VAL A 521 0.81 -32.04 -19.80
C VAL A 521 1.88 -30.96 -19.72
N CYS A 522 2.73 -30.87 -20.72
CA CYS A 522 3.81 -29.90 -20.74
C CYS A 522 3.83 -29.16 -22.06
N GLY A 523 4.49 -28.01 -22.07
CA GLY A 523 4.68 -27.27 -23.29
C GLY A 523 5.87 -27.81 -24.05
N PRO A 524 6.00 -27.43 -25.32
CA PRO A 524 7.18 -27.87 -26.09
C PRO A 524 8.44 -27.20 -25.57
N LYS A 525 9.31 -27.99 -24.96
CA LYS A 525 10.51 -27.44 -24.32
C LYS A 525 11.54 -28.55 -24.23
N LYS A 526 12.66 -28.39 -24.93
CA LYS A 526 13.71 -29.39 -24.90
C LYS A 526 14.44 -29.37 -23.56
N SER A 527 14.74 -30.54 -23.04
CA SER A 527 15.38 -30.69 -21.73
C SER A 527 16.84 -31.03 -21.90
N THR A 528 17.71 -30.27 -21.25
CA THR A 528 19.15 -30.43 -21.37
C THR A 528 19.66 -31.45 -20.36
N ASN A 529 20.98 -31.64 -20.33
CA ASN A 529 21.59 -32.55 -19.38
C ASN A 529 21.56 -31.96 -17.98
N LEU A 530 21.60 -32.84 -17.00
CA LEU A 530 21.58 -32.45 -15.59
C LEU A 530 23.00 -32.12 -15.14
N VAL A 531 23.19 -30.94 -14.58
CA VAL A 531 24.48 -30.47 -14.10
C VAL A 531 24.40 -30.30 -12.59
N LYS A 532 25.32 -30.95 -11.88
CA LYS A 532 25.35 -30.91 -10.43
C LYS A 532 26.62 -30.24 -9.93
N ASN A 533 26.56 -29.75 -8.70
CA ASN A 533 27.69 -29.11 -8.02
C ASN A 533 28.18 -27.88 -8.77
N LYS A 534 27.28 -27.19 -9.46
CA LYS A 534 27.59 -25.95 -10.15
C LYS A 534 26.41 -25.00 -10.04
N CYS A 535 26.71 -23.71 -10.03
CA CYS A 535 25.67 -22.68 -9.97
C CYS A 535 25.04 -22.55 -11.34
N VAL A 536 23.78 -22.98 -11.46
CA VAL A 536 23.08 -23.00 -12.73
C VAL A 536 21.69 -22.40 -12.56
N ASN A 537 21.11 -22.00 -13.69
CA ASN A 537 19.70 -21.61 -13.75
C ASN A 537 18.88 -22.85 -14.11
N PHE A 538 18.22 -23.43 -13.12
CA PHE A 538 17.49 -24.67 -13.35
C PHE A 538 16.01 -24.41 -13.60
N ASN A 539 15.39 -25.32 -14.34
CA ASN A 539 13.98 -25.24 -14.71
C ASN A 539 13.43 -26.66 -14.68
N PHE A 540 12.76 -27.02 -13.58
CA PHE A 540 12.16 -28.34 -13.41
C PHE A 540 10.65 -28.21 -13.51
N ASN A 541 10.10 -28.68 -14.64
CA ASN A 541 8.65 -28.70 -14.85
C ASN A 541 8.02 -27.32 -14.68
N GLY A 542 8.73 -26.30 -15.17
CA GLY A 542 8.27 -24.93 -15.06
C GLY A 542 8.65 -24.25 -13.77
N LEU A 543 9.07 -24.99 -12.77
CA LEU A 543 9.63 -24.42 -11.54
C LEU A 543 11.04 -23.93 -11.85
N THR A 544 11.20 -22.62 -11.97
CA THR A 544 12.47 -22.02 -12.32
C THR A 544 13.19 -21.55 -11.07
N GLY A 545 14.50 -21.47 -11.16
CA GLY A 545 15.30 -20.98 -10.05
C GLY A 545 16.76 -20.92 -10.44
N THR A 546 17.57 -20.42 -9.52
CA THR A 546 19.02 -20.36 -9.68
C THR A 546 19.66 -20.94 -8.43
N GLY A 547 20.59 -21.88 -8.61
CA GLY A 547 21.25 -22.46 -7.47
C GLY A 547 22.17 -23.59 -7.87
N VAL A 548 22.65 -24.28 -6.83
CA VAL A 548 23.53 -25.43 -6.95
C VAL A 548 22.70 -26.67 -6.66
N LEU A 549 22.76 -27.64 -7.56
CA LEU A 549 22.03 -28.90 -7.42
C LEU A 549 22.99 -29.97 -6.93
N THR A 550 22.67 -30.59 -5.81
CA THR A 550 23.51 -31.63 -5.24
C THR A 550 22.69 -32.88 -5.02
N GLU A 551 23.35 -34.03 -5.03
CA GLU A 551 22.67 -35.27 -4.69
C GLU A 551 22.20 -35.22 -3.24
N SER A 552 21.02 -35.78 -2.98
CA SER A 552 20.40 -35.67 -1.67
C SER A 552 20.09 -37.05 -1.12
N ASN A 553 20.08 -37.15 0.21
CA ASN A 553 19.66 -38.34 0.92
C ASN A 553 18.35 -38.12 1.68
N LYS A 554 17.57 -37.11 1.28
CA LYS A 554 16.26 -36.90 1.88
C LYS A 554 15.35 -38.08 1.59
N LYS A 555 14.51 -38.42 2.56
CA LYS A 555 13.65 -39.59 2.45
C LYS A 555 12.29 -39.17 1.90
N PHE A 556 12.29 -38.84 0.61
CA PHE A 556 11.05 -38.60 -0.10
C PHE A 556 10.25 -39.89 -0.19
N LEU A 557 8.96 -39.81 0.09
CA LEU A 557 8.07 -40.94 -0.15
C LEU A 557 7.76 -41.05 -1.63
N PRO A 558 7.35 -42.23 -2.11
CA PRO A 558 7.19 -42.42 -3.55
C PRO A 558 6.22 -41.45 -4.22
N PHE A 559 5.24 -40.93 -3.48
CA PHE A 559 4.26 -40.03 -4.08
C PHE A 559 4.73 -38.57 -4.10
N GLN A 560 5.64 -38.18 -3.22
CA GLN A 560 6.08 -36.80 -3.15
C GLN A 560 6.94 -36.45 -4.36
N GLN A 561 7.03 -35.14 -4.64
CA GLN A 561 7.78 -34.66 -5.79
C GLN A 561 8.70 -33.47 -5.51
N PHE A 562 8.45 -32.70 -4.45
CA PHE A 562 9.35 -31.61 -4.11
C PHE A 562 9.22 -31.32 -2.63
N GLY A 563 10.18 -30.58 -2.10
CA GLY A 563 10.19 -30.21 -0.70
C GLY A 563 10.27 -28.70 -0.55
N ARG A 564 9.66 -28.20 0.53
CA ARG A 564 9.64 -26.78 0.83
C ARG A 564 10.42 -26.50 2.10
N ASP A 565 10.60 -25.21 2.37
CA ASP A 565 11.42 -24.73 3.48
C ASP A 565 10.55 -23.86 4.40
N ILE A 566 11.20 -23.19 5.35
CA ILE A 566 10.47 -22.36 6.30
C ILE A 566 9.75 -21.23 5.58
N ALA A 567 10.43 -20.60 4.62
CA ALA A 567 9.82 -19.52 3.84
C ALA A 567 9.15 -20.03 2.56
N ASP A 568 8.72 -21.29 2.55
CA ASP A 568 8.03 -21.89 1.41
C ASP A 568 8.87 -21.85 0.13
N THR A 569 10.18 -21.88 0.28
CA THR A 569 11.08 -21.96 -0.86
C THR A 569 11.44 -23.42 -1.11
N THR A 570 11.33 -23.84 -2.37
CA THR A 570 11.64 -25.21 -2.73
C THR A 570 13.11 -25.50 -2.48
N ASP A 571 13.39 -26.37 -1.51
CA ASP A 571 14.76 -26.72 -1.17
C ASP A 571 15.21 -28.04 -1.79
N ALA A 572 14.29 -28.90 -2.20
CA ALA A 572 14.61 -30.15 -2.86
C ALA A 572 13.62 -30.39 -3.98
N VAL A 573 14.08 -31.09 -5.02
CA VAL A 573 13.25 -31.42 -6.17
C VAL A 573 13.48 -32.87 -6.54
N ARG A 574 12.57 -33.40 -7.33
CA ARG A 574 12.69 -34.72 -7.92
C ARG A 574 12.85 -34.53 -9.42
N ASP A 575 13.91 -35.10 -9.99
CA ASP A 575 14.15 -34.95 -11.42
C ASP A 575 13.03 -35.65 -12.19
N PRO A 576 12.37 -34.97 -13.13
CA PRO A 576 11.25 -35.60 -13.85
C PRO A 576 11.63 -36.86 -14.63
N GLN A 577 12.85 -36.95 -15.13
CA GLN A 577 13.24 -38.08 -15.97
C GLN A 577 13.86 -39.21 -15.15
N THR A 578 14.92 -38.91 -14.40
CA THR A 578 15.56 -39.87 -13.51
C THR A 578 15.10 -39.55 -12.09
N LEU A 579 14.23 -40.39 -11.54
CA LEU A 579 13.54 -40.04 -10.30
C LEU A 579 14.49 -40.04 -9.11
N GLU A 580 15.38 -39.05 -9.06
CA GLU A 580 16.31 -38.88 -7.94
C GLU A 580 15.98 -37.57 -7.22
N ILE A 581 16.54 -37.43 -6.03
CA ILE A 581 16.27 -36.27 -5.17
C ILE A 581 17.48 -35.35 -5.24
N LEU A 582 17.23 -34.09 -5.59
CA LEU A 582 18.28 -33.09 -5.70
C LEU A 582 18.02 -31.98 -4.69
N ASP A 583 19.05 -31.67 -3.90
CA ASP A 583 19.00 -30.53 -2.99
C ASP A 583 19.41 -29.27 -3.73
N ILE A 584 18.61 -28.21 -3.56
CA ILE A 584 18.85 -26.92 -4.20
C ILE A 584 19.43 -25.98 -3.14
N THR A 585 20.57 -25.36 -3.47
CA THR A 585 21.19 -24.44 -2.53
C THR A 585 21.47 -23.11 -3.23
N PRO A 586 21.30 -21.98 -2.54
CA PRO A 586 21.75 -20.72 -3.11
C PRO A 586 23.25 -20.78 -3.40
N CYS A 587 23.65 -20.17 -4.52
CA CYS A 587 24.96 -20.43 -5.09
C CYS A 587 26.10 -20.05 -4.16
N SER A 588 26.29 -18.75 -3.95
CA SER A 588 27.25 -18.22 -2.98
C SER A 588 27.10 -16.72 -2.92
N PHE A 589 27.05 -16.15 -1.72
CA PHE A 589 26.91 -14.71 -1.59
C PHE A 589 27.34 -14.28 -0.20
N GLY A 590 27.62 -13.00 -0.07
CA GLY A 590 28.05 -12.46 1.20
C GLY A 590 28.20 -10.96 1.13
N GLY A 591 28.46 -10.37 2.30
CA GLY A 591 28.64 -8.94 2.39
C GLY A 591 30.09 -8.56 2.19
N VAL A 592 30.31 -7.39 1.59
CA VAL A 592 31.64 -6.86 1.32
C VAL A 592 31.69 -5.45 1.91
N SER A 593 32.56 -5.28 2.91
CA SER A 593 32.83 -4.01 3.55
C SER A 593 34.22 -3.52 3.18
N VAL A 594 34.41 -2.21 3.23
CA VAL A 594 35.66 -1.59 2.81
C VAL A 594 36.26 -0.84 3.98
N ILE A 595 37.42 -1.28 4.44
CA ILE A 595 38.18 -0.58 5.47
C ILE A 595 39.06 0.45 4.78
N THR A 596 38.92 1.71 5.17
CA THR A 596 39.67 2.74 4.50
C THR A 596 40.06 3.87 5.46
N PRO A 597 41.33 4.27 5.47
CA PRO A 597 41.67 5.58 6.00
C PRO A 597 41.10 6.66 5.08
N GLY A 598 40.91 7.85 5.63
CA GLY A 598 40.28 8.92 4.88
C GLY A 598 40.94 9.18 3.56
N THR A 599 40.16 9.55 2.54
CA THR A 599 40.73 9.84 1.23
C THR A 599 41.70 11.01 1.29
N ASN A 600 41.62 11.84 2.33
CA ASN A 600 42.64 12.84 2.56
C ASN A 600 44.01 12.20 2.82
N THR A 601 44.03 10.99 3.34
CA THR A 601 45.27 10.31 3.73
C THR A 601 45.78 9.37 2.66
N SER A 602 44.97 8.39 2.26
CA SER A 602 45.43 7.40 1.30
C SER A 602 44.24 6.81 0.56
N ASN A 603 44.47 6.46 -0.70
CA ASN A 603 43.47 5.79 -1.53
C ASN A 603 43.56 4.28 -1.43
N GLN A 604 44.50 3.75 -0.64
CA GLN A 604 44.63 2.31 -0.46
C GLN A 604 43.59 1.83 0.55
N VAL A 605 42.88 0.76 0.20
CA VAL A 605 41.82 0.22 1.04
C VAL A 605 42.03 -1.26 1.25
N ALA A 606 41.45 -1.76 2.34
CA ALA A 606 41.34 -3.18 2.60
C ALA A 606 39.88 -3.60 2.47
N VAL A 607 39.65 -4.88 2.20
CA VAL A 607 38.32 -5.39 1.96
C VAL A 607 38.04 -6.50 2.96
N LEU A 608 36.81 -6.55 3.47
CA LEU A 608 36.38 -7.59 4.39
C LEU A 608 35.18 -8.30 3.78
N TYR A 609 35.35 -9.58 3.46
CA TYR A 609 34.25 -10.44 3.04
C TYR A 609 33.68 -11.08 4.30
N GLN A 610 32.45 -10.71 4.66
CA GLN A 610 31.93 -11.00 5.98
C GLN A 610 31.40 -12.43 6.05
N GLY A 611 31.88 -13.17 7.05
CA GLY A 611 31.30 -14.48 7.33
C GLY A 611 31.61 -15.56 6.34
N VAL A 612 32.67 -15.42 5.56
CA VAL A 612 33.08 -16.46 4.63
C VAL A 612 34.48 -16.90 4.96
N ASN A 613 34.75 -18.19 4.74
CA ASN A 613 36.08 -18.73 4.83
C ASN A 613 36.96 -18.10 3.76
N CYS A 614 38.28 -18.06 4.01
CA CYS A 614 39.16 -17.42 3.04
C CYS A 614 39.43 -18.36 1.86
N THR A 615 38.37 -18.94 1.30
CA THR A 615 38.47 -19.78 0.12
C THR A 615 37.37 -19.52 -0.91
N GLU A 616 36.32 -18.79 -0.57
CA GLU A 616 35.20 -18.52 -1.47
C GLU A 616 35.27 -17.15 -2.10
N VAL A 617 36.36 -16.42 -1.91
CA VAL A 617 36.49 -15.08 -2.47
C VAL A 617 36.53 -15.15 -4.00
N SER A 634 41.89 -6.33 -7.32
CA SER A 634 40.75 -6.47 -6.44
C SER A 634 41.09 -7.37 -5.25
N THR A 635 41.93 -8.38 -5.50
CA THR A 635 42.31 -9.37 -4.49
C THR A 635 43.83 -9.41 -4.40
N GLY A 636 44.38 -8.77 -3.36
CA GLY A 636 45.80 -8.81 -3.13
C GLY A 636 46.26 -10.08 -2.47
N SER A 637 47.57 -10.21 -2.33
CA SER A 637 48.18 -11.41 -1.74
C SER A 637 48.45 -11.19 -0.26
N ASN A 638 47.44 -10.64 0.42
CA ASN A 638 47.53 -10.32 1.84
C ASN A 638 46.28 -10.80 2.56
N VAL A 639 45.84 -12.02 2.23
CA VAL A 639 44.64 -12.57 2.84
C VAL A 639 44.89 -12.91 4.30
N PHE A 640 43.88 -12.69 5.13
CA PHE A 640 43.95 -13.01 6.54
C PHE A 640 42.57 -13.47 6.99
N GLN A 641 42.53 -14.41 7.92
CA GLN A 641 41.28 -15.02 8.34
C GLN A 641 40.93 -14.53 9.74
N THR A 642 39.87 -13.73 9.85
CA THR A 642 39.33 -13.31 11.12
C THR A 642 37.99 -14.01 11.34
N ARG A 643 37.57 -14.06 12.61
CA ARG A 643 36.26 -14.66 12.90
C ARG A 643 35.12 -13.88 12.26
N ALA A 644 35.38 -12.63 11.85
CA ALA A 644 34.39 -11.83 11.14
C ALA A 644 34.39 -12.09 9.64
N GLY A 645 35.42 -12.71 9.09
CA GLY A 645 35.42 -13.02 7.68
C GLY A 645 36.84 -13.12 7.13
N CYS A 646 36.98 -12.74 5.88
CA CYS A 646 38.27 -12.76 5.19
C CYS A 646 38.69 -11.33 4.90
N LEU A 647 39.88 -10.95 5.36
CA LEU A 647 40.40 -9.60 5.24
C LEU A 647 41.52 -9.59 4.23
N ILE A 648 41.31 -8.88 3.12
CA ILE A 648 42.24 -8.82 2.00
C ILE A 648 42.82 -7.42 1.92
N GLY A 649 44.14 -7.33 1.88
CA GLY A 649 44.81 -6.06 1.79
C GLY A 649 45.32 -5.49 3.10
N ALA A 650 45.30 -6.27 4.18
CA ALA A 650 45.81 -5.84 5.47
C ALA A 650 46.86 -6.83 5.94
N GLU A 651 48.01 -6.30 6.36
CA GLU A 651 49.12 -7.11 6.83
C GLU A 651 48.97 -7.33 8.33
N TYR A 652 48.68 -8.57 8.74
CA TYR A 652 48.51 -8.86 10.15
C TYR A 652 49.82 -8.70 10.90
N VAL A 653 49.74 -8.10 12.08
CA VAL A 653 50.92 -7.76 12.88
C VAL A 653 50.75 -8.40 14.26
N ASN A 654 51.82 -9.05 14.75
CA ASN A 654 51.77 -9.66 16.06
C ASN A 654 51.69 -8.65 17.19
N ASN A 655 51.96 -7.38 16.92
CA ASN A 655 51.82 -6.35 17.94
C ASN A 655 50.33 -6.06 18.17
N SER A 656 50.07 -5.35 19.26
CA SER A 656 48.72 -4.92 19.60
C SER A 656 48.75 -3.45 19.99
N TYR A 657 47.82 -2.67 19.46
CA TYR A 657 47.67 -1.26 19.78
C TYR A 657 46.22 -0.99 20.12
N GLU A 658 45.91 0.26 20.41
CA GLU A 658 44.52 0.66 20.61
C GLU A 658 43.75 0.49 19.30
N CYS A 659 42.47 0.15 19.42
CA CYS A 659 41.65 -0.04 18.24
C CYS A 659 41.50 1.27 17.48
N ASP A 660 41.74 1.22 16.17
CA ASP A 660 41.59 2.38 15.32
C ASP A 660 40.36 2.25 14.42
N ILE A 661 40.30 1.21 13.60
CA ILE A 661 39.11 0.90 12.80
C ILE A 661 38.61 -0.47 13.25
N PRO A 662 37.51 -0.54 14.01
CA PRO A 662 37.05 -1.84 14.51
C PRO A 662 36.56 -2.71 13.36
N ILE A 663 37.14 -3.89 13.23
CA ILE A 663 36.74 -4.86 12.22
C ILE A 663 35.83 -5.93 12.81
N GLY A 664 36.20 -6.48 13.96
CA GLY A 664 35.32 -7.37 14.67
C GLY A 664 36.04 -8.53 15.32
N ALA A 665 35.39 -9.14 16.31
CA ALA A 665 35.91 -10.29 17.03
C ALA A 665 37.30 -10.02 17.60
N GLY A 666 37.53 -8.78 18.03
CA GLY A 666 38.79 -8.40 18.60
C GLY A 666 39.86 -7.98 17.62
N ILE A 667 39.56 -7.97 16.32
CA ILE A 667 40.52 -7.54 15.32
C ILE A 667 40.19 -6.13 14.89
N CYS A 668 41.19 -5.26 14.89
CA CYS A 668 41.09 -3.88 14.46
C CYS A 668 42.11 -3.63 13.34
N ALA A 669 41.92 -2.52 12.63
CA ALA A 669 42.82 -2.16 11.54
C ALA A 669 43.21 -0.70 11.67
N SER A 670 44.42 -0.39 11.20
CA SER A 670 44.92 0.98 11.23
C SER A 670 45.78 1.22 9.99
N TYR A 671 46.19 2.47 9.82
CA TYR A 671 47.03 2.89 8.71
C TYR A 671 48.35 3.39 9.29
N GLN A 672 49.39 2.57 9.22
CA GLN A 672 50.66 2.90 9.85
C GLN A 672 51.82 2.47 8.96
N THR A 673 52.98 3.04 9.22
CA THR A 673 54.20 2.75 8.47
C THR A 673 54.61 1.29 8.60
N SER A 686 56.49 4.74 3.68
CA SER A 686 56.07 3.36 3.47
C SER A 686 54.94 2.98 4.41
N GLN A 687 53.80 3.64 4.26
CA GLN A 687 52.64 3.36 5.09
C GLN A 687 51.72 2.35 4.42
N SER A 688 51.05 1.56 5.24
CA SER A 688 50.15 0.52 4.76
C SER A 688 49.11 0.25 5.84
N ILE A 689 48.07 -0.49 5.45
CA ILE A 689 46.99 -0.86 6.36
C ILE A 689 47.37 -2.16 7.06
N ILE A 690 47.37 -2.13 8.38
CA ILE A 690 47.72 -3.29 9.19
C ILE A 690 46.52 -3.69 10.02
N ALA A 691 46.45 -4.98 10.33
CA ALA A 691 45.40 -5.55 11.16
C ALA A 691 46.05 -6.20 12.38
N TYR A 692 45.40 -6.05 13.53
CA TYR A 692 46.00 -6.49 14.79
C TYR A 692 44.91 -6.75 15.81
N THR A 693 45.28 -7.53 16.83
CA THR A 693 44.40 -7.69 17.98
C THR A 693 44.43 -6.42 18.81
N MET A 694 43.27 -5.90 19.16
CA MET A 694 43.21 -4.67 19.95
C MET A 694 43.82 -4.90 21.33
N SER A 695 44.36 -3.84 21.91
CA SER A 695 44.99 -3.88 23.21
C SER A 695 44.07 -3.29 24.25
N LEU A 696 43.81 -4.05 25.32
CA LEU A 696 42.97 -3.55 26.40
C LEU A 696 43.70 -2.55 27.28
N GLY A 697 45.01 -2.68 27.40
CA GLY A 697 45.79 -1.77 28.21
C GLY A 697 47.06 -2.43 28.69
N ALA A 698 47.94 -1.61 29.27
CA ALA A 698 49.19 -2.11 29.79
C ALA A 698 48.97 -2.88 31.07
N GLU A 699 49.55 -4.07 31.17
CA GLU A 699 49.43 -4.86 32.39
C GLU A 699 50.13 -4.17 33.55
N ASN A 700 49.59 -4.38 34.75
CA ASN A 700 50.11 -3.71 35.93
C ASN A 700 49.71 -4.52 37.16
N LEU A 701 50.68 -5.16 37.80
CA LEU A 701 50.40 -5.93 39.00
C LEU A 701 50.64 -5.06 40.24
N VAL A 702 49.69 -5.06 41.15
CA VAL A 702 49.77 -4.25 42.35
C VAL A 702 50.61 -4.99 43.39
N ALA A 703 51.60 -4.30 43.96
CA ALA A 703 52.49 -4.91 44.94
C ALA A 703 51.78 -5.07 46.28
N TYR A 704 50.90 -6.06 46.37
CA TYR A 704 50.06 -6.25 47.54
C TYR A 704 50.72 -7.17 48.56
N SER A 705 50.61 -6.78 49.83
CA SER A 705 50.97 -7.64 50.95
C SER A 705 50.19 -7.14 52.16
N ASN A 706 50.22 -7.91 53.24
CA ASN A 706 49.34 -7.64 54.37
C ASN A 706 49.89 -6.63 55.36
N ASN A 707 51.08 -6.07 55.10
CA ASN A 707 51.59 -4.99 55.94
C ASN A 707 52.24 -3.92 55.08
N SER A 708 51.63 -3.62 53.93
CA SER A 708 52.15 -2.60 53.02
C SER A 708 51.01 -1.76 52.50
N ILE A 709 51.13 -0.44 52.62
CA ILE A 709 50.13 0.49 52.13
C ILE A 709 50.82 1.61 51.37
N ALA A 710 50.26 1.98 50.22
CA ALA A 710 50.77 3.09 49.43
C ALA A 710 49.92 4.31 49.71
N ILE A 711 50.56 5.38 50.16
CA ILE A 711 49.86 6.61 50.54
C ILE A 711 50.42 7.74 49.68
N PRO A 712 49.57 8.55 49.04
CA PRO A 712 50.07 9.66 48.23
C PRO A 712 50.65 10.77 49.09
N THR A 713 51.62 11.47 48.52
CA THR A 713 52.28 12.58 49.19
C THR A 713 52.07 13.91 48.48
N ASN A 714 51.34 13.92 47.37
CA ASN A 714 51.09 15.13 46.60
C ASN A 714 49.78 14.94 45.87
N PHE A 715 49.35 15.96 45.13
CA PHE A 715 48.07 15.90 44.47
C PHE A 715 48.11 16.69 43.16
N THR A 716 47.00 16.61 42.43
CA THR A 716 46.85 17.28 41.16
C THR A 716 45.40 17.73 41.02
N ILE A 717 45.19 18.97 40.66
CA ILE A 717 43.85 19.49 40.42
C ILE A 717 43.59 19.41 38.93
N SER A 718 42.73 18.49 38.52
CA SER A 718 42.44 18.26 37.12
C SER A 718 41.12 18.92 36.74
N VAL A 719 41.04 19.41 35.51
CA VAL A 719 39.81 19.97 34.96
C VAL A 719 39.48 19.20 33.71
N THR A 720 38.47 18.35 33.80
CA THR A 720 37.98 17.55 32.68
C THR A 720 36.82 18.28 32.01
N THR A 721 36.51 17.87 30.78
CA THR A 721 35.41 18.44 30.02
C THR A 721 34.43 17.34 29.64
N GLU A 722 33.15 17.58 29.89
CA GLU A 722 32.09 16.64 29.53
C GLU A 722 31.03 17.35 28.70
N ILE A 723 30.77 16.84 27.51
CA ILE A 723 29.81 17.44 26.58
C ILE A 723 28.56 16.59 26.58
N LEU A 724 27.39 17.23 26.74
CA LEU A 724 26.12 16.53 26.80
C LEU A 724 25.11 17.23 25.90
N PRO A 725 24.51 16.52 24.94
CA PRO A 725 23.39 17.11 24.19
C PRO A 725 22.21 17.37 25.11
N VAL A 726 21.43 18.39 24.79
CA VAL A 726 20.28 18.80 25.57
C VAL A 726 19.00 18.82 24.73
N SER A 727 19.04 19.52 23.61
CA SER A 727 17.88 19.64 22.73
C SER A 727 18.29 19.36 21.30
N MET A 728 17.29 19.20 20.44
CA MET A 728 17.57 19.05 19.02
C MET A 728 16.74 20.02 18.21
N THR A 729 16.78 19.89 16.89
CA THR A 729 16.10 20.84 16.02
C THR A 729 14.60 20.64 16.07
N LYS A 730 13.86 21.74 16.25
CA LYS A 730 12.41 21.74 16.20
C LYS A 730 11.99 21.85 14.74
N THR A 731 11.44 20.79 14.19
CA THR A 731 11.01 20.79 12.80
C THR A 731 9.50 20.68 12.71
N SER A 732 8.95 21.32 11.68
CA SER A 732 7.54 21.28 11.37
C SER A 732 7.37 20.87 9.92
N VAL A 733 6.39 20.03 9.65
CA VAL A 733 6.13 19.51 8.32
C VAL A 733 4.71 19.84 7.93
N ASP A 734 4.54 20.41 6.75
CA ASP A 734 3.22 20.63 6.17
C ASP A 734 2.84 19.39 5.37
N CYS A 735 1.92 18.60 5.90
CA CYS A 735 1.57 17.33 5.28
C CYS A 735 1.02 17.54 3.87
N THR A 736 0.09 18.49 3.72
CA THR A 736 -0.51 18.72 2.41
C THR A 736 0.51 19.26 1.43
N MET A 737 1.36 20.20 1.85
CA MET A 737 2.34 20.77 0.95
C MET A 737 3.41 19.75 0.57
N TYR A 738 3.81 18.90 1.50
CA TYR A 738 4.80 17.89 1.19
C TYR A 738 4.25 16.83 0.26
N ILE A 739 3.04 16.34 0.54
CA ILE A 739 2.49 15.23 -0.24
C ILE A 739 1.86 15.73 -1.54
N CYS A 740 1.13 16.83 -1.48
CA CYS A 740 0.30 17.31 -2.58
C CYS A 740 0.51 18.80 -2.81
N GLY A 741 1.75 19.20 -3.07
CA GLY A 741 2.06 20.62 -3.21
C GLY A 741 1.27 21.32 -4.29
N ASP A 742 0.34 22.19 -3.89
CA ASP A 742 -0.48 22.99 -4.80
C ASP A 742 -1.19 22.11 -5.83
N SER A 743 -2.05 21.22 -5.33
CA SER A 743 -2.81 20.33 -6.19
C SER A 743 -4.12 19.98 -5.49
N THR A 744 -5.24 20.38 -6.09
CA THR A 744 -6.54 20.15 -5.46
C THR A 744 -6.96 18.69 -5.55
N GLU A 745 -6.71 18.04 -6.69
CA GLU A 745 -7.09 16.64 -6.84
C GLU A 745 -6.35 15.76 -5.85
N CYS A 746 -5.06 15.99 -5.68
CA CYS A 746 -4.28 15.23 -4.71
C CYS A 746 -4.75 15.49 -3.29
N SER A 747 -5.10 16.75 -2.98
CA SER A 747 -5.62 17.06 -1.65
C SER A 747 -6.93 16.34 -1.38
N ASN A 748 -7.83 16.34 -2.37
CA ASN A 748 -9.11 15.66 -2.21
C ASN A 748 -8.92 14.17 -2.03
N LEU A 749 -7.98 13.57 -2.76
CA LEU A 749 -7.68 12.16 -2.58
C LEU A 749 -7.01 11.90 -1.24
N LEU A 750 -6.26 12.87 -0.73
CA LEU A 750 -5.59 12.72 0.56
C LEU A 750 -6.55 12.78 1.72
N LEU A 751 -7.66 13.51 1.56
CA LEU A 751 -8.68 13.52 2.60
C LEU A 751 -9.24 12.13 2.89
N GLN A 752 -9.11 11.19 1.94
CA GLN A 752 -9.64 9.85 2.12
C GLN A 752 -8.87 9.07 3.18
N TYR A 753 -7.58 9.33 3.31
CA TYR A 753 -6.71 8.53 4.17
C TYR A 753 -6.83 8.89 5.63
N GLY A 754 -7.90 9.59 6.02
CA GLY A 754 -8.16 9.81 7.42
C GLY A 754 -7.29 10.88 8.03
N SER A 755 -6.86 10.65 9.27
CA SER A 755 -6.17 11.65 10.07
C SER A 755 -4.73 11.22 10.35
N PHE A 756 -4.05 10.66 9.34
CA PHE A 756 -2.63 10.41 9.48
C PHE A 756 -1.84 11.71 9.60
N CYS A 757 -2.20 12.70 8.78
CA CYS A 757 -1.49 13.97 8.80
C CYS A 757 -1.66 14.69 10.13
N THR A 758 -2.85 14.64 10.71
CA THR A 758 -3.08 15.32 11.98
C THR A 758 -2.23 14.72 13.09
N GLN A 759 -2.09 13.39 13.13
CA GLN A 759 -1.26 12.82 14.18
C GLN A 759 0.24 12.95 13.89
N LEU A 760 0.65 13.01 12.61
CA LEU A 760 2.04 13.38 12.34
C LEU A 760 2.34 14.79 12.84
N LYS A 761 1.42 15.72 12.58
CA LYS A 761 1.58 17.09 13.06
C LYS A 761 1.59 17.14 14.59
N ARG A 762 0.71 16.37 15.22
CA ARG A 762 0.66 16.32 16.68
C ARG A 762 1.96 15.78 17.26
N ALA A 763 2.52 14.73 16.65
CA ALA A 763 3.79 14.17 17.13
C ALA A 763 4.91 15.18 16.98
N LEU A 764 4.98 15.87 15.85
CA LEU A 764 6.03 16.86 15.65
C LEU A 764 5.89 18.01 16.65
N THR A 765 4.67 18.46 16.91
CA THR A 765 4.46 19.52 17.89
C THR A 765 4.85 19.06 19.29
N GLY A 766 4.56 17.81 19.62
CA GLY A 766 4.97 17.28 20.92
C GLY A 766 6.48 17.29 21.08
N ILE A 767 7.20 16.86 20.04
CA ILE A 767 8.66 16.91 20.09
C ILE A 767 9.15 18.34 20.23
N ALA A 768 8.52 19.27 19.50
CA ALA A 768 8.94 20.66 19.54
C ALA A 768 8.78 21.25 20.94
N VAL A 769 7.66 20.96 21.61
CA VAL A 769 7.48 21.44 22.98
C VAL A 769 8.47 20.75 23.92
N GLU A 770 8.73 19.47 23.69
CA GLU A 770 9.64 18.72 24.55
C GLU A 770 11.05 19.31 24.51
N GLN A 771 11.47 19.82 23.36
CA GLN A 771 12.82 20.38 23.26
C GLN A 771 13.00 21.59 24.16
N ASP A 772 12.03 22.50 24.15
CA ASP A 772 12.08 23.66 25.04
C ASP A 772 11.99 23.24 26.49
N LYS A 773 11.19 22.21 26.78
CA LYS A 773 11.16 21.70 28.15
C LYS A 773 12.52 21.18 28.58
N ASN A 774 13.23 20.48 27.69
CA ASN A 774 14.56 19.98 28.01
C ASN A 774 15.51 21.12 28.33
N THR A 775 15.54 22.13 27.47
CA THR A 775 16.43 23.27 27.71
C THR A 775 16.10 23.96 29.02
N GLN A 776 14.81 24.17 29.30
CA GLN A 776 14.40 24.83 30.52
C GLN A 776 14.82 24.03 31.74
N GLU A 777 14.66 22.69 31.70
CA GLU A 777 15.03 21.87 32.84
C GLU A 777 16.53 21.89 33.08
N VAL A 778 17.33 21.84 32.01
CA VAL A 778 18.78 21.79 32.22
C VAL A 778 19.29 23.13 32.75
N PHE A 779 18.85 24.24 32.16
CA PHE A 779 19.49 25.52 32.46
C PHE A 779 18.74 26.36 33.49
N ALA A 780 17.41 26.42 33.43
CA ALA A 780 16.66 27.30 34.32
C ALA A 780 16.46 26.66 35.70
N GLN A 781 17.60 26.30 36.31
CA GLN A 781 17.61 25.71 37.64
C GLN A 781 17.95 26.73 38.72
N VAL A 782 18.06 28.01 38.37
CA VAL A 782 18.42 29.06 39.30
C VAL A 782 17.26 30.04 39.40
N LYS A 783 16.89 30.39 40.63
CA LYS A 783 15.73 31.25 40.83
C LYS A 783 16.02 32.71 40.51
N GLN A 784 17.24 33.17 40.74
CA GLN A 784 17.62 34.56 40.50
C GLN A 784 18.83 34.60 39.58
N ILE A 785 18.97 35.71 38.87
CA ILE A 785 20.12 35.91 37.98
C ILE A 785 21.22 36.51 38.85
N TYR A 786 22.09 35.64 39.37
CA TYR A 786 23.18 36.07 40.22
C TYR A 786 24.27 36.74 39.39
N LYS A 787 25.09 37.54 40.07
CA LYS A 787 26.24 38.14 39.43
C LYS A 787 27.28 38.50 40.48
N THR A 788 28.55 38.38 40.11
CA THR A 788 29.67 38.64 41.00
C THR A 788 29.94 40.14 41.11
N PRO A 789 30.50 40.58 42.23
CA PRO A 789 30.95 41.98 42.34
C PRO A 789 32.13 42.22 41.41
N PRO A 790 32.42 43.49 41.10
CA PRO A 790 33.50 43.77 40.13
C PRO A 790 34.87 43.28 40.58
N ILE A 791 35.11 43.12 41.89
CA ILE A 791 36.40 42.60 42.33
C ILE A 791 36.48 41.11 42.02
N LYS A 792 37.61 40.69 41.47
CA LYS A 792 37.78 39.34 40.94
C LYS A 792 38.93 38.60 41.63
N TYR A 793 39.11 38.83 42.92
CA TYR A 793 40.10 38.08 43.69
C TYR A 793 39.39 36.89 44.32
N PHE A 794 39.32 35.79 43.58
CA PHE A 794 38.72 34.55 44.06
C PHE A 794 39.80 33.61 44.59
N GLY A 795 40.52 34.09 45.60
CA GLY A 795 41.52 33.28 46.26
C GLY A 795 42.69 32.87 45.39
N GLY A 796 42.97 33.64 44.34
CA GLY A 796 44.03 33.32 43.41
C GLY A 796 43.62 32.50 42.21
N PHE A 797 42.39 31.98 42.19
CA PHE A 797 41.89 31.25 41.04
C PHE A 797 41.48 32.24 39.95
N ASN A 798 41.66 31.81 38.70
CA ASN A 798 41.46 32.70 37.55
C ASN A 798 40.23 32.22 36.78
N PHE A 799 39.11 32.89 37.01
CA PHE A 799 37.85 32.56 36.36
C PHE A 799 37.52 33.49 35.20
N SER A 800 38.49 34.28 34.74
CA SER A 800 38.22 35.25 33.69
C SER A 800 37.83 34.59 32.38
N GLN A 801 38.25 33.35 32.14
CA GLN A 801 37.96 32.69 30.87
C GLN A 801 36.58 32.06 30.82
N ILE A 802 35.91 31.92 31.96
CA ILE A 802 34.57 31.36 32.00
C ILE A 802 33.50 32.38 32.40
N LEU A 803 33.89 33.51 33.00
CA LEU A 803 32.94 34.57 33.28
C LEU A 803 32.68 35.38 32.01
N PRO A 804 31.51 36.02 31.91
CA PRO A 804 31.16 36.73 30.67
C PRO A 804 32.08 37.91 30.39
N ASP A 805 32.23 38.22 29.11
CA ASP A 805 32.98 39.38 28.65
C ASP A 805 32.02 40.46 28.18
N PRO A 806 31.94 41.60 28.85
CA PRO A 806 31.00 42.66 28.41
C PRO A 806 31.35 43.26 27.06
N SER A 807 32.59 43.11 26.59
CA SER A 807 32.98 43.71 25.32
C SER A 807 32.17 43.13 24.17
N LYS A 808 31.94 41.82 24.19
CA LYS A 808 31.21 41.18 23.11
C LYS A 808 29.75 41.61 23.11
N PRO A 809 29.10 41.61 21.93
CA PRO A 809 27.66 41.92 21.89
C PRO A 809 26.85 40.96 22.75
N SER A 810 26.96 39.67 22.47
CA SER A 810 26.41 38.66 23.36
C SER A 810 27.37 38.44 24.52
N LYS A 811 26.84 38.43 25.73
CA LYS A 811 27.69 38.38 26.91
C LYS A 811 28.13 36.95 27.23
N ARG A 812 28.70 36.27 26.25
CA ARG A 812 29.24 34.94 26.46
C ARG A 812 30.69 35.05 26.94
N SER A 813 31.23 33.92 27.39
CA SER A 813 32.59 33.87 27.86
C SER A 813 33.53 33.46 26.72
N PHE A 814 34.83 33.41 27.02
CA PHE A 814 35.81 32.99 26.04
C PHE A 814 35.57 31.55 25.60
N ILE A 815 35.46 30.64 26.57
CA ILE A 815 35.28 29.23 26.26
C ILE A 815 33.93 28.99 25.60
N GLU A 816 32.89 29.71 26.02
CA GLU A 816 31.59 29.57 25.37
C GLU A 816 31.66 29.98 23.91
N ASP A 817 32.40 31.05 23.61
CA ASP A 817 32.56 31.46 22.22
C ASP A 817 33.33 30.42 21.41
N LEU A 818 34.37 29.82 22.00
CA LEU A 818 35.06 28.74 21.31
C LEU A 818 34.11 27.57 21.02
N LEU A 819 33.28 27.22 22.00
CA LEU A 819 32.33 26.13 21.82
C LEU A 819 31.32 26.45 20.72
N PHE A 820 30.85 27.69 20.68
CA PHE A 820 29.91 28.07 19.62
C PHE A 820 30.56 28.09 18.26
N ASN A 821 31.86 28.42 18.19
CA ASN A 821 32.56 28.36 16.91
C ASN A 821 32.81 26.93 16.46
N LYS A 822 32.97 25.99 17.39
CA LYS A 822 33.27 24.62 17.01
C LYS A 822 32.08 23.87 16.44
N VAL A 823 30.87 24.39 16.61
CA VAL A 823 29.65 23.73 16.11
C VAL A 823 28.96 24.68 15.15
N THR A 824 28.70 24.20 13.93
CA THR A 824 28.00 24.97 12.92
C THR A 824 26.57 24.45 12.78
N LEU A 825 25.61 25.38 12.73
CA LEU A 825 24.20 25.03 12.67
C LEU A 825 23.70 25.13 11.23
N ALA A 826 23.01 24.09 10.79
CA ALA A 826 22.42 24.12 9.44
C ALA A 826 21.35 25.19 9.33
N ASP A 827 20.48 25.30 10.33
CA ASP A 827 19.42 26.29 10.33
C ASP A 827 19.00 26.55 11.77
N ALA A 828 18.87 27.83 12.12
CA ALA A 828 18.45 28.23 13.45
C ALA A 828 16.95 28.52 13.54
N GLY A 829 16.22 28.34 12.44
CA GLY A 829 14.80 28.60 12.42
C GLY A 829 14.42 30.05 12.25
N PHE A 830 15.39 30.96 12.16
CA PHE A 830 15.09 32.38 12.08
C PHE A 830 14.49 32.72 10.73
N ILE A 831 14.21 34.01 10.54
CA ILE A 831 13.53 34.46 9.33
C ILE A 831 14.45 34.32 8.13
N LYS A 832 13.95 33.68 7.08
CA LYS A 832 14.67 33.55 5.81
C LYS A 832 13.90 34.36 4.77
N GLN A 833 14.48 35.50 4.39
CA GLN A 833 13.84 36.37 3.42
C GLN A 833 13.89 35.75 2.02
N TYR A 834 13.15 36.37 1.10
CA TYR A 834 13.10 35.89 -0.28
C TYR A 834 14.47 35.88 -0.95
N ASP A 845 20.03 25.96 -2.63
CA ASP A 845 20.41 25.45 -1.32
C ASP A 845 19.71 24.14 -1.02
N LEU A 846 20.15 23.48 0.05
CA LEU A 846 19.46 22.30 0.56
C LEU A 846 18.33 22.67 1.52
N ILE A 847 18.17 23.96 1.83
CA ILE A 847 17.17 24.42 2.77
C ILE A 847 16.01 25.09 2.05
N CYS A 848 16.28 25.81 0.96
CA CYS A 848 15.20 26.37 0.16
C CYS A 848 14.32 25.27 -0.41
N ALA A 849 14.93 24.17 -0.86
CA ALA A 849 14.15 23.02 -1.32
C ALA A 849 13.30 22.45 -0.19
N GLN A 850 13.86 22.38 1.02
CA GLN A 850 13.09 21.93 2.17
C GLN A 850 11.92 22.87 2.45
N LYS A 851 12.17 24.18 2.42
CA LYS A 851 11.11 25.14 2.73
C LYS A 851 9.99 25.08 1.72
N PHE A 852 10.33 24.97 0.43
CA PHE A 852 9.32 24.95 -0.61
C PHE A 852 8.50 23.67 -0.61
N ASN A 853 8.94 22.64 0.10
CA ASN A 853 8.21 21.38 0.19
C ASN A 853 7.54 21.19 1.53
N GLY A 854 7.42 22.23 2.35
CA GLY A 854 6.67 22.17 3.57
C GLY A 854 7.45 21.82 4.82
N LEU A 855 8.76 21.66 4.71
CA LEU A 855 9.61 21.33 5.86
C LEU A 855 10.29 22.59 6.36
N THR A 856 9.97 23.01 7.57
CA THR A 856 10.54 24.23 8.14
C THR A 856 11.07 23.94 9.53
N VAL A 857 11.88 24.86 10.03
CA VAL A 857 12.50 24.75 11.35
C VAL A 857 12.03 25.92 12.20
N LEU A 858 11.59 25.62 13.42
CA LEU A 858 11.09 26.57 14.39
C LEU A 858 12.21 27.02 15.33
N PRO A 859 12.29 28.31 15.63
CA PRO A 859 13.35 28.79 16.50
C PRO A 859 13.13 28.34 17.93
N PRO A 860 14.18 28.04 18.68
CA PRO A 860 14.01 27.67 20.08
C PRO A 860 13.51 28.83 20.92
N LEU A 861 12.79 28.50 21.98
CA LEU A 861 12.18 29.53 22.83
C LEU A 861 13.23 30.34 23.56
N LEU A 862 14.25 29.70 24.11
CA LEU A 862 15.31 30.39 24.81
C LEU A 862 16.43 30.71 23.83
N THR A 863 16.70 32.00 23.61
CA THR A 863 17.79 32.38 22.74
C THR A 863 19.13 32.02 23.38
N ASP A 864 20.18 32.05 22.56
CA ASP A 864 21.51 31.77 23.06
C ASP A 864 21.92 32.78 24.12
N GLU A 865 21.44 34.01 24.01
CA GLU A 865 21.75 35.03 25.02
C GLU A 865 21.11 34.69 26.36
N MET A 866 19.87 34.19 26.34
CA MET A 866 19.22 33.78 27.59
C MET A 866 19.92 32.57 28.20
N ILE A 867 20.34 31.60 27.39
CA ILE A 867 21.10 30.47 27.90
C ILE A 867 22.41 30.93 28.51
N ALA A 868 23.08 31.89 27.86
CA ALA A 868 24.31 32.43 28.40
C ALA A 868 24.08 33.14 29.72
N GLN A 869 22.98 33.88 29.83
CA GLN A 869 22.65 34.53 31.11
C GLN A 869 22.39 33.50 32.20
N TYR A 870 21.70 32.42 31.85
CA TYR A 870 21.45 31.35 32.82
C TYR A 870 22.76 30.73 33.32
N THR A 871 23.65 30.40 32.39
CA THR A 871 24.92 29.81 32.80
C THR A 871 25.77 30.80 33.58
N SER A 872 25.68 32.09 33.25
CA SER A 872 26.39 33.10 34.03
C SER A 872 25.85 33.18 35.45
N ALA A 873 24.53 33.10 35.60
CA ALA A 873 23.94 33.10 36.95
C ALA A 873 24.39 31.88 37.73
N LEU A 874 24.39 30.70 37.10
CA LEU A 874 24.85 29.50 37.77
C LEU A 874 26.31 29.63 38.19
N LEU A 875 27.15 30.13 37.29
CA LEU A 875 28.58 30.27 37.59
C LEU A 875 28.82 31.27 38.71
N ALA A 876 28.15 32.42 38.67
CA ALA A 876 28.35 33.43 39.70
C ALA A 876 27.88 32.92 41.05
N GLY A 877 26.74 32.23 41.09
CA GLY A 877 26.31 31.63 42.34
C GLY A 877 27.30 30.61 42.87
N THR A 878 27.82 29.75 41.99
CA THR A 878 28.79 28.74 42.43
C THR A 878 30.04 29.40 43.00
N ILE A 879 30.54 30.43 42.33
CA ILE A 879 31.80 31.05 42.75
C ILE A 879 31.61 31.81 44.06
N THR A 880 30.55 32.60 44.16
CA THR A 880 30.42 33.50 45.31
C THR A 880 29.66 32.89 46.48
N SER A 881 29.07 31.71 46.34
CA SER A 881 28.26 31.16 47.42
C SER A 881 28.42 29.67 47.66
N GLY A 882 29.30 28.98 46.93
CA GLY A 882 29.44 27.55 47.13
C GLY A 882 28.21 26.81 46.66
N TRP A 883 27.72 25.88 47.49
CA TRP A 883 26.50 25.14 47.20
C TRP A 883 25.29 25.70 47.92
N THR A 884 25.44 26.87 48.56
CA THR A 884 24.38 27.41 49.38
C THR A 884 23.23 27.98 48.56
N PHE A 885 23.49 28.38 47.32
CA PHE A 885 22.44 28.95 46.49
C PHE A 885 21.49 27.90 45.93
N GLY A 886 21.92 26.63 45.90
CA GLY A 886 21.04 25.57 45.43
C GLY A 886 20.03 25.11 46.45
N ALA A 887 20.23 25.44 47.73
CA ALA A 887 19.31 25.08 48.79
C ALA A 887 18.34 26.21 49.12
N GLY A 888 18.86 27.37 49.49
CA GLY A 888 18.02 28.53 49.77
C GLY A 888 18.58 29.79 49.14
N ALA A 889 18.64 30.87 49.91
CA ALA A 889 19.28 32.09 49.43
C ALA A 889 20.80 31.91 49.39
N ALA A 890 21.43 32.58 48.44
CA ALA A 890 22.88 32.51 48.31
C ALA A 890 23.55 33.17 49.51
N LEU A 891 24.54 32.48 50.07
CA LEU A 891 25.28 32.95 51.22
C LEU A 891 26.73 33.13 50.82
N GLN A 892 27.21 34.37 50.86
CA GLN A 892 28.56 34.65 50.40
C GLN A 892 29.59 33.95 51.29
N ILE A 893 30.71 33.56 50.68
CA ILE A 893 31.79 32.91 51.40
C ILE A 893 33.06 33.07 50.58
N PRO A 894 34.20 33.41 51.19
CA PRO A 894 35.43 33.54 50.41
C PRO A 894 35.78 32.25 49.69
N PHE A 895 36.31 32.37 48.48
CA PHE A 895 36.55 31.17 47.68
C PHE A 895 37.58 30.25 48.31
N ALA A 896 38.53 30.80 49.06
CA ALA A 896 39.47 29.95 49.78
C ALA A 896 38.75 29.09 50.80
N MET A 897 37.79 29.66 51.53
CA MET A 897 37.04 28.89 52.51
C MET A 897 36.10 27.90 51.84
N GLN A 898 35.49 28.29 50.72
CA GLN A 898 34.67 27.35 49.97
C GLN A 898 35.48 26.15 49.50
N MET A 899 36.69 26.42 48.98
CA MET A 899 37.55 25.33 48.55
C MET A 899 38.02 24.48 49.73
N ALA A 900 38.20 25.10 50.90
CA ALA A 900 38.52 24.31 52.09
C ALA A 900 37.39 23.36 52.44
N TYR A 901 36.14 23.83 52.33
CA TYR A 901 35.00 22.94 52.52
C TYR A 901 35.00 21.81 51.48
N ARG A 902 35.27 22.14 50.23
CA ARG A 902 35.32 21.14 49.18
C ARG A 902 36.38 20.08 49.47
N PHE A 903 37.54 20.51 49.97
CA PHE A 903 38.58 19.56 50.35
C PHE A 903 38.16 18.70 51.53
N ASN A 904 37.48 19.30 52.51
CA ASN A 904 36.94 18.52 53.62
C ASN A 904 35.94 17.48 53.14
N GLY A 905 35.24 17.79 52.04
CA GLY A 905 34.20 16.90 51.55
C GLY A 905 34.70 15.62 50.91
N ILE A 906 35.99 15.52 50.63
CA ILE A 906 36.57 14.32 50.03
C ILE A 906 37.53 13.61 50.98
N GLY A 907 37.60 14.05 52.23
CA GLY A 907 38.42 13.38 53.22
C GLY A 907 39.79 13.96 53.44
N VAL A 908 40.08 15.16 52.96
CA VAL A 908 41.35 15.84 53.17
C VAL A 908 41.11 17.02 54.08
N THR A 909 41.95 17.16 55.11
CA THR A 909 41.79 18.26 56.04
C THR A 909 42.04 19.59 55.35
N GLN A 910 41.41 20.64 55.88
CA GLN A 910 41.45 21.95 55.23
C GLN A 910 42.81 22.61 55.32
N ASN A 911 43.65 22.24 56.29
CA ASN A 911 44.98 22.83 56.37
C ASN A 911 45.82 22.45 55.17
N VAL A 912 45.51 21.35 54.49
CA VAL A 912 46.19 21.03 53.23
C VAL A 912 45.90 22.10 52.19
N LEU A 913 44.64 22.50 52.06
CA LEU A 913 44.29 23.56 51.12
C LEU A 913 44.90 24.89 51.53
N TYR A 914 44.83 25.22 52.83
CA TYR A 914 45.32 26.52 53.26
C TYR A 914 46.83 26.64 53.13
N GLU A 915 47.55 25.55 53.32
CA GLU A 915 49.01 25.58 53.23
C GLU A 915 49.52 25.32 51.83
N ASN A 916 48.64 25.01 50.87
CA ASN A 916 49.01 24.81 49.48
C ASN A 916 48.10 25.60 48.56
N GLN A 917 47.67 26.79 49.00
CA GLN A 917 46.68 27.55 48.24
C GLN A 917 47.24 28.00 46.89
N LYS A 918 48.47 28.52 46.88
CA LYS A 918 49.04 29.03 45.64
C LYS A 918 49.27 27.92 44.64
N LEU A 919 49.76 26.76 45.09
CA LEU A 919 49.98 25.64 44.19
C LEU A 919 48.68 25.16 43.57
N ILE A 920 47.62 25.08 44.38
CA ILE A 920 46.32 24.64 43.86
C ILE A 920 45.77 25.66 42.87
N ALA A 921 45.91 26.95 43.17
CA ALA A 921 45.46 27.97 42.24
C ALA A 921 46.21 27.88 40.92
N ASN A 922 47.53 27.68 40.98
CA ASN A 922 48.32 27.56 39.76
C ASN A 922 47.94 26.33 38.95
N GLN A 923 47.70 25.20 39.62
CA GLN A 923 47.28 23.99 38.91
C GLN A 923 45.94 24.19 38.24
N PHE A 924 45.00 24.85 38.93
CA PHE A 924 43.71 25.15 38.31
C PHE A 924 43.86 26.04 37.10
N ASN A 925 44.69 27.09 37.20
CA ASN A 925 44.89 27.99 36.08
C ASN A 925 45.51 27.27 34.89
N SER A 926 46.49 26.40 35.16
CA SER A 926 47.10 25.64 34.08
C SER A 926 46.10 24.71 33.42
N ALA A 927 45.24 24.07 34.21
CA ALA A 927 44.23 23.18 33.64
C ALA A 927 43.24 23.95 32.78
N ILE A 928 42.81 25.13 33.24
CA ILE A 928 41.90 25.94 32.43
C ILE A 928 42.57 26.39 31.15
N GLY A 929 43.85 26.76 31.21
CA GLY A 929 44.57 27.12 30.01
C GLY A 929 44.68 25.98 29.02
N LYS A 930 44.94 24.77 29.53
CA LYS A 930 44.99 23.60 28.65
C LYS A 930 43.63 23.31 28.03
N ILE A 931 42.55 23.54 28.79
CA ILE A 931 41.21 23.42 28.24
C ILE A 931 41.01 24.39 27.09
N GLN A 932 41.43 25.65 27.29
CA GLN A 932 41.34 26.64 26.20
C GLN A 932 42.10 26.18 24.97
N ASP A 933 43.34 25.71 25.17
CA ASP A 933 44.16 25.28 24.03
C ASP A 933 43.53 24.11 23.29
N SER A 934 43.02 23.12 24.04
CA SER A 934 42.39 21.97 23.41
C SER A 934 41.13 22.37 22.64
N LEU A 935 40.30 23.23 23.23
CA LEU A 935 39.08 23.63 22.56
C LEU A 935 39.33 24.60 21.41
N SER A 936 40.51 25.21 21.35
CA SER A 936 40.85 26.09 20.24
C SER A 936 41.67 25.42 19.15
N SER A 937 42.26 24.25 19.43
CA SER A 937 43.09 23.56 18.44
C SER A 937 42.31 22.49 17.67
N THR A 938 41.80 21.49 18.39
CA THR A 938 41.14 20.36 17.75
C THR A 938 39.74 20.79 17.30
N ALA A 939 39.53 20.83 15.98
CA ALA A 939 38.24 21.21 15.44
C ALA A 939 37.16 20.20 15.82
N SER A 940 37.49 18.90 15.79
CA SER A 940 36.54 17.85 16.12
C SER A 940 36.47 17.62 17.63
N ALA A 941 36.06 18.68 18.34
CA ALA A 941 35.98 18.65 19.79
C ALA A 941 34.58 18.32 20.29
N LEU A 942 33.56 19.04 19.82
CA LEU A 942 32.18 18.80 20.24
C LEU A 942 31.54 17.85 19.24
N GLY A 943 31.90 16.56 19.37
CA GLY A 943 31.42 15.58 18.42
C GLY A 943 29.94 15.30 18.54
N LYS A 944 29.42 15.22 19.77
CA LYS A 944 28.03 14.79 19.96
C LYS A 944 27.05 15.82 19.44
N LEU A 945 27.29 17.10 19.72
CA LEU A 945 26.37 18.15 19.28
C LEU A 945 26.33 18.25 17.77
N GLN A 946 27.51 18.21 17.14
CA GLN A 946 27.56 18.21 15.68
C GLN A 946 26.91 16.96 15.10
N ASP A 947 27.05 15.82 15.79
CA ASP A 947 26.40 14.61 15.32
C ASP A 947 24.89 14.73 15.36
N VAL A 948 24.36 15.36 16.42
CA VAL A 948 22.91 15.57 16.50
C VAL A 948 22.44 16.46 15.35
N VAL A 949 23.16 17.57 15.12
CA VAL A 949 22.79 18.48 14.05
C VAL A 949 22.84 17.75 12.70
N ASN A 950 23.88 16.95 12.48
CA ASN A 950 24.03 16.23 11.23
C ASN A 950 22.91 15.22 11.04
N HIS A 951 22.54 14.50 12.10
CA HIS A 951 21.47 13.51 11.98
C HIS A 951 20.15 14.16 11.60
N ASN A 952 19.82 15.28 12.25
CA ASN A 952 18.57 15.97 11.91
C ASN A 952 18.60 16.48 10.47
N ALA A 953 19.72 17.10 10.07
CA ALA A 953 19.82 17.62 8.71
C ALA A 953 19.73 16.50 7.68
N GLN A 954 20.37 15.37 7.95
CA GLN A 954 20.32 14.24 7.03
C GLN A 954 18.91 13.67 6.92
N ALA A 955 18.18 13.62 8.04
CA ALA A 955 16.80 13.15 7.98
C ALA A 955 15.95 14.05 7.10
N LEU A 956 16.10 15.38 7.27
CA LEU A 956 15.32 16.29 6.43
C LEU A 956 15.70 16.17 4.96
N ASN A 957 17.00 16.02 4.66
CA ASN A 957 17.42 15.89 3.28
C ASN A 957 16.89 14.61 2.65
N THR A 958 16.89 13.51 3.41
CA THR A 958 16.30 12.27 2.91
C THR A 958 14.81 12.44 2.65
N LEU A 959 14.11 13.14 3.54
CA LEU A 959 12.68 13.36 3.35
C LEU A 959 12.42 14.15 2.07
N VAL A 960 13.27 15.14 1.78
CA VAL A 960 13.11 15.90 0.54
C VAL A 960 13.40 15.03 -0.68
N LYS A 961 14.50 14.28 -0.64
CA LYS A 961 14.87 13.46 -1.79
C LYS A 961 13.87 12.33 -2.06
N GLN A 962 13.06 11.96 -1.06
CA GLN A 962 12.02 10.97 -1.29
C GLN A 962 10.94 11.46 -2.25
N LEU A 963 10.87 12.77 -2.51
CA LEU A 963 9.86 13.31 -3.41
C LEU A 963 10.15 13.03 -4.88
N SER A 964 11.35 12.57 -5.21
CA SER A 964 11.71 12.26 -6.59
C SER A 964 11.51 10.79 -6.94
N SER A 965 10.94 10.01 -6.03
CA SER A 965 10.67 8.59 -6.28
C SER A 965 9.32 8.42 -6.96
N LYS A 966 9.26 7.49 -7.91
CA LYS A 966 8.02 7.23 -8.62
C LYS A 966 7.05 6.39 -7.81
N PHE A 967 7.55 5.50 -6.97
CA PHE A 967 6.72 4.60 -6.15
C PHE A 967 5.80 3.75 -7.01
N GLY A 968 6.24 3.40 -8.21
CA GLY A 968 5.43 2.61 -9.13
C GLY A 968 4.56 3.41 -10.06
N ALA A 969 4.44 4.71 -9.87
CA ALA A 969 3.68 5.55 -10.78
C ALA A 969 4.48 5.83 -12.04
N ILE A 970 3.80 6.36 -13.06
CA ILE A 970 4.48 6.66 -14.31
C ILE A 970 5.49 7.79 -14.12
N SER A 971 5.23 8.70 -13.19
CA SER A 971 6.09 9.86 -12.98
C SER A 971 6.01 10.26 -11.52
N SER A 972 7.07 10.91 -11.04
CA SER A 972 7.10 11.44 -9.68
C SER A 972 6.54 12.84 -9.59
N VAL A 973 6.21 13.47 -10.71
CA VAL A 973 5.70 14.83 -10.74
C VAL A 973 4.19 14.77 -10.80
N LEU A 974 3.53 15.43 -9.85
CA LEU A 974 2.07 15.41 -9.82
C LEU A 974 1.48 16.09 -11.04
N ASN A 975 2.08 17.19 -11.48
CA ASN A 975 1.55 17.93 -12.62
C ASN A 975 1.59 17.10 -13.89
N ASP A 976 2.66 16.33 -14.09
CA ASP A 976 2.75 15.50 -15.29
C ASP A 976 1.66 14.42 -15.31
N ILE A 977 1.43 13.78 -14.17
CA ILE A 977 0.36 12.79 -14.08
C ILE A 977 -0.99 13.45 -14.35
N LEU A 978 -1.21 14.63 -13.78
CA LEU A 978 -2.49 15.31 -13.97
C LEU A 978 -2.70 15.71 -15.43
N SER A 979 -1.63 16.16 -16.10
CA SER A 979 -1.75 16.65 -17.47
C SER A 979 -1.83 15.52 -18.49
N ARG A 980 -1.19 14.39 -18.24
CA ARG A 980 -1.12 13.33 -19.23
C ARG A 980 -2.21 12.27 -19.08
N LEU A 981 -3.06 12.34 -18.05
CA LEU A 981 -4.04 11.30 -17.81
C LEU A 981 -5.39 11.90 -17.44
N ASP A 982 -6.45 11.15 -17.76
CA ASP A 982 -7.79 11.50 -17.31
C ASP A 982 -7.92 11.24 -15.81
N LYS A 983 -9.03 11.71 -15.24
CA LYS A 983 -9.21 11.61 -13.79
C LYS A 983 -9.21 10.16 -13.31
N VAL A 984 -9.93 9.29 -14.03
CA VAL A 984 -9.99 7.89 -13.63
C VAL A 984 -8.61 7.24 -13.69
N GLU A 985 -7.85 7.53 -14.75
CA GLU A 985 -6.51 6.96 -14.89
C GLU A 985 -5.50 7.63 -13.97
N ALA A 986 -5.64 8.93 -13.72
CA ALA A 986 -4.69 9.65 -12.88
C ALA A 986 -4.89 9.39 -11.40
N GLU A 987 -6.08 8.96 -11.00
CA GLU A 987 -6.32 8.69 -9.58
C GLU A 987 -5.41 7.57 -9.07
N VAL A 988 -5.18 6.54 -9.89
CA VAL A 988 -4.34 5.44 -9.46
C VAL A 988 -2.92 5.91 -9.19
N GLN A 989 -2.36 6.69 -10.12
CA GLN A 989 -0.99 7.17 -9.95
C GLN A 989 -0.88 8.12 -8.77
N ILE A 990 -1.87 9.01 -8.61
CA ILE A 990 -1.84 9.92 -7.48
C ILE A 990 -1.94 9.15 -6.17
N ASP A 991 -2.73 8.07 -6.14
CA ASP A 991 -2.82 7.26 -4.94
C ASP A 991 -1.48 6.61 -4.62
N ARG A 992 -0.78 6.10 -5.64
CA ARG A 992 0.53 5.51 -5.41
C ARG A 992 1.50 6.52 -4.83
N LEU A 993 1.54 7.72 -5.41
CA LEU A 993 2.43 8.76 -4.90
C LEU A 993 2.05 9.17 -3.48
N ILE A 994 0.75 9.31 -3.20
CA ILE A 994 0.31 9.70 -1.87
C ILE A 994 0.71 8.65 -0.84
N THR A 995 0.51 7.38 -1.16
CA THR A 995 0.87 6.32 -0.23
C THR A 995 2.37 6.29 0.03
N GLY A 996 3.17 6.40 -1.04
CA GLY A 996 4.61 6.40 -0.85
C GLY A 996 5.10 7.54 0.00
N ARG A 997 4.61 8.75 -0.29
CA ARG A 997 5.05 9.92 0.48
C ARG A 997 4.54 9.88 1.90
N LEU A 998 3.34 9.33 2.12
CA LEU A 998 2.82 9.17 3.47
C LEU A 998 3.67 8.20 4.27
N GLN A 999 4.09 7.09 3.65
CA GLN A 999 4.99 6.15 4.34
C GLN A 999 6.34 6.79 4.65
N SER A 1000 6.86 7.60 3.72
CA SER A 1000 8.13 8.29 3.99
C SER A 1000 8.00 9.26 5.15
N LEU A 1001 6.91 10.01 5.21
CA LEU A 1001 6.67 10.90 6.35
C LEU A 1001 6.52 10.12 7.65
N GLN A 1002 5.86 8.96 7.59
CA GLN A 1002 5.71 8.12 8.78
C GLN A 1002 7.08 7.65 9.29
N THR A 1003 7.94 7.22 8.37
CA THR A 1003 9.28 6.81 8.78
C THR A 1003 10.05 7.96 9.41
N TYR A 1004 9.94 9.15 8.81
CA TYR A 1004 10.62 10.31 9.38
C TYR A 1004 10.12 10.63 10.78
N VAL A 1005 8.81 10.59 10.98
CA VAL A 1005 8.27 10.92 12.30
C VAL A 1005 8.66 9.85 13.32
N THR A 1006 8.69 8.58 12.91
CA THR A 1006 9.07 7.52 13.84
C THR A 1006 10.53 7.68 14.28
N GLN A 1007 11.41 7.94 13.31
CA GLN A 1007 12.82 8.17 13.63
C GLN A 1007 12.97 9.38 14.55
N GLN A 1008 12.22 10.45 14.27
CA GLN A 1008 12.27 11.63 15.11
C GLN A 1008 11.80 11.34 16.53
N LEU A 1009 10.75 10.55 16.69
CA LEU A 1009 10.27 10.22 18.03
C LEU A 1009 11.30 9.41 18.82
N ILE A 1010 11.93 8.43 18.17
CA ILE A 1010 12.94 7.64 18.85
C ILE A 1010 14.15 8.51 19.22
N ARG A 1011 14.61 9.33 18.28
CA ARG A 1011 15.74 10.21 18.56
C ARG A 1011 15.42 11.24 19.63
N ALA A 1012 14.16 11.72 19.67
CA ALA A 1012 13.76 12.67 20.69
C ALA A 1012 13.73 12.02 22.06
N ALA A 1013 13.32 10.75 22.14
CA ALA A 1013 13.41 10.04 23.40
C ALA A 1013 14.86 9.94 23.87
N GLU A 1014 15.77 9.66 22.93
CA GLU A 1014 17.20 9.61 23.28
C GLU A 1014 17.68 10.96 23.80
N ILE A 1015 17.32 12.05 23.11
CA ILE A 1015 17.76 13.38 23.52
C ILE A 1015 17.15 13.76 24.86
N ARG A 1016 15.91 13.34 25.12
CA ARG A 1016 15.30 13.61 26.41
C ARG A 1016 16.03 12.89 27.54
N ALA A 1017 16.45 11.65 27.30
CA ALA A 1017 17.26 10.96 28.30
C ALA A 1017 18.57 11.69 28.56
N SER A 1018 19.23 12.15 27.49
CA SER A 1018 20.48 12.89 27.66
C SER A 1018 20.25 14.19 28.40
N ALA A 1019 19.15 14.88 28.13
CA ALA A 1019 18.86 16.15 28.80
C ALA A 1019 18.53 15.93 30.27
N ASN A 1020 17.85 14.83 30.59
CA ASN A 1020 17.64 14.50 32.00
C ASN A 1020 18.96 14.23 32.71
N LEU A 1021 19.88 13.54 32.04
CA LEU A 1021 21.20 13.33 32.62
C LEU A 1021 21.93 14.66 32.86
N ALA A 1022 21.85 15.56 31.88
CA ALA A 1022 22.50 16.87 32.03
C ALA A 1022 21.87 17.67 33.15
N ALA A 1023 20.54 17.60 33.31
CA ALA A 1023 19.89 18.27 34.42
C ALA A 1023 20.34 17.70 35.75
N THR A 1024 20.47 16.38 35.85
CA THR A 1024 20.96 15.77 37.08
C THR A 1024 22.39 16.20 37.38
N LYS A 1025 23.24 16.26 36.36
CA LYS A 1025 24.62 16.70 36.58
C LYS A 1025 24.67 18.17 36.98
N MET A 1026 23.77 18.99 36.45
CA MET A 1026 23.70 20.37 36.90
C MET A 1026 23.27 20.45 38.36
N SER A 1027 22.29 19.65 38.75
CA SER A 1027 21.80 19.69 40.12
C SER A 1027 22.86 19.21 41.11
N GLU A 1028 23.60 18.15 40.75
CA GLU A 1028 24.48 17.49 41.70
C GLU A 1028 25.94 17.94 41.62
N CYS A 1029 26.47 18.15 40.42
CA CYS A 1029 27.87 18.53 40.27
C CYS A 1029 28.05 20.04 40.43
N VAL A 1030 27.13 20.84 39.93
CA VAL A 1030 27.30 22.29 39.97
C VAL A 1030 26.67 22.90 41.22
N LEU A 1031 25.45 22.52 41.54
CA LEU A 1031 24.78 23.04 42.73
C LEU A 1031 25.23 22.36 44.01
N GLY A 1032 26.25 21.52 43.96
CA GLY A 1032 26.74 20.85 45.15
C GLY A 1032 27.96 20.02 44.81
N GLN A 1033 28.47 19.33 45.83
CA GLN A 1033 29.59 18.42 45.66
C GLN A 1033 29.09 16.98 45.69
N SER A 1034 29.58 16.16 44.77
CA SER A 1034 29.04 14.83 44.54
C SER A 1034 29.98 13.77 45.12
N LYS A 1035 29.40 12.85 45.91
CA LYS A 1035 30.10 11.68 46.39
C LYS A 1035 30.05 10.52 45.41
N ARG A 1036 29.23 10.61 44.37
CA ARG A 1036 29.12 9.53 43.40
C ARG A 1036 30.40 9.43 42.58
N VAL A 1037 30.85 8.20 42.36
CA VAL A 1037 32.13 7.96 41.71
C VAL A 1037 31.97 8.02 40.21
N ASP A 1038 32.88 8.73 39.54
CA ASP A 1038 32.92 8.87 38.09
C ASP A 1038 31.67 9.54 37.53
N PHE A 1039 30.90 10.22 38.37
CA PHE A 1039 29.70 10.92 37.92
C PHE A 1039 30.02 12.35 37.50
N CYS A 1040 30.88 13.03 38.24
CA CYS A 1040 31.27 14.39 37.89
C CYS A 1040 32.75 14.42 37.53
N GLY A 1041 33.19 13.46 36.72
CA GLY A 1041 34.56 13.39 36.29
C GLY A 1041 35.37 12.34 37.05
N LYS A 1042 36.50 11.97 36.47
CA LYS A 1042 37.35 10.97 37.08
C LYS A 1042 38.19 11.58 38.20
N GLY A 1043 38.09 11.02 39.38
CA GLY A 1043 38.78 11.52 40.55
C GLY A 1043 37.80 11.94 41.63
N TYR A 1044 38.36 12.43 42.73
CA TYR A 1044 37.56 12.97 43.81
C TYR A 1044 37.02 14.32 43.39
N HIS A 1045 35.70 14.45 43.32
CA HIS A 1045 35.09 15.64 42.76
C HIS A 1045 35.21 16.82 43.71
N LEU A 1046 35.67 17.96 43.19
CA LEU A 1046 35.68 19.22 43.92
C LEU A 1046 34.52 20.12 43.49
N MET A 1047 34.43 20.43 42.20
CA MET A 1047 33.35 21.30 41.73
C MET A 1047 33.15 21.08 40.23
N SER A 1048 32.24 21.86 39.66
CA SER A 1048 31.99 21.81 38.23
C SER A 1048 31.44 23.16 37.79
N PHE A 1049 31.73 23.50 36.54
CA PHE A 1049 31.31 24.78 35.98
C PHE A 1049 30.56 24.53 34.67
N PRO A 1050 29.36 25.07 34.51
CA PRO A 1050 28.61 24.88 33.27
C PRO A 1050 28.95 25.93 32.22
N GLN A 1051 28.84 25.51 30.97
CA GLN A 1051 28.99 26.39 29.83
C GLN A 1051 27.97 25.96 28.78
N SER A 1052 27.37 26.92 28.10
CA SER A 1052 26.43 26.56 27.07
C SER A 1052 27.17 26.16 25.80
N ALA A 1053 26.44 25.50 24.90
CA ALA A 1053 26.96 25.17 23.58
C ALA A 1053 25.77 24.92 22.67
N PRO A 1054 25.96 25.02 21.35
CA PRO A 1054 24.83 24.80 20.45
C PRO A 1054 24.16 23.46 20.67
N HIS A 1055 22.91 23.49 21.13
CA HIS A 1055 22.12 22.28 21.40
C HIS A 1055 22.80 21.39 22.45
N GLY A 1056 23.43 22.00 23.45
CA GLY A 1056 24.05 21.17 24.47
C GLY A 1056 24.69 21.99 25.57
N VAL A 1057 25.22 21.28 26.54
CA VAL A 1057 25.90 21.87 27.68
C VAL A 1057 27.25 21.20 27.84
N VAL A 1058 28.21 21.94 28.42
CA VAL A 1058 29.56 21.47 28.63
C VAL A 1058 29.91 21.71 30.09
N PHE A 1059 30.32 20.68 30.79
CA PHE A 1059 30.71 20.79 32.19
C PHE A 1059 32.23 20.71 32.28
N LEU A 1060 32.83 21.69 32.95
CA LEU A 1060 34.24 21.64 33.31
C LEU A 1060 34.28 21.12 34.75
N HIS A 1061 34.64 19.85 34.89
CA HIS A 1061 34.66 19.19 36.19
C HIS A 1061 36.04 19.33 36.82
N VAL A 1062 36.11 19.98 37.97
CA VAL A 1062 37.35 20.14 38.72
C VAL A 1062 37.40 19.05 39.78
N THR A 1063 38.44 18.21 39.72
CA THR A 1063 38.60 17.05 40.57
C THR A 1063 40.00 17.01 41.17
N TYR A 1064 40.14 16.25 42.25
CA TYR A 1064 41.37 16.10 43.01
C TYR A 1064 41.91 14.69 42.79
N VAL A 1065 43.16 14.58 42.31
CA VAL A 1065 43.76 13.31 41.96
C VAL A 1065 45.05 13.13 42.75
N PRO A 1066 45.19 12.08 43.55
CA PRO A 1066 46.48 11.83 44.21
C PRO A 1066 47.59 11.60 43.19
N ALA A 1067 48.79 12.10 43.50
CA ALA A 1067 49.85 12.20 42.50
C ALA A 1067 51.05 11.31 42.79
N GLN A 1068 51.71 11.49 43.93
CA GLN A 1068 52.99 10.84 44.20
C GLN A 1068 52.85 9.99 45.45
N GLU A 1069 52.75 8.67 45.27
CA GLU A 1069 52.53 7.75 46.37
C GLU A 1069 53.84 7.12 46.81
N LYS A 1070 53.88 6.74 48.09
CA LYS A 1070 55.03 6.05 48.65
C LYS A 1070 54.58 4.86 49.48
N ASN A 1071 55.42 3.84 49.53
CA ASN A 1071 55.18 2.66 50.34
C ASN A 1071 55.41 2.95 51.82
N PHE A 1072 54.60 2.30 52.65
CA PHE A 1072 54.79 2.35 54.09
C PHE A 1072 54.32 1.02 54.66
N THR A 1073 54.80 0.73 55.87
CA THR A 1073 54.37 -0.44 56.62
C THR A 1073 53.25 -0.03 57.56
N THR A 1074 52.14 -0.75 57.51
CA THR A 1074 50.93 -0.39 58.24
C THR A 1074 50.59 -1.49 59.24
N ALA A 1075 49.64 -1.16 60.13
CA ALA A 1075 49.17 -2.06 61.16
C ALA A 1075 47.74 -1.69 61.52
N PRO A 1076 46.85 -2.67 61.68
CA PRO A 1076 45.47 -2.35 62.05
C PRO A 1076 45.34 -1.65 63.39
N ALA A 1077 46.18 -1.98 64.37
CA ALA A 1077 46.06 -1.41 65.71
C ALA A 1077 47.44 -1.35 66.34
N ILE A 1078 47.49 -0.88 67.57
CA ILE A 1078 48.74 -0.72 68.31
C ILE A 1078 48.49 -1.06 69.78
N CYS A 1079 49.46 -1.75 70.39
CA CYS A 1079 49.40 -2.09 71.80
C CYS A 1079 50.30 -1.16 72.60
N HIS A 1080 49.72 -0.54 73.64
CA HIS A 1080 50.48 0.36 74.51
C HIS A 1080 50.63 -0.20 75.91
N ASP A 1081 49.53 -0.48 76.60
CA ASP A 1081 49.56 -1.00 77.96
C ASP A 1081 48.59 -2.16 78.09
N GLY A 1082 48.62 -3.06 77.12
CA GLY A 1082 47.67 -4.15 77.07
C GLY A 1082 46.36 -3.81 76.40
N LYS A 1083 46.19 -2.59 75.91
CA LYS A 1083 45.02 -2.17 75.17
C LYS A 1083 45.36 -2.01 73.70
N ALA A 1084 44.34 -2.11 72.86
CA ALA A 1084 44.50 -1.96 71.41
C ALA A 1084 44.02 -0.57 71.01
N HIS A 1085 44.90 0.21 70.41
CA HIS A 1085 44.58 1.56 69.97
C HIS A 1085 44.36 1.57 68.47
N PHE A 1086 43.20 2.06 68.04
CA PHE A 1086 42.80 2.18 66.65
C PHE A 1086 42.71 3.65 66.26
N PRO A 1087 42.94 4.00 64.99
CA PRO A 1087 42.89 5.41 64.60
C PRO A 1087 41.48 5.95 64.60
N ARG A 1088 41.31 7.16 65.14
CA ARG A 1088 40.00 7.82 65.06
C ARG A 1088 39.68 8.19 63.60
N GLU A 1089 40.61 8.85 62.93
CA GLU A 1089 40.45 9.25 61.54
C GLU A 1089 41.82 9.13 60.87
N GLY A 1090 42.05 8.02 60.18
CA GLY A 1090 43.32 7.84 59.50
C GLY A 1090 43.82 6.42 59.47
N VAL A 1091 45.13 6.27 59.35
CA VAL A 1091 45.76 4.96 59.20
C VAL A 1091 47.16 5.03 59.81
N PHE A 1092 47.54 3.95 60.50
CA PHE A 1092 48.87 3.84 61.08
C PHE A 1092 49.87 3.48 60.00
N VAL A 1093 50.99 4.22 59.95
CA VAL A 1093 52.06 3.98 59.00
C VAL A 1093 53.38 3.98 59.76
N SER A 1094 54.41 3.44 59.10
CA SER A 1094 55.75 3.43 59.64
C SER A 1094 56.74 3.64 58.51
N ASN A 1095 57.72 4.51 58.75
CA ASN A 1095 58.75 4.78 57.76
C ASN A 1095 59.96 3.86 57.93
N GLY A 1096 59.89 2.89 58.82
CA GLY A 1096 60.97 1.95 59.02
C GLY A 1096 61.34 1.76 60.47
N THR A 1097 61.28 2.83 61.25
CA THR A 1097 61.64 2.77 62.66
C THR A 1097 60.57 3.34 63.58
N HIS A 1098 59.87 4.38 63.16
CA HIS A 1098 58.88 5.04 63.98
C HIS A 1098 57.49 4.85 63.40
N TRP A 1099 56.49 4.93 64.26
CA TRP A 1099 55.09 4.75 63.88
C TRP A 1099 54.35 6.06 64.02
N PHE A 1100 53.59 6.43 63.00
CA PHE A 1100 52.78 7.63 62.99
C PHE A 1100 51.36 7.27 62.56
N VAL A 1101 50.45 8.22 62.72
CA VAL A 1101 49.09 8.11 62.20
C VAL A 1101 48.87 9.25 61.22
N THR A 1102 48.38 8.92 60.02
CA THR A 1102 48.23 9.90 58.96
C THR A 1102 46.82 9.82 58.38
N GLN A 1103 46.50 10.78 57.53
CA GLN A 1103 45.26 10.71 56.78
C GLN A 1103 45.36 9.61 55.73
N ARG A 1104 44.21 9.26 55.16
CA ARG A 1104 44.16 8.19 54.17
C ARG A 1104 44.40 8.68 52.75
N ASN A 1105 44.39 9.99 52.52
CA ASN A 1105 44.52 10.53 51.17
C ASN A 1105 45.69 11.49 51.00
N PHE A 1106 46.46 11.75 52.06
CA PHE A 1106 47.54 12.73 51.98
C PHE A 1106 48.49 12.44 53.14
N TYR A 1107 49.75 12.18 52.85
CA TYR A 1107 50.71 11.80 53.87
C TYR A 1107 51.01 13.01 54.75
N GLU A 1108 50.46 13.00 55.97
CA GLU A 1108 50.73 14.03 56.97
C GLU A 1108 50.92 13.33 58.32
N PRO A 1109 52.08 12.72 58.55
CA PRO A 1109 52.26 11.90 59.75
C PRO A 1109 52.27 12.75 61.01
N GLN A 1110 51.71 12.19 62.07
CA GLN A 1110 51.69 12.84 63.38
C GLN A 1110 52.01 11.81 64.45
N ILE A 1111 52.55 12.29 65.57
CA ILE A 1111 52.89 11.40 66.67
C ILE A 1111 51.61 10.77 67.21
N ILE A 1112 51.65 9.46 67.41
CA ILE A 1112 50.47 8.72 67.88
C ILE A 1112 50.25 9.05 69.35
N THR A 1113 49.19 9.81 69.63
CA THR A 1113 48.81 10.17 70.99
C THR A 1113 47.42 9.62 71.29
N THR A 1114 46.94 9.91 72.50
CA THR A 1114 45.62 9.43 72.89
C THR A 1114 44.50 10.23 72.25
N ASP A 1115 44.79 11.43 71.74
CA ASP A 1115 43.79 12.19 71.00
C ASP A 1115 43.57 11.64 69.60
N ASN A 1116 44.61 11.08 68.99
CA ASN A 1116 44.48 10.50 67.65
C ASN A 1116 43.73 9.18 67.67
N THR A 1117 43.87 8.40 68.73
CA THR A 1117 43.46 7.01 68.75
C THR A 1117 42.44 6.75 69.85
N PHE A 1118 41.74 5.63 69.71
CA PHE A 1118 40.80 5.18 70.73
C PHE A 1118 41.06 3.70 71.04
N VAL A 1119 40.81 3.33 72.29
CA VAL A 1119 41.06 1.98 72.76
C VAL A 1119 39.83 1.12 72.55
N SER A 1120 40.04 -0.18 72.35
CA SER A 1120 38.93 -1.11 72.23
C SER A 1120 39.44 -2.51 72.60
N GLY A 1121 39.15 -2.93 73.83
CA GLY A 1121 39.52 -4.28 74.22
C GLY A 1121 41.00 -4.42 74.50
N ASN A 1122 41.44 -5.68 74.49
CA ASN A 1122 42.81 -6.05 74.78
C ASN A 1122 43.56 -6.32 73.48
N CYS A 1123 44.77 -6.85 73.60
CA CYS A 1123 45.67 -7.07 72.47
C CYS A 1123 45.85 -8.55 72.13
N ASP A 1124 44.79 -9.34 72.27
CA ASP A 1124 44.87 -10.77 71.99
C ASP A 1124 43.93 -11.19 70.87
N VAL A 1125 43.28 -10.25 70.19
CA VAL A 1125 42.28 -10.56 69.18
C VAL A 1125 42.66 -10.02 67.81
N VAL A 1126 43.14 -8.77 67.74
CA VAL A 1126 43.40 -8.15 66.45
C VAL A 1126 44.55 -8.87 65.74
N ILE A 1127 44.35 -9.16 64.47
CA ILE A 1127 45.35 -9.85 63.66
C ILE A 1127 46.23 -8.82 62.97
N GLY A 1128 47.54 -8.90 63.19
CA GLY A 1128 48.45 -7.92 62.65
C GLY A 1128 48.78 -6.77 63.57
N ILE A 1129 48.46 -6.88 64.86
CA ILE A 1129 48.72 -5.80 65.80
C ILE A 1129 50.23 -5.68 66.03
N VAL A 1130 50.65 -4.47 66.42
CA VAL A 1130 52.05 -4.17 66.66
C VAL A 1130 52.20 -3.51 68.01
N ASN A 1131 53.46 -3.32 68.42
CA ASN A 1131 53.80 -2.74 69.71
C ASN A 1131 54.41 -1.36 69.50
N ASN A 1132 53.87 -0.37 70.20
CA ASN A 1132 54.38 0.99 70.13
C ASN A 1132 53.84 1.77 71.32
N THR A 1133 54.44 2.93 71.58
CA THR A 1133 54.04 3.77 72.69
C THR A 1133 53.10 4.86 72.20
N VAL A 1134 52.02 5.08 72.96
CA VAL A 1134 51.04 6.11 72.66
C VAL A 1134 51.27 7.26 73.64
N TYR A 1135 51.55 8.44 73.11
CA TYR A 1135 51.89 9.58 73.95
C TYR A 1135 50.65 10.11 74.67
N ASP A 1136 50.86 10.60 75.89
CA ASP A 1136 49.78 11.16 76.70
C ASP A 1136 50.00 12.65 76.89
N PRO A 1137 49.17 13.51 76.32
CA PRO A 1137 49.38 14.96 76.48
C PRO A 1137 49.33 15.44 77.93
N LEU A 1138 48.52 14.80 78.78
CA LEU A 1138 48.35 15.27 80.14
C LEU A 1138 49.55 14.96 81.03
N GLN A 1139 50.36 13.96 80.66
CA GLN A 1139 51.47 13.56 81.51
C GLN A 1139 52.52 14.66 81.70
N PRO A 1140 53.04 15.30 80.64
CA PRO A 1140 54.00 16.40 80.90
C PRO A 1140 53.41 17.57 81.65
N GLU A 1141 52.14 17.91 81.39
CA GLU A 1141 51.52 19.02 82.09
C GLU A 1141 51.37 18.72 83.58
N LEU A 1142 50.98 17.48 83.91
CA LEU A 1142 50.92 17.09 85.31
C LEU A 1142 52.30 17.08 85.94
N ASP A 1143 53.31 16.59 85.20
CA ASP A 1143 54.66 16.52 85.75
C ASP A 1143 55.29 17.89 85.88
N SER A 1144 54.85 18.85 85.09
CA SER A 1144 55.38 20.21 85.18
C SER A 1144 54.67 20.99 86.29
N THR B 22 -37.59 49.86 -0.76
CA THR B 22 -36.75 50.15 0.40
C THR B 22 -35.82 48.98 0.70
N GLN B 23 -34.51 49.24 0.66
CA GLN B 23 -33.50 48.22 0.86
C GLN B 23 -32.53 48.66 1.95
N SER B 24 -32.64 48.05 3.12
CA SER B 24 -31.69 48.25 4.21
C SER B 24 -30.73 47.06 4.25
N TYR B 25 -29.74 47.16 5.13
CA TYR B 25 -28.76 46.09 5.29
C TYR B 25 -28.62 45.74 6.77
N THR B 26 -28.43 44.46 7.06
CA THR B 26 -28.39 43.98 8.43
C THR B 26 -27.39 42.85 8.55
N ASN B 27 -26.98 42.57 9.79
CA ASN B 27 -26.11 41.44 10.09
C ASN B 27 -26.98 40.23 10.41
N SER B 28 -26.68 39.11 9.77
CA SER B 28 -27.45 37.88 9.98
C SER B 28 -27.11 37.18 11.29
N PHE B 29 -26.04 37.59 11.98
CA PHE B 29 -25.59 36.96 13.22
C PHE B 29 -25.32 35.49 12.89
N THR B 30 -25.92 34.55 13.62
CA THR B 30 -25.70 33.12 13.38
C THR B 30 -26.87 32.45 12.69
N ARG B 31 -27.84 33.22 12.21
CA ARG B 31 -29.02 32.64 11.59
C ARG B 31 -28.66 31.92 10.30
N GLY B 32 -29.40 30.86 10.00
CA GLY B 32 -29.31 30.19 8.73
C GLY B 32 -28.68 28.81 8.72
N VAL B 33 -28.66 28.10 9.84
CA VAL B 33 -28.05 26.77 9.91
C VAL B 33 -29.14 25.73 9.76
N TYR B 34 -28.96 24.82 8.81
CA TYR B 34 -29.93 23.78 8.51
C TYR B 34 -29.25 22.42 8.54
N TYR B 35 -30.05 21.37 8.65
CA TYR B 35 -29.52 20.02 8.68
C TYR B 35 -29.01 19.65 7.30
N PRO B 36 -27.71 19.39 7.13
CA PRO B 36 -27.18 19.10 5.79
C PRO B 36 -27.52 17.71 5.28
N ASP B 37 -27.87 16.78 6.15
CA ASP B 37 -28.20 15.42 5.74
C ASP B 37 -29.36 14.92 6.59
N LYS B 38 -29.90 13.77 6.20
CA LYS B 38 -31.03 13.15 6.88
C LYS B 38 -30.57 11.93 7.67
N VAL B 39 -29.42 12.03 8.31
CA VAL B 39 -28.85 10.97 9.13
C VAL B 39 -28.89 11.41 10.58
N PHE B 40 -29.46 10.56 11.44
CA PHE B 40 -29.58 10.92 12.85
C PHE B 40 -28.24 10.81 13.55
N ARG B 41 -27.88 11.86 14.29
CA ARG B 41 -26.67 11.86 15.09
C ARG B 41 -26.98 12.50 16.44
N SER B 42 -26.41 11.94 17.50
CA SER B 42 -26.66 12.42 18.86
C SER B 42 -25.34 12.60 19.59
N SER B 43 -25.17 13.77 20.21
CA SER B 43 -24.00 14.07 21.04
C SER B 43 -22.70 13.88 20.26
N VAL B 44 -22.53 14.68 19.22
CA VAL B 44 -21.36 14.57 18.36
C VAL B 44 -21.09 15.92 17.70
N LEU B 45 -19.82 16.20 17.44
CA LEU B 45 -19.41 17.36 16.67
C LEU B 45 -19.06 16.88 15.27
N HIS B 46 -19.80 17.35 14.27
CA HIS B 46 -19.66 16.88 12.90
C HIS B 46 -19.27 18.02 11.97
N SER B 47 -18.33 17.75 11.08
CA SER B 47 -17.81 18.75 10.14
C SER B 47 -18.41 18.52 8.77
N THR B 48 -19.04 19.56 8.20
CA THR B 48 -19.75 19.43 6.94
C THR B 48 -19.43 20.62 6.04
N GLN B 49 -19.06 20.35 4.80
CA GLN B 49 -18.88 21.39 3.79
C GLN B 49 -20.11 21.43 2.90
N ASP B 50 -20.81 22.56 2.89
CA ASP B 50 -22.06 22.67 2.15
C ASP B 50 -22.38 24.15 1.96
N LEU B 51 -23.45 24.43 1.25
CA LEU B 51 -23.89 25.81 0.99
C LEU B 51 -24.57 26.32 2.24
N PHE B 52 -23.84 27.12 3.03
CA PHE B 52 -24.36 27.71 4.25
C PHE B 52 -24.30 29.23 4.13
N LEU B 53 -25.16 29.88 4.89
CA LEU B 53 -25.11 31.33 5.01
C LEU B 53 -24.02 31.70 6.02
N PRO B 54 -22.98 32.42 5.62
CA PRO B 54 -21.89 32.71 6.54
C PRO B 54 -22.37 33.48 7.76
N PHE B 55 -21.74 33.21 8.90
CA PHE B 55 -22.09 33.93 10.11
C PHE B 55 -21.71 35.40 9.97
N PHE B 56 -22.54 36.26 10.54
CA PHE B 56 -22.35 37.70 10.48
C PHE B 56 -22.22 38.19 9.04
N SER B 57 -23.11 37.68 8.18
CA SER B 57 -23.14 38.08 6.79
C SER B 57 -23.90 39.41 6.66
N ASN B 58 -24.21 39.80 5.43
CA ASN B 58 -24.84 41.09 5.14
C ASN B 58 -26.13 40.80 4.38
N VAL B 59 -27.25 40.73 5.12
CA VAL B 59 -28.54 40.41 4.53
C VAL B 59 -29.26 41.70 4.13
N THR B 60 -30.03 41.61 3.05
CA THR B 60 -30.77 42.74 2.51
C THR B 60 -32.20 42.69 3.02
N TRP B 61 -32.66 43.82 3.57
CA TRP B 61 -33.98 43.93 4.17
C TRP B 61 -34.87 44.73 3.22
N PHE B 62 -35.99 44.14 2.83
CA PHE B 62 -36.93 44.77 1.92
C PHE B 62 -38.21 45.15 2.66
N HIS B 63 -38.83 46.23 2.20
CA HIS B 63 -40.11 46.70 2.73
C HIS B 63 -41.13 46.77 1.60
N ALA B 64 -42.37 46.43 1.91
CA ALA B 64 -43.45 46.49 0.93
C ALA B 64 -43.77 47.94 0.55
N ASN B 78 -40.13 47.19 -8.31
CA ASN B 78 -39.89 45.90 -7.69
C ASN B 78 -39.28 44.91 -8.69
N PRO B 79 -37.96 44.94 -8.81
CA PRO B 79 -37.28 44.02 -9.74
C PRO B 79 -37.23 42.61 -9.16
N VAL B 80 -36.54 41.73 -9.89
CA VAL B 80 -36.39 40.34 -9.50
C VAL B 80 -34.99 40.15 -8.90
N LEU B 81 -34.93 39.60 -7.70
CA LEU B 81 -33.66 39.33 -7.06
C LEU B 81 -32.97 38.15 -7.75
N PRO B 82 -31.64 38.13 -7.78
CA PRO B 82 -30.92 36.96 -8.30
C PRO B 82 -31.03 35.80 -7.32
N PHE B 83 -30.55 34.65 -7.77
CA PHE B 83 -30.60 33.43 -6.96
C PHE B 83 -29.24 32.97 -6.47
N ASN B 84 -28.22 33.02 -7.32
CA ASN B 84 -26.85 32.57 -6.99
C ASN B 84 -26.92 31.09 -6.61
N ASP B 85 -26.21 30.67 -5.56
CA ASP B 85 -26.17 29.27 -5.16
C ASP B 85 -27.30 28.89 -4.21
N GLY B 86 -28.04 29.87 -3.70
CA GLY B 86 -29.10 29.58 -2.75
C GLY B 86 -29.66 30.87 -2.21
N VAL B 87 -30.80 30.75 -1.55
CA VAL B 87 -31.51 31.90 -0.99
C VAL B 87 -31.95 31.56 0.43
N TYR B 88 -31.69 32.49 1.35
CA TYR B 88 -32.22 32.43 2.71
C TYR B 88 -33.23 33.55 2.86
N PHE B 89 -34.49 33.18 3.10
CA PHE B 89 -35.60 34.12 3.22
C PHE B 89 -36.09 34.11 4.65
N ALA B 90 -36.31 35.29 5.22
CA ALA B 90 -36.81 35.39 6.58
C ALA B 90 -37.92 36.43 6.63
N SER B 91 -38.94 36.16 7.44
CA SER B 91 -40.06 37.10 7.59
C SER B 91 -40.59 37.06 9.00
N THR B 92 -40.62 38.20 9.67
CA THR B 92 -41.22 38.33 11.00
C THR B 92 -42.66 38.78 10.81
N GLU B 93 -43.60 37.86 10.95
CA GLU B 93 -44.99 38.14 10.60
C GLU B 93 -45.93 37.68 11.71
N LYS B 94 -47.21 38.02 11.49
CA LYS B 94 -48.28 37.63 12.39
C LYS B 94 -49.57 37.23 11.69
N SER B 95 -49.74 37.52 10.39
CA SER B 95 -51.01 37.30 9.73
C SER B 95 -50.88 36.64 8.36
N ASN B 96 -49.69 36.16 7.98
CA ASN B 96 -49.45 35.48 6.71
C ASN B 96 -49.82 36.39 5.52
N ILE B 97 -49.06 37.48 5.40
CA ILE B 97 -49.21 38.35 4.24
C ILE B 97 -48.44 37.81 3.05
N ILE B 98 -47.16 37.49 3.25
CA ILE B 98 -46.35 36.89 2.20
C ILE B 98 -46.80 35.45 1.99
N ARG B 99 -47.03 35.06 0.74
CA ARG B 99 -47.58 33.74 0.49
C ARG B 99 -46.72 32.87 -0.41
N GLY B 100 -46.16 33.42 -1.50
CA GLY B 100 -45.57 32.59 -2.53
C GLY B 100 -44.25 33.14 -3.03
N TRP B 101 -43.67 32.39 -3.97
CA TRP B 101 -42.41 32.74 -4.60
C TRP B 101 -42.41 32.25 -6.04
N ILE B 102 -41.53 32.87 -6.84
CA ILE B 102 -41.36 32.54 -8.24
C ILE B 102 -39.87 32.37 -8.51
N PHE B 103 -39.52 31.30 -9.23
CA PHE B 103 -38.13 31.00 -9.56
C PHE B 103 -38.02 30.73 -11.05
N GLY B 104 -36.88 31.07 -11.62
CA GLY B 104 -36.65 30.83 -13.03
C GLY B 104 -35.46 31.60 -13.54
N THR B 105 -35.34 31.63 -14.87
CA THR B 105 -34.25 32.31 -15.56
C THR B 105 -34.71 33.56 -16.30
N THR B 106 -35.73 33.44 -17.15
CA THR B 106 -36.24 34.57 -17.92
C THR B 106 -37.64 34.99 -17.52
N LEU B 107 -38.45 34.08 -17.00
CA LEU B 107 -39.80 34.38 -16.52
C LEU B 107 -40.65 35.02 -17.62
N ASP B 108 -40.51 34.50 -18.85
CA ASP B 108 -41.28 35.04 -19.97
C ASP B 108 -41.85 33.92 -20.84
N SER B 109 -42.16 32.78 -20.23
CA SER B 109 -42.79 31.65 -20.92
C SER B 109 -41.91 31.07 -22.01
N LYS B 110 -40.67 31.55 -22.11
CA LYS B 110 -39.68 30.94 -23.00
C LYS B 110 -39.00 29.74 -22.37
N THR B 111 -39.20 29.52 -21.08
CA THR B 111 -38.63 28.37 -20.38
C THR B 111 -39.47 28.07 -19.16
N GLN B 112 -39.26 26.87 -18.61
CA GLN B 112 -40.04 26.44 -17.44
C GLN B 112 -39.67 27.26 -16.22
N SER B 113 -40.68 27.62 -15.43
CA SER B 113 -40.50 28.41 -14.23
C SER B 113 -41.28 27.80 -13.08
N LEU B 114 -40.76 27.95 -11.87
CA LEU B 114 -41.31 27.34 -10.67
C LEU B 114 -42.16 28.36 -9.92
N LEU B 115 -43.44 28.07 -9.74
CA LEU B 115 -44.35 28.89 -8.97
C LEU B 115 -44.74 28.13 -7.72
N ILE B 116 -44.50 28.72 -6.55
CA ILE B 116 -44.80 28.09 -5.27
C ILE B 116 -45.74 29.02 -4.52
N VAL B 117 -47.04 28.74 -4.55
CA VAL B 117 -48.01 29.52 -3.80
C VAL B 117 -48.70 28.60 -2.82
N ASN B 118 -49.59 29.14 -2.00
CA ASN B 118 -50.30 28.32 -1.02
C ASN B 118 -51.64 28.95 -0.71
N ASN B 119 -52.68 28.12 -0.68
CA ASN B 119 -54.00 28.55 -0.27
C ASN B 119 -54.05 28.58 1.26
N ALA B 120 -55.27 28.59 1.82
CA ALA B 120 -55.41 28.50 3.26
C ALA B 120 -54.81 27.20 3.80
N THR B 121 -54.85 26.13 3.02
CA THR B 121 -54.23 24.89 3.47
C THR B 121 -53.34 24.24 2.42
N ASN B 122 -53.72 24.28 1.15
CA ASN B 122 -53.03 23.53 0.11
C ASN B 122 -51.88 24.34 -0.47
N VAL B 123 -50.70 23.74 -0.50
CA VAL B 123 -49.56 24.33 -1.20
C VAL B 123 -49.60 23.90 -2.65
N VAL B 124 -49.53 24.86 -3.57
CA VAL B 124 -49.59 24.60 -5.00
C VAL B 124 -48.22 24.92 -5.58
N ILE B 125 -47.58 23.90 -6.14
CA ILE B 125 -46.27 24.03 -6.76
C ILE B 125 -46.41 23.62 -8.22
N LYS B 126 -46.02 24.50 -9.13
CA LYS B 126 -46.17 24.24 -10.55
C LYS B 126 -44.90 24.64 -11.30
N VAL B 127 -44.68 23.99 -12.44
CA VAL B 127 -43.49 24.25 -13.25
C VAL B 127 -43.88 24.57 -14.69
N CYS B 128 -45.07 25.12 -14.88
CA CYS B 128 -45.51 25.48 -16.22
C CYS B 128 -44.66 26.62 -16.77
N GLU B 129 -44.77 26.84 -18.07
CA GLU B 129 -44.08 27.96 -18.74
C GLU B 129 -44.93 29.23 -18.61
N PHE B 130 -45.00 29.73 -17.38
CA PHE B 130 -45.86 30.87 -17.09
C PHE B 130 -45.37 32.13 -17.78
N GLN B 131 -46.32 33.02 -18.06
CA GLN B 131 -46.02 34.37 -18.57
C GLN B 131 -46.35 35.34 -17.44
N PHE B 132 -45.36 35.59 -16.59
CA PHE B 132 -45.57 36.40 -15.40
C PHE B 132 -45.78 37.87 -15.76
N CYS B 133 -46.66 38.52 -15.00
CA CYS B 133 -46.86 39.95 -15.13
C CYS B 133 -45.65 40.69 -14.56
N ASN B 134 -45.56 41.98 -14.90
CA ASN B 134 -44.42 42.78 -14.44
C ASN B 134 -44.41 42.93 -12.92
N ASP B 135 -45.58 43.10 -12.32
CA ASP B 135 -45.72 43.30 -10.88
C ASP B 135 -46.70 42.27 -10.34
N PRO B 136 -46.28 41.02 -10.19
CA PRO B 136 -47.18 39.98 -9.68
C PRO B 136 -47.65 40.29 -8.27
N PHE B 137 -48.90 40.00 -7.99
CA PHE B 137 -49.46 40.17 -6.65
C PHE B 137 -50.73 39.33 -6.55
N LEU B 138 -51.24 39.25 -5.33
CA LEU B 138 -52.44 38.47 -5.02
C LEU B 138 -53.47 39.37 -4.35
N ASP B 139 -54.74 39.13 -4.64
CA ASP B 139 -55.82 39.92 -4.08
C ASP B 139 -56.58 39.11 -3.03
N VAL B 140 -56.88 39.76 -1.91
CA VAL B 140 -57.58 39.12 -0.79
C VAL B 140 -58.96 38.65 -1.24
N PHE B 154 -56.11 35.86 -8.84
CA PHE B 154 -54.80 35.62 -9.44
C PHE B 154 -54.57 36.55 -10.62
N ARG B 155 -53.48 37.32 -10.56
CA ARG B 155 -53.11 38.26 -11.61
C ARG B 155 -51.61 38.20 -11.86
N VAL B 156 -51.09 36.99 -11.95
CA VAL B 156 -49.64 36.76 -12.01
C VAL B 156 -49.22 36.30 -13.41
N TYR B 157 -49.74 35.16 -13.85
CA TYR B 157 -49.36 34.55 -15.11
C TYR B 157 -50.56 34.60 -16.06
N SER B 158 -50.41 35.35 -17.15
CA SER B 158 -51.47 35.40 -18.16
C SER B 158 -51.59 34.08 -18.92
N SER B 159 -50.50 33.32 -18.99
CA SER B 159 -50.45 32.06 -19.72
C SER B 159 -49.83 30.99 -18.84
N ALA B 160 -50.27 29.75 -19.05
CA ALA B 160 -49.75 28.61 -18.29
C ALA B 160 -49.79 27.39 -19.21
N ASN B 161 -48.66 27.07 -19.84
CA ASN B 161 -48.59 25.99 -20.81
C ASN B 161 -47.45 25.05 -20.45
N ASN B 162 -47.62 23.79 -20.81
CA ASN B 162 -46.60 22.74 -20.64
C ASN B 162 -46.22 22.58 -19.16
N CYS B 163 -47.20 22.15 -18.38
CA CYS B 163 -46.98 21.86 -16.96
C CYS B 163 -46.48 20.43 -16.82
N THR B 164 -45.18 20.28 -16.62
CA THR B 164 -44.55 18.96 -16.55
C THR B 164 -44.53 18.38 -15.14
N PHE B 165 -44.95 19.14 -14.12
CA PHE B 165 -44.92 18.67 -12.75
C PHE B 165 -45.86 19.54 -11.92
N GLU B 166 -46.56 18.91 -10.98
CA GLU B 166 -47.48 19.61 -10.10
C GLU B 166 -47.47 18.94 -8.74
N TYR B 167 -47.31 19.74 -7.68
CA TYR B 167 -47.19 19.24 -6.32
C TYR B 167 -48.20 19.95 -5.43
N VAL B 168 -48.99 19.18 -4.70
CA VAL B 168 -50.03 19.74 -3.83
C VAL B 168 -49.89 19.15 -2.45
N SER B 169 -49.96 20.00 -1.43
CA SER B 169 -49.90 19.56 -0.04
C SER B 169 -50.91 20.32 0.82
N PHE B 183 -45.88 39.63 20.49
CA PHE B 183 -45.00 38.60 19.96
C PHE B 183 -45.32 38.30 18.50
N LYS B 184 -44.28 38.01 17.71
CA LYS B 184 -44.41 37.68 16.31
C LYS B 184 -43.80 36.30 16.06
N ASN B 185 -43.98 35.79 14.85
CA ASN B 185 -43.37 34.54 14.45
C ASN B 185 -42.36 34.83 13.35
N LEU B 186 -41.12 34.43 13.58
CA LEU B 186 -40.08 34.54 12.56
C LEU B 186 -40.06 33.23 11.78
N ARG B 187 -40.39 33.32 10.49
CA ARG B 187 -40.37 32.18 9.60
C ARG B 187 -39.13 32.28 8.73
N GLU B 188 -38.30 31.23 8.75
CA GLU B 188 -37.08 31.17 7.98
C GLU B 188 -37.17 30.02 7.00
N PHE B 189 -36.74 30.27 5.77
CA PHE B 189 -36.71 29.27 4.73
C PHE B 189 -35.38 29.36 4.00
N VAL B 190 -34.88 28.20 3.58
CA VAL B 190 -33.69 28.12 2.75
C VAL B 190 -34.06 27.35 1.49
N PHE B 191 -33.91 27.98 0.34
CA PHE B 191 -34.17 27.35 -0.94
C PHE B 191 -32.84 27.18 -1.67
N LYS B 192 -32.51 25.96 -2.04
CA LYS B 192 -31.32 25.72 -2.83
C LYS B 192 -31.59 24.66 -3.87
N ASN B 193 -30.92 24.77 -5.02
CA ASN B 193 -31.26 23.96 -6.17
C ASN B 193 -30.09 23.10 -6.62
N ILE B 194 -29.40 22.48 -5.67
CA ILE B 194 -28.26 21.64 -6.00
C ILE B 194 -28.73 20.33 -6.62
N ASP B 195 -27.79 19.62 -7.24
CA ASP B 195 -28.08 18.40 -8.00
C ASP B 195 -29.26 18.59 -8.94
N GLY B 196 -30.30 17.78 -8.75
CA GLY B 196 -31.51 17.91 -9.54
C GLY B 196 -32.73 18.06 -8.67
N TYR B 197 -32.54 18.52 -7.43
CA TYR B 197 -33.61 18.65 -6.47
C TYR B 197 -33.65 20.08 -5.94
N PHE B 198 -34.86 20.62 -5.81
CA PHE B 198 -35.07 21.94 -5.24
C PHE B 198 -35.43 21.76 -3.77
N LYS B 199 -34.42 21.86 -2.92
CA LYS B 199 -34.59 21.61 -1.49
C LYS B 199 -35.04 22.89 -0.78
N ILE B 200 -36.07 22.74 0.06
CA ILE B 200 -36.65 23.81 0.85
C ILE B 200 -36.61 23.38 2.31
N TYR B 201 -35.89 24.15 3.12
CA TYR B 201 -35.79 23.94 4.56
C TYR B 201 -36.54 25.05 5.28
N SER B 202 -37.33 24.68 6.29
CA SER B 202 -38.21 25.65 6.94
C SER B 202 -38.07 25.57 8.46
N LYS B 203 -38.31 26.70 9.10
CA LYS B 203 -38.32 26.76 10.57
C LYS B 203 -39.11 27.98 11.01
N HIS B 204 -40.17 27.77 11.78
CA HIS B 204 -40.95 28.87 12.34
C HIS B 204 -40.74 28.92 13.84
N THR B 205 -40.30 30.08 14.33
CA THR B 205 -40.00 30.21 15.76
C THR B 205 -40.60 31.50 16.32
N PRO B 206 -41.19 31.44 17.51
CA PRO B 206 -41.78 32.65 18.09
C PRO B 206 -40.71 33.57 18.68
N ILE B 207 -40.79 34.86 18.32
CA ILE B 207 -39.85 35.86 18.79
C ILE B 207 -40.63 37.04 19.33
N ASN B 208 -39.95 37.86 20.13
CA ASN B 208 -40.56 39.06 20.69
C ASN B 208 -39.67 40.29 20.45
N LEU B 213 -33.80 40.04 13.65
CA LEU B 213 -33.22 38.71 13.80
C LEU B 213 -32.62 38.53 15.19
N PRO B 214 -33.19 37.61 15.96
CA PRO B 214 -32.73 37.43 17.35
C PRO B 214 -31.30 36.91 17.40
N GLN B 215 -30.58 37.32 18.45
CA GLN B 215 -29.23 36.85 18.68
C GLN B 215 -29.29 35.49 19.37
N GLY B 216 -29.71 34.50 18.61
CA GLY B 216 -29.86 33.15 19.09
C GLY B 216 -29.61 32.16 17.98
N PHE B 217 -29.82 30.88 18.30
CA PHE B 217 -29.54 29.80 17.35
C PHE B 217 -30.75 28.89 17.23
N SER B 218 -31.03 28.45 16.01
CA SER B 218 -32.15 27.55 15.74
C SER B 218 -31.93 26.92 14.38
N ALA B 219 -31.93 25.59 14.32
CA ALA B 219 -31.71 24.88 13.07
C ALA B 219 -32.99 24.82 12.25
N LEU B 220 -32.82 24.63 10.94
CA LEU B 220 -33.93 24.64 9.99
C LEU B 220 -34.11 23.23 9.45
N GLU B 221 -35.14 22.54 9.91
CA GLU B 221 -35.38 21.17 9.48
C GLU B 221 -35.84 21.15 8.02
N PRO B 222 -35.42 20.16 7.23
CA PRO B 222 -35.86 20.10 5.83
C PRO B 222 -37.36 19.92 5.72
N LEU B 223 -37.94 20.54 4.71
CA LEU B 223 -39.37 20.51 4.50
C LEU B 223 -39.78 19.86 3.18
N VAL B 224 -39.20 20.27 2.06
CA VAL B 224 -39.65 19.82 0.75
C VAL B 224 -38.44 19.50 -0.12
N ASP B 225 -38.53 18.40 -0.88
CA ASP B 225 -37.56 18.07 -1.90
C ASP B 225 -38.31 17.74 -3.19
N LEU B 226 -37.96 18.44 -4.27
CA LEU B 226 -38.69 18.31 -5.52
C LEU B 226 -37.74 17.89 -6.63
N PRO B 227 -38.08 16.86 -7.42
CA PRO B 227 -37.14 16.35 -8.42
C PRO B 227 -37.00 17.24 -9.64
N ILE B 228 -37.57 18.44 -9.60
CA ILE B 228 -37.50 19.34 -10.75
C ILE B 228 -36.06 19.76 -10.98
N GLY B 229 -35.63 19.74 -12.23
CA GLY B 229 -34.28 20.13 -12.57
C GLY B 229 -34.23 21.46 -13.30
N ILE B 230 -35.15 22.35 -12.96
CA ILE B 230 -35.23 23.66 -13.62
C ILE B 230 -33.99 24.48 -13.28
N ASN B 231 -33.36 25.05 -14.30
CA ASN B 231 -32.28 26.01 -14.07
C ASN B 231 -32.89 27.27 -13.47
N ILE B 232 -32.36 27.70 -12.31
CA ILE B 232 -32.87 28.85 -11.59
C ILE B 232 -31.73 29.86 -11.44
N THR B 233 -32.02 31.12 -11.78
CA THR B 233 -31.03 32.19 -11.63
C THR B 233 -31.65 33.40 -10.96
N ARG B 234 -32.96 33.58 -11.08
CA ARG B 234 -33.65 34.74 -10.53
C ARG B 234 -34.89 34.29 -9.77
N PHE B 235 -35.29 35.09 -8.78
CA PHE B 235 -36.45 34.78 -7.98
C PHE B 235 -37.08 36.06 -7.46
N GLN B 236 -38.34 35.95 -7.02
CA GLN B 236 -39.08 37.10 -6.53
C GLN B 236 -40.08 36.63 -5.49
N THR B 237 -40.51 37.57 -4.65
CA THR B 237 -41.43 37.29 -3.57
C THR B 237 -42.86 37.67 -3.95
N LEU B 238 -43.82 36.91 -3.44
CA LEU B 238 -45.22 37.10 -3.76
C LEU B 238 -46.01 37.26 -2.47
N LEU B 239 -46.87 38.28 -2.41
CA LEU B 239 -47.67 38.53 -1.23
C LEU B 239 -49.06 38.99 -1.65
N ALA B 240 -50.02 38.81 -0.74
CA ALA B 240 -51.41 39.18 -0.99
C ALA B 240 -51.78 40.44 -0.22
N ALA B 261 -41.92 43.60 4.68
CA ALA B 261 -40.57 43.57 5.27
C ALA B 261 -40.08 42.14 5.41
N TYR B 262 -38.99 41.82 4.71
CA TYR B 262 -38.41 40.48 4.77
C TYR B 262 -36.93 40.56 4.47
N TYR B 263 -36.19 39.57 4.97
CA TYR B 263 -34.75 39.51 4.85
C TYR B 263 -34.34 38.47 3.81
N VAL B 264 -33.33 38.80 3.01
CA VAL B 264 -32.80 37.92 1.99
C VAL B 264 -31.29 37.83 2.15
N GLY B 265 -30.76 36.60 2.16
CA GLY B 265 -29.32 36.38 2.12
C GLY B 265 -28.99 35.31 1.10
N TYR B 266 -27.71 35.21 0.77
CA TYR B 266 -27.24 34.28 -0.24
C TYR B 266 -26.27 33.27 0.36
N LEU B 267 -26.47 32.00 0.01
CA LEU B 267 -25.65 30.92 0.55
C LEU B 267 -24.34 30.79 -0.21
N GLN B 268 -23.29 30.40 0.51
CA GLN B 268 -21.97 30.22 -0.04
C GLN B 268 -21.39 28.90 0.42
N PRO B 269 -20.46 28.31 -0.34
CA PRO B 269 -19.93 26.99 0.04
C PRO B 269 -18.98 27.04 1.23
N ARG B 270 -19.53 26.99 2.44
CA ARG B 270 -18.75 27.11 3.65
C ARG B 270 -18.62 25.76 4.35
N THR B 271 -17.61 25.67 5.22
CA THR B 271 -17.39 24.50 6.07
C THR B 271 -17.83 24.85 7.49
N PHE B 272 -18.68 24.01 8.08
CA PHE B 272 -19.27 24.25 9.38
C PHE B 272 -18.97 23.08 10.30
N LEU B 273 -18.90 23.39 11.59
CA LEU B 273 -18.76 22.38 12.64
C LEU B 273 -20.02 22.45 13.49
N LEU B 274 -20.87 21.43 13.39
CA LEU B 274 -22.18 21.40 14.00
C LEU B 274 -22.16 20.52 15.25
N LYS B 275 -22.99 20.89 16.23
CA LYS B 275 -23.07 20.18 17.51
C LYS B 275 -24.44 19.54 17.63
N TYR B 276 -24.47 18.21 17.70
CA TYR B 276 -25.70 17.45 17.91
C TYR B 276 -25.76 17.03 19.37
N ASN B 277 -26.81 17.45 20.07
CA ASN B 277 -26.95 17.18 21.49
C ASN B 277 -27.50 15.77 21.69
N GLU B 278 -27.92 15.47 22.92
CA GLU B 278 -28.35 14.10 23.25
C GLU B 278 -29.60 13.71 22.49
N ASN B 279 -30.46 14.65 22.15
CA ASN B 279 -31.71 14.37 21.47
C ASN B 279 -31.60 14.45 19.96
N GLY B 280 -30.40 14.68 19.42
CA GLY B 280 -30.22 14.74 17.98
C GLY B 280 -30.50 16.07 17.34
N THR B 281 -30.52 17.16 18.10
CA THR B 281 -30.82 18.49 17.61
C THR B 281 -29.54 19.29 17.44
N ILE B 282 -29.42 20.01 16.33
CA ILE B 282 -28.30 20.92 16.14
C ILE B 282 -28.52 22.10 17.09
N THR B 283 -27.65 22.23 18.08
CA THR B 283 -27.76 23.29 19.07
C THR B 283 -26.70 24.37 18.93
N ASP B 284 -25.61 24.11 18.21
CA ASP B 284 -24.58 25.11 18.02
C ASP B 284 -23.83 24.82 16.74
N ALA B 285 -23.22 25.86 16.18
CA ALA B 285 -22.46 25.72 14.95
C ALA B 285 -21.31 26.72 14.95
N VAL B 286 -20.21 26.31 14.31
CA VAL B 286 -19.02 27.15 14.18
C VAL B 286 -18.70 27.28 12.70
N ASP B 287 -18.52 28.51 12.24
CA ASP B 287 -18.15 28.79 10.86
C ASP B 287 -16.63 28.90 10.78
N CYS B 288 -16.00 27.92 10.13
CA CYS B 288 -14.55 27.78 10.22
C CYS B 288 -13.79 28.90 9.52
N ALA B 289 -14.41 29.60 8.58
CA ALA B 289 -13.73 30.64 7.82
C ALA B 289 -14.05 32.05 8.31
N LEU B 290 -14.69 32.17 9.48
CA LEU B 290 -15.10 33.49 9.94
C LEU B 290 -13.91 34.31 10.42
N ASP B 291 -13.03 33.71 11.22
CA ASP B 291 -11.94 34.44 11.87
C ASP B 291 -10.94 33.42 12.39
N PRO B 292 -9.75 33.85 12.82
CA PRO B 292 -8.76 32.88 13.31
C PRO B 292 -9.24 32.02 14.45
N LEU B 293 -10.04 32.58 15.36
CA LEU B 293 -10.51 31.80 16.51
C LEU B 293 -11.39 30.64 16.04
N SER B 294 -12.25 30.88 15.06
CA SER B 294 -13.10 29.80 14.56
C SER B 294 -12.30 28.78 13.77
N GLU B 295 -11.23 29.20 13.09
CA GLU B 295 -10.31 28.24 12.49
C GLU B 295 -9.70 27.34 13.56
N THR B 296 -9.30 27.93 14.69
CA THR B 296 -8.76 27.13 15.78
C THR B 296 -9.81 26.16 16.31
N LYS B 297 -11.04 26.63 16.50
CA LYS B 297 -12.09 25.76 17.01
C LYS B 297 -12.35 24.59 16.07
N CYS B 298 -12.38 24.84 14.76
CA CYS B 298 -12.60 23.75 13.82
C CYS B 298 -11.40 22.82 13.73
N THR B 299 -10.19 23.36 13.87
CA THR B 299 -8.99 22.52 13.84
C THR B 299 -8.94 21.58 15.04
N LEU B 300 -9.29 22.09 16.21
CA LEU B 300 -9.35 21.24 17.40
C LEU B 300 -10.56 20.34 17.44
N LYS B 301 -11.52 20.53 16.53
CA LYS B 301 -12.79 19.82 16.54
C LYS B 301 -13.51 19.98 17.87
N SER B 302 -13.47 21.19 18.41
CA SER B 302 -14.11 21.47 19.69
C SER B 302 -14.52 22.93 19.75
N PHE B 303 -15.48 23.22 20.63
CA PHE B 303 -16.04 24.56 20.77
C PHE B 303 -15.27 25.40 21.78
N THR B 304 -14.76 24.80 22.84
CA THR B 304 -13.90 25.49 23.80
C THR B 304 -12.45 25.32 23.40
N VAL B 305 -11.68 26.40 23.46
CA VAL B 305 -10.26 26.40 23.14
C VAL B 305 -9.49 26.84 24.37
N GLU B 306 -8.52 26.05 24.78
CA GLU B 306 -7.72 26.38 25.95
C GLU B 306 -6.67 27.42 25.62
N LYS B 307 -6.06 27.96 26.66
CA LYS B 307 -4.99 28.93 26.50
C LYS B 307 -3.77 28.27 25.84
N GLY B 308 -3.17 28.98 24.90
CA GLY B 308 -1.99 28.47 24.22
C GLY B 308 -1.91 29.03 22.82
N ILE B 309 -0.91 28.55 22.08
CA ILE B 309 -0.68 28.95 20.70
C ILE B 309 -0.88 27.71 19.83
N TYR B 310 -1.79 27.80 18.87
CA TYR B 310 -2.21 26.66 18.07
C TYR B 310 -1.82 26.89 16.62
N GLN B 311 -1.09 25.93 16.05
CA GLN B 311 -0.76 25.97 14.63
C GLN B 311 -2.00 25.59 13.85
N THR B 312 -2.68 26.58 13.28
CA THR B 312 -3.97 26.33 12.67
C THR B 312 -3.85 26.00 11.18
N SER B 313 -3.28 26.92 10.39
CA SER B 313 -3.42 26.74 8.95
C SER B 313 -2.15 27.20 8.24
N ASN B 314 -2.24 27.31 6.93
CA ASN B 314 -1.16 27.81 6.09
C ASN B 314 -1.72 28.82 5.12
N PHE B 315 -1.10 29.99 5.06
CA PHE B 315 -1.51 31.01 4.10
C PHE B 315 -0.73 30.84 2.81
N ARG B 316 -1.45 30.96 1.70
CA ARG B 316 -0.89 30.85 0.36
C ARG B 316 -1.38 32.01 -0.49
N VAL B 317 -0.54 32.46 -1.41
CA VAL B 317 -0.91 33.47 -2.38
C VAL B 317 -1.40 32.75 -3.64
N GLN B 318 -2.66 32.98 -3.98
CA GLN B 318 -3.26 32.29 -5.10
C GLN B 318 -2.84 32.93 -6.43
N PRO B 319 -2.79 32.14 -7.50
CA PRO B 319 -2.42 32.70 -8.80
C PRO B 319 -3.44 33.71 -9.30
N THR B 320 -2.94 34.67 -10.08
CA THR B 320 -3.75 35.76 -10.60
C THR B 320 -4.26 35.49 -12.02
N GLU B 321 -3.44 34.87 -12.86
CA GLU B 321 -3.85 34.60 -14.24
C GLU B 321 -3.13 33.34 -14.73
N SER B 322 -3.43 32.96 -15.97
CA SER B 322 -2.83 31.78 -16.58
C SER B 322 -2.01 32.20 -17.80
N ILE B 323 -0.85 31.58 -17.96
CA ILE B 323 0.09 31.85 -19.03
C ILE B 323 0.31 30.56 -19.80
N VAL B 324 0.20 30.62 -21.12
CA VAL B 324 0.45 29.49 -22.00
C VAL B 324 1.52 29.90 -22.99
N ARG B 325 2.54 29.06 -23.15
CA ARG B 325 3.64 29.33 -24.07
C ARG B 325 3.92 28.07 -24.89
N PHE B 326 3.63 28.13 -26.17
CA PHE B 326 3.82 27.03 -27.11
C PHE B 326 4.66 27.52 -28.28
N PRO B 327 5.34 26.60 -28.98
CA PRO B 327 6.27 27.03 -30.03
C PRO B 327 5.56 27.72 -31.19
N ASN B 328 6.38 28.29 -32.08
CA ASN B 328 5.92 28.93 -33.30
C ASN B 328 5.76 27.86 -34.37
N ILE B 329 4.54 27.34 -34.53
CA ILE B 329 4.25 26.29 -35.49
C ILE B 329 2.85 26.53 -36.05
N THR B 330 2.72 26.47 -37.37
CA THR B 330 1.43 26.64 -38.02
C THR B 330 1.02 25.46 -38.89
N ASN B 331 1.98 24.72 -39.44
CA ASN B 331 1.66 23.61 -40.33
C ASN B 331 0.92 22.52 -39.58
N LEU B 332 -0.02 21.87 -40.27
CA LEU B 332 -0.77 20.77 -39.69
C LEU B 332 -0.07 19.45 -39.97
N CYS B 333 -0.15 18.53 -39.01
CA CYS B 333 0.57 17.28 -39.14
C CYS B 333 -0.10 16.39 -40.19
N PRO B 334 0.68 15.65 -40.98
CA PRO B 334 0.11 14.85 -42.08
C PRO B 334 -0.41 13.49 -41.62
N PHE B 335 -1.46 13.52 -40.80
CA PHE B 335 -2.17 12.30 -40.45
C PHE B 335 -3.11 11.83 -41.55
N ASP B 336 -3.35 12.66 -42.56
CA ASP B 336 -4.23 12.25 -43.66
C ASP B 336 -3.66 11.06 -44.40
N GLU B 337 -2.34 11.08 -44.67
CA GLU B 337 -1.74 10.07 -45.52
C GLU B 337 -1.35 8.81 -44.78
N VAL B 338 -1.46 8.78 -43.45
CA VAL B 338 -1.18 7.57 -42.70
C VAL B 338 -2.41 6.67 -42.65
N PHE B 339 -3.55 7.22 -42.23
CA PHE B 339 -4.77 6.43 -42.05
C PHE B 339 -5.52 6.18 -43.35
N ASN B 340 -5.21 6.90 -44.41
CA ASN B 340 -5.98 6.83 -45.65
C ASN B 340 -5.13 6.35 -46.81
N ALA B 341 -4.21 5.43 -46.53
CA ALA B 341 -3.44 4.80 -47.60
C ALA B 341 -4.31 3.81 -48.35
N THR B 342 -4.01 3.63 -49.63
CA THR B 342 -4.74 2.64 -50.43
C THR B 342 -4.43 1.23 -49.95
N ARG B 343 -3.17 0.95 -49.64
CA ARG B 343 -2.75 -0.38 -49.20
C ARG B 343 -1.68 -0.22 -48.13
N PHE B 344 -1.91 -0.85 -46.98
CA PHE B 344 -0.94 -0.83 -45.89
C PHE B 344 0.15 -1.86 -46.13
N ALA B 345 1.30 -1.65 -45.50
CA ALA B 345 2.43 -2.53 -45.69
C ALA B 345 2.22 -3.86 -44.96
N SER B 346 3.08 -4.82 -45.29
CA SER B 346 3.11 -6.07 -44.55
C SER B 346 3.68 -5.83 -43.16
N VAL B 347 3.36 -6.74 -42.23
CA VAL B 347 3.79 -6.55 -40.85
C VAL B 347 5.30 -6.69 -40.73
N TYR B 348 5.91 -7.57 -41.52
CA TYR B 348 7.36 -7.76 -41.46
C TYR B 348 8.12 -6.58 -42.06
N ALA B 349 7.50 -5.83 -42.97
CA ALA B 349 8.11 -4.66 -43.57
C ALA B 349 7.26 -3.43 -43.26
N TRP B 350 6.87 -3.27 -42.00
CA TRP B 350 5.91 -2.25 -41.60
C TRP B 350 6.37 -0.86 -41.99
N ASN B 351 5.45 -0.06 -42.53
CA ASN B 351 5.81 1.30 -42.91
C ASN B 351 5.98 2.17 -41.67
N ARG B 352 6.89 3.13 -41.75
CA ARG B 352 7.10 4.09 -40.68
C ARG B 352 7.18 5.50 -41.27
N LYS B 353 6.49 6.44 -40.65
CA LYS B 353 6.51 7.83 -41.07
C LYS B 353 6.83 8.71 -39.87
N ARG B 354 7.59 9.77 -40.11
CA ARG B 354 8.03 10.68 -39.06
C ARG B 354 7.25 11.97 -39.12
N ILE B 355 6.77 12.42 -37.97
CA ILE B 355 5.92 13.61 -37.83
C ILE B 355 6.68 14.60 -36.96
N SER B 356 6.90 15.80 -37.49
CA SER B 356 7.63 16.84 -36.77
C SER B 356 7.28 18.19 -37.38
N ASN B 357 7.54 19.25 -36.60
CA ASN B 357 7.34 20.63 -37.02
C ASN B 357 5.92 20.88 -37.51
N CYS B 358 4.95 20.46 -36.70
CA CYS B 358 3.55 20.63 -37.07
C CYS B 358 2.70 20.59 -35.81
N VAL B 359 1.46 21.08 -35.93
CA VAL B 359 0.48 21.00 -34.86
C VAL B 359 -0.42 19.81 -35.14
N ALA B 360 -0.48 18.87 -34.19
CA ALA B 360 -1.20 17.62 -34.38
C ALA B 360 -2.50 17.67 -33.59
N ASP B 361 -3.62 17.64 -34.32
CA ASP B 361 -4.94 17.58 -33.72
C ASP B 361 -5.38 16.12 -33.75
N TYR B 362 -5.36 15.49 -32.58
CA TYR B 362 -5.69 14.08 -32.46
C TYR B 362 -7.19 13.82 -32.40
N SER B 363 -8.00 14.87 -32.50
CA SER B 363 -9.45 14.69 -32.49
C SER B 363 -10.04 14.50 -33.89
N VAL B 364 -9.23 14.60 -34.94
CA VAL B 364 -9.71 14.24 -36.28
C VAL B 364 -9.31 12.83 -36.67
N LEU B 365 -8.51 12.15 -35.85
CA LEU B 365 -8.14 10.78 -36.17
C LEU B 365 -9.36 9.87 -36.16
N TYR B 366 -10.45 10.28 -35.53
CA TYR B 366 -11.67 9.50 -35.57
C TYR B 366 -12.36 9.59 -36.93
N ASN B 367 -12.10 10.63 -37.69
CA ASN B 367 -12.73 10.82 -38.99
C ASN B 367 -12.02 10.10 -40.13
N PHE B 368 -10.84 9.53 -39.88
CA PHE B 368 -10.05 8.90 -40.92
C PHE B 368 -10.19 7.40 -40.96
N ALA B 369 -10.34 6.75 -39.81
CA ALA B 369 -10.45 5.30 -39.72
C ALA B 369 -11.63 4.91 -38.85
N PRO B 370 -12.36 3.89 -39.23
CA PRO B 370 -13.53 3.43 -38.45
C PRO B 370 -13.16 2.54 -37.27
N PHE B 371 -12.22 3.00 -36.47
CA PHE B 371 -11.86 2.26 -35.27
C PHE B 371 -12.79 2.64 -34.12
N PHE B 372 -12.75 1.86 -33.05
CA PHE B 372 -13.65 2.03 -31.93
C PHE B 372 -13.06 2.81 -30.77
N ALA B 373 -11.77 2.65 -30.51
CA ALA B 373 -11.11 3.42 -29.46
C ALA B 373 -9.60 3.30 -29.63
N PHE B 374 -8.89 4.27 -29.06
CA PHE B 374 -7.44 4.18 -28.95
C PHE B 374 -7.05 3.15 -27.89
N LYS B 375 -5.78 2.75 -27.91
CA LYS B 375 -5.17 2.03 -26.81
C LYS B 375 -3.87 2.77 -26.48
N CYS B 376 -3.94 3.73 -25.56
CA CYS B 376 -2.80 4.58 -25.27
C CYS B 376 -2.11 4.14 -24.00
N TYR B 377 -0.79 3.96 -24.07
CA TYR B 377 0.04 3.56 -22.95
C TYR B 377 0.91 4.73 -22.54
N GLY B 378 0.87 5.09 -21.27
CA GLY B 378 1.62 6.20 -20.74
C GLY B 378 1.00 7.56 -20.96
N VAL B 379 -0.18 7.63 -21.58
CA VAL B 379 -0.82 8.89 -21.89
C VAL B 379 -2.30 8.62 -22.09
N SER B 380 -3.13 9.64 -21.89
CA SER B 380 -4.53 9.32 -22.12
C SER B 380 -5.00 9.92 -23.43
N PRO B 381 -5.90 9.23 -24.15
CA PRO B 381 -6.28 9.70 -25.49
C PRO B 381 -6.87 11.11 -25.52
N THR B 382 -7.59 11.50 -24.47
CA THR B 382 -8.21 12.83 -24.46
C THR B 382 -7.22 13.95 -24.15
N LYS B 383 -6.08 13.63 -23.56
CA LYS B 383 -5.09 14.64 -23.18
C LYS B 383 -4.09 14.93 -24.29
N LEU B 384 -4.13 14.19 -25.39
CA LEU B 384 -3.10 14.30 -26.40
C LEU B 384 -3.01 15.70 -27.00
N ASN B 385 -4.13 16.42 -27.06
CA ASN B 385 -4.14 17.75 -27.64
C ASN B 385 -3.54 18.80 -26.72
N ASP B 386 -3.23 18.46 -25.47
CA ASP B 386 -2.68 19.41 -24.52
C ASP B 386 -1.20 19.19 -24.25
N LEU B 387 -0.51 18.45 -25.12
CA LEU B 387 0.87 18.07 -24.92
C LEU B 387 1.70 18.40 -26.15
N CYS B 388 2.99 18.68 -25.93
CA CYS B 388 3.95 18.87 -26.99
C CYS B 388 4.96 17.73 -26.96
N PHE B 389 5.19 17.12 -28.11
CA PHE B 389 6.14 16.03 -28.26
C PHE B 389 7.28 16.47 -29.16
N THR B 390 8.49 15.96 -28.88
CA THR B 390 9.62 16.30 -29.72
C THR B 390 9.51 15.65 -31.09
N ASN B 391 8.95 14.45 -31.16
CA ASN B 391 8.70 13.81 -32.45
C ASN B 391 7.53 12.85 -32.33
N VAL B 392 6.96 12.47 -33.46
CA VAL B 392 5.94 11.45 -33.51
C VAL B 392 6.31 10.46 -34.59
N TYR B 393 6.04 9.18 -34.38
CA TYR B 393 6.27 8.17 -35.38
C TYR B 393 5.00 7.36 -35.59
N ALA B 394 4.56 7.26 -36.84
CA ALA B 394 3.37 6.50 -37.19
C ALA B 394 3.81 5.26 -37.96
N ASP B 395 3.68 4.10 -37.32
CA ASP B 395 4.09 2.82 -37.90
C ASP B 395 2.82 2.06 -38.27
N SER B 396 2.64 1.82 -39.57
CA SER B 396 1.42 1.22 -40.09
C SER B 396 1.70 -0.12 -40.74
N PHE B 397 0.79 -1.06 -40.50
CA PHE B 397 0.89 -2.40 -41.08
C PHE B 397 -0.47 -3.09 -40.97
N VAL B 398 -0.50 -4.36 -41.39
CA VAL B 398 -1.71 -5.18 -41.35
C VAL B 398 -1.39 -6.50 -40.68
N ILE B 399 -2.24 -6.91 -39.75
CA ILE B 399 -2.14 -8.22 -39.11
C ILE B 399 -3.53 -8.85 -39.18
N ARG B 400 -3.74 -9.96 -38.50
CA ARG B 400 -5.10 -10.47 -38.34
C ARG B 400 -5.55 -10.27 -36.91
N GLY B 401 -6.80 -10.65 -36.63
CA GLY B 401 -7.41 -10.31 -35.36
C GLY B 401 -6.66 -10.88 -34.17
N ASN B 402 -6.30 -12.17 -34.24
CA ASN B 402 -5.65 -12.82 -33.11
C ASN B 402 -4.43 -12.07 -32.63
N GLU B 403 -3.72 -11.44 -33.56
CA GLU B 403 -2.44 -10.81 -33.28
C GLU B 403 -2.56 -9.34 -32.88
N VAL B 404 -3.78 -8.77 -32.90
CA VAL B 404 -3.92 -7.38 -32.48
C VAL B 404 -3.54 -7.23 -31.02
N SER B 405 -3.80 -8.25 -30.21
CA SER B 405 -3.40 -8.20 -28.80
C SER B 405 -1.89 -8.18 -28.62
N GLN B 406 -1.12 -8.58 -29.64
CA GLN B 406 0.32 -8.62 -29.50
C GLN B 406 0.99 -7.28 -29.73
N ILE B 407 0.26 -6.28 -30.23
CA ILE B 407 0.84 -4.95 -30.46
C ILE B 407 0.63 -4.19 -29.16
N ALA B 408 1.53 -4.44 -28.21
CA ALA B 408 1.48 -3.86 -26.88
C ALA B 408 2.80 -4.12 -26.18
N PRO B 409 3.27 -3.22 -25.31
CA PRO B 409 4.54 -3.45 -24.62
C PRO B 409 4.50 -4.70 -23.76
N GLY B 410 5.59 -5.46 -23.79
CA GLY B 410 5.72 -6.66 -23.00
C GLY B 410 5.13 -7.92 -23.59
N GLN B 411 4.58 -7.86 -24.80
CA GLN B 411 3.94 -9.01 -25.40
C GLN B 411 4.95 -9.88 -26.14
N THR B 412 4.58 -11.15 -26.31
CA THR B 412 5.39 -12.10 -27.06
C THR B 412 4.48 -12.92 -27.96
N GLY B 413 5.08 -13.46 -29.02
CA GLY B 413 4.34 -14.20 -30.03
C GLY B 413 5.14 -14.19 -31.30
N ASN B 414 4.49 -14.59 -32.39
CA ASN B 414 5.13 -14.47 -33.69
C ASN B 414 5.37 -13.02 -34.06
N ILE B 415 4.34 -12.19 -33.91
CA ILE B 415 4.43 -10.80 -34.33
C ILE B 415 5.35 -10.01 -33.42
N ALA B 416 5.21 -10.17 -32.11
CA ALA B 416 5.98 -9.36 -31.17
C ALA B 416 7.44 -9.78 -31.12
N ASP B 417 7.78 -10.97 -31.63
CA ASP B 417 9.16 -11.43 -31.60
C ASP B 417 9.87 -11.26 -32.94
N TYR B 418 9.23 -11.69 -34.03
CA TYR B 418 9.90 -11.75 -35.31
C TYR B 418 9.46 -10.66 -36.28
N ASN B 419 8.36 -9.96 -36.02
CA ASN B 419 7.82 -9.00 -36.97
C ASN B 419 7.86 -7.57 -36.45
N TYR B 420 7.24 -7.28 -35.31
CA TYR B 420 7.13 -5.91 -34.84
C TYR B 420 7.12 -5.89 -33.33
N LYS B 421 8.18 -5.34 -32.73
CA LYS B 421 8.37 -5.34 -31.28
C LYS B 421 8.30 -3.92 -30.75
N LEU B 422 7.55 -3.72 -29.66
CA LEU B 422 7.41 -2.44 -28.99
C LEU B 422 8.23 -2.42 -27.70
N PRO B 423 8.84 -1.28 -27.36
CA PRO B 423 9.63 -1.21 -26.13
C PRO B 423 8.77 -1.37 -24.89
N ASP B 424 9.40 -1.84 -23.81
CA ASP B 424 8.70 -2.01 -22.55
C ASP B 424 8.34 -0.68 -21.90
N ASP B 425 9.07 0.39 -22.22
CA ASP B 425 8.81 1.74 -21.72
C ASP B 425 8.04 2.56 -22.75
N PHE B 426 7.15 1.92 -23.49
CA PHE B 426 6.43 2.56 -24.58
C PHE B 426 5.48 3.62 -24.05
N THR B 427 5.46 4.77 -24.71
CA THR B 427 4.47 5.82 -24.47
C THR B 427 3.90 6.23 -25.82
N GLY B 428 2.66 5.85 -26.08
CA GLY B 428 2.08 6.10 -27.38
C GLY B 428 0.64 5.61 -27.42
N CYS B 429 0.14 5.41 -28.63
CA CYS B 429 -1.24 4.99 -28.84
C CYS B 429 -1.32 4.02 -30.00
N VAL B 430 -2.01 2.90 -29.80
CA VAL B 430 -2.21 1.90 -30.83
C VAL B 430 -3.65 1.99 -31.33
N ILE B 431 -3.82 2.03 -32.65
CA ILE B 431 -5.12 2.16 -33.28
C ILE B 431 -5.27 1.02 -34.27
N ALA B 432 -6.23 0.13 -34.03
CA ALA B 432 -6.46 -1.02 -34.89
C ALA B 432 -7.91 -1.03 -35.32
N TRP B 433 -8.15 -1.23 -36.61
CA TRP B 433 -9.52 -1.33 -37.09
C TRP B 433 -9.64 -2.44 -38.12
N ASN B 434 -10.77 -3.13 -38.10
CA ASN B 434 -11.03 -4.19 -39.05
C ASN B 434 -11.10 -3.64 -40.47
N SER B 435 -10.44 -4.32 -41.39
CA SER B 435 -10.42 -3.92 -42.79
C SER B 435 -10.75 -5.11 -43.68
N ASN B 436 -11.81 -5.84 -43.32
CA ASN B 436 -12.20 -7.01 -44.09
C ASN B 436 -12.76 -6.63 -45.46
N LYS B 437 -13.32 -5.43 -45.60
CA LYS B 437 -13.86 -5.02 -46.89
C LYS B 437 -12.77 -4.66 -47.89
N LEU B 438 -11.58 -4.33 -47.42
CA LEU B 438 -10.48 -3.89 -48.27
C LEU B 438 -9.42 -4.94 -48.48
N ASP B 439 -8.98 -5.61 -47.42
CA ASP B 439 -7.81 -6.47 -47.46
C ASP B 439 -8.15 -7.94 -47.67
N SER B 440 -9.39 -8.26 -48.05
CA SER B 440 -9.82 -9.63 -48.25
C SER B 440 -10.35 -9.80 -49.66
N LYS B 441 -9.93 -10.88 -50.32
CA LYS B 441 -10.42 -11.23 -51.65
C LYS B 441 -11.19 -12.54 -51.57
N VAL B 442 -12.03 -12.77 -52.58
CA VAL B 442 -12.82 -13.99 -52.64
C VAL B 442 -11.92 -15.21 -52.74
N GLY B 443 -10.89 -15.13 -53.59
CA GLY B 443 -9.93 -16.21 -53.68
C GLY B 443 -8.85 -16.19 -52.62
N GLY B 444 -8.81 -15.17 -51.79
CA GLY B 444 -7.76 -15.04 -50.80
C GLY B 444 -6.83 -13.89 -51.11
N ASN B 445 -6.47 -13.11 -50.09
CA ASN B 445 -5.57 -11.97 -50.25
C ASN B 445 -4.18 -12.37 -49.78
N TYR B 446 -3.27 -12.60 -50.71
CA TYR B 446 -1.93 -13.06 -50.41
C TYR B 446 -0.87 -11.98 -50.62
N ASN B 447 -1.28 -10.71 -50.54
CA ASN B 447 -0.35 -9.60 -50.61
C ASN B 447 0.23 -9.22 -49.25
N TYR B 448 -0.21 -9.87 -48.18
CA TYR B 448 0.25 -9.57 -46.83
C TYR B 448 0.96 -10.79 -46.27
N GLN B 449 2.13 -10.57 -45.69
CA GLN B 449 2.99 -11.65 -45.22
C GLN B 449 3.52 -11.33 -43.83
N TYR B 450 3.92 -12.38 -43.12
CA TYR B 450 4.56 -12.21 -41.83
C TYR B 450 5.76 -13.15 -41.73
N ARG B 451 6.75 -12.75 -40.95
CA ARG B 451 7.93 -13.56 -40.73
C ARG B 451 7.65 -14.59 -39.63
N LEU B 452 7.87 -15.85 -39.95
CA LEU B 452 7.54 -16.95 -39.06
C LEU B 452 8.72 -17.48 -38.27
N PHE B 453 9.92 -17.47 -38.83
CA PHE B 453 11.12 -17.98 -38.18
C PHE B 453 12.16 -16.87 -38.11
N ARG B 454 12.89 -16.83 -36.99
CA ARG B 454 14.02 -15.92 -36.88
C ARG B 454 14.96 -16.46 -35.82
N LYS B 455 16.26 -16.23 -36.02
CA LYS B 455 17.26 -16.77 -35.10
C LYS B 455 17.11 -16.19 -33.70
N SER B 456 16.86 -14.89 -33.61
CA SER B 456 16.72 -14.20 -32.34
C SER B 456 15.57 -13.21 -32.42
N ASN B 457 15.02 -12.88 -31.25
CA ASN B 457 13.92 -11.94 -31.17
C ASN B 457 14.36 -10.55 -31.62
N LEU B 458 13.43 -9.81 -32.20
CA LEU B 458 13.73 -8.45 -32.64
C LEU B 458 13.97 -7.53 -31.45
N LYS B 459 14.90 -6.61 -31.63
CA LYS B 459 14.99 -5.49 -30.73
C LYS B 459 13.81 -4.55 -30.98
N PRO B 460 13.41 -3.77 -29.99
CA PRO B 460 12.28 -2.85 -30.20
C PRO B 460 12.54 -1.90 -31.37
N PHE B 461 11.49 -1.68 -32.16
CA PHE B 461 11.54 -0.78 -33.31
C PHE B 461 12.66 -1.15 -34.27
N GLU B 462 12.82 -2.45 -34.50
CA GLU B 462 13.76 -2.96 -35.48
C GLU B 462 12.99 -3.64 -36.61
N ARG B 463 13.33 -3.31 -37.84
CA ARG B 463 12.69 -3.87 -39.02
C ARG B 463 13.66 -4.85 -39.68
N ASP B 464 13.17 -6.06 -39.97
CA ASP B 464 13.97 -7.12 -40.59
C ASP B 464 13.27 -7.53 -41.87
N ILE B 465 13.86 -7.18 -43.01
CA ILE B 465 13.28 -7.49 -44.31
C ILE B 465 14.13 -8.52 -45.07
N SER B 466 14.98 -9.26 -44.36
CA SER B 466 15.82 -10.26 -45.01
C SER B 466 14.99 -11.47 -45.40
N THR B 467 15.14 -11.91 -46.65
CA THR B 467 14.43 -13.07 -47.18
C THR B 467 15.33 -14.30 -47.27
N GLU B 468 16.33 -14.40 -46.40
CA GLU B 468 17.24 -15.54 -46.40
C GLU B 468 16.54 -16.79 -45.87
N ILE B 469 16.92 -17.94 -46.41
CA ILE B 469 16.35 -19.21 -45.98
C ILE B 469 16.77 -19.52 -44.56
N TYR B 470 15.81 -19.80 -43.69
CA TYR B 470 16.07 -20.10 -42.29
C TYR B 470 16.50 -21.55 -42.15
N GLN B 471 17.61 -21.77 -41.44
CA GLN B 471 18.20 -23.08 -41.26
C GLN B 471 17.92 -23.55 -39.84
N ALA B 472 16.98 -24.49 -39.70
CA ALA B 472 16.62 -24.98 -38.37
C ALA B 472 17.68 -25.90 -37.80
N GLY B 473 18.27 -26.74 -38.63
CA GLY B 473 19.27 -27.70 -38.21
C GLY B 473 20.68 -27.26 -38.53
N ASN B 474 21.57 -28.25 -38.64
CA ASN B 474 22.98 -28.01 -38.95
C ASN B 474 23.31 -28.18 -40.43
N LYS B 475 22.45 -28.83 -41.19
CA LYS B 475 22.72 -29.05 -42.61
C LYS B 475 22.59 -27.74 -43.38
N PRO B 476 23.64 -27.29 -44.07
CA PRO B 476 23.53 -26.04 -44.83
C PRO B 476 22.46 -26.14 -45.91
N CYS B 477 21.76 -25.03 -46.11
CA CYS B 477 20.68 -24.98 -47.09
C CYS B 477 21.14 -24.44 -48.44
N ASN B 478 22.16 -23.59 -48.45
CA ASN B 478 22.68 -22.99 -49.69
C ASN B 478 21.59 -22.26 -50.45
N GLY B 479 20.63 -21.70 -49.70
CA GLY B 479 19.57 -20.89 -50.29
C GLY B 479 18.43 -21.67 -50.91
N VAL B 480 18.39 -22.99 -50.73
CA VAL B 480 17.36 -23.83 -51.34
C VAL B 480 16.55 -24.47 -50.21
N ALA B 481 15.23 -24.38 -50.31
CA ALA B 481 14.37 -24.99 -49.31
C ALA B 481 14.53 -26.51 -49.33
N GLY B 482 14.37 -27.11 -48.17
CA GLY B 482 14.52 -28.54 -48.06
C GLY B 482 14.30 -28.99 -46.63
N PHE B 483 14.89 -30.12 -46.29
CA PHE B 483 14.77 -30.64 -44.94
C PHE B 483 15.45 -29.70 -43.94
N ASN B 484 14.68 -29.22 -42.97
CA ASN B 484 15.16 -28.23 -42.00
C ASN B 484 15.72 -27.00 -42.70
N CYS B 485 15.04 -26.59 -43.78
CA CYS B 485 15.38 -25.38 -44.52
C CYS B 485 14.06 -24.71 -44.91
N TYR B 486 13.63 -23.74 -44.12
CA TYR B 486 12.32 -23.12 -44.30
C TYR B 486 12.46 -21.72 -44.89
N PHE B 487 11.36 -21.25 -45.48
CA PHE B 487 11.28 -19.86 -45.91
C PHE B 487 10.59 -19.07 -44.83
N PRO B 488 11.25 -18.10 -44.22
CA PRO B 488 10.69 -17.49 -43.00
C PRO B 488 9.41 -16.70 -43.21
N LEU B 489 9.11 -16.27 -44.44
CA LEU B 489 7.93 -15.46 -44.70
C LEU B 489 6.78 -16.34 -45.14
N ARG B 490 5.63 -16.19 -44.49
CA ARG B 490 4.41 -16.89 -44.86
C ARG B 490 3.31 -15.87 -45.10
N SER B 491 2.52 -16.08 -46.15
CA SER B 491 1.47 -15.15 -46.51
C SER B 491 0.19 -15.45 -45.73
N TYR B 492 -0.43 -14.39 -45.21
CA TYR B 492 -1.78 -14.50 -44.71
C TYR B 492 -2.73 -14.82 -45.85
N GLY B 493 -3.68 -15.71 -45.60
CA GLY B 493 -4.76 -15.89 -46.54
C GLY B 493 -6.01 -15.25 -45.98
N PHE B 494 -6.36 -14.07 -46.47
CA PHE B 494 -7.52 -13.35 -45.98
C PHE B 494 -8.68 -13.57 -46.93
N ARG B 495 -9.82 -13.99 -46.38
CA ARG B 495 -11.02 -14.22 -47.16
C ARG B 495 -12.20 -13.59 -46.43
N PRO B 496 -13.22 -13.12 -47.16
CA PRO B 496 -14.35 -12.47 -46.49
C PRO B 496 -15.17 -13.40 -45.61
N THR B 497 -15.08 -14.71 -45.81
CA THR B 497 -15.86 -15.67 -45.04
C THR B 497 -15.19 -16.08 -43.74
N TYR B 498 -14.00 -15.56 -43.45
CA TYR B 498 -13.30 -15.94 -42.23
C TYR B 498 -13.95 -15.27 -41.03
N GLY B 499 -13.75 -15.89 -39.86
CA GLY B 499 -14.27 -15.34 -38.63
C GLY B 499 -13.53 -14.10 -38.19
N VAL B 500 -14.10 -13.42 -37.20
CA VAL B 500 -13.59 -12.11 -36.80
C VAL B 500 -12.15 -12.19 -36.33
N GLY B 501 -11.75 -13.34 -35.77
CA GLY B 501 -10.38 -13.48 -35.32
C GLY B 501 -9.38 -13.64 -36.44
N HIS B 502 -9.82 -14.14 -37.60
CA HIS B 502 -8.93 -14.38 -38.73
C HIS B 502 -9.09 -13.34 -39.83
N GLN B 503 -9.82 -12.30 -39.60
CA GLN B 503 -9.97 -11.24 -40.58
C GLN B 503 -8.87 -10.21 -40.44
N PRO B 504 -8.52 -9.52 -41.52
CA PRO B 504 -7.43 -8.54 -41.46
C PRO B 504 -7.78 -7.34 -40.59
N TYR B 505 -6.76 -6.81 -39.92
CA TYR B 505 -6.86 -5.63 -39.09
C TYR B 505 -5.71 -4.70 -39.43
N ARG B 506 -6.04 -3.45 -39.78
CA ARG B 506 -5.05 -2.43 -40.07
C ARG B 506 -4.67 -1.75 -38.76
N VAL B 507 -3.37 -1.64 -38.50
CA VAL B 507 -2.84 -1.13 -37.25
C VAL B 507 -1.93 0.05 -37.54
N VAL B 508 -2.12 1.12 -36.78
CA VAL B 508 -1.26 2.31 -36.79
C VAL B 508 -0.81 2.56 -35.36
N VAL B 509 0.50 2.59 -35.15
CA VAL B 509 1.09 2.82 -33.83
C VAL B 509 1.72 4.20 -33.84
N LEU B 510 1.27 5.06 -32.93
CA LEU B 510 1.84 6.39 -32.75
C LEU B 510 2.77 6.36 -31.54
N SER B 511 4.05 6.60 -31.78
CA SER B 511 5.05 6.66 -30.73
C SER B 511 5.45 8.12 -30.54
N PHE B 512 5.40 8.58 -29.29
CA PHE B 512 5.62 9.98 -28.96
C PHE B 512 7.00 10.15 -28.33
N GLU B 513 7.93 10.70 -29.09
CA GLU B 513 9.25 11.02 -28.57
C GLU B 513 9.17 12.33 -27.80
N LEU B 514 9.24 12.23 -26.46
CA LEU B 514 9.23 13.37 -25.56
C LEU B 514 10.60 13.44 -24.90
N LEU B 515 11.54 14.10 -25.56
CA LEU B 515 12.91 14.23 -25.10
C LEU B 515 13.13 15.61 -24.50
N HIS B 516 14.38 15.93 -24.18
CA HIS B 516 14.73 17.26 -23.71
C HIS B 516 14.85 18.27 -24.85
N ALA B 517 14.75 17.82 -26.09
CA ALA B 517 14.88 18.70 -27.24
C ALA B 517 13.70 19.67 -27.31
N PRO B 518 13.84 20.76 -28.06
CA PRO B 518 12.69 21.63 -28.30
C PRO B 518 11.53 20.87 -28.92
N ALA B 519 10.32 21.19 -28.48
CA ALA B 519 9.14 20.52 -29.00
C ALA B 519 8.92 20.89 -30.46
N THR B 520 8.48 19.90 -31.24
CA THR B 520 8.14 20.12 -32.64
C THR B 520 6.72 19.74 -33.00
N VAL B 521 6.14 18.75 -32.31
CA VAL B 521 4.74 18.37 -32.52
C VAL B 521 3.95 18.79 -31.30
N CYS B 522 2.97 19.66 -31.50
CA CYS B 522 2.17 20.17 -30.41
C CYS B 522 0.70 20.06 -30.76
N GLY B 523 -0.15 20.19 -29.74
CA GLY B 523 -1.57 20.22 -29.96
C GLY B 523 -2.05 21.62 -30.25
N PRO B 524 -3.27 21.77 -30.74
CA PRO B 524 -3.81 23.11 -30.97
C PRO B 524 -4.03 23.85 -29.66
N LYS B 525 -3.23 24.87 -29.39
CA LYS B 525 -3.29 25.56 -28.10
C LYS B 525 -2.71 26.95 -28.30
N LYS B 526 -3.54 27.97 -28.13
CA LYS B 526 -3.07 29.34 -28.28
C LYS B 526 -2.19 29.73 -27.11
N SER B 527 -1.12 30.46 -27.40
CA SER B 527 -0.15 30.86 -26.38
C SER B 527 -0.33 32.34 -26.06
N THR B 528 -0.46 32.64 -24.76
CA THR B 528 -0.71 33.99 -24.30
C THR B 528 0.61 34.73 -24.09
N ASN B 529 0.51 35.97 -23.60
CA ASN B 529 1.69 36.76 -23.32
C ASN B 529 2.40 36.23 -22.07
N LEU B 530 3.70 36.50 -22.01
CA LEU B 530 4.53 36.07 -20.90
C LEU B 530 4.44 37.09 -19.77
N VAL B 531 4.07 36.64 -18.58
CA VAL B 531 3.92 37.49 -17.41
C VAL B 531 4.98 37.09 -16.39
N LYS B 532 5.77 38.07 -15.95
CA LYS B 532 6.84 37.83 -15.01
C LYS B 532 6.57 38.57 -13.70
N ASN B 533 7.22 38.09 -12.64
CA ASN B 533 7.13 38.70 -11.31
C ASN B 533 5.71 38.71 -10.77
N LYS B 534 4.91 37.71 -11.17
CA LYS B 534 3.56 37.54 -10.65
C LYS B 534 3.26 36.06 -10.50
N CYS B 535 2.41 35.73 -9.54
CA CYS B 535 2.02 34.35 -9.30
C CYS B 535 0.99 33.96 -10.35
N VAL B 536 1.38 33.07 -11.27
CA VAL B 536 0.55 32.67 -12.39
C VAL B 536 0.55 31.16 -12.53
N ASN B 537 -0.45 30.64 -13.23
CA ASN B 537 -0.49 29.25 -13.65
C ASN B 537 0.15 29.16 -15.03
N PHE B 538 1.38 28.67 -15.09
CA PHE B 538 2.12 28.63 -16.34
C PHE B 538 2.02 27.26 -16.99
N ASN B 539 2.12 27.24 -18.32
CA ASN B 539 2.05 26.02 -19.13
C ASN B 539 3.06 26.18 -20.26
N PHE B 540 4.23 25.58 -20.10
CA PHE B 540 5.30 25.63 -21.10
C PHE B 540 5.42 24.27 -21.77
N ASN B 541 4.95 24.18 -23.01
CA ASN B 541 5.06 22.95 -23.81
C ASN B 541 4.43 21.76 -23.09
N GLY B 542 3.28 21.99 -22.45
CA GLY B 542 2.60 20.94 -21.72
C GLY B 542 3.09 20.74 -20.30
N LEU B 543 4.25 21.31 -19.96
CA LEU B 543 4.72 21.32 -18.57
C LEU B 543 3.93 22.38 -17.82
N THR B 544 3.00 21.95 -16.98
CA THR B 544 2.14 22.85 -16.24
C THR B 544 2.68 23.07 -14.84
N GLY B 545 2.32 24.20 -14.26
CA GLY B 545 2.71 24.49 -12.89
C GLY B 545 2.12 25.81 -12.45
N THR B 546 2.36 26.14 -11.18
CA THR B 546 1.95 27.41 -10.61
C THR B 546 3.14 28.03 -9.91
N GLY B 547 3.42 29.30 -10.20
CA GLY B 547 4.54 29.94 -9.56
C GLY B 547 4.78 31.33 -10.12
N VAL B 548 5.92 31.88 -9.71
CA VAL B 548 6.39 33.19 -10.12
C VAL B 548 7.53 32.99 -11.10
N LEU B 549 7.44 33.63 -12.26
CA LEU B 549 8.45 33.54 -13.29
C LEU B 549 9.32 34.78 -13.25
N THR B 550 10.63 34.59 -13.09
CA THR B 550 11.57 35.70 -13.03
C THR B 550 12.65 35.50 -14.07
N GLU B 551 13.26 36.61 -14.50
CA GLU B 551 14.40 36.51 -15.39
C GLU B 551 15.56 35.83 -14.65
N SER B 552 16.32 35.03 -15.38
CA SER B 552 17.36 34.20 -14.77
C SER B 552 18.70 34.45 -15.45
N ASN B 553 19.76 34.27 -14.67
CA ASN B 553 21.13 34.33 -15.18
C ASN B 553 21.80 32.95 -15.15
N LYS B 554 21.00 31.88 -15.10
CA LYS B 554 21.56 30.53 -15.17
C LYS B 554 22.25 30.33 -16.51
N LYS B 555 23.35 29.57 -16.49
CA LYS B 555 24.15 29.36 -17.70
C LYS B 555 23.70 28.08 -18.40
N PHE B 556 22.51 28.15 -18.98
CA PHE B 556 22.03 27.06 -19.83
C PHE B 556 22.92 26.96 -21.07
N LEU B 557 23.29 25.75 -21.42
CA LEU B 557 23.97 25.51 -22.67
C LEU B 557 22.96 25.53 -23.81
N PRO B 558 23.40 25.76 -25.04
CA PRO B 558 22.44 25.94 -26.14
C PRO B 558 21.51 24.76 -26.37
N PHE B 559 21.92 23.54 -26.01
CA PHE B 559 21.09 22.37 -26.24
C PHE B 559 20.08 22.13 -25.13
N GLN B 560 20.34 22.61 -23.92
CA GLN B 560 19.46 22.37 -22.79
C GLN B 560 18.15 23.17 -22.94
N GLN B 561 17.11 22.71 -22.25
CA GLN B 561 15.81 23.34 -22.32
C GLN B 561 15.13 23.57 -20.99
N PHE B 562 15.48 22.84 -19.94
CA PHE B 562 14.91 23.08 -18.62
C PHE B 562 15.89 22.58 -17.56
N GLY B 563 15.66 23.03 -16.33
CA GLY B 563 16.50 22.64 -15.21
C GLY B 563 15.66 22.00 -14.12
N ARG B 564 16.27 21.06 -13.40
CA ARG B 564 15.62 20.36 -12.31
C ARG B 564 16.27 20.71 -10.98
N ASP B 565 15.65 20.25 -9.91
CA ASP B 565 16.05 20.56 -8.55
C ASP B 565 16.36 19.25 -7.80
N ILE B 566 16.54 19.37 -6.48
CA ILE B 566 16.88 18.20 -5.68
C ILE B 566 15.76 17.16 -5.73
N ALA B 567 14.51 17.62 -5.62
CA ALA B 567 13.35 16.73 -5.71
C ALA B 567 12.82 16.59 -7.12
N ASP B 568 13.67 16.79 -8.13
CA ASP B 568 13.31 16.65 -9.54
C ASP B 568 12.16 17.57 -9.94
N THR B 569 12.04 18.70 -9.26
CA THR B 569 11.06 19.72 -9.63
C THR B 569 11.71 20.73 -10.57
N THR B 570 11.04 21.03 -11.67
CA THR B 570 11.56 21.97 -12.65
C THR B 570 11.68 23.34 -12.00
N ASP B 571 12.91 23.83 -11.83
CA ASP B 571 13.15 25.13 -11.23
C ASP B 571 13.41 26.22 -12.26
N ALA B 572 13.81 25.86 -13.47
CA ALA B 572 14.03 26.82 -14.54
C ALA B 572 13.49 26.25 -15.84
N VAL B 573 13.05 27.14 -16.73
CA VAL B 573 12.53 26.76 -18.03
C VAL B 573 13.12 27.68 -19.09
N ARG B 574 13.00 27.24 -20.34
CA ARG B 574 13.34 28.04 -21.49
C ARG B 574 12.06 28.34 -22.26
N ASP B 575 11.81 29.62 -22.51
CA ASP B 575 10.59 30.00 -23.21
C ASP B 575 10.64 29.47 -24.64
N PRO B 576 9.62 28.73 -25.09
CA PRO B 576 9.67 28.14 -26.43
C PRO B 576 9.77 29.16 -27.56
N GLN B 577 9.24 30.38 -27.39
CA GLN B 577 9.23 31.36 -28.46
C GLN B 577 10.45 32.27 -28.40
N THR B 578 10.64 32.96 -27.27
CA THR B 578 11.82 33.80 -27.05
C THR B 578 12.78 33.02 -26.15
N LEU B 579 13.87 32.54 -26.73
CA LEU B 579 14.70 31.57 -26.02
C LEU B 579 15.45 32.20 -24.86
N GLU B 580 14.72 32.54 -23.80
CA GLU B 580 15.30 33.08 -22.58
C GLU B 580 15.09 32.09 -21.44
N ILE B 581 15.82 32.32 -20.35
CA ILE B 581 15.80 31.43 -19.20
C ILE B 581 14.96 32.08 -18.11
N LEU B 582 13.96 31.36 -17.62
CA LEU B 582 13.06 31.83 -16.58
C LEU B 582 13.20 30.96 -15.35
N ASP B 583 13.38 31.58 -14.19
CA ASP B 583 13.38 30.88 -12.93
C ASP B 583 11.96 30.80 -12.39
N ILE B 584 11.58 29.60 -11.96
CA ILE B 584 10.24 29.33 -11.43
C ILE B 584 10.35 29.23 -9.92
N THR B 585 9.53 30.01 -9.21
CA THR B 585 9.55 29.98 -7.75
C THR B 585 8.14 29.73 -7.22
N PRO B 586 8.00 28.97 -6.14
CA PRO B 586 6.69 28.89 -5.48
C PRO B 586 6.24 30.27 -5.05
N CYS B 587 4.94 30.54 -5.18
CA CYS B 587 4.44 31.91 -5.13
C CYS B 587 4.70 32.59 -3.79
N SER B 588 4.02 32.14 -2.74
CA SER B 588 4.27 32.59 -1.38
C SER B 588 3.40 31.77 -0.43
N PHE B 589 3.98 31.26 0.65
CA PHE B 589 3.20 30.47 1.58
C PHE B 589 3.91 30.43 2.93
N GLY B 590 3.15 30.07 3.95
CA GLY B 590 3.72 30.01 5.29
C GLY B 590 2.70 29.47 6.27
N GLY B 591 3.18 29.24 7.49
CA GLY B 591 2.34 28.74 8.55
C GLY B 591 1.69 29.88 9.32
N VAL B 592 0.46 29.64 9.78
CA VAL B 592 -0.30 30.61 10.54
C VAL B 592 -0.74 29.94 11.83
N SER B 593 -0.25 30.45 12.95
CA SER B 593 -0.58 30.01 14.30
C SER B 593 -1.42 31.07 14.99
N VAL B 594 -2.23 30.64 15.95
CA VAL B 594 -3.16 31.53 16.63
C VAL B 594 -2.85 31.51 18.12
N ILE B 595 -2.44 32.66 18.65
CA ILE B 595 -2.23 32.84 20.07
C ILE B 595 -3.55 33.25 20.69
N THR B 596 -4.02 32.49 21.68
CA THR B 596 -5.29 32.79 22.26
C THR B 596 -5.34 32.48 23.75
N PRO B 597 -5.80 33.40 24.58
CA PRO B 597 -6.27 33.01 25.91
C PRO B 597 -7.54 32.18 25.76
N GLY B 598 -7.83 31.39 26.79
CA GLY B 598 -8.96 30.48 26.72
C GLY B 598 -10.25 31.17 26.36
N THR B 599 -11.12 30.49 25.60
CA THR B 599 -12.40 31.08 25.23
C THR B 599 -13.24 31.40 26.44
N ASN B 600 -12.96 30.78 27.60
CA ASN B 600 -13.59 31.19 28.84
C ASN B 600 -13.23 32.63 29.19
N THR B 601 -12.08 33.11 28.75
CA THR B 601 -11.58 34.44 29.11
C THR B 601 -11.90 35.48 28.06
N SER B 602 -11.46 35.29 26.83
CA SER B 602 -11.66 36.30 25.80
C SER B 602 -11.64 35.64 24.43
N ASN B 603 -12.42 36.21 23.51
CA ASN B 603 -12.44 35.76 22.13
C ASN B 603 -11.44 36.50 21.25
N GLN B 604 -10.69 37.44 21.83
CA GLN B 604 -9.67 38.17 21.07
C GLN B 604 -8.43 37.31 20.93
N VAL B 605 -7.89 37.24 19.72
CA VAL B 605 -6.73 36.40 19.43
C VAL B 605 -5.67 37.22 18.71
N ALA B 606 -4.44 36.75 18.81
CA ALA B 606 -3.33 37.25 18.02
C ALA B 606 -2.93 36.19 17.01
N VAL B 607 -2.29 36.61 15.93
CA VAL B 607 -1.91 35.71 14.85
C VAL B 607 -0.41 35.81 14.63
N LEU B 608 0.22 34.67 14.38
CA LEU B 608 1.65 34.60 14.10
C LEU B 608 1.84 33.97 12.73
N TYR B 609 2.36 34.74 11.79
CA TYR B 609 2.78 34.23 10.49
C TYR B 609 4.23 33.82 10.62
N GLN B 610 4.48 32.51 10.55
CA GLN B 610 5.77 31.97 10.94
C GLN B 610 6.81 32.15 9.84
N GLY B 611 7.95 32.71 10.20
CA GLY B 611 9.08 32.76 9.30
C GLY B 611 8.94 33.67 8.11
N VAL B 612 8.07 34.68 8.18
CA VAL B 612 7.94 35.65 7.11
C VAL B 612 8.23 37.03 7.67
N ASN B 613 8.79 37.88 6.81
CA ASN B 613 8.97 39.28 7.12
C ASN B 613 7.60 39.94 7.25
N CYS B 614 7.54 41.04 8.01
CA CYS B 614 6.25 41.69 8.21
C CYS B 614 5.89 42.54 7.00
N THR B 615 6.01 41.95 5.80
CA THR B 615 5.61 42.61 4.56
C THR B 615 4.86 41.71 3.60
N GLU B 616 4.85 40.39 3.82
CA GLU B 616 4.19 39.45 2.92
C GLU B 616 2.84 38.99 3.43
N VAL B 617 2.34 39.59 4.52
CA VAL B 617 1.06 39.18 5.08
C VAL B 617 -0.07 39.50 4.10
N SER B 634 -9.06 40.83 10.04
CA SER B 634 -8.09 39.74 9.99
C SER B 634 -6.69 40.25 10.33
N THR B 635 -6.38 41.45 9.86
CA THR B 635 -5.06 42.05 10.03
C THR B 635 -5.24 43.39 10.75
N GLY B 636 -4.91 43.40 12.05
CA GLY B 636 -4.97 44.63 12.82
C GLY B 636 -3.76 45.52 12.61
N SER B 637 -3.83 46.70 13.20
CA SER B 637 -2.74 47.68 13.08
C SER B 637 -1.78 47.58 14.27
N ASN B 638 -1.42 46.34 14.60
CA ASN B 638 -0.57 46.04 15.72
C ASN B 638 0.51 45.04 15.31
N VAL B 639 1.10 45.26 14.13
CA VAL B 639 2.11 44.34 13.63
C VAL B 639 3.39 44.50 14.44
N PHE B 640 4.07 43.37 14.65
CA PHE B 640 5.32 43.32 15.37
C PHE B 640 6.19 42.25 14.74
N GLN B 641 7.50 42.49 14.70
CA GLN B 641 8.42 41.59 14.02
C GLN B 641 9.24 40.83 15.05
N THR B 642 9.02 39.53 15.16
CA THR B 642 9.83 38.64 15.98
C THR B 642 10.66 37.75 15.08
N ARG B 643 11.73 37.19 15.64
CA ARG B 643 12.55 36.27 14.87
C ARG B 643 11.77 35.02 14.47
N ALA B 644 10.65 34.76 15.11
CA ALA B 644 9.78 33.66 14.74
C ALA B 644 8.79 34.01 13.65
N GLY B 645 8.58 35.28 13.35
CA GLY B 645 7.70 35.65 12.27
C GLY B 645 7.11 37.04 12.49
N CYS B 646 5.88 37.21 12.01
CA CYS B 646 5.15 38.45 12.15
C CYS B 646 3.95 38.23 13.06
N LEU B 647 3.86 39.03 14.11
CA LEU B 647 2.85 38.89 15.15
C LEU B 647 1.86 40.04 15.01
N ILE B 648 0.61 39.71 14.70
CA ILE B 648 -0.45 40.69 14.43
C ILE B 648 -1.48 40.58 15.54
N GLY B 649 -1.81 41.71 16.16
CA GLY B 649 -2.79 41.74 17.22
C GLY B 649 -2.23 41.73 18.62
N ALA B 650 -0.92 41.88 18.79
CA ALA B 650 -0.29 41.92 20.09
C ALA B 650 0.50 43.20 20.24
N GLU B 651 0.28 43.91 21.34
CA GLU B 651 0.96 45.17 21.62
C GLU B 651 2.26 44.89 22.35
N TYR B 652 3.38 45.13 21.69
CA TYR B 652 4.67 44.87 22.31
C TYR B 652 4.91 45.83 23.47
N VAL B 653 5.45 45.31 24.56
CA VAL B 653 5.64 46.05 25.80
C VAL B 653 7.11 45.95 26.19
N ASN B 654 7.71 47.09 26.55
CA ASN B 654 9.10 47.11 26.95
C ASN B 654 9.35 46.39 28.27
N ASN B 655 8.30 46.11 29.04
CA ASN B 655 8.47 45.35 30.26
C ASN B 655 8.71 43.88 29.95
N SER B 656 9.15 43.14 30.96
CA SER B 656 9.38 41.72 30.85
C SER B 656 8.76 41.01 32.05
N TYR B 657 8.03 39.94 31.80
CA TYR B 657 7.42 39.13 32.84
C TYR B 657 7.76 37.67 32.57
N GLU B 658 7.26 36.78 33.42
CA GLU B 658 7.41 35.36 33.18
C GLU B 658 6.66 34.97 31.91
N CYS B 659 7.18 33.97 31.20
CA CYS B 659 6.56 33.54 29.97
C CYS B 659 5.18 32.94 30.25
N ASP B 660 4.17 33.41 29.53
CA ASP B 660 2.82 32.89 29.66
C ASP B 660 2.44 32.01 28.47
N ILE B 661 2.48 32.56 27.26
CA ILE B 661 2.29 31.79 26.04
C ILE B 661 3.56 31.90 25.21
N PRO B 662 4.38 30.84 25.15
CA PRO B 662 5.65 30.94 24.43
C PRO B 662 5.40 31.08 22.92
N ILE B 663 5.94 32.15 22.35
CA ILE B 663 5.84 32.40 20.92
C ILE B 663 7.12 31.99 20.21
N GLY B 664 8.26 32.38 20.74
CA GLY B 664 9.53 31.88 20.22
C GLY B 664 10.61 32.94 20.20
N ALA B 665 11.86 32.48 20.16
CA ALA B 665 13.03 33.35 20.11
C ALA B 665 13.05 34.33 21.26
N GLY B 666 12.58 33.90 22.42
CA GLY B 666 12.53 34.74 23.59
C GLY B 666 11.33 35.64 23.73
N ILE B 667 10.40 35.59 22.78
CA ILE B 667 9.19 36.41 22.84
C ILE B 667 8.04 35.55 23.33
N CYS B 668 7.32 36.04 24.33
CA CYS B 668 6.15 35.41 24.90
C CYS B 668 4.97 36.37 24.81
N ALA B 669 3.76 35.83 24.98
CA ALA B 669 2.55 36.61 24.93
C ALA B 669 1.68 36.30 26.13
N SER B 670 0.91 37.30 26.57
CA SER B 670 0.00 37.14 27.69
C SER B 670 -1.24 37.97 27.44
N TYR B 671 -2.22 37.80 28.32
CA TYR B 671 -3.49 38.54 28.25
C TYR B 671 -3.59 39.37 29.53
N GLN B 672 -3.29 40.66 29.43
CA GLN B 672 -3.24 41.52 30.60
C GLN B 672 -3.85 42.88 30.28
N THR B 673 -4.22 43.60 31.33
CA THR B 673 -4.84 44.92 31.21
C THR B 673 -3.90 45.92 30.54
N SER B 686 -10.14 46.82 30.52
CA SER B 686 -9.37 47.10 29.32
C SER B 686 -8.21 46.12 29.17
N GLN B 687 -8.54 44.85 28.97
CA GLN B 687 -7.53 43.81 28.81
C GLN B 687 -7.26 43.57 27.33
N SER B 688 -6.00 43.21 27.04
CA SER B 688 -5.56 42.97 25.67
C SER B 688 -4.38 42.01 25.70
N ILE B 689 -4.04 41.51 24.53
CA ILE B 689 -2.93 40.57 24.37
C ILE B 689 -1.65 41.37 24.15
N ILE B 690 -0.66 41.14 25.00
CA ILE B 690 0.62 41.84 24.92
C ILE B 690 1.71 40.83 24.65
N ALA B 691 2.77 41.29 23.98
CA ALA B 691 3.94 40.49 23.68
C ALA B 691 5.16 41.14 24.31
N TYR B 692 6.05 40.32 24.85
CA TYR B 692 7.16 40.83 25.63
C TYR B 692 8.31 39.83 25.61
N THR B 693 9.50 40.32 25.91
CA THR B 693 10.63 39.43 26.14
C THR B 693 10.48 38.76 27.49
N MET B 694 10.63 37.44 27.52
CA MET B 694 10.46 36.71 28.78
C MET B 694 11.55 37.12 29.77
N SER B 695 11.23 37.02 31.05
CA SER B 695 12.14 37.39 32.12
C SER B 695 12.73 36.13 32.75
N LEU B 696 14.04 36.07 32.82
CA LEU B 696 14.70 34.93 33.45
C LEU B 696 14.62 34.98 34.96
N GLY B 697 14.57 36.17 35.54
CA GLY B 697 14.48 36.32 36.97
C GLY B 697 15.05 37.65 37.42
N ALA B 698 14.81 37.96 38.68
CA ALA B 698 15.32 39.20 39.24
C ALA B 698 16.82 39.12 39.45
N GLU B 699 17.53 40.16 39.01
CA GLU B 699 18.97 40.21 39.21
C GLU B 699 19.30 40.32 40.68
N ASN B 700 20.45 39.75 41.06
CA ASN B 700 20.84 39.71 42.46
C ASN B 700 22.34 39.52 42.54
N LEU B 701 23.07 40.55 42.97
CA LEU B 701 24.51 40.45 43.10
C LEU B 701 24.86 40.07 44.54
N VAL B 702 25.74 39.08 44.67
CA VAL B 702 26.12 38.59 45.99
C VAL B 702 27.22 39.49 46.55
N ALA B 703 27.04 39.93 47.80
CA ALA B 703 28.00 40.82 48.43
C ALA B 703 29.25 40.05 48.84
N TYR B 704 30.11 39.74 47.87
CA TYR B 704 31.27 38.89 48.10
C TYR B 704 32.49 39.72 48.45
N SER B 705 33.24 39.24 49.43
CA SER B 705 34.57 39.75 49.76
C SER B 705 35.31 38.63 50.48
N ASN B 706 36.61 38.84 50.69
CA ASN B 706 37.46 37.76 51.18
C ASN B 706 37.48 37.63 52.69
N ASN B 707 36.73 38.45 53.42
CA ASN B 707 36.59 38.28 54.86
C ASN B 707 35.15 38.50 55.28
N SER B 708 34.20 38.02 54.48
CA SER B 708 32.78 38.18 54.80
C SER B 708 32.05 36.89 54.49
N ILE B 709 31.34 36.37 55.48
CA ILE B 709 30.55 35.15 55.32
C ILE B 709 29.15 35.39 55.86
N ALA B 710 28.15 34.92 55.14
CA ALA B 710 26.76 35.01 55.56
C ALA B 710 26.36 33.66 56.14
N ILE B 711 25.93 33.67 57.40
CA ILE B 711 25.57 32.44 58.11
C ILE B 711 24.12 32.55 58.55
N PRO B 712 23.28 31.55 58.28
CA PRO B 712 21.88 31.62 58.71
C PRO B 712 21.73 31.49 60.21
N THR B 713 20.68 32.12 60.73
CA THR B 713 20.39 32.10 62.15
C THR B 713 19.05 31.45 62.46
N ASN B 714 18.34 30.96 61.46
CA ASN B 714 17.04 30.33 61.63
C ASN B 714 16.83 29.38 60.46
N PHE B 715 15.73 28.65 60.48
CA PHE B 715 15.49 27.67 59.45
C PHE B 715 14.00 27.59 59.14
N THR B 716 13.67 26.75 58.17
CA THR B 716 12.31 26.54 57.72
C THR B 716 12.18 25.09 57.27
N ILE B 717 11.14 24.41 57.73
CA ILE B 717 10.88 23.04 57.33
C ILE B 717 9.84 23.09 56.22
N SER B 718 10.27 22.81 54.99
CA SER B 718 9.39 22.88 53.83
C SER B 718 8.93 21.49 53.44
N VAL B 719 7.70 21.41 52.95
CA VAL B 719 7.14 20.16 52.42
C VAL B 719 6.73 20.43 50.98
N THR B 720 7.51 19.92 50.04
CA THR B 720 7.24 20.03 48.62
C THR B 720 6.48 18.79 48.14
N THR B 721 5.86 18.91 46.97
CA THR B 721 5.11 17.82 46.37
C THR B 721 5.68 17.52 45.00
N GLU B 722 5.95 16.24 44.73
CA GLU B 722 6.45 15.80 43.44
C GLU B 722 5.58 14.67 42.91
N ILE B 723 5.03 14.87 41.70
CA ILE B 723 4.12 13.92 41.09
C ILE B 723 4.87 13.19 39.98
N LEU B 724 4.79 11.86 39.98
CA LEU B 724 5.50 11.04 39.00
C LEU B 724 4.56 9.98 38.44
N PRO B 725 4.36 9.94 37.12
CA PRO B 725 3.63 8.81 36.53
C PRO B 725 4.38 7.50 36.75
N VAL B 726 3.62 6.42 36.86
CA VAL B 726 4.17 5.09 37.09
C VAL B 726 3.73 4.11 36.01
N SER B 727 2.44 4.00 35.77
CA SER B 727 1.90 3.08 34.78
C SER B 727 0.91 3.82 33.89
N MET B 728 0.51 3.17 32.81
CA MET B 728 -0.51 3.71 31.94
C MET B 728 -1.58 2.65 31.71
N THR B 729 -2.50 2.95 30.79
CA THR B 729 -3.64 2.08 30.56
C THR B 729 -3.21 0.83 29.79
N LYS B 730 -3.63 -0.33 30.28
CA LYS B 730 -3.41 -1.59 29.59
C LYS B 730 -4.50 -1.77 28.56
N THR B 731 -4.17 -1.67 27.28
CA THR B 731 -5.14 -1.81 26.22
C THR B 731 -4.88 -3.08 25.43
N SER B 732 -5.97 -3.67 24.95
CA SER B 732 -5.93 -4.86 24.11
C SER B 732 -6.75 -4.58 22.86
N VAL B 733 -6.26 -5.04 21.72
CA VAL B 733 -6.92 -4.81 20.44
C VAL B 733 -7.16 -6.16 19.78
N ASP B 734 -8.38 -6.37 19.31
CA ASP B 734 -8.73 -7.53 18.51
C ASP B 734 -8.50 -7.15 17.05
N CYS B 735 -7.44 -7.69 16.46
CA CYS B 735 -7.06 -7.31 15.10
C CYS B 735 -8.17 -7.66 14.10
N THR B 736 -8.71 -8.87 14.20
CA THR B 736 -9.75 -9.29 13.26
C THR B 736 -11.02 -8.48 13.45
N MET B 737 -11.42 -8.23 14.70
CA MET B 737 -12.65 -7.49 14.95
C MET B 737 -12.50 -6.02 14.53
N TYR B 738 -11.33 -5.43 14.74
CA TYR B 738 -11.12 -4.05 14.35
C TYR B 738 -11.07 -3.91 12.83
N ILE B 739 -10.34 -4.80 12.16
CA ILE B 739 -10.13 -4.66 10.72
C ILE B 739 -11.32 -5.23 9.94
N CYS B 740 -11.84 -6.38 10.36
CA CYS B 740 -12.83 -7.14 9.61
C CYS B 740 -13.97 -7.58 10.51
N GLY B 741 -14.63 -6.63 11.15
CA GLY B 741 -15.67 -6.98 12.11
C GLY B 741 -16.80 -7.80 11.54
N ASP B 742 -16.87 -9.07 11.92
CA ASP B 742 -17.93 -9.99 11.49
C ASP B 742 -18.03 -10.05 9.96
N SER B 743 -16.94 -10.48 9.34
CA SER B 743 -16.90 -10.61 7.88
C SER B 743 -15.92 -11.72 7.52
N THR B 744 -16.43 -12.78 6.89
CA THR B 744 -15.58 -13.92 6.57
C THR B 744 -14.66 -13.63 5.39
N GLU B 745 -15.17 -12.91 4.38
CA GLU B 745 -14.34 -12.60 3.21
C GLU B 745 -13.16 -11.73 3.60
N CYS B 746 -13.41 -10.71 4.42
CA CYS B 746 -12.33 -9.85 4.89
C CYS B 746 -11.33 -10.62 5.73
N SER B 747 -11.81 -11.54 6.57
CA SER B 747 -10.91 -12.36 7.39
C SER B 747 -10.02 -13.24 6.51
N ASN B 748 -10.61 -13.86 5.48
CA ASN B 748 -9.84 -14.71 4.59
C ASN B 748 -8.81 -13.90 3.82
N LEU B 749 -9.16 -12.69 3.40
CA LEU B 749 -8.18 -11.84 2.75
C LEU B 749 -7.12 -11.34 3.71
N LEU B 750 -7.48 -11.20 5.00
CA LEU B 750 -6.52 -10.74 6.00
C LEU B 750 -5.51 -11.81 6.34
N LEU B 751 -5.89 -13.08 6.22
CA LEU B 751 -4.91 -14.15 6.43
C LEU B 751 -3.74 -14.06 5.47
N GLN B 752 -3.91 -13.38 4.33
CA GLN B 752 -2.83 -13.26 3.35
C GLN B 752 -1.68 -12.41 3.85
N TYR B 753 -1.97 -11.40 4.67
CA TYR B 753 -0.97 -10.43 5.08
C TYR B 753 -0.05 -10.93 6.18
N GLY B 754 -0.01 -12.24 6.39
CA GLY B 754 0.98 -12.80 7.29
C GLY B 754 0.63 -12.64 8.75
N SER B 755 1.64 -12.36 9.57
CA SER B 755 1.49 -12.32 11.01
C SER B 755 1.72 -10.92 11.56
N PHE B 756 1.17 -9.91 10.88
CA PHE B 756 1.19 -8.57 11.43
C PHE B 756 0.33 -8.49 12.69
N CYS B 757 -0.85 -9.12 12.65
CA CYS B 757 -1.75 -9.07 13.79
C CYS B 757 -1.15 -9.77 15.01
N THR B 758 -0.46 -10.89 14.81
CA THR B 758 0.13 -11.60 15.94
C THR B 758 1.19 -10.76 16.63
N GLN B 759 2.02 -10.04 15.86
CA GLN B 759 3.03 -9.23 16.52
C GLN B 759 2.46 -7.93 17.10
N LEU B 760 1.37 -7.39 16.53
CA LEU B 760 0.69 -6.29 17.21
C LEU B 760 0.14 -6.74 18.55
N LYS B 761 -0.49 -7.92 18.58
CA LYS B 761 -1.00 -8.47 19.83
C LYS B 761 0.13 -8.75 20.82
N ARG B 762 1.25 -9.27 20.33
CA ARG B 762 2.39 -9.54 21.20
C ARG B 762 2.96 -8.25 21.79
N ALA B 763 3.05 -7.20 20.99
CA ALA B 763 3.53 -5.91 21.50
C ALA B 763 2.60 -5.34 22.55
N LEU B 764 1.29 -5.42 22.31
CA LEU B 764 0.34 -4.91 23.29
C LEU B 764 0.41 -5.70 24.58
N THR B 765 0.54 -7.02 24.49
CA THR B 765 0.66 -7.84 25.70
C THR B 765 1.94 -7.52 26.45
N GLY B 766 3.04 -7.27 25.72
CA GLY B 766 4.27 -6.89 26.38
C GLY B 766 4.12 -5.60 27.16
N ILE B 767 3.48 -4.60 26.56
CA ILE B 767 3.23 -3.34 27.27
C ILE B 767 2.36 -3.59 28.49
N ALA B 768 1.33 -4.43 28.34
CA ALA B 768 0.42 -4.70 29.45
C ALA B 768 1.15 -5.34 30.63
N VAL B 769 2.03 -6.29 30.37
CA VAL B 769 2.82 -6.89 31.45
C VAL B 769 3.78 -5.87 32.04
N GLU B 770 4.36 -5.02 31.18
CA GLU B 770 5.32 -4.03 31.66
C GLU B 770 4.68 -3.06 32.64
N GLN B 771 3.41 -2.72 32.43
CA GLN B 771 2.75 -1.76 33.33
C GLN B 771 2.65 -2.32 34.75
N ASP B 772 2.25 -3.58 34.88
CA ASP B 772 2.19 -4.20 36.20
C ASP B 772 3.58 -4.34 36.80
N LYS B 773 4.59 -4.63 35.98
CA LYS B 773 5.95 -4.66 36.49
C LYS B 773 6.36 -3.29 37.04
N ASN B 774 5.99 -2.21 36.35
CA ASN B 774 6.31 -0.87 36.82
C ASN B 774 5.68 -0.60 38.18
N THR B 775 4.38 -0.91 38.30
CA THR B 775 3.70 -0.66 39.57
C THR B 775 4.33 -1.48 40.70
N GLN B 776 4.64 -2.75 40.42
CA GLN B 776 5.24 -3.61 41.43
C GLN B 776 6.59 -3.08 41.87
N GLU B 777 7.40 -2.61 40.92
CA GLU B 777 8.72 -2.10 41.27
C GLU B 777 8.62 -0.83 42.11
N VAL B 778 7.72 0.08 41.75
CA VAL B 778 7.65 1.34 42.49
C VAL B 778 7.13 1.10 43.91
N PHE B 779 6.05 0.32 44.05
CA PHE B 779 5.37 0.25 45.34
C PHE B 779 5.77 -0.94 46.20
N ALA B 780 5.90 -2.14 45.60
CA ALA B 780 6.17 -3.34 46.39
C ALA B 780 7.66 -3.45 46.74
N GLN B 781 8.15 -2.41 47.42
CA GLN B 781 9.54 -2.35 47.88
C GLN B 781 9.67 -2.70 49.35
N VAL B 782 8.59 -3.10 50.00
CA VAL B 782 8.59 -3.41 51.43
C VAL B 782 8.26 -4.88 51.59
N LYS B 783 9.04 -5.58 52.43
CA LYS B 783 8.86 -7.01 52.58
C LYS B 783 7.64 -7.36 53.45
N GLN B 784 7.31 -6.52 54.43
CA GLN B 784 6.21 -6.78 55.33
C GLN B 784 5.27 -5.59 55.32
N ILE B 785 4.01 -5.84 55.65
CA ILE B 785 3.00 -4.78 55.74
C ILE B 785 3.08 -4.23 57.14
N TYR B 786 3.87 -3.17 57.31
CA TYR B 786 4.06 -2.54 58.61
C TYR B 786 2.82 -1.75 59.00
N LYS B 787 2.69 -1.50 60.30
CA LYS B 787 1.62 -0.65 60.80
C LYS B 787 2.01 -0.09 62.15
N THR B 788 1.57 1.14 62.42
CA THR B 788 1.90 1.86 63.64
C THR B 788 1.01 1.40 64.79
N PRO B 789 1.49 1.53 66.02
CA PRO B 789 0.62 1.28 67.17
C PRO B 789 -0.46 2.35 67.28
N PRO B 790 -1.54 2.08 68.02
CA PRO B 790 -2.64 3.06 68.08
C PRO B 790 -2.24 4.41 68.64
N ILE B 791 -1.19 4.49 69.47
CA ILE B 791 -0.74 5.78 69.99
C ILE B 791 -0.07 6.57 68.86
N LYS B 792 -0.43 7.85 68.76
CA LYS B 792 -0.01 8.68 67.64
C LYS B 792 0.77 9.91 68.11
N TYR B 793 1.58 9.75 69.15
CA TYR B 793 2.46 10.84 69.59
C TYR B 793 3.81 10.64 68.91
N PHE B 794 3.94 11.19 67.71
CA PHE B 794 5.19 11.15 66.97
C PHE B 794 5.99 12.44 67.18
N GLY B 795 6.31 12.69 68.44
CA GLY B 795 7.13 13.84 68.80
C GLY B 795 6.52 15.18 68.47
N GLY B 796 5.19 15.27 68.45
CA GLY B 796 4.52 16.51 68.12
C GLY B 796 4.18 16.69 66.66
N PHE B 797 4.71 15.85 65.78
CA PHE B 797 4.38 15.91 64.37
C PHE B 797 3.01 15.29 64.12
N ASN B 798 2.29 15.84 63.16
CA ASN B 798 0.90 15.46 62.91
C ASN B 798 0.83 14.72 61.58
N PHE B 799 0.79 13.40 61.65
CA PHE B 799 0.72 12.55 60.47
C PHE B 799 -0.70 12.04 60.19
N SER B 800 -1.71 12.60 60.85
CA SER B 800 -3.06 12.10 60.69
C SER B 800 -3.60 12.28 59.28
N GLN B 801 -3.07 13.25 58.52
CA GLN B 801 -3.56 13.50 57.18
C GLN B 801 -2.96 12.58 56.13
N ILE B 802 -1.89 11.86 56.45
CA ILE B 802 -1.28 10.93 55.52
C ILE B 802 -1.43 9.47 55.95
N LEU B 803 -1.74 9.21 57.21
CA LEU B 803 -2.04 7.86 57.66
C LEU B 803 -3.47 7.47 57.26
N PRO B 804 -3.73 6.18 57.07
CA PRO B 804 -5.05 5.76 56.60
C PRO B 804 -6.16 6.09 57.58
N ASP B 805 -7.36 6.30 57.04
CA ASP B 805 -8.56 6.50 57.85
C ASP B 805 -9.41 5.25 57.81
N PRO B 806 -9.61 4.54 58.92
CA PRO B 806 -10.42 3.31 58.90
C PRO B 806 -11.89 3.56 58.59
N SER B 807 -12.37 4.79 58.76
CA SER B 807 -13.79 5.07 58.51
C SER B 807 -14.16 4.82 57.06
N LYS B 808 -13.30 5.20 56.14
CA LYS B 808 -13.58 5.03 54.73
C LYS B 808 -13.59 3.55 54.34
N PRO B 809 -14.36 3.18 53.31
CA PRO B 809 -14.32 1.78 52.85
C PRO B 809 -12.92 1.37 52.43
N SER B 810 -12.35 2.09 51.47
CA SER B 810 -10.94 1.92 51.13
C SER B 810 -10.09 2.68 52.15
N LYS B 811 -9.09 2.00 52.70
CA LYS B 811 -8.29 2.56 53.78
C LYS B 811 -7.22 3.52 53.24
N ARG B 812 -7.68 4.50 52.48
CA ARG B 812 -6.82 5.57 51.99
C ARG B 812 -6.78 6.70 53.00
N SER B 813 -5.83 7.61 52.79
CA SER B 813 -5.67 8.76 53.65
C SER B 813 -6.46 9.94 53.11
N PHE B 814 -6.41 11.06 53.83
CA PHE B 814 -7.07 12.27 53.37
C PHE B 814 -6.46 12.79 52.07
N ILE B 815 -5.14 12.93 52.05
CA ILE B 815 -4.47 13.47 50.88
C ILE B 815 -4.58 12.50 49.71
N GLU B 816 -4.52 11.20 49.97
CA GLU B 816 -4.70 10.23 48.90
C GLU B 816 -6.08 10.34 48.28
N ASP B 817 -7.11 10.57 49.09
CA ASP B 817 -8.44 10.75 48.56
C ASP B 817 -8.55 12.02 47.73
N LEU B 818 -7.92 13.11 48.18
CA LEU B 818 -7.89 14.32 47.36
C LEU B 818 -7.22 14.05 46.02
N LEU B 819 -6.10 13.32 46.03
CA LEU B 819 -5.39 13.01 44.80
C LEU B 819 -6.24 12.16 43.87
N PHE B 820 -6.97 11.20 44.42
CA PHE B 820 -7.84 10.37 43.59
C PHE B 820 -9.01 11.17 43.04
N ASN B 821 -9.49 12.16 43.78
CA ASN B 821 -10.56 13.01 43.25
C ASN B 821 -10.06 13.95 42.16
N LYS B 822 -8.79 14.36 42.23
CA LYS B 822 -8.27 15.30 41.25
C LYS B 822 -8.02 14.68 39.87
N VAL B 823 -8.00 13.36 39.76
CA VAL B 823 -7.76 12.68 38.49
C VAL B 823 -8.96 11.79 38.19
N THR B 824 -9.54 11.96 37.01
CA THR B 824 -10.67 11.17 36.57
C THR B 824 -10.20 10.17 35.51
N LEU B 825 -10.64 8.93 35.65
CA LEU B 825 -10.24 7.84 34.76
C LEU B 825 -11.30 7.60 33.71
N ALA B 826 -10.88 7.55 32.44
CA ALA B 826 -11.81 7.27 31.36
C ALA B 826 -12.37 5.85 31.48
N ASP B 827 -11.52 4.87 31.77
CA ASP B 827 -11.96 3.50 31.93
C ASP B 827 -10.95 2.77 32.80
N ALA B 828 -11.46 2.04 33.80
CA ALA B 828 -10.62 1.28 34.71
C ALA B 828 -10.47 -0.18 34.29
N GLY B 829 -11.06 -0.57 33.17
CA GLY B 829 -10.98 -1.93 32.68
C GLY B 829 -11.95 -2.89 33.33
N PHE B 830 -12.76 -2.44 34.28
CA PHE B 830 -13.65 -3.33 35.01
C PHE B 830 -14.80 -3.78 34.10
N ILE B 831 -15.70 -4.59 34.69
CA ILE B 831 -16.78 -5.19 33.91
C ILE B 831 -17.76 -4.12 33.49
N LYS B 832 -18.08 -4.10 32.20
CA LYS B 832 -19.08 -3.20 31.64
C LYS B 832 -20.26 -4.05 31.17
N GLN B 833 -21.35 -4.00 31.91
CA GLN B 833 -22.52 -4.80 31.58
C GLN B 833 -23.21 -4.25 30.33
N TYR B 834 -24.16 -5.02 29.81
CA TYR B 834 -24.91 -4.65 28.63
C TYR B 834 -25.65 -3.32 28.81
N ASP B 845 -21.73 6.31 23.89
CA ASP B 845 -20.48 6.64 24.56
C ASP B 845 -19.31 6.56 23.61
N LEU B 846 -18.17 7.08 24.04
CA LEU B 846 -16.91 6.92 23.31
C LEU B 846 -16.22 5.61 23.63
N ILE B 847 -16.75 4.84 24.56
CA ILE B 847 -16.15 3.60 25.00
C ILE B 847 -16.91 2.38 24.47
N CYS B 848 -18.23 2.48 24.36
CA CYS B 848 -18.99 1.41 23.73
C CYS B 848 -18.57 1.23 22.27
N ALA B 849 -18.33 2.33 21.58
CA ALA B 849 -17.83 2.25 20.20
C ALA B 849 -16.46 1.57 20.17
N GLN B 850 -15.60 1.88 21.14
CA GLN B 850 -14.31 1.20 21.22
C GLN B 850 -14.48 -0.29 21.47
N LYS B 851 -15.36 -0.65 22.40
CA LYS B 851 -15.54 -2.05 22.75
C LYS B 851 -16.10 -2.85 21.58
N PHE B 852 -17.07 -2.28 20.86
CA PHE B 852 -17.67 -2.98 19.73
C PHE B 852 -16.71 -3.13 18.56
N ASN B 853 -15.62 -2.37 18.53
CA ASN B 853 -14.64 -2.46 17.46
C ASN B 853 -13.37 -3.17 17.88
N GLY B 854 -13.39 -3.89 18.99
CA GLY B 854 -12.27 -4.72 19.38
C GLY B 854 -11.24 -4.08 20.28
N LEU B 855 -11.46 -2.85 20.73
CA LEU B 855 -10.53 -2.16 21.61
C LEU B 855 -11.07 -2.21 23.04
N THR B 856 -10.34 -2.89 23.91
CA THR B 856 -10.77 -3.04 25.30
C THR B 856 -9.62 -2.66 26.22
N VAL B 857 -9.95 -2.44 27.50
CA VAL B 857 -8.98 -2.06 28.51
C VAL B 857 -8.97 -3.14 29.59
N LEU B 858 -7.79 -3.60 29.95
CA LEU B 858 -7.55 -4.63 30.95
C LEU B 858 -7.33 -4.00 32.33
N PRO B 859 -7.92 -4.55 33.38
CA PRO B 859 -7.74 -3.97 34.70
C PRO B 859 -6.33 -4.22 35.22
N PRO B 860 -5.77 -3.27 35.97
CA PRO B 860 -4.43 -3.49 36.53
C PRO B 860 -4.45 -4.59 37.58
N LEU B 861 -3.30 -5.25 37.71
CA LEU B 861 -3.19 -6.39 38.63
C LEU B 861 -3.33 -5.95 40.08
N LEU B 862 -2.68 -4.85 40.46
CA LEU B 862 -2.75 -4.34 41.82
C LEU B 862 -3.90 -3.34 41.90
N THR B 863 -4.91 -3.66 42.71
CA THR B 863 -6.01 -2.73 42.89
C THR B 863 -5.54 -1.50 43.65
N ASP B 864 -6.36 -0.46 43.63
CA ASP B 864 -6.04 0.76 44.37
C ASP B 864 -5.95 0.49 45.86
N GLU B 865 -6.72 -0.48 46.36
CA GLU B 865 -6.63 -0.82 47.77
C GLU B 865 -5.28 -1.45 48.12
N MET B 866 -4.76 -2.31 47.23
CA MET B 866 -3.44 -2.88 47.46
C MET B 866 -2.33 -1.83 47.39
N ILE B 867 -2.45 -0.89 46.45
CA ILE B 867 -1.48 0.21 46.37
C ILE B 867 -1.54 1.05 47.64
N ALA B 868 -2.75 1.31 48.14
CA ALA B 868 -2.90 2.06 49.38
C ALA B 868 -2.28 1.32 50.56
N GLN B 869 -2.46 0.00 50.61
CA GLN B 869 -1.86 -0.79 51.67
C GLN B 869 -0.34 -0.73 51.58
N TYR B 870 0.20 -0.80 50.37
CA TYR B 870 1.66 -0.71 50.20
C TYR B 870 2.19 0.63 50.68
N THR B 871 1.53 1.72 50.28
CA THR B 871 1.99 3.03 50.72
C THR B 871 1.82 3.21 52.23
N SER B 872 0.78 2.61 52.81
CA SER B 872 0.62 2.65 54.26
C SER B 872 1.73 1.90 54.96
N ALA B 873 2.14 0.75 54.42
CA ALA B 873 3.27 0.01 54.99
C ALA B 873 4.55 0.83 54.91
N LEU B 874 4.81 1.44 53.75
CA LEU B 874 6.00 2.28 53.61
C LEU B 874 5.98 3.44 54.60
N LEU B 875 4.83 4.10 54.73
CA LEU B 875 4.72 5.25 55.63
C LEU B 875 4.90 4.84 57.09
N ALA B 876 4.26 3.74 57.50
CA ALA B 876 4.38 3.29 58.88
C ALA B 876 5.81 2.88 59.21
N GLY B 877 6.48 2.19 58.27
CA GLY B 877 7.88 1.87 58.47
C GLY B 877 8.74 3.10 58.61
N THR B 878 8.53 4.09 57.74
CA THR B 878 9.32 5.32 57.80
C THR B 878 9.12 6.04 59.12
N ILE B 879 7.88 6.12 59.60
CA ILE B 879 7.59 6.87 60.80
C ILE B 879 8.14 6.16 62.03
N THR B 880 7.91 4.85 62.14
CA THR B 880 8.25 4.15 63.37
C THR B 880 9.66 3.56 63.38
N SER B 881 10.40 3.59 62.26
CA SER B 881 11.70 2.96 62.24
C SER B 881 12.78 3.73 61.51
N GLY B 882 12.50 4.93 61.00
CA GLY B 882 13.52 5.67 60.27
C GLY B 882 13.85 4.99 58.95
N TRP B 883 15.14 4.84 58.67
CA TRP B 883 15.60 4.16 57.46
C TRP B 883 16.02 2.72 57.74
N THR B 884 15.76 2.22 58.95
CA THR B 884 16.25 0.91 59.34
C THR B 884 15.47 -0.22 58.67
N PHE B 885 14.22 0.04 58.27
CA PHE B 885 13.42 -1.01 57.65
C PHE B 885 13.82 -1.26 56.20
N GLY B 886 14.51 -0.32 55.56
CA GLY B 886 14.95 -0.55 54.20
C GLY B 886 16.20 -1.40 54.09
N ALA B 887 16.92 -1.59 55.19
CA ALA B 887 18.13 -2.40 55.22
C ALA B 887 17.85 -3.81 55.71
N GLY B 888 17.32 -3.95 56.92
CA GLY B 888 16.97 -5.25 57.47
C GLY B 888 15.60 -5.23 58.11
N ALA B 889 15.51 -5.77 59.33
CA ALA B 889 14.27 -5.68 60.08
C ALA B 889 14.07 -4.28 60.63
N ALA B 890 12.80 -3.87 60.73
CA ALA B 890 12.50 -2.54 61.25
C ALA B 890 12.87 -2.44 62.72
N LEU B 891 13.57 -1.37 63.08
CA LEU B 891 14.01 -1.13 64.44
C LEU B 891 13.33 0.13 64.94
N GLN B 892 12.50 0.00 65.98
CA GLN B 892 11.75 1.13 66.47
C GLN B 892 12.68 2.19 67.04
N ILE B 893 12.26 3.45 66.91
CA ILE B 893 13.02 4.58 67.43
C ILE B 893 12.07 5.75 67.59
N PRO B 894 12.14 6.51 68.69
CA PRO B 894 11.24 7.66 68.85
C PRO B 894 11.45 8.65 67.72
N PHE B 895 10.35 9.28 67.28
CA PHE B 895 10.43 10.15 66.11
C PHE B 895 11.31 11.37 66.37
N ALA B 896 11.38 11.84 67.62
CA ALA B 896 12.29 12.94 67.92
C ALA B 896 13.73 12.52 67.70
N MET B 897 14.10 11.30 68.09
CA MET B 897 15.47 10.84 67.89
C MET B 897 15.74 10.55 66.40
N GLN B 898 14.75 10.04 65.68
CA GLN B 898 14.92 9.86 64.24
C GLN B 898 15.15 11.19 63.56
N MET B 899 14.38 12.21 63.93
CA MET B 899 14.57 13.53 63.35
C MET B 899 15.90 14.13 63.76
N ALA B 900 16.39 13.82 64.96
CA ALA B 900 17.73 14.25 65.35
C ALA B 900 18.79 13.64 64.44
N TYR B 901 18.64 12.35 64.12
CA TYR B 901 19.54 11.72 63.16
C TYR B 901 19.46 12.39 61.80
N ARG B 902 18.23 12.68 61.35
CA ARG B 902 18.06 13.35 60.06
C ARG B 902 18.74 14.71 60.04
N PHE B 903 18.65 15.45 61.15
CA PHE B 903 19.33 16.74 61.25
C PHE B 903 20.85 16.55 61.25
N ASN B 904 21.35 15.53 61.93
CA ASN B 904 22.78 15.24 61.89
C ASN B 904 23.23 14.90 60.48
N GLY B 905 22.33 14.34 59.67
CA GLY B 905 22.70 13.91 58.33
C GLY B 905 22.91 15.03 57.33
N ILE B 906 22.51 16.26 57.68
CA ILE B 906 22.71 17.41 56.80
C ILE B 906 23.70 18.41 57.38
N GLY B 907 24.38 18.06 58.46
CA GLY B 907 25.41 18.91 59.02
C GLY B 907 24.98 19.82 60.15
N VAL B 908 23.81 19.60 60.74
CA VAL B 908 23.32 20.39 61.87
C VAL B 908 23.31 19.49 63.09
N THR B 909 23.86 19.98 64.20
CA THR B 909 23.92 19.21 65.42
C THR B 909 22.51 18.93 65.95
N GLN B 910 22.38 17.81 66.66
CA GLN B 910 21.06 17.37 67.11
C GLN B 910 20.48 18.26 68.21
N ASN B 911 21.31 18.98 68.95
CA ASN B 911 20.77 19.86 69.97
C ASN B 911 19.94 20.98 69.36
N VAL B 912 20.16 21.31 68.09
CA VAL B 912 19.29 22.25 67.40
C VAL B 912 17.87 21.70 67.31
N LEU B 913 17.75 20.43 66.91
CA LEU B 913 16.44 19.81 66.84
C LEU B 913 15.80 19.68 68.22
N TYR B 914 16.59 19.26 69.21
CA TYR B 914 16.01 19.04 70.54
C TYR B 914 15.59 20.34 71.21
N GLU B 915 16.29 21.44 70.94
CA GLU B 915 15.95 22.72 71.54
C GLU B 915 14.96 23.52 70.72
N ASN B 916 14.59 23.04 69.53
CA ASN B 916 13.59 23.69 68.70
C ASN B 916 12.55 22.67 68.22
N GLN B 917 12.22 21.69 69.06
CA GLN B 917 11.34 20.61 68.64
C GLN B 917 9.94 21.12 68.33
N LYS B 918 9.38 21.96 69.20
CA LYS B 918 8.02 22.43 69.02
C LYS B 918 7.90 23.30 67.78
N LEU B 919 8.87 24.18 67.55
CA LEU B 919 8.84 25.03 66.37
C LEU B 919 8.90 24.20 65.09
N ILE B 920 9.76 23.18 65.06
CA ILE B 920 9.87 22.32 63.89
C ILE B 920 8.57 21.55 63.67
N ALA B 921 7.97 21.03 64.74
CA ALA B 921 6.70 20.33 64.62
C ALA B 921 5.62 21.25 64.07
N ASN B 922 5.57 22.49 64.56
CA ASN B 922 4.58 23.44 64.07
C ASN B 922 4.79 23.78 62.60
N GLN B 923 6.05 23.97 62.20
CA GLN B 923 6.34 24.26 60.80
C GLN B 923 5.94 23.10 59.90
N PHE B 924 6.22 21.87 60.34
CA PHE B 924 5.79 20.71 59.57
C PHE B 924 4.28 20.63 59.45
N ASN B 925 3.57 20.88 60.56
CA ASN B 925 2.11 20.83 60.52
C ASN B 925 1.55 21.90 59.59
N SER B 926 2.11 23.10 59.64
CA SER B 926 1.66 24.17 58.74
C SER B 926 1.91 23.81 57.28
N ALA B 927 3.07 23.21 56.99
CA ALA B 927 3.35 22.82 55.61
C ALA B 927 2.40 21.74 55.13
N ILE B 928 2.09 20.76 55.98
CA ILE B 928 1.13 19.72 55.60
C ILE B 928 -0.25 20.33 55.37
N GLY B 929 -0.65 21.27 56.22
CA GLY B 929 -1.92 21.94 56.01
C GLY B 929 -1.97 22.71 54.70
N LYS B 930 -0.88 23.40 54.37
CA LYS B 930 -0.83 24.12 53.10
C LYS B 930 -0.89 23.15 51.92
N ILE B 931 -0.26 21.98 52.06
CA ILE B 931 -0.37 20.96 51.02
C ILE B 931 -1.82 20.52 50.85
N GLN B 932 -2.52 20.31 51.97
CA GLN B 932 -3.94 19.95 51.88
C GLN B 932 -4.73 21.03 51.15
N ASP B 933 -4.51 22.29 51.53
CA ASP B 933 -5.26 23.39 50.91
C ASP B 933 -4.98 23.48 49.42
N SER B 934 -3.70 23.35 49.03
CA SER B 934 -3.37 23.43 47.61
C SER B 934 -3.97 22.27 46.83
N LEU B 935 -3.91 21.06 47.37
CA LEU B 935 -4.46 19.91 46.66
C LEU B 935 -5.97 19.88 46.68
N SER B 936 -6.61 20.66 47.55
CA SER B 936 -8.06 20.74 47.57
C SER B 936 -8.61 21.95 46.82
N SER B 937 -7.78 22.95 46.52
CA SER B 937 -8.25 24.14 45.82
C SER B 937 -8.03 24.05 44.32
N THR B 938 -6.77 23.95 43.89
CA THR B 938 -6.43 23.98 42.47
C THR B 938 -6.81 22.65 41.84
N ALA B 939 -7.80 22.67 40.94
CA ALA B 939 -8.22 21.44 40.27
C ALA B 939 -7.11 20.89 39.38
N SER B 940 -6.38 21.77 38.69
CA SER B 940 -5.30 21.36 37.79
C SER B 940 -4.01 21.14 38.58
N ALA B 941 -4.06 20.19 39.51
CA ALA B 941 -2.93 19.89 40.38
C ALA B 941 -2.09 18.73 39.85
N LEU B 942 -2.71 17.58 39.57
CA LEU B 942 -1.99 16.42 39.06
C LEU B 942 -2.05 16.45 37.53
N GLY B 943 -1.22 17.32 36.96
CA GLY B 943 -1.24 17.51 35.52
C GLY B 943 -0.71 16.31 34.75
N LYS B 944 0.38 15.70 35.24
CA LYS B 944 1.03 14.64 34.48
C LYS B 944 0.17 13.39 34.36
N LEU B 945 -0.46 12.99 35.47
CA LEU B 945 -1.30 11.79 35.45
C LEU B 945 -2.50 11.97 34.54
N GLN B 946 -3.16 13.12 34.63
CA GLN B 946 -4.28 13.41 33.75
C GLN B 946 -3.83 13.49 32.31
N ASP B 947 -2.63 14.01 32.06
CA ASP B 947 -2.11 14.06 30.70
C ASP B 947 -1.88 12.67 30.13
N VAL B 948 -1.37 11.76 30.96
CA VAL B 948 -1.19 10.38 30.51
C VAL B 948 -2.54 9.75 30.15
N VAL B 949 -3.52 9.92 31.03
CA VAL B 949 -4.85 9.36 30.77
C VAL B 949 -5.42 9.95 29.49
N ASN B 950 -5.28 11.26 29.31
CA ASN B 950 -5.82 11.92 28.12
C ASN B 950 -5.13 11.43 26.86
N HIS B 951 -3.80 11.25 26.90
CA HIS B 951 -3.09 10.78 25.72
C HIS B 951 -3.55 9.38 25.31
N ASN B 952 -3.69 8.48 26.29
CA ASN B 952 -4.15 7.14 25.96
C ASN B 952 -5.57 7.15 25.40
N ALA B 953 -6.46 7.92 26.03
CA ALA B 953 -7.84 8.00 25.55
C ALA B 953 -7.92 8.59 24.15
N GLN B 954 -7.12 9.62 23.89
CA GLN B 954 -7.10 10.24 22.57
C GLN B 954 -6.59 9.27 21.52
N ALA B 955 -5.57 8.47 21.85
CA ALA B 955 -5.08 7.48 20.90
C ALA B 955 -6.16 6.47 20.55
N LEU B 956 -6.89 5.99 21.56
CA LEU B 956 -7.96 5.03 21.28
C LEU B 956 -9.07 5.65 20.45
N ASN B 957 -9.43 6.90 20.75
CA ASN B 957 -10.48 7.57 19.98
C ASN B 957 -10.07 7.78 18.53
N THR B 958 -8.80 8.14 18.31
CA THR B 958 -8.31 8.27 16.94
C THR B 958 -8.35 6.93 16.22
N LEU B 959 -7.98 5.86 16.91
CA LEU B 959 -8.02 4.53 16.30
C LEU B 959 -9.43 4.16 15.89
N VAL B 960 -10.43 4.51 16.72
CA VAL B 960 -11.82 4.23 16.36
C VAL B 960 -12.25 5.08 15.16
N LYS B 961 -11.94 6.38 15.20
CA LYS B 961 -12.38 7.26 14.12
C LYS B 961 -11.71 6.93 12.79
N GLN B 962 -10.57 6.23 12.81
CA GLN B 962 -9.96 5.80 11.56
C GLN B 962 -10.79 4.78 10.80
N LEU B 963 -11.80 4.19 11.43
CA LEU B 963 -12.66 3.21 10.77
C LEU B 963 -13.64 3.83 9.79
N SER B 964 -13.82 5.14 9.82
CA SER B 964 -14.73 5.84 8.91
C SER B 964 -14.03 6.35 7.67
N SER B 965 -12.75 6.05 7.49
CA SER B 965 -12.01 6.49 6.31
C SER B 965 -12.17 5.49 5.18
N LYS B 966 -12.33 6.02 3.97
CA LYS B 966 -12.48 5.17 2.80
C LYS B 966 -11.17 4.57 2.32
N PHE B 967 -10.06 5.27 2.51
CA PHE B 967 -8.74 4.82 2.08
C PHE B 967 -8.70 4.55 0.58
N GLY B 968 -9.49 5.29 -0.19
CA GLY B 968 -9.55 5.10 -1.62
C GLY B 968 -10.61 4.13 -2.09
N ALA B 969 -11.25 3.39 -1.20
CA ALA B 969 -12.32 2.49 -1.57
C ALA B 969 -13.61 3.28 -1.81
N ILE B 970 -14.59 2.61 -2.41
CA ILE B 970 -15.85 3.27 -2.71
C ILE B 970 -16.59 3.61 -1.42
N SER B 971 -16.39 2.83 -0.36
CA SER B 971 -17.11 3.02 0.88
C SER B 971 -16.23 2.54 2.03
N SER B 972 -16.47 3.10 3.22
CA SER B 972 -15.76 2.66 4.40
C SER B 972 -16.46 1.52 5.12
N VAL B 973 -17.64 1.13 4.67
CA VAL B 973 -18.43 0.07 5.31
C VAL B 973 -18.17 -1.22 4.55
N LEU B 974 -17.75 -2.25 5.28
CA LEU B 974 -17.45 -3.53 4.64
C LEU B 974 -18.71 -4.15 4.04
N ASN B 975 -19.85 -4.03 4.74
CA ASN B 975 -21.07 -4.64 4.26
C ASN B 975 -21.54 -4.03 2.95
N ASP B 976 -21.39 -2.71 2.80
CA ASP B 976 -21.79 -2.06 1.56
C ASP B 976 -20.95 -2.53 0.38
N ILE B 977 -19.64 -2.64 0.58
CA ILE B 977 -18.77 -3.16 -0.47
C ILE B 977 -19.14 -4.58 -0.82
N LEU B 978 -19.40 -5.41 0.20
CA LEU B 978 -19.76 -6.80 -0.06
C LEU B 978 -21.08 -6.93 -0.80
N SER B 979 -22.06 -6.08 -0.46
CA SER B 979 -23.38 -6.17 -1.06
C SER B 979 -23.45 -5.58 -2.46
N ARG B 980 -22.66 -4.55 -2.74
CA ARG B 980 -22.77 -3.85 -4.01
C ARG B 980 -21.80 -4.35 -5.08
N LEU B 981 -20.91 -5.29 -4.78
CA LEU B 981 -19.91 -5.72 -5.73
C LEU B 981 -19.75 -7.23 -5.72
N ASP B 982 -19.34 -7.77 -6.86
CA ASP B 982 -18.98 -9.18 -6.95
C ASP B 982 -17.66 -9.43 -6.24
N LYS B 983 -17.32 -10.71 -6.07
CA LYS B 983 -16.13 -11.07 -5.31
C LYS B 983 -14.87 -10.48 -5.94
N VAL B 984 -14.74 -10.60 -7.26
CA VAL B 984 -13.55 -10.08 -7.93
C VAL B 984 -13.44 -8.58 -7.77
N GLU B 985 -14.56 -7.87 -7.90
CA GLU B 985 -14.54 -6.41 -7.76
C GLU B 985 -14.45 -5.98 -6.30
N ALA B 986 -15.05 -6.73 -5.38
CA ALA B 986 -15.02 -6.36 -3.97
C ALA B 986 -13.69 -6.66 -3.29
N GLU B 987 -12.90 -7.58 -3.86
CA GLU B 987 -11.61 -7.90 -3.24
C GLU B 987 -10.69 -6.70 -3.24
N VAL B 988 -10.71 -5.90 -4.30
CA VAL B 988 -9.84 -4.72 -4.38
C VAL B 988 -10.18 -3.74 -3.26
N GLN B 989 -11.46 -3.45 -3.10
CA GLN B 989 -11.88 -2.49 -2.09
C GLN B 989 -11.59 -3.02 -0.68
N ILE B 990 -11.84 -4.31 -0.45
CA ILE B 990 -11.56 -4.88 0.85
C ILE B 990 -10.06 -4.84 1.13
N ASP B 991 -9.23 -5.06 0.11
CA ASP B 991 -7.79 -4.97 0.31
C ASP B 991 -7.38 -3.55 0.68
N ARG B 992 -7.97 -2.54 0.03
CA ARG B 992 -7.65 -1.16 0.37
C ARG B 992 -8.01 -0.85 1.82
N LEU B 993 -9.21 -1.27 2.24
CA LEU B 993 -9.63 -1.03 3.62
C LEU B 993 -8.73 -1.79 4.61
N ILE B 994 -8.38 -3.03 4.29
CA ILE B 994 -7.53 -3.83 5.18
C ILE B 994 -6.18 -3.16 5.34
N THR B 995 -5.58 -2.71 4.23
CA THR B 995 -4.27 -2.07 4.30
C THR B 995 -4.32 -0.77 5.10
N GLY B 996 -5.35 0.04 4.87
CA GLY B 996 -5.46 1.28 5.62
C GLY B 996 -5.61 1.05 7.10
N ARG B 997 -6.50 0.13 7.49
CA ARG B 997 -6.72 -0.13 8.90
C ARG B 997 -5.52 -0.80 9.54
N LEU B 998 -4.80 -1.65 8.80
CA LEU B 998 -3.58 -2.25 9.31
C LEU B 998 -2.51 -1.20 9.56
N GLN B 999 -2.37 -0.22 8.66
CA GLN B 999 -1.42 0.86 8.89
C GLN B 999 -1.82 1.71 10.09
N SER B 1000 -3.12 1.95 10.26
CA SER B 1000 -3.56 2.72 11.42
C SER B 1000 -3.25 1.98 12.73
N LEU B 1001 -3.49 0.67 12.75
CA LEU B 1001 -3.14 -0.12 13.93
C LEU B 1001 -1.64 -0.11 14.17
N GLN B 1002 -0.84 -0.18 13.10
CA GLN B 1002 0.62 -0.11 13.24
C GLN B 1002 1.05 1.21 13.87
N THR B 1003 0.47 2.32 13.41
CA THR B 1003 0.81 3.61 13.99
C THR B 1003 0.43 3.67 15.47
N TYR B 1004 -0.75 3.13 15.81
CA TYR B 1004 -1.16 3.12 17.22
C TYR B 1004 -0.21 2.31 18.07
N VAL B 1005 0.21 1.13 17.58
CA VAL B 1005 1.11 0.30 18.37
C VAL B 1005 2.48 0.95 18.50
N THR B 1006 2.96 1.61 17.45
CA THR B 1006 4.26 2.27 17.53
C THR B 1006 4.23 3.41 18.55
N GLN B 1007 3.18 4.23 18.50
CA GLN B 1007 3.03 5.29 19.49
C GLN B 1007 2.94 4.74 20.90
N GLN B 1008 2.20 3.64 21.06
CA GLN B 1008 2.10 3.02 22.38
C GLN B 1008 3.45 2.51 22.88
N LEU B 1009 4.24 1.92 21.99
CA LEU B 1009 5.55 1.41 22.41
C LEU B 1009 6.47 2.56 22.85
N ILE B 1010 6.48 3.65 22.09
CA ILE B 1010 7.32 4.79 22.48
C ILE B 1010 6.84 5.40 23.79
N ARG B 1011 5.52 5.58 23.94
CA ARG B 1011 5.00 6.14 25.18
C ARG B 1011 5.22 5.21 26.36
N ALA B 1012 5.17 3.89 26.14
CA ALA B 1012 5.42 2.93 27.21
C ALA B 1012 6.87 2.97 27.63
N ALA B 1013 7.80 3.17 26.69
CA ALA B 1013 9.19 3.37 27.08
C ALA B 1013 9.34 4.61 27.95
N GLU B 1014 8.64 5.70 27.59
CA GLU B 1014 8.68 6.90 28.41
C GLU B 1014 8.15 6.65 29.82
N ILE B 1015 7.01 5.95 29.92
CA ILE B 1015 6.42 5.66 31.22
C ILE B 1015 7.32 4.74 32.03
N ARG B 1016 8.00 3.80 31.37
CA ARG B 1016 8.93 2.94 32.08
C ARG B 1016 10.09 3.72 32.65
N ALA B 1017 10.62 4.69 31.90
CA ALA B 1017 11.67 5.53 32.45
C ALA B 1017 11.18 6.32 33.67
N SER B 1018 9.96 6.86 33.57
CA SER B 1018 9.41 7.61 34.70
C SER B 1018 9.20 6.69 35.92
N ALA B 1019 8.76 5.46 35.69
CA ALA B 1019 8.54 4.52 36.79
C ALA B 1019 9.85 4.09 37.42
N ASN B 1020 10.91 3.95 36.62
CA ASN B 1020 12.22 3.68 37.18
C ASN B 1020 12.69 4.84 38.05
N LEU B 1021 12.45 6.07 37.61
CA LEU B 1021 12.79 7.22 38.43
C LEU B 1021 12.01 7.23 39.74
N ALA B 1022 10.71 6.90 39.67
CA ALA B 1022 9.90 6.85 40.89
C ALA B 1022 10.38 5.76 41.83
N ALA B 1023 10.78 4.61 41.29
CA ALA B 1023 11.32 3.54 42.13
C ALA B 1023 12.62 3.97 42.79
N THR B 1024 13.49 4.68 42.07
CA THR B 1024 14.72 5.18 42.65
C THR B 1024 14.43 6.20 43.76
N LYS B 1025 13.46 7.08 43.53
CA LYS B 1025 13.11 8.06 44.57
C LYS B 1025 12.50 7.38 45.78
N MET B 1026 11.74 6.30 45.58
CA MET B 1026 11.22 5.55 46.72
C MET B 1026 12.36 4.90 47.50
N SER B 1027 13.33 4.34 46.79
CA SER B 1027 14.43 3.66 47.47
C SER B 1027 15.31 4.64 48.23
N GLU B 1028 15.55 5.82 47.66
CA GLU B 1028 16.55 6.74 48.22
C GLU B 1028 15.95 7.82 49.11
N CYS B 1029 14.79 8.38 48.74
CA CYS B 1029 14.19 9.45 49.51
C CYS B 1029 13.33 8.93 50.65
N VAL B 1030 12.61 7.83 50.45
CA VAL B 1030 11.71 7.31 51.49
C VAL B 1030 12.39 6.29 52.37
N LEU B 1031 13.12 5.34 51.78
CA LEU B 1031 13.82 4.33 52.55
C LEU B 1031 15.15 4.82 53.11
N GLY B 1032 15.44 6.11 53.01
CA GLY B 1032 16.68 6.65 53.53
C GLY B 1032 16.71 8.15 53.33
N GLN B 1033 17.83 8.74 53.75
CA GLN B 1033 18.06 10.17 53.56
C GLN B 1033 19.06 10.37 52.43
N SER B 1034 18.78 11.32 51.55
CA SER B 1034 19.54 11.49 50.32
C SER B 1034 20.49 12.67 50.43
N LYS B 1035 21.76 12.45 50.09
CA LYS B 1035 22.73 13.53 49.95
C LYS B 1035 22.73 14.16 48.57
N ARG B 1036 22.04 13.56 47.60
CA ARG B 1036 21.98 14.11 46.26
C ARG B 1036 21.19 15.41 46.25
N VAL B 1037 21.71 16.39 45.53
CA VAL B 1037 21.13 17.74 45.55
C VAL B 1037 19.97 17.80 44.57
N ASP B 1038 18.86 18.40 45.02
CA ASP B 1038 17.66 18.60 44.21
C ASP B 1038 17.04 17.30 43.73
N PHE B 1039 17.39 16.17 44.36
CA PHE B 1039 16.82 14.88 43.99
C PHE B 1039 15.55 14.58 44.76
N CYS B 1040 15.52 14.89 46.04
CA CYS B 1040 14.35 14.70 46.89
C CYS B 1040 13.80 16.04 47.36
N GLY B 1041 13.68 16.99 46.44
CA GLY B 1041 13.17 18.30 46.74
C GLY B 1041 14.26 19.35 46.89
N LYS B 1042 13.86 20.61 46.79
CA LYS B 1042 14.82 21.71 46.90
C LYS B 1042 15.13 21.98 48.36
N GLY B 1043 16.42 21.98 48.69
CA GLY B 1043 16.88 22.16 50.05
C GLY B 1043 17.60 20.94 50.56
N TYR B 1044 18.03 21.01 51.81
CA TYR B 1044 18.65 19.88 52.47
C TYR B 1044 17.58 18.87 52.84
N HIS B 1045 17.67 17.67 52.28
CA HIS B 1045 16.61 16.68 52.44
C HIS B 1045 16.58 16.11 53.84
N LEU B 1046 15.38 16.09 54.44
CA LEU B 1046 15.16 15.41 55.71
C LEU B 1046 14.48 14.06 55.50
N MET B 1047 13.32 14.05 54.86
CA MET B 1047 12.61 12.79 54.64
C MET B 1047 11.65 12.96 53.47
N SER B 1048 10.87 11.91 53.21
CA SER B 1048 9.86 11.95 52.17
C SER B 1048 8.78 10.94 52.51
N PHE B 1049 7.56 11.24 52.08
CA PHE B 1049 6.41 10.40 52.35
C PHE B 1049 5.71 10.06 51.04
N PRO B 1050 5.46 8.79 50.75
CA PRO B 1050 4.77 8.42 49.53
C PRO B 1050 3.26 8.41 49.69
N GLN B 1051 2.58 8.72 48.58
CA GLN B 1051 1.14 8.65 48.49
C GLN B 1051 0.80 8.13 47.11
N SER B 1052 -0.22 7.28 47.03
CA SER B 1052 -0.60 6.78 45.72
C SER B 1052 -1.47 7.81 45.00
N ALA B 1053 -1.60 7.62 43.69
CA ALA B 1053 -2.49 8.44 42.89
C ALA B 1053 -2.81 7.67 41.62
N PRO B 1054 -3.92 7.98 40.94
CA PRO B 1054 -4.27 7.24 39.73
C PRO B 1054 -3.13 7.22 38.72
N HIS B 1055 -2.58 6.03 38.47
CA HIS B 1055 -1.49 5.83 37.52
C HIS B 1055 -0.25 6.64 37.91
N GLY B 1056 0.03 6.75 39.21
CA GLY B 1056 1.21 7.50 39.59
C GLY B 1056 1.42 7.53 41.09
N VAL B 1057 2.51 8.17 41.48
CA VAL B 1057 2.88 8.31 42.88
C VAL B 1057 3.17 9.77 43.15
N VAL B 1058 2.98 10.18 44.40
CA VAL B 1058 3.20 11.54 44.84
C VAL B 1058 4.09 11.50 46.07
N PHE B 1059 5.19 12.23 46.04
CA PHE B 1059 6.12 12.30 47.15
C PHE B 1059 5.97 13.65 47.84
N LEU B 1060 5.76 13.63 49.15
CA LEU B 1060 5.82 14.82 49.98
C LEU B 1060 7.22 14.86 50.57
N HIS B 1061 8.07 15.71 50.02
CA HIS B 1061 9.47 15.80 50.42
C HIS B 1061 9.61 16.84 51.51
N VAL B 1062 10.09 16.43 52.68
CA VAL B 1062 10.36 17.31 53.81
C VAL B 1062 11.84 17.69 53.78
N THR B 1063 12.12 18.98 53.67
CA THR B 1063 13.46 19.51 53.52
C THR B 1063 13.70 20.66 54.50
N TYR B 1064 14.97 20.94 54.74
CA TYR B 1064 15.43 21.97 55.68
C TYR B 1064 16.04 23.11 54.88
N VAL B 1065 15.51 24.32 55.06
CA VAL B 1065 15.93 25.49 54.29
C VAL B 1065 16.40 26.58 55.25
N PRO B 1066 17.64 27.04 55.16
CA PRO B 1066 18.07 28.17 55.98
C PRO B 1066 17.24 29.41 55.69
N ALA B 1067 16.95 30.19 56.73
CA ALA B 1067 15.95 31.25 56.65
C ALA B 1067 16.52 32.65 56.79
N GLN B 1068 17.15 32.96 57.92
CA GLN B 1068 17.54 34.33 58.24
C GLN B 1068 19.05 34.38 58.42
N GLU B 1069 19.74 34.92 57.43
CA GLU B 1069 21.20 34.95 57.42
C GLU B 1069 21.70 36.31 57.88
N LYS B 1070 22.90 36.31 58.46
CA LYS B 1070 23.56 37.53 58.89
C LYS B 1070 25.02 37.53 58.43
N ASN B 1071 25.53 38.73 58.20
CA ASN B 1071 26.93 38.93 57.83
C ASN B 1071 27.84 38.74 59.04
N PHE B 1072 29.02 38.19 58.79
CA PHE B 1072 30.05 38.09 59.81
C PHE B 1072 31.40 38.20 59.11
N THR B 1073 32.42 38.54 59.89
CA THR B 1073 33.78 38.57 59.41
C THR B 1073 34.45 37.25 59.77
N THR B 1074 35.06 36.62 58.78
CA THR B 1074 35.61 35.27 58.94
C THR B 1074 37.11 35.29 58.72
N ALA B 1075 37.75 34.16 59.06
CA ALA B 1075 39.18 33.99 58.93
C ALA B 1075 39.48 32.51 58.74
N PRO B 1076 40.38 32.15 57.82
CA PRO B 1076 40.70 30.73 57.64
C PRO B 1076 41.30 30.07 58.85
N ALA B 1077 42.10 30.80 59.64
CA ALA B 1077 42.77 30.21 60.79
C ALA B 1077 42.99 31.30 61.84
N ILE B 1078 43.64 30.92 62.94
CA ILE B 1078 43.88 31.81 64.06
C ILE B 1078 45.26 31.51 64.64
N CYS B 1079 45.98 32.56 65.03
CA CYS B 1079 47.28 32.44 65.67
C CYS B 1079 47.14 32.66 67.16
N HIS B 1080 47.65 31.72 67.96
CA HIS B 1080 47.62 31.83 69.41
C HIS B 1080 49.01 31.99 70.01
N ASP B 1081 49.91 31.03 69.75
CA ASP B 1081 51.27 31.06 70.29
C ASP B 1081 52.26 30.72 69.19
N GLY B 1082 52.07 31.31 68.02
CA GLY B 1082 52.88 30.98 66.87
C GLY B 1082 52.39 29.79 66.08
N LYS B 1083 51.28 29.17 66.48
CA LYS B 1083 50.67 28.08 65.75
C LYS B 1083 49.38 28.55 65.10
N ALA B 1084 48.98 27.84 64.04
CA ALA B 1084 47.76 28.14 63.32
C ALA B 1084 46.67 27.17 63.75
N HIS B 1085 45.57 27.70 64.25
CA HIS B 1085 44.45 26.88 64.70
C HIS B 1085 43.34 26.92 63.67
N PHE B 1086 42.91 25.75 63.20
CA PHE B 1086 41.85 25.58 62.23
C PHE B 1086 40.65 24.89 62.89
N PRO B 1087 39.44 25.15 62.42
CA PRO B 1087 38.26 24.55 63.05
C PRO B 1087 38.17 23.06 62.76
N ARG B 1088 37.87 22.28 63.79
CA ARG B 1088 37.62 20.86 63.58
C ARG B 1088 36.34 20.64 62.77
N GLU B 1089 35.25 21.27 63.20
CA GLU B 1089 33.96 21.19 62.51
C GLU B 1089 33.30 22.55 62.63
N GLY B 1090 33.40 23.36 61.59
CA GLY B 1090 32.77 24.67 61.62
C GLY B 1090 33.55 25.75 60.90
N VAL B 1091 33.33 27.00 61.30
CA VAL B 1091 33.92 28.15 60.66
C VAL B 1091 34.11 29.24 61.71
N PHE B 1092 35.23 29.94 61.64
CA PHE B 1092 35.50 31.07 62.51
C PHE B 1092 34.72 32.29 62.05
N VAL B 1093 34.04 32.94 62.98
CA VAL B 1093 33.27 34.15 62.71
C VAL B 1093 33.60 35.19 63.77
N SER B 1094 33.26 36.43 63.47
CA SER B 1094 33.44 37.54 64.40
C SER B 1094 32.26 38.48 64.27
N ASN B 1095 31.75 38.93 65.40
CA ASN B 1095 30.65 39.88 65.42
C ASN B 1095 31.13 41.32 65.47
N GLY B 1096 32.43 41.55 65.37
CA GLY B 1096 32.98 42.89 65.39
C GLY B 1096 34.13 43.07 66.35
N THR B 1097 34.07 42.40 67.49
CA THR B 1097 35.12 42.51 68.50
C THR B 1097 35.66 41.17 68.95
N HIS B 1098 34.81 40.15 69.05
CA HIS B 1098 35.20 38.85 69.55
C HIS B 1098 35.13 37.81 68.43
N TRP B 1099 35.91 36.75 68.59
CA TRP B 1099 35.97 35.67 67.60
C TRP B 1099 35.38 34.40 68.22
N PHE B 1100 34.53 33.72 67.46
CA PHE B 1100 33.91 32.48 67.85
C PHE B 1100 34.05 31.47 66.74
N VAL B 1101 33.73 30.22 67.03
CA VAL B 1101 33.64 29.16 66.04
C VAL B 1101 32.22 28.62 66.05
N THR B 1102 31.61 28.53 64.87
CA THR B 1102 30.22 28.14 64.77
C THR B 1102 30.08 27.03 63.73
N GLN B 1103 28.88 26.45 63.66
CA GLN B 1103 28.58 25.51 62.59
C GLN B 1103 28.45 26.26 61.27
N ARG B 1104 28.43 25.51 60.18
CA ARG B 1104 28.35 26.12 58.86
C ARG B 1104 26.92 26.33 58.39
N ASN B 1105 25.93 25.79 59.08
CA ASN B 1105 24.54 25.88 58.64
C ASN B 1105 23.61 26.50 59.67
N PHE B 1106 24.11 26.87 60.84
CA PHE B 1106 23.26 27.41 61.90
C PHE B 1106 24.16 28.18 62.86
N TYR B 1107 23.85 29.44 63.09
CA TYR B 1107 24.71 30.29 63.91
C TYR B 1107 24.59 29.87 65.37
N GLU B 1108 25.62 29.19 65.87
CA GLU B 1108 25.70 28.80 67.28
C GLU B 1108 27.11 29.05 67.78
N PRO B 1109 27.47 30.31 68.02
CA PRO B 1109 28.86 30.63 68.33
C PRO B 1109 29.30 30.06 69.67
N GLN B 1110 30.56 29.65 69.73
CA GLN B 1110 31.15 29.14 70.95
C GLN B 1110 32.55 29.70 71.11
N ILE B 1111 33.01 29.77 72.36
CA ILE B 1111 34.35 30.28 72.63
C ILE B 1111 35.37 29.35 71.99
N ILE B 1112 36.35 29.93 71.30
CA ILE B 1112 37.36 29.16 70.59
C ILE B 1112 38.31 28.57 71.63
N THR B 1113 38.24 27.26 71.83
CA THR B 1113 39.11 26.54 72.74
C THR B 1113 39.93 25.52 71.96
N THR B 1114 40.75 24.76 72.68
CA THR B 1114 41.57 23.74 72.03
C THR B 1114 40.77 22.51 71.64
N ASP B 1115 39.59 22.32 72.23
CA ASP B 1115 38.73 21.21 71.81
C ASP B 1115 38.05 21.50 70.48
N ASN B 1116 37.75 22.77 70.19
CA ASN B 1116 37.13 23.13 68.93
C ASN B 1116 38.10 23.07 67.76
N THR B 1117 39.38 23.36 68.00
CA THR B 1117 40.32 23.63 66.93
C THR B 1117 41.50 22.67 66.99
N PHE B 1118 42.22 22.58 65.88
CA PHE B 1118 43.45 21.80 65.81
C PHE B 1118 44.55 22.63 65.17
N VAL B 1119 45.78 22.38 65.61
CA VAL B 1119 46.94 23.13 65.15
C VAL B 1119 47.53 22.46 63.92
N SER B 1120 48.16 23.27 63.06
CA SER B 1120 48.84 22.73 61.89
C SER B 1120 49.90 23.74 61.46
N GLY B 1121 51.14 23.48 61.82
CA GLY B 1121 52.22 24.34 61.37
C GLY B 1121 52.26 25.67 62.11
N ASN B 1122 52.97 26.62 61.50
CA ASN B 1122 53.18 27.94 62.06
C ASN B 1122 52.23 28.94 61.40
N CYS B 1123 52.44 30.23 61.68
CA CYS B 1123 51.54 31.29 61.24
C CYS B 1123 52.18 32.17 60.17
N ASP B 1124 52.96 31.58 59.26
CA ASP B 1124 53.63 32.33 58.21
C ASP B 1124 53.20 31.90 56.82
N VAL B 1125 52.21 31.02 56.71
CA VAL B 1125 51.81 30.44 55.43
C VAL B 1125 50.36 30.76 55.08
N VAL B 1126 49.44 30.63 56.05
CA VAL B 1126 48.03 30.79 55.78
C VAL B 1126 47.74 32.23 55.38
N ILE B 1127 46.97 32.40 54.30
CA ILE B 1127 46.63 33.72 53.80
C ILE B 1127 45.30 34.14 54.42
N GLY B 1128 45.29 35.29 55.09
CA GLY B 1128 44.12 35.76 55.79
C GLY B 1128 44.04 35.37 57.25
N ILE B 1129 45.14 34.91 57.84
CA ILE B 1129 45.13 34.50 59.23
C ILE B 1129 44.97 35.72 60.14
N VAL B 1130 44.44 35.49 61.33
CA VAL B 1130 44.19 36.55 62.30
C VAL B 1130 44.78 36.16 63.64
N ASN B 1131 44.74 37.11 64.57
CA ASN B 1131 45.29 36.94 65.91
C ASN B 1131 44.17 36.89 66.93
N ASN B 1132 44.17 35.85 67.76
CA ASN B 1132 43.18 35.70 68.82
C ASN B 1132 43.70 34.68 69.82
N THR B 1133 43.07 34.65 70.98
CA THR B 1133 43.46 33.75 72.06
C THR B 1133 42.58 32.51 72.03
N VAL B 1134 43.21 31.34 72.12
CA VAL B 1134 42.52 30.06 72.17
C VAL B 1134 42.52 29.59 73.61
N TYR B 1135 41.33 29.41 74.17
CA TYR B 1135 41.19 29.03 75.57
C TYR B 1135 41.63 27.60 75.81
N ASP B 1136 42.19 27.36 76.99
CA ASP B 1136 42.66 26.03 77.37
C ASP B 1136 41.84 25.52 78.55
N PRO B 1137 41.03 24.48 78.37
CA PRO B 1137 40.21 23.99 79.50
C PRO B 1137 41.03 23.50 80.68
N LEU B 1138 42.22 22.93 80.44
CA LEU B 1138 43.00 22.34 81.52
C LEU B 1138 43.65 23.39 82.41
N GLN B 1139 43.85 24.61 81.90
CA GLN B 1139 44.55 25.63 82.68
C GLN B 1139 43.82 26.02 83.96
N PRO B 1140 42.53 26.36 83.96
CA PRO B 1140 41.87 26.67 85.24
C PRO B 1140 41.82 25.50 86.19
N GLU B 1141 41.62 24.29 85.69
CA GLU B 1141 41.58 23.12 86.56
C GLU B 1141 42.92 22.87 87.22
N LEU B 1142 44.01 23.03 86.47
CA LEU B 1142 45.34 22.93 87.06
C LEU B 1142 45.58 24.04 88.07
N ASP B 1143 45.15 25.26 87.75
CA ASP B 1143 45.37 26.40 88.64
C ASP B 1143 44.50 26.31 89.89
N SER B 1144 43.38 25.63 89.82
CA SER B 1144 42.51 25.45 90.98
C SER B 1144 43.00 24.30 91.85
N THR C 22 -25.03 -55.33 14.67
CA THR C 22 -24.48 -54.91 15.95
C THR C 22 -23.69 -53.62 15.80
N GLN C 23 -24.11 -52.58 16.54
CA GLN C 23 -23.49 -51.26 16.46
C GLN C 23 -23.12 -50.81 17.86
N SER C 24 -21.81 -50.81 18.15
CA SER C 24 -21.28 -50.24 19.38
C SER C 24 -20.68 -48.87 19.09
N TYR C 25 -20.25 -48.19 20.14
CA TYR C 25 -19.64 -46.88 20.00
C TYR C 25 -18.32 -46.85 20.77
N THR C 26 -17.33 -46.14 20.22
CA THR C 26 -16.00 -46.11 20.79
C THR C 26 -15.37 -44.74 20.58
N ASN C 27 -14.32 -44.47 21.35
CA ASN C 27 -13.53 -43.26 21.21
C ASN C 27 -12.37 -43.52 20.24
N SER C 28 -12.23 -42.64 19.24
CA SER C 28 -11.17 -42.80 18.26
C SER C 28 -9.80 -42.40 18.78
N PHE C 29 -9.72 -41.77 19.95
CA PHE C 29 -8.45 -41.30 20.53
C PHE C 29 -7.83 -40.35 19.51
N THR C 30 -6.58 -40.57 19.09
CA THR C 30 -5.91 -39.69 18.13
C THR C 30 -5.80 -40.31 16.75
N ARG C 31 -6.47 -41.43 16.51
CA ARG C 31 -6.38 -42.10 15.22
C ARG C 31 -6.98 -41.25 14.11
N GLY C 32 -6.41 -41.37 12.92
CA GLY C 32 -6.98 -40.78 11.74
C GLY C 32 -6.24 -39.60 11.11
N VAL C 33 -4.96 -39.43 11.40
CA VAL C 33 -4.18 -38.32 10.85
C VAL C 33 -3.46 -38.79 9.59
N TYR C 34 -3.66 -38.07 8.50
CA TYR C 34 -3.08 -38.41 7.22
C TYR C 34 -2.32 -37.20 6.67
N TYR C 35 -1.44 -37.46 5.72
CA TYR C 35 -0.67 -36.39 5.11
C TYR C 35 -1.57 -35.54 4.24
N PRO C 36 -1.77 -34.25 4.55
CA PRO C 36 -2.70 -33.44 3.75
C PRO C 36 -2.17 -33.03 2.40
N ASP C 37 -0.85 -33.08 2.18
CA ASP C 37 -0.27 -32.70 0.90
C ASP C 37 0.90 -33.62 0.60
N LYS C 38 1.40 -33.51 -0.62
CA LYS C 38 2.51 -34.32 -1.09
C LYS C 38 3.80 -33.50 -1.18
N VAL C 39 4.00 -32.63 -0.19
CA VAL C 39 5.18 -31.78 -0.10
C VAL C 39 6.02 -32.26 1.07
N PHE C 40 7.30 -32.52 0.83
CA PHE C 40 8.18 -33.03 1.88
C PHE C 40 8.55 -31.91 2.84
N ARG C 41 8.38 -32.17 4.14
CA ARG C 41 8.79 -31.25 5.18
C ARG C 41 9.47 -32.04 6.29
N SER C 42 10.53 -31.47 6.85
CA SER C 42 11.30 -32.13 7.90
C SER C 42 11.52 -31.18 9.06
N SER C 43 11.25 -31.65 10.27
CA SER C 43 11.48 -30.90 11.50
C SER C 43 10.78 -29.54 11.46
N VAL C 44 9.45 -29.58 11.40
CA VAL C 44 8.66 -28.36 11.31
C VAL C 44 7.27 -28.62 11.88
N LEU C 45 6.68 -27.59 12.47
CA LEU C 45 5.29 -27.62 12.90
C LEU C 45 4.45 -26.86 11.88
N HIS C 46 3.53 -27.56 11.22
CA HIS C 46 2.75 -27.01 10.13
C HIS C 46 1.27 -27.02 10.45
N SER C 47 0.59 -25.93 10.15
CA SER C 47 -0.83 -25.78 10.44
C SER C 47 -1.63 -25.97 9.15
N THR C 48 -2.58 -26.91 9.18
CA THR C 48 -3.34 -27.25 7.98
C THR C 48 -4.81 -27.37 8.33
N GLN C 49 -5.67 -26.72 7.54
CA GLN C 49 -7.10 -26.87 7.66
C GLN C 49 -7.60 -27.82 6.58
N ASP C 50 -8.20 -28.93 6.99
CA ASP C 50 -8.61 -29.96 6.04
C ASP C 50 -9.62 -30.86 6.72
N LEU C 51 -10.16 -31.82 5.97
CA LEU C 51 -11.12 -32.77 6.49
C LEU C 51 -10.38 -33.82 7.31
N PHE C 52 -10.38 -33.64 8.63
CA PHE C 52 -9.74 -34.56 9.55
C PHE C 52 -10.78 -35.17 10.47
N LEU C 53 -10.46 -36.35 10.98
CA LEU C 53 -11.29 -36.97 12.00
C LEU C 53 -10.95 -36.36 13.36
N PRO C 54 -11.89 -35.71 14.03
CA PRO C 54 -11.56 -35.03 15.28
C PRO C 54 -11.03 -35.99 16.33
N PHE C 55 -10.10 -35.51 17.13
CA PHE C 55 -9.56 -36.33 18.21
C PHE C 55 -10.65 -36.64 19.22
N PHE C 56 -10.60 -37.85 19.77
CA PHE C 56 -11.59 -38.32 20.74
C PHE C 56 -13.00 -38.20 20.19
N SER C 57 -13.18 -38.60 18.94
CA SER C 57 -14.49 -38.60 18.30
C SER C 57 -15.27 -39.83 18.74
N ASN C 58 -16.41 -40.08 18.08
CA ASN C 58 -17.32 -41.16 18.44
C ASN C 58 -17.49 -42.04 17.21
N VAL C 59 -16.70 -43.11 17.14
CA VAL C 59 -16.71 -44.01 15.99
C VAL C 59 -17.69 -45.14 16.25
N THR C 60 -18.32 -45.60 15.17
CA THR C 60 -19.30 -46.68 15.22
C THR C 60 -18.63 -48.00 14.88
N TRP C 61 -18.82 -49.00 15.73
CA TRP C 61 -18.22 -50.30 15.59
C TRP C 61 -19.27 -51.29 15.10
N PHE C 62 -19.01 -51.94 13.98
CA PHE C 62 -19.93 -52.89 13.38
C PHE C 62 -19.38 -54.31 13.52
N HIS C 63 -20.30 -55.26 13.65
CA HIS C 63 -19.96 -56.67 13.73
C HIS C 63 -20.70 -57.43 12.62
N ALA C 64 -20.01 -58.40 12.01
CA ALA C 64 -20.61 -59.22 10.97
C ALA C 64 -21.74 -60.08 11.53
N ASN C 78 -28.67 -55.11 7.10
CA ASN C 78 -27.43 -54.42 6.78
C ASN C 78 -27.69 -53.28 5.79
N PRO C 79 -28.03 -52.11 6.32
CA PRO C 79 -28.28 -50.94 5.46
C PRO C 79 -26.98 -50.37 4.94
N VAL C 80 -27.10 -49.24 4.23
CA VAL C 80 -25.96 -48.54 3.65
C VAL C 80 -25.64 -47.33 4.53
N LEU C 81 -24.38 -47.24 4.95
CA LEU C 81 -23.95 -46.10 5.74
C LEU C 81 -23.86 -44.85 4.86
N PRO C 82 -24.11 -43.68 5.43
CA PRO C 82 -23.90 -42.44 4.68
C PRO C 82 -22.42 -42.16 4.50
N PHE C 83 -22.12 -41.15 3.69
CA PHE C 83 -20.74 -40.77 3.40
C PHE C 83 -20.32 -39.46 4.01
N ASN C 84 -21.18 -38.44 3.97
CA ASN C 84 -20.89 -37.09 4.50
C ASN C 84 -19.67 -36.55 3.76
N ASP C 85 -18.73 -35.90 4.46
CA ASP C 85 -17.56 -35.31 3.84
C ASP C 85 -16.40 -36.29 3.69
N GLY C 86 -16.49 -37.46 4.30
CA GLY C 86 -15.41 -38.42 4.24
C GLY C 86 -15.71 -39.58 5.15
N VAL C 87 -14.90 -40.63 4.99
CA VAL C 87 -15.07 -41.87 5.76
C VAL C 87 -13.72 -42.34 6.25
N TYR C 88 -13.63 -42.68 7.52
CA TYR C 88 -12.48 -43.34 8.10
C TYR C 88 -12.88 -44.77 8.46
N PHE C 89 -12.25 -45.74 7.82
CA PHE C 89 -12.54 -47.15 7.99
C PHE C 89 -11.35 -47.82 8.67
N ALA C 90 -11.62 -48.64 9.69
CA ALA C 90 -10.57 -49.35 10.39
C ALA C 90 -10.97 -50.80 10.57
N SER C 91 -10.01 -51.71 10.46
CA SER C 91 -10.28 -53.13 10.65
C SER C 91 -9.07 -53.82 11.27
N THR C 92 -9.27 -54.47 12.41
CA THR C 92 -8.24 -55.27 13.05
C THR C 92 -8.41 -56.70 12.58
N GLU C 93 -7.56 -57.14 11.67
CA GLU C 93 -7.75 -58.42 11.00
C GLU C 93 -6.47 -59.23 10.98
N LYS C 94 -6.61 -60.47 10.50
CA LYS C 94 -5.49 -61.38 10.32
C LYS C 94 -5.56 -62.22 9.06
N SER C 95 -6.70 -62.27 8.35
CA SER C 95 -6.86 -63.18 7.23
C SER C 95 -7.51 -62.54 6.02
N ASN C 96 -7.71 -61.22 6.00
CA ASN C 96 -8.30 -60.49 4.89
C ASN C 96 -9.69 -61.03 4.56
N ILE C 97 -10.61 -60.84 5.50
CA ILE C 97 -12.01 -61.17 5.28
C ILE C 97 -12.71 -60.05 4.53
N ILE C 98 -12.57 -58.82 5.01
CA ILE C 98 -13.14 -57.66 4.34
C ILE C 98 -12.32 -57.37 3.08
N ARG C 99 -12.99 -57.20 1.95
CA ARG C 99 -12.26 -57.05 0.70
C ARG C 99 -12.57 -55.75 -0.04
N GLY C 100 -13.84 -55.33 -0.11
CA GLY C 100 -14.22 -54.28 -1.03
C GLY C 100 -15.16 -53.28 -0.41
N TRP C 101 -15.51 -52.28 -1.22
CA TRP C 101 -16.44 -51.22 -0.82
C TRP C 101 -17.23 -50.76 -2.03
N ILE C 102 -18.37 -50.14 -1.75
CA ILE C 102 -19.28 -49.62 -2.76
C ILE C 102 -19.64 -48.19 -2.37
N PHE C 103 -19.57 -47.28 -3.34
CA PHE C 103 -19.88 -45.87 -3.13
C PHE C 103 -20.86 -45.40 -4.19
N GLY C 104 -21.71 -44.46 -3.81
CA GLY C 104 -22.69 -43.93 -4.75
C GLY C 104 -23.77 -43.15 -4.04
N THR C 105 -24.82 -42.84 -4.81
CA THR C 105 -25.96 -42.08 -4.32
C THR C 105 -27.23 -42.92 -4.21
N THR C 106 -27.61 -43.62 -5.26
CA THR C 106 -28.81 -44.45 -5.24
C THR C 106 -28.51 -45.94 -5.34
N LEU C 107 -27.40 -46.32 -5.97
CA LEU C 107 -26.99 -47.73 -6.07
C LEU C 107 -28.09 -48.59 -6.72
N ASP C 108 -28.73 -48.04 -7.76
CA ASP C 108 -29.80 -48.77 -8.45
C ASP C 108 -29.67 -48.63 -9.97
N SER C 109 -28.45 -48.49 -10.46
CA SER C 109 -28.14 -48.39 -11.90
C SER C 109 -28.76 -47.15 -12.54
N LYS C 110 -29.35 -46.26 -11.76
CA LYS C 110 -29.81 -44.98 -12.29
C LYS C 110 -28.71 -43.94 -12.37
N THR C 111 -27.54 -44.22 -11.79
CA THR C 111 -26.40 -43.32 -11.82
C THR C 111 -25.13 -44.14 -11.64
N GLN C 112 -24.00 -43.51 -11.96
CA GLN C 112 -22.72 -44.18 -11.85
C GLN C 112 -22.36 -44.44 -10.39
N SER C 113 -21.81 -45.62 -10.12
CA SER C 113 -21.42 -46.01 -8.78
C SER C 113 -20.02 -46.62 -8.80
N LEU C 114 -19.30 -46.42 -7.71
CA LEU C 114 -17.91 -46.84 -7.59
C LEU C 114 -17.83 -48.17 -6.85
N LEU C 115 -17.25 -49.17 -7.50
CA LEU C 115 -17.02 -50.47 -6.88
C LEU C 115 -15.51 -50.68 -6.76
N ILE C 116 -15.04 -50.93 -5.54
CA ILE C 116 -13.62 -51.12 -5.27
C ILE C 116 -13.47 -52.49 -4.63
N VAL C 117 -13.08 -53.49 -5.42
CA VAL C 117 -12.83 -54.82 -4.87
C VAL C 117 -11.38 -55.18 -5.15
N ASN C 118 -10.95 -56.34 -4.69
CA ASN C 118 -9.56 -56.75 -4.92
C ASN C 118 -9.48 -58.27 -4.92
N ASN C 119 -8.76 -58.81 -5.89
CA ASN C 119 -8.47 -60.24 -5.94
C ASN C 119 -7.32 -60.55 -4.99
N ALA C 120 -6.68 -61.70 -5.18
CA ALA C 120 -5.49 -62.01 -4.39
C ALA C 120 -4.38 -61.00 -4.62
N THR C 121 -4.31 -60.43 -5.82
CA THR C 121 -3.31 -59.40 -6.06
C THR C 121 -3.85 -58.15 -6.72
N ASN C 122 -4.78 -58.29 -7.67
CA ASN C 122 -5.23 -57.18 -8.50
C ASN C 122 -6.38 -56.44 -7.83
N VAL C 123 -6.24 -55.13 -7.68
CA VAL C 123 -7.34 -54.29 -7.24
C VAL C 123 -8.17 -53.88 -8.45
N VAL C 124 -9.48 -54.10 -8.39
CA VAL C 124 -10.39 -53.79 -9.47
C VAL C 124 -11.28 -52.64 -9.03
N ILE C 125 -11.18 -51.52 -9.73
CA ILE C 125 -11.97 -50.33 -9.46
C ILE C 125 -12.79 -50.02 -10.71
N LYS C 126 -14.11 -49.94 -10.54
CA LYS C 126 -15.01 -49.71 -11.66
C LYS C 126 -16.04 -48.65 -11.32
N VAL C 127 -16.55 -47.97 -12.35
CA VAL C 127 -17.54 -46.92 -12.15
C VAL C 127 -18.77 -47.17 -13.02
N CYS C 128 -19.04 -48.44 -13.33
CA CYS C 128 -20.21 -48.76 -14.13
C CYS C 128 -21.49 -48.44 -13.36
N GLU C 129 -22.61 -48.43 -14.08
CA GLU C 129 -23.92 -48.21 -13.48
C GLU C 129 -24.46 -49.55 -12.98
N PHE C 130 -23.84 -50.04 -11.91
CA PHE C 130 -24.16 -51.36 -11.39
C PHE C 130 -25.57 -51.38 -10.80
N GLN C 131 -26.17 -52.57 -10.80
CA GLN C 131 -27.44 -52.83 -10.14
C GLN C 131 -27.14 -53.74 -8.95
N PHE C 132 -26.81 -53.12 -7.82
CA PHE C 132 -26.38 -53.88 -6.65
C PHE C 132 -27.53 -54.67 -6.04
N CYS C 133 -27.20 -55.85 -5.53
CA CYS C 133 -28.17 -56.64 -4.79
C CYS C 133 -28.40 -56.01 -3.41
N ASN C 134 -29.48 -56.45 -2.75
CA ASN C 134 -29.84 -55.88 -1.46
C ASN C 134 -28.76 -56.20 -0.41
N ASP C 135 -28.21 -57.41 -0.45
CA ASP C 135 -27.20 -57.85 0.52
C ASP C 135 -25.98 -58.33 -0.24
N PRO C 136 -25.17 -57.42 -0.76
CA PRO C 136 -23.97 -57.84 -1.51
C PRO C 136 -23.01 -58.61 -0.62
N PHE C 137 -22.39 -59.63 -1.21
CA PHE C 137 -21.38 -60.41 -0.50
C PHE C 137 -20.55 -61.17 -1.54
N LEU C 138 -19.48 -61.79 -1.06
CA LEU C 138 -18.56 -62.53 -1.90
C LEU C 138 -18.42 -63.96 -1.35
N ASP C 139 -18.25 -64.91 -2.26
CA ASP C 139 -18.13 -66.32 -1.88
C ASP C 139 -16.69 -66.78 -2.07
N VAL C 140 -16.19 -67.53 -1.09
CA VAL C 140 -14.81 -68.03 -1.11
C VAL C 140 -14.60 -68.96 -2.30
N PHE C 154 -19.11 -63.97 -7.57
CA PHE C 154 -19.65 -62.61 -7.53
C PHE C 154 -21.18 -62.64 -7.59
N ARG C 155 -21.81 -62.03 -6.58
CA ARG C 155 -23.26 -61.96 -6.49
C ARG C 155 -23.69 -60.57 -6.02
N VAL C 156 -23.05 -59.54 -6.57
CA VAL C 156 -23.24 -58.17 -6.11
C VAL C 156 -24.11 -57.38 -7.08
N TYR C 157 -23.67 -57.24 -8.32
CA TYR C 157 -24.35 -56.43 -9.33
C TYR C 157 -24.89 -57.35 -10.41
N SER C 158 -26.22 -57.35 -10.58
CA SER C 158 -26.82 -58.14 -11.66
C SER C 158 -26.56 -57.51 -13.03
N SER C 159 -26.33 -56.20 -13.07
CA SER C 159 -26.10 -55.48 -14.31
C SER C 159 -24.87 -54.60 -14.18
N ALA C 160 -24.18 -54.40 -15.29
CA ALA C 160 -22.99 -53.55 -15.32
C ALA C 160 -22.93 -52.89 -16.69
N ASN C 161 -23.40 -51.66 -16.78
CA ASN C 161 -23.49 -50.94 -18.04
C ASN C 161 -22.83 -49.57 -17.91
N ASN C 162 -22.28 -49.10 -19.03
CA ASN C 162 -21.68 -47.77 -19.13
C ASN C 162 -20.52 -47.60 -18.14
N CYS C 163 -19.48 -48.39 -18.36
CA CYS C 163 -18.26 -48.31 -17.56
C CYS C 163 -17.36 -47.24 -18.16
N THR C 164 -17.34 -46.06 -17.56
CA THR C 164 -16.56 -44.94 -18.07
C THR C 164 -15.14 -44.88 -17.54
N PHE C 165 -14.77 -45.77 -16.62
CA PHE C 165 -13.44 -45.76 -16.04
C PHE C 165 -13.18 -47.11 -15.39
N GLU C 166 -11.94 -47.59 -15.51
CA GLU C 166 -11.55 -48.86 -14.92
C GLU C 166 -10.09 -48.78 -14.50
N TYR C 167 -9.81 -49.17 -13.26
CA TYR C 167 -8.49 -49.06 -12.67
C TYR C 167 -8.08 -50.41 -12.09
N VAL C 168 -6.90 -50.88 -12.49
CA VAL C 168 -6.41 -52.19 -12.05
C VAL C 168 -5.00 -52.03 -11.50
N SER C 169 -4.75 -52.64 -10.34
CA SER C 169 -3.42 -52.62 -9.72
C SER C 169 -3.06 -53.99 -9.17
N PHE C 183 -0.99 -61.51 17.74
CA PHE C 183 -0.91 -60.17 17.16
C PHE C 183 -1.78 -60.08 15.91
N LYS C 184 -2.39 -58.91 15.70
CA LYS C 184 -3.22 -58.64 14.54
C LYS C 184 -2.66 -57.45 13.78
N ASN C 185 -3.24 -57.18 12.61
CA ASN C 185 -2.86 -56.01 11.83
C ASN C 185 -4.06 -55.08 11.78
N LEU C 186 -3.87 -53.84 12.23
CA LEU C 186 -4.89 -52.80 12.12
C LEU C 186 -4.68 -52.08 10.80
N ARG C 187 -5.64 -52.21 9.90
CA ARG C 187 -5.63 -51.52 8.63
C ARG C 187 -6.58 -50.35 8.69
N GLU C 188 -6.06 -49.16 8.40
CA GLU C 188 -6.82 -47.93 8.43
C GLU C 188 -6.83 -47.31 7.03
N PHE C 189 -8.00 -46.84 6.63
CA PHE C 189 -8.18 -46.19 5.34
C PHE C 189 -9.02 -44.95 5.54
N VAL C 190 -8.71 -43.92 4.75
CA VAL C 190 -9.49 -42.69 4.71
C VAL C 190 -9.90 -42.48 3.27
N PHE C 191 -11.21 -42.43 3.02
CA PHE C 191 -11.74 -42.16 1.69
C PHE C 191 -12.43 -40.81 1.73
N LYS C 192 -12.00 -39.90 0.85
CA LYS C 192 -12.68 -38.62 0.74
C LYS C 192 -12.76 -38.22 -0.72
N ASN C 193 -13.81 -37.48 -1.06
CA ASN C 193 -14.13 -37.23 -2.45
C ASN C 193 -14.14 -35.74 -2.76
N ILE C 194 -13.15 -35.01 -2.26
CA ILE C 194 -13.08 -33.59 -2.49
C ILE C 194 -12.65 -33.31 -3.93
N ASP C 195 -12.85 -32.05 -4.36
CA ASP C 195 -12.61 -31.64 -5.74
C ASP C 195 -13.24 -32.61 -6.73
N GLY C 196 -12.42 -33.20 -7.59
CA GLY C 196 -12.90 -34.19 -8.53
C GLY C 196 -12.10 -35.47 -8.45
N TYR C 197 -11.47 -35.70 -7.29
CA TYR C 197 -10.63 -36.87 -7.08
C TYR C 197 -11.11 -37.63 -5.86
N PHE C 198 -11.14 -38.95 -5.98
CA PHE C 198 -11.50 -39.82 -4.86
C PHE C 198 -10.21 -40.29 -4.21
N LYS C 199 -9.78 -39.58 -3.17
CA LYS C 199 -8.52 -39.86 -2.52
C LYS C 199 -8.69 -40.95 -1.46
N ILE C 200 -7.77 -41.91 -1.47
CA ILE C 200 -7.74 -43.04 -0.56
C ILE C 200 -6.37 -43.06 0.11
N TYR C 201 -6.35 -42.90 1.43
CA TYR C 201 -5.13 -42.96 2.23
C TYR C 201 -5.15 -44.24 3.05
N SER C 202 -4.02 -44.93 3.11
CA SER C 202 -3.97 -46.24 3.74
C SER C 202 -2.79 -46.33 4.71
N LYS C 203 -2.95 -47.16 5.73
CA LYS C 203 -1.88 -47.44 6.68
C LYS C 203 -2.17 -48.76 7.38
N HIS C 204 -1.26 -49.71 7.26
CA HIS C 204 -1.37 -50.99 7.97
C HIS C 204 -0.30 -51.07 9.03
N THR C 205 -0.73 -51.29 10.28
CA THR C 205 0.22 -51.33 11.38
C THR C 205 -0.04 -52.52 12.30
N PRO C 206 1.00 -53.21 12.75
CA PRO C 206 0.80 -54.38 13.62
C PRO C 206 0.48 -53.94 15.05
N ILE C 207 -0.58 -54.52 15.61
CA ILE C 207 -1.01 -54.23 16.97
C ILE C 207 -1.19 -55.54 17.71
N ASN C 208 -1.22 -55.44 19.04
CA ASN C 208 -1.44 -56.61 19.89
C ASN C 208 -2.53 -56.33 20.92
N LEU C 213 -8.61 -49.95 19.14
CA LEU C 213 -7.77 -48.87 18.62
C LEU C 213 -6.69 -48.48 19.64
N PRO C 214 -5.43 -48.71 19.28
CA PRO C 214 -4.34 -48.44 20.23
C PRO C 214 -4.24 -46.96 20.58
N GLN C 215 -3.82 -46.69 21.82
CA GLN C 215 -3.59 -45.33 22.27
C GLN C 215 -2.20 -44.88 21.81
N GLY C 216 -2.10 -44.67 20.50
CA GLY C 216 -0.85 -44.28 19.88
C GLY C 216 -1.13 -43.43 18.65
N PHE C 217 -0.07 -43.10 17.94
CA PHE C 217 -0.16 -42.21 16.78
C PHE C 217 0.54 -42.85 15.59
N SER C 218 -0.06 -42.70 14.41
CA SER C 218 0.50 -43.23 13.18
C SER C 218 -0.18 -42.54 12.01
N ALA C 219 0.60 -41.91 11.14
CA ALA C 219 0.04 -41.20 10.00
C ALA C 219 -0.31 -42.16 8.87
N LEU C 220 -1.23 -41.72 8.01
CA LEU C 220 -1.76 -42.54 6.92
C LEU C 220 -1.26 -41.97 5.60
N GLU C 221 -0.29 -42.66 5.00
CA GLU C 221 0.27 -42.18 3.74
C GLU C 221 -0.75 -42.35 2.61
N PRO C 222 -0.81 -41.40 1.67
CA PRO C 222 -1.76 -41.52 0.56
C PRO C 222 -1.47 -42.73 -0.30
N LEU C 223 -2.53 -43.35 -0.80
CA LEU C 223 -2.43 -44.57 -1.59
C LEU C 223 -2.95 -44.41 -3.01
N VAL C 224 -4.16 -43.90 -3.19
CA VAL C 224 -4.79 -43.87 -4.50
C VAL C 224 -5.46 -42.52 -4.71
N ASP C 225 -5.34 -41.99 -5.93
CA ASP C 225 -6.09 -40.81 -6.35
C ASP C 225 -6.73 -41.11 -7.70
N LEU C 226 -8.05 -40.95 -7.79
CA LEU C 226 -8.79 -41.32 -8.99
C LEU C 226 -9.55 -40.11 -9.53
N PRO C 227 -9.44 -39.81 -10.82
CA PRO C 227 -10.05 -38.59 -11.35
C PRO C 227 -11.56 -38.66 -11.48
N ILE C 228 -12.18 -39.72 -10.95
CA ILE C 228 -13.62 -39.87 -11.07
C ILE C 228 -14.32 -38.76 -10.29
N GLY C 229 -15.33 -38.16 -10.91
CA GLY C 229 -16.08 -37.09 -10.26
C GLY C 229 -17.46 -37.53 -9.84
N ILE C 230 -17.61 -38.80 -9.46
CA ILE C 230 -18.91 -39.34 -9.07
C ILE C 230 -19.38 -38.68 -7.78
N ASN C 231 -20.62 -38.22 -7.78
CA ASN C 231 -21.23 -37.75 -6.55
C ASN C 231 -21.46 -38.93 -5.62
N ILE C 232 -20.95 -38.85 -4.40
CA ILE C 232 -21.03 -39.94 -3.44
C ILE C 232 -21.75 -39.42 -2.20
N THR C 233 -22.73 -40.18 -1.72
CA THR C 233 -23.46 -39.83 -0.51
C THR C 233 -23.59 -41.03 0.42
N ARG C 234 -23.56 -42.24 -0.14
CA ARG C 234 -23.74 -43.45 0.64
C ARG C 234 -22.67 -44.47 0.27
N PHE C 235 -22.34 -45.34 1.23
CA PHE C 235 -21.33 -46.36 1.01
C PHE C 235 -21.62 -47.57 1.88
N GLN C 236 -20.99 -48.69 1.53
CA GLN C 236 -21.21 -49.93 2.23
C GLN C 236 -19.95 -50.79 2.15
N THR C 237 -19.82 -51.72 3.07
CA THR C 237 -18.65 -52.58 3.17
C THR C 237 -18.93 -53.93 2.53
N LEU C 238 -17.89 -54.52 1.94
CA LEU C 238 -18.01 -55.79 1.24
C LEU C 238 -16.98 -56.77 1.80
N LEU C 239 -17.43 -57.99 2.10
CA LEU C 239 -16.55 -59.00 2.65
C LEU C 239 -16.91 -60.36 2.05
N ALA C 240 -15.94 -61.27 2.08
CA ALA C 240 -16.12 -62.61 1.55
C ALA C 240 -16.26 -63.63 2.67
N ALA C 261 -16.20 -57.20 12.15
CA ALA C 261 -15.98 -56.11 13.09
C ALA C 261 -15.07 -55.05 12.49
N TYR C 262 -15.60 -53.84 12.34
CA TYR C 262 -14.83 -52.74 11.77
C TYR C 262 -15.37 -51.42 12.29
N TYR C 263 -14.50 -50.42 12.31
CA TYR C 263 -14.81 -49.10 12.84
C TYR C 263 -15.03 -48.11 11.71
N VAL C 264 -16.01 -47.24 11.87
CA VAL C 264 -16.34 -46.21 10.90
C VAL C 264 -16.44 -44.86 11.62
N GLY C 265 -15.75 -43.85 11.07
CA GLY C 265 -15.90 -42.49 11.55
C GLY C 265 -16.07 -41.55 10.37
N TYR C 266 -16.48 -40.31 10.67
CA TYR C 266 -16.75 -39.32 9.65
C TYR C 266 -15.82 -38.12 9.81
N LEU C 267 -15.27 -37.66 8.69
CA LEU C 267 -14.32 -36.55 8.70
C LEU C 267 -15.05 -35.22 8.73
N GLN C 268 -14.46 -34.24 9.41
CA GLN C 268 -15.01 -32.90 9.53
C GLN C 268 -13.92 -31.88 9.23
N PRO C 269 -14.29 -30.67 8.80
CA PRO C 269 -13.28 -29.67 8.42
C PRO C 269 -12.58 -29.06 9.62
N ARG C 270 -11.52 -29.72 10.11
CA ARG C 270 -10.80 -29.28 11.29
C ARG C 270 -9.45 -28.69 10.93
N THR C 271 -8.91 -27.91 11.86
CA THR C 271 -7.57 -27.34 11.75
C THR C 271 -6.63 -28.11 12.66
N PHE C 272 -5.51 -28.56 12.10
CA PHE C 272 -4.57 -29.41 12.82
C PHE C 272 -3.19 -28.79 12.77
N LEU C 273 -2.42 -29.04 13.83
CA LEU C 273 -1.01 -28.66 13.90
C LEU C 273 -0.19 -29.94 13.91
N LEU C 274 0.52 -30.19 12.82
CA LEU C 274 1.25 -31.43 12.59
C LEU C 274 2.74 -31.22 12.81
N LYS C 275 3.40 -32.27 13.29
CA LYS C 275 4.82 -32.23 13.62
C LYS C 275 5.58 -33.18 12.68
N TYR C 276 6.43 -32.61 11.83
CA TYR C 276 7.29 -33.39 10.94
C TYR C 276 8.67 -33.49 11.56
N ASN C 277 9.12 -34.72 11.80
CA ASN C 277 10.40 -34.94 12.46
C ASN C 277 11.53 -34.82 11.44
N GLU C 278 12.73 -35.26 11.82
CA GLU C 278 13.90 -35.08 10.98
C GLU C 278 13.80 -35.88 9.68
N ASN C 279 13.10 -37.00 9.70
CA ASN C 279 12.97 -37.87 8.54
C ASN C 279 11.74 -37.55 7.70
N GLY C 280 10.99 -36.51 8.03
CA GLY C 280 9.84 -36.14 7.24
C GLY C 280 8.56 -36.88 7.56
N THR C 281 8.48 -37.50 8.73
CA THR C 281 7.33 -38.29 9.13
C THR C 281 6.48 -37.52 10.12
N ILE C 282 5.16 -37.55 9.93
CA ILE C 282 4.25 -36.96 10.91
C ILE C 282 4.27 -37.83 12.15
N THR C 283 4.80 -37.30 13.24
CA THR C 283 4.89 -38.04 14.49
C THR C 283 3.94 -37.56 15.57
N ASP C 284 3.36 -36.37 15.43
CA ASP C 284 2.41 -35.87 16.41
C ASP C 284 1.48 -34.86 15.75
N ALA C 285 0.30 -34.72 16.34
CA ALA C 285 -0.69 -33.79 15.82
C ALA C 285 -1.52 -33.24 16.97
N VAL C 286 -1.94 -31.98 16.81
CA VAL C 286 -2.77 -31.29 17.79
C VAL C 286 -4.04 -30.81 17.08
N ASP C 287 -5.19 -31.12 17.67
CA ASP C 287 -6.48 -30.70 17.15
C ASP C 287 -6.86 -29.39 17.84
N CYS C 288 -6.84 -28.29 17.09
CA CYS C 288 -6.95 -26.97 17.68
C CYS C 288 -8.31 -26.69 18.31
N ALA C 289 -9.36 -27.40 17.89
CA ALA C 289 -10.70 -27.14 18.39
C ALA C 289 -11.15 -28.13 19.44
N LEU C 290 -10.24 -28.95 19.98
CA LEU C 290 -10.63 -29.98 20.93
C LEU C 290 -10.99 -29.38 22.28
N ASP C 291 -10.16 -28.48 22.79
CA ASP C 291 -10.30 -27.96 24.15
C ASP C 291 -9.46 -26.70 24.27
N PRO C 292 -9.62 -25.93 25.35
CA PRO C 292 -8.82 -24.69 25.47
C PRO C 292 -7.31 -24.91 25.43
N LEU C 293 -6.83 -26.02 26.01
CA LEU C 293 -5.39 -26.27 26.00
C LEU C 293 -4.86 -26.45 24.58
N SER C 294 -5.62 -27.15 23.74
CA SER C 294 -5.19 -27.33 22.36
C SER C 294 -5.28 -26.03 21.57
N GLU C 295 -6.25 -25.18 21.88
CA GLU C 295 -6.27 -23.84 21.30
C GLU C 295 -5.01 -23.07 21.67
N THR C 296 -4.59 -23.17 22.93
CA THR C 296 -3.35 -22.52 23.34
C THR C 296 -2.14 -23.08 22.60
N LYS C 297 -2.09 -24.41 22.46
CA LYS C 297 -0.97 -25.03 21.75
C LYS C 297 -0.90 -24.57 20.30
N CYS C 298 -2.06 -24.50 19.63
CA CYS C 298 -2.07 -24.04 18.24
C CYS C 298 -1.76 -22.55 18.13
N THR C 299 -2.21 -21.76 19.10
CA THR C 299 -1.91 -20.33 19.08
C THR C 299 -0.43 -20.07 19.25
N LEU C 300 0.23 -20.79 20.15
CA LEU C 300 1.66 -20.66 20.34
C LEU C 300 2.46 -21.33 19.23
N LYS C 301 1.81 -22.11 18.37
CA LYS C 301 2.49 -22.90 17.34
C LYS C 301 3.54 -23.83 17.97
N SER C 302 3.19 -24.43 19.10
CA SER C 302 4.11 -25.31 19.80
C SER C 302 3.31 -26.34 20.59
N PHE C 303 3.97 -27.45 20.89
CA PHE C 303 3.34 -28.56 21.60
C PHE C 303 3.46 -28.45 23.10
N THR C 304 4.54 -27.86 23.60
CA THR C 304 4.69 -27.60 25.02
C THR C 304 4.25 -26.17 25.33
N VAL C 305 3.46 -26.01 26.39
CA VAL C 305 2.97 -24.70 26.81
C VAL C 305 3.49 -24.45 28.22
N GLU C 306 4.14 -23.30 28.41
CA GLU C 306 4.69 -22.95 29.70
C GLU C 306 3.59 -22.43 30.62
N LYS C 307 3.94 -22.32 31.91
CA LYS C 307 3.02 -21.79 32.90
C LYS C 307 2.71 -20.33 32.60
N GLY C 308 1.45 -19.96 32.74
CA GLY C 308 1.04 -18.59 32.51
C GLY C 308 -0.39 -18.53 32.04
N ILE C 309 -0.82 -17.33 31.70
CA ILE C 309 -2.17 -17.08 31.19
C ILE C 309 -2.03 -16.54 29.77
N TYR C 310 -2.65 -17.23 28.82
CA TYR C 310 -2.47 -16.95 27.40
C TYR C 310 -3.79 -16.47 26.82
N GLN C 311 -3.76 -15.30 26.17
CA GLN C 311 -4.91 -14.78 25.46
C GLN C 311 -5.05 -15.57 24.16
N THR C 312 -5.98 -16.52 24.14
CA THR C 312 -6.07 -17.44 23.02
C THR C 312 -7.02 -16.94 21.93
N SER C 313 -8.29 -16.72 22.27
CA SER C 313 -9.25 -16.52 21.19
C SER C 313 -10.30 -15.50 21.61
N ASN C 314 -11.35 -15.40 20.81
CA ASN C 314 -12.49 -14.54 21.09
C ASN C 314 -13.76 -15.35 20.88
N PHE C 315 -14.64 -15.32 21.87
CA PHE C 315 -15.93 -15.98 21.75
C PHE C 315 -16.95 -15.01 21.18
N ARG C 316 -17.75 -15.51 20.24
CA ARG C 316 -18.80 -14.76 19.58
C ARG C 316 -20.08 -15.56 19.58
N VAL C 317 -21.21 -14.87 19.64
CA VAL C 317 -22.53 -15.50 19.52
C VAL C 317 -22.96 -15.40 18.07
N GLN C 318 -23.13 -16.55 17.43
CA GLN C 318 -23.46 -16.59 16.01
C GLN C 318 -24.94 -16.29 15.78
N PRO C 319 -25.27 -15.71 14.63
CA PRO C 319 -26.67 -15.41 14.33
C PRO C 319 -27.50 -16.67 14.22
N THR C 320 -28.78 -16.54 14.56
CA THR C 320 -29.71 -17.66 14.57
C THR C 320 -30.52 -17.76 13.28
N GLU C 321 -30.94 -16.63 12.71
CA GLU C 321 -31.73 -16.63 11.50
C GLU C 321 -31.47 -15.35 10.72
N SER C 322 -32.11 -15.24 9.56
CA SER C 322 -31.95 -14.08 8.69
C SER C 322 -33.28 -13.35 8.55
N ILE C 323 -33.21 -12.02 8.56
CA ILE C 323 -34.37 -11.13 8.50
C ILE C 323 -34.20 -10.24 7.28
N VAL C 324 -35.23 -10.15 6.45
CA VAL C 324 -35.23 -9.26 5.29
C VAL C 324 -36.43 -8.34 5.40
N ARG C 325 -36.20 -7.04 5.21
CA ARG C 325 -37.27 -6.05 5.30
C ARG C 325 -37.14 -5.11 4.11
N PHE C 326 -38.12 -5.16 3.20
CA PHE C 326 -38.18 -4.36 1.99
C PHE C 326 -39.52 -3.64 1.95
N PRO C 327 -39.61 -2.53 1.23
CA PRO C 327 -40.85 -1.73 1.27
C PRO C 327 -42.03 -2.47 0.66
N ASN C 328 -43.21 -1.87 0.86
CA ASN C 328 -44.46 -2.37 0.29
C ASN C 328 -44.56 -1.85 -1.14
N ILE C 329 -44.15 -2.66 -2.10
CA ILE C 329 -44.18 -2.28 -3.52
C ILE C 329 -44.49 -3.53 -4.33
N THR C 330 -45.44 -3.40 -5.25
CA THR C 330 -45.81 -4.51 -6.13
C THR C 330 -45.68 -4.18 -7.61
N ASN C 331 -45.81 -2.92 -8.00
CA ASN C 331 -45.74 -2.54 -9.41
C ASN C 331 -44.35 -2.83 -9.98
N LEU C 332 -44.31 -3.26 -11.22
CA LEU C 332 -43.06 -3.52 -11.91
C LEU C 332 -42.57 -2.26 -12.61
N CYS C 333 -41.25 -2.08 -12.64
CA CYS C 333 -40.70 -0.86 -13.20
C CYS C 333 -40.83 -0.88 -14.73
N PRO C 334 -41.11 0.27 -15.35
CA PRO C 334 -41.34 0.33 -16.80
C PRO C 334 -40.06 0.40 -17.62
N PHE C 335 -39.27 -0.67 -17.56
CA PHE C 335 -38.11 -0.79 -18.43
C PHE C 335 -38.48 -1.23 -19.83
N ASP C 336 -39.73 -1.65 -20.05
CA ASP C 336 -40.15 -2.06 -21.38
C ASP C 336 -40.08 -0.90 -22.36
N GLU C 337 -40.53 0.28 -21.94
CA GLU C 337 -40.67 1.41 -22.85
C GLU C 337 -39.38 2.21 -23.02
N VAL C 338 -38.33 1.91 -22.24
CA VAL C 338 -37.05 2.56 -22.44
C VAL C 338 -36.23 1.89 -23.52
N PHE C 339 -36.06 0.57 -23.41
CA PHE C 339 -35.22 -0.18 -24.34
C PHE C 339 -35.91 -0.50 -25.64
N ASN C 340 -37.22 -0.39 -25.72
CA ASN C 340 -37.99 -0.84 -26.88
C ASN C 340 -38.72 0.31 -27.53
N ALA C 341 -38.12 1.50 -27.55
CA ALA C 341 -38.68 2.62 -28.27
C ALA C 341 -38.47 2.43 -29.76
N THR C 342 -39.39 3.00 -30.54
CA THR C 342 -39.26 2.94 -31.99
C THR C 342 -38.07 3.76 -32.47
N ARG C 343 -37.87 4.95 -31.90
CA ARG C 343 -36.78 5.83 -32.28
C ARG C 343 -36.24 6.52 -31.04
N PHE C 344 -34.93 6.42 -30.83
CA PHE C 344 -34.29 7.08 -29.70
C PHE C 344 -34.03 8.55 -30.04
N ALA C 345 -33.86 9.34 -28.99
CA ALA C 345 -33.66 10.77 -29.16
C ALA C 345 -32.25 11.07 -29.65
N SER C 346 -32.05 12.32 -30.08
CA SER C 346 -30.72 12.79 -30.39
C SER C 346 -29.90 12.93 -29.11
N VAL C 347 -28.59 12.91 -29.25
CA VAL C 347 -27.72 12.98 -28.08
C VAL C 347 -27.80 14.36 -27.42
N TYR C 348 -27.95 15.42 -28.22
CA TYR C 348 -28.05 16.76 -27.65
C TYR C 348 -29.37 17.00 -26.95
N ALA C 349 -30.42 16.25 -27.30
CA ALA C 349 -31.72 16.36 -26.65
C ALA C 349 -32.11 15.01 -26.07
N TRP C 350 -31.18 14.39 -25.34
CA TRP C 350 -31.34 13.03 -24.85
C TRP C 350 -32.60 12.88 -24.00
N ASN C 351 -33.34 11.80 -24.22
CA ASN C 351 -34.54 11.57 -23.44
C ASN C 351 -34.16 11.12 -22.03
N ARG C 352 -34.98 11.50 -21.07
CA ARG C 352 -34.81 11.06 -19.68
C ARG C 352 -36.15 10.59 -19.13
N LYS C 353 -36.14 9.46 -18.46
CA LYS C 353 -37.32 8.91 -17.82
C LYS C 353 -37.03 8.61 -16.36
N ARG C 354 -38.00 8.85 -15.50
CA ARG C 354 -37.84 8.67 -14.06
C ARG C 354 -38.56 7.40 -13.61
N ILE C 355 -37.87 6.59 -12.83
CA ILE C 355 -38.36 5.30 -12.35
C ILE C 355 -38.43 5.36 -10.83
N SER C 356 -39.63 5.11 -10.31
CA SER C 356 -39.86 5.16 -8.86
C SER C 356 -41.10 4.35 -8.53
N ASN C 357 -41.21 3.97 -7.25
CA ASN C 357 -42.36 3.26 -6.72
C ASN C 357 -42.64 1.97 -7.50
N CYS C 358 -41.60 1.17 -7.69
CA CYS C 358 -41.74 -0.08 -8.43
C CYS C 358 -40.60 -1.01 -8.05
N VAL C 359 -40.79 -2.30 -8.36
CA VAL C 359 -39.75 -3.30 -8.18
C VAL C 359 -39.06 -3.52 -9.52
N ALA C 360 -37.75 -3.29 -9.55
CA ALA C 360 -36.98 -3.33 -10.79
C ALA C 360 -36.19 -4.63 -10.85
N ASP C 361 -36.52 -5.48 -11.81
CA ASP C 361 -35.79 -6.71 -12.06
C ASP C 361 -34.83 -6.44 -13.21
N TYR C 362 -33.54 -6.34 -12.88
CA TYR C 362 -32.50 -6.02 -13.85
C TYR C 362 -32.05 -7.23 -14.65
N SER C 363 -32.63 -8.39 -14.43
CA SER C 363 -32.27 -9.59 -15.17
C SER C 363 -33.09 -9.78 -16.43
N VAL C 364 -34.09 -8.94 -16.68
CA VAL C 364 -34.81 -8.98 -17.95
C VAL C 364 -34.30 -7.92 -18.91
N LEU C 365 -33.39 -7.06 -18.48
CA LEU C 365 -32.84 -6.06 -19.39
C LEU C 365 -32.05 -6.72 -20.51
N TYR C 366 -31.63 -7.97 -20.34
CA TYR C 366 -30.96 -8.68 -21.41
C TYR C 366 -31.93 -9.10 -22.51
N ASN C 367 -33.21 -9.22 -22.20
CA ASN C 367 -34.20 -9.65 -23.18
C ASN C 367 -34.75 -8.51 -24.02
N PHE C 368 -34.42 -7.26 -23.70
CA PHE C 368 -34.96 -6.12 -24.41
C PHE C 368 -34.02 -5.56 -25.47
N ALA C 369 -32.71 -5.57 -25.21
CA ALA C 369 -31.74 -5.02 -26.13
C ALA C 369 -30.62 -6.03 -26.38
N PRO C 370 -30.15 -6.14 -27.60
CA PRO C 370 -29.07 -7.08 -27.93
C PRO C 370 -27.67 -6.57 -27.58
N PHE C 371 -27.51 -6.08 -26.36
CA PHE C 371 -26.21 -5.64 -25.92
C PHE C 371 -25.41 -6.82 -25.38
N PHE C 372 -24.11 -6.60 -25.17
CA PHE C 372 -23.19 -7.66 -24.79
C PHE C 372 -22.89 -7.68 -23.29
N ALA C 373 -22.84 -6.51 -22.64
CA ALA C 373 -22.61 -6.45 -21.21
C ALA C 373 -22.92 -5.05 -20.72
N PHE C 374 -23.23 -4.97 -19.43
CA PHE C 374 -23.35 -3.68 -18.76
C PHE C 374 -21.97 -3.05 -18.57
N LYS C 375 -21.96 -1.75 -18.28
CA LYS C 375 -20.77 -1.07 -17.77
C LYS C 375 -21.22 -0.32 -16.52
N CYS C 376 -21.12 -0.96 -15.37
CA CYS C 376 -21.64 -0.39 -14.12
C CYS C 376 -20.51 0.20 -13.29
N TYR C 377 -20.68 1.46 -12.90
CA TYR C 377 -19.73 2.18 -12.08
C TYR C 377 -20.31 2.35 -10.68
N GLY C 378 -19.54 1.95 -9.67
CA GLY C 378 -19.97 2.03 -8.29
C GLY C 378 -20.85 0.91 -7.84
N VAL C 379 -21.17 -0.05 -8.71
CA VAL C 379 -22.09 -1.14 -8.38
C VAL C 379 -21.80 -2.28 -9.35
N SER C 380 -22.15 -3.50 -8.94
CA SER C 380 -21.87 -4.56 -9.90
C SER C 380 -23.17 -5.02 -10.56
N PRO C 381 -23.11 -5.38 -11.84
CA PRO C 381 -24.36 -5.71 -12.56
C PRO C 381 -25.15 -6.85 -11.94
N THR C 382 -24.48 -7.83 -11.34
CA THR C 382 -25.19 -8.96 -10.77
C THR C 382 -25.84 -8.66 -9.43
N LYS C 383 -25.38 -7.61 -8.74
CA LYS C 383 -25.90 -7.27 -7.42
C LYS C 383 -27.10 -6.34 -7.47
N LEU C 384 -27.47 -5.85 -8.66
CA LEU C 384 -28.51 -4.83 -8.76
C LEU C 384 -29.84 -5.29 -8.20
N ASN C 385 -30.13 -6.59 -8.28
CA ASN C 385 -31.39 -7.12 -7.79
C ASN C 385 -31.45 -7.21 -6.27
N ASP C 386 -30.35 -6.97 -5.58
CA ASP C 386 -30.32 -7.07 -4.12
C ASP C 386 -30.23 -5.71 -3.45
N LEU C 387 -30.57 -4.64 -4.15
CA LEU C 387 -30.41 -3.28 -3.65
C LEU C 387 -31.70 -2.50 -3.85
N CYS C 388 -31.92 -1.53 -2.96
CA CYS C 388 -33.03 -0.60 -3.07
C CYS C 388 -32.48 0.80 -3.33
N PHE C 389 -32.99 1.46 -4.35
CA PHE C 389 -32.59 2.81 -4.70
C PHE C 389 -33.76 3.76 -4.48
N THR C 390 -33.45 5.00 -4.09
CA THR C 390 -34.52 5.98 -3.90
C THR C 390 -35.14 6.39 -5.22
N ASN C 391 -34.34 6.46 -6.29
CA ASN C 391 -34.87 6.75 -7.62
C ASN C 391 -33.97 6.14 -8.67
N VAL C 392 -34.50 6.00 -9.88
CA VAL C 392 -33.71 5.58 -11.04
C VAL C 392 -33.99 6.53 -12.17
N TYR C 393 -32.98 6.84 -12.96
CA TYR C 393 -33.16 7.67 -14.15
C TYR C 393 -32.59 6.95 -15.35
N ALA C 394 -33.40 6.80 -16.40
CA ALA C 394 -33.00 6.14 -17.63
C ALA C 394 -32.88 7.21 -18.71
N ASP C 395 -31.65 7.51 -19.10
CA ASP C 395 -31.36 8.54 -20.10
C ASP C 395 -30.94 7.84 -21.38
N SER C 396 -31.75 7.99 -22.43
CA SER C 396 -31.56 7.28 -23.68
C SER C 396 -31.25 8.23 -24.82
N PHE C 397 -30.34 7.81 -25.70
CA PHE C 397 -29.97 8.60 -26.87
C PHE C 397 -29.22 7.70 -27.85
N VAL C 398 -28.74 8.31 -28.94
CA VAL C 398 -27.99 7.61 -29.98
C VAL C 398 -26.71 8.37 -30.26
N ILE C 399 -25.59 7.67 -30.29
CA ILE C 399 -24.30 8.24 -30.69
C ILE C 399 -23.73 7.33 -31.75
N ARG C 400 -22.48 7.53 -32.16
CA ARG C 400 -21.80 6.55 -32.99
C ARG C 400 -20.75 5.82 -32.16
N GLY C 401 -20.08 4.87 -32.81
CA GLY C 401 -19.22 3.95 -32.08
C GLY C 401 -18.09 4.66 -31.34
N ASN C 402 -17.38 5.56 -32.02
CA ASN C 402 -16.23 6.23 -31.43
C ASN C 402 -16.56 6.88 -30.11
N GLU C 403 -17.79 7.36 -29.97
CA GLU C 403 -18.19 8.16 -28.83
C GLU C 403 -18.78 7.34 -27.70
N VAL C 404 -18.94 6.03 -27.88
CA VAL C 404 -19.46 5.20 -26.80
C VAL C 404 -18.51 5.22 -25.62
N SER C 405 -17.21 5.33 -25.87
CA SER C 405 -16.24 5.42 -24.80
C SER C 405 -16.37 6.71 -24.00
N GLN C 406 -17.03 7.73 -24.56
CA GLN C 406 -17.16 9.00 -23.85
C GLN C 406 -18.29 9.01 -22.83
N ILE C 407 -19.16 8.01 -22.84
CA ILE C 407 -20.26 7.94 -21.87
C ILE C 407 -19.70 7.21 -20.65
N ALA C 408 -19.00 7.97 -19.83
CA ALA C 408 -18.33 7.45 -18.63
C ALA C 408 -17.88 8.62 -17.78
N PRO C 409 -17.87 8.48 -16.45
CA PRO C 409 -17.42 9.59 -15.60
C PRO C 409 -15.98 9.96 -15.88
N GLY C 410 -15.71 11.26 -15.90
CA GLY C 410 -14.37 11.76 -16.12
C GLY C 410 -13.93 11.90 -17.55
N GLN C 411 -14.80 11.62 -18.52
CA GLN C 411 -14.43 11.68 -19.92
C GLN C 411 -14.64 13.07 -20.49
N THR C 412 -13.91 13.35 -21.58
CA THR C 412 -14.03 14.61 -22.29
C THR C 412 -14.05 14.34 -23.79
N GLY C 413 -14.61 15.29 -24.53
CA GLY C 413 -14.80 15.14 -25.95
C GLY C 413 -15.91 16.07 -26.41
N ASN C 414 -16.40 15.81 -27.61
CA ASN C 414 -17.57 16.55 -28.07
C ASN C 414 -18.80 16.16 -27.25
N ILE C 415 -19.04 14.86 -27.11
CA ILE C 415 -20.24 14.39 -26.43
C ILE C 415 -20.19 14.70 -24.94
N ALA C 416 -19.06 14.41 -24.29
CA ALA C 416 -18.98 14.58 -22.85
C ALA C 416 -18.95 16.04 -22.43
N ASP C 417 -18.63 16.95 -23.35
CA ASP C 417 -18.57 18.37 -23.02
C ASP C 417 -19.84 19.11 -23.42
N TYR C 418 -20.29 18.95 -24.67
CA TYR C 418 -21.35 19.77 -25.19
C TYR C 418 -22.69 19.06 -25.31
N ASN C 419 -22.72 17.73 -25.19
CA ASN C 419 -23.95 16.97 -25.42
C ASN C 419 -24.45 16.28 -24.16
N TYR C 420 -23.66 15.42 -23.54
CA TYR C 420 -24.14 14.62 -22.41
C TYR C 420 -23.00 14.36 -21.45
N LYS C 421 -23.06 14.96 -20.27
CA LYS C 421 -21.99 14.89 -19.28
C LYS C 421 -22.46 14.08 -18.07
N LEU C 422 -21.60 13.18 -17.59
CA LEU C 422 -21.87 12.35 -16.42
C LEU C 422 -21.04 12.83 -15.23
N PRO C 423 -21.60 12.81 -14.02
CA PRO C 423 -20.84 13.27 -12.86
C PRO C 423 -19.65 12.37 -12.56
N ASP C 424 -18.65 12.96 -11.90
CA ASP C 424 -17.46 12.21 -11.53
C ASP C 424 -17.74 11.19 -10.42
N ASP C 425 -18.77 11.43 -9.61
CA ASP C 425 -19.20 10.51 -8.57
C ASP C 425 -20.36 9.64 -9.02
N PHE C 426 -20.36 9.28 -10.29
CA PHE C 426 -21.47 8.53 -10.89
C PHE C 426 -21.55 7.13 -10.31
N THR C 427 -22.77 6.71 -9.97
CA THR C 427 -23.08 5.33 -9.62
C THR C 427 -24.24 4.89 -10.48
N GLY C 428 -24.01 3.96 -11.38
CA GLY C 428 -25.04 3.56 -12.31
C GLY C 428 -24.52 2.53 -13.29
N CYS C 429 -25.22 2.39 -14.40
CA CYS C 429 -24.88 1.40 -15.42
C CYS C 429 -25.14 1.96 -16.80
N VAL C 430 -24.17 1.80 -17.70
CA VAL C 430 -24.29 2.24 -19.08
C VAL C 430 -24.48 1.02 -19.96
N ILE C 431 -25.48 1.06 -20.84
CA ILE C 431 -25.83 -0.03 -21.73
C ILE C 431 -25.83 0.52 -23.15
N ALA C 432 -24.93 0.05 -23.99
CA ALA C 432 -24.83 0.50 -25.36
C ALA C 432 -24.89 -0.69 -26.29
N TRP C 433 -25.70 -0.60 -27.34
CA TRP C 433 -25.75 -1.66 -28.33
C TRP C 433 -25.82 -1.10 -29.73
N ASN C 434 -25.18 -1.79 -30.67
CA ASN C 434 -25.19 -1.39 -32.05
C ASN C 434 -26.61 -1.47 -32.62
N SER C 435 -27.01 -0.42 -33.34
CA SER C 435 -28.32 -0.36 -33.95
C SER C 435 -28.20 0.04 -35.42
N ASN C 436 -27.28 -0.63 -36.12
CA ASN C 436 -27.08 -0.31 -37.53
C ASN C 436 -28.25 -0.74 -38.40
N LYS C 437 -29.01 -1.76 -37.96
CA LYS C 437 -30.16 -2.22 -38.73
C LYS C 437 -31.33 -1.25 -38.64
N LEU C 438 -31.39 -0.42 -37.62
CA LEU C 438 -32.51 0.48 -37.39
C LEU C 438 -32.21 1.92 -37.70
N ASP C 439 -31.04 2.42 -37.31
CA ASP C 439 -30.74 3.85 -37.36
C ASP C 439 -29.92 4.24 -38.59
N SER C 440 -29.79 3.36 -39.58
CA SER C 440 -29.01 3.64 -40.77
C SER C 440 -29.89 3.48 -42.00
N LYS C 441 -29.81 4.44 -42.91
CA LYS C 441 -30.51 4.40 -44.18
C LYS C 441 -29.50 4.29 -45.32
N VAL C 442 -29.99 3.82 -46.47
CA VAL C 442 -29.12 3.68 -47.64
C VAL C 442 -28.60 5.05 -48.07
N GLY C 443 -29.47 6.05 -48.08
CA GLY C 443 -29.05 7.40 -48.42
C GLY C 443 -28.43 8.18 -47.28
N GLY C 444 -28.45 7.63 -46.07
CA GLY C 444 -27.95 8.35 -44.92
C GLY C 444 -29.05 8.72 -43.94
N ASN C 445 -28.84 8.45 -42.66
CA ASN C 445 -29.84 8.76 -41.64
C ASN C 445 -29.47 10.07 -40.97
N TYR C 446 -30.22 11.13 -41.29
CA TYR C 446 -29.94 12.47 -40.78
C TYR C 446 -30.95 12.92 -39.73
N ASN C 447 -31.61 11.97 -39.07
CA ASN C 447 -32.54 12.29 -37.98
C ASN C 447 -31.83 12.41 -36.64
N TYR C 448 -30.54 12.14 -36.56
CA TYR C 448 -29.78 12.19 -35.32
C TYR C 448 -28.72 13.27 -35.44
N GLN C 449 -28.61 14.12 -34.41
CA GLN C 449 -27.74 15.27 -34.43
C GLN C 449 -26.96 15.36 -33.12
N TYR C 450 -25.85 16.09 -33.17
CA TYR C 450 -25.07 16.36 -31.97
C TYR C 450 -24.62 17.81 -31.98
N ARG C 451 -24.44 18.37 -30.79
CA ARG C 451 -23.98 19.74 -30.66
C ARG C 451 -22.45 19.77 -30.76
N LEU C 452 -21.95 20.61 -31.65
CA LEU C 452 -20.52 20.66 -31.96
C LEU C 452 -19.79 21.80 -31.27
N PHE C 453 -20.45 22.94 -31.06
CA PHE C 453 -19.85 24.11 -30.44
C PHE C 453 -20.67 24.52 -29.23
N ARG C 454 -19.98 24.96 -28.19
CA ARG C 454 -20.65 25.54 -27.04
C ARG C 454 -19.68 26.43 -26.30
N LYS C 455 -20.20 27.50 -25.69
CA LYS C 455 -19.35 28.46 -25.01
C LYS C 455 -18.62 27.84 -23.82
N SER C 456 -19.32 27.00 -23.06
CA SER C 456 -18.75 26.36 -21.89
C SER C 456 -19.22 24.92 -21.82
N ASN C 457 -18.44 24.10 -21.11
CA ASN C 457 -18.78 22.69 -20.95
C ASN C 457 -20.07 22.54 -20.15
N LEU C 458 -20.81 21.47 -20.45
CA LEU C 458 -22.03 21.20 -19.73
C LEU C 458 -21.75 20.81 -18.29
N LYS C 459 -22.63 21.23 -17.39
CA LYS C 459 -22.64 20.66 -16.06
C LYS C 459 -23.21 19.25 -16.15
N PRO C 460 -22.87 18.38 -15.19
CA PRO C 460 -23.40 17.01 -15.24
C PRO C 460 -24.91 16.99 -15.26
N PHE C 461 -25.46 16.10 -16.08
CA PHE C 461 -26.91 15.92 -16.21
C PHE C 461 -27.61 17.24 -16.57
N GLU C 462 -27.01 17.99 -17.47
CA GLU C 462 -27.61 19.22 -18.00
C GLU C 462 -27.90 19.03 -19.48
N ARG C 463 -29.12 19.37 -19.88
CA ARG C 463 -29.55 19.27 -21.26
C ARG C 463 -29.60 20.66 -21.88
N ASP C 464 -29.01 20.82 -23.04
CA ASP C 464 -28.97 22.10 -23.75
C ASP C 464 -29.57 21.90 -25.14
N ILE C 465 -30.76 22.44 -25.36
CA ILE C 465 -31.45 22.30 -26.63
C ILE C 465 -31.54 23.62 -27.38
N SER C 466 -30.69 24.58 -27.02
CA SER C 466 -30.69 25.88 -27.70
C SER C 466 -30.09 25.76 -29.09
N THR C 467 -30.80 26.30 -30.08
CA THR C 467 -30.35 26.29 -31.47
C THR C 467 -29.83 27.65 -31.93
N GLU C 468 -29.26 28.42 -31.00
CA GLU C 468 -28.71 29.73 -31.33
C GLU C 468 -27.40 29.59 -32.11
N ILE C 469 -27.16 30.53 -33.01
CA ILE C 469 -25.94 30.52 -33.82
C ILE C 469 -24.74 30.81 -32.92
N TYR C 470 -23.74 29.93 -33.00
CA TYR C 470 -22.53 30.07 -32.19
C TYR C 470 -21.59 31.07 -32.85
N GLN C 471 -21.10 32.01 -32.05
CA GLN C 471 -20.25 33.11 -32.52
C GLN C 471 -18.83 32.84 -32.05
N ALA C 472 -17.96 32.42 -32.97
CA ALA C 472 -16.59 32.11 -32.61
C ALA C 472 -15.77 33.37 -32.37
N GLY C 473 -15.99 34.41 -33.16
CA GLY C 473 -15.25 35.65 -33.07
C GLY C 473 -16.02 36.74 -32.36
N ASN C 474 -15.64 37.98 -32.66
CA ASN C 474 -16.28 39.15 -32.07
C ASN C 474 -17.35 39.77 -32.96
N LYS C 475 -17.37 39.45 -34.24
CA LYS C 475 -18.36 40.02 -35.14
C LYS C 475 -19.74 39.45 -34.83
N PRO C 476 -20.74 40.28 -34.52
CA PRO C 476 -22.08 39.75 -34.24
C PRO C 476 -22.64 39.03 -35.45
N CYS C 477 -23.35 37.93 -35.20
CA CYS C 477 -23.95 37.13 -36.25
C CYS C 477 -25.39 37.53 -36.56
N ASN C 478 -26.10 38.05 -35.56
CA ASN C 478 -27.51 38.41 -35.71
C ASN C 478 -28.34 37.22 -36.18
N GLY C 479 -27.94 36.01 -35.78
CA GLY C 479 -28.69 34.81 -36.11
C GLY C 479 -28.49 34.30 -37.53
N VAL C 480 -27.52 34.82 -38.27
CA VAL C 480 -27.27 34.43 -39.65
C VAL C 480 -25.89 33.79 -39.74
N ALA C 481 -25.82 32.61 -40.35
CA ALA C 481 -24.54 31.93 -40.51
C ALA C 481 -23.61 32.73 -41.40
N GLY C 482 -22.32 32.64 -41.10
CA GLY C 482 -21.34 33.39 -41.86
C GLY C 482 -19.95 33.10 -41.36
N PHE C 483 -19.04 34.03 -41.66
CA PHE C 483 -17.68 33.90 -41.17
C PHE C 483 -17.65 34.00 -39.65
N ASN C 484 -17.07 32.99 -39.01
CA ASN C 484 -17.06 32.87 -37.55
C ASN C 484 -18.48 32.94 -36.99
N CYS C 485 -19.43 32.32 -37.70
CA CYS C 485 -20.81 32.19 -37.26
C CYS C 485 -21.28 30.80 -37.67
N TYR C 486 -21.20 29.85 -36.73
CA TYR C 486 -21.50 28.46 -37.03
C TYR C 486 -22.86 28.07 -36.48
N PHE C 487 -23.42 27.00 -37.03
CA PHE C 487 -24.61 26.38 -36.45
C PHE C 487 -24.17 25.23 -35.58
N PRO C 488 -24.40 25.28 -34.26
CA PRO C 488 -23.76 24.31 -33.37
C PRO C 488 -24.18 22.88 -33.57
N LEU C 489 -25.33 22.63 -34.19
CA LEU C 489 -25.83 21.26 -34.35
C LEU C 489 -25.42 20.71 -35.71
N ARG C 490 -24.81 19.53 -35.71
CA ARG C 490 -24.44 18.83 -36.92
C ARG C 490 -25.07 17.45 -36.91
N SER C 491 -25.59 17.02 -38.06
CA SER C 491 -26.27 15.73 -38.16
C SER C 491 -25.26 14.61 -38.42
N TYR C 492 -25.41 13.51 -37.70
CA TYR C 492 -24.72 12.29 -38.06
C TYR C 492 -25.22 11.80 -39.41
N GLY C 493 -24.30 11.32 -40.24
CA GLY C 493 -24.71 10.61 -41.43
C GLY C 493 -24.47 9.14 -41.23
N PHE C 494 -25.52 8.38 -40.94
CA PHE C 494 -25.42 6.96 -40.67
C PHE C 494 -25.79 6.18 -41.93
N ARG C 495 -24.91 5.29 -42.36
CA ARG C 495 -25.14 4.46 -43.53
C ARG C 495 -24.76 3.04 -43.20
N PRO C 496 -25.43 2.05 -43.81
CA PRO C 496 -25.13 0.65 -43.48
C PRO C 496 -23.73 0.21 -43.88
N THR C 497 -23.08 0.91 -44.80
CA THR C 497 -21.77 0.53 -45.29
C THR C 497 -20.63 1.08 -44.44
N TYR C 498 -20.94 1.85 -43.40
CA TYR C 498 -19.90 2.42 -42.57
C TYR C 498 -19.27 1.37 -41.67
N GLY C 499 -18.03 1.63 -41.26
CA GLY C 499 -17.34 0.72 -40.37
C GLY C 499 -17.91 0.76 -38.97
N VAL C 500 -17.48 -0.21 -38.16
CA VAL C 500 -18.09 -0.43 -36.86
C VAL C 500 -17.93 0.79 -35.96
N GLY C 501 -16.87 1.57 -36.17
CA GLY C 501 -16.69 2.77 -35.36
C GLY C 501 -17.61 3.91 -35.74
N HIS C 502 -18.13 3.91 -36.97
CA HIS C 502 -18.98 4.99 -37.44
C HIS C 502 -20.45 4.57 -37.54
N GLN C 503 -20.79 3.43 -37.05
CA GLN C 503 -22.17 2.97 -37.05
C GLN C 503 -22.90 3.46 -35.80
N PRO C 504 -24.22 3.63 -35.88
CA PRO C 504 -24.97 4.14 -34.73
C PRO C 504 -24.99 3.15 -33.58
N TYR C 505 -24.98 3.68 -32.37
CA TYR C 505 -25.07 2.92 -31.14
C TYR C 505 -26.11 3.57 -30.24
N ARG C 506 -27.09 2.79 -29.82
CA ARG C 506 -28.12 3.24 -28.90
C ARG C 506 -27.62 3.05 -27.47
N VAL C 507 -27.72 4.10 -26.66
CA VAL C 507 -27.17 4.13 -25.32
C VAL C 507 -28.29 4.44 -24.34
N VAL C 508 -28.34 3.67 -23.25
CA VAL C 508 -29.24 3.89 -22.12
C VAL C 508 -28.39 3.93 -20.87
N VAL C 509 -28.47 5.04 -20.13
CA VAL C 509 -27.72 5.23 -18.90
C VAL C 509 -28.70 5.17 -17.74
N LEU C 510 -28.47 4.25 -16.82
CA LEU C 510 -29.27 4.13 -15.61
C LEU C 510 -28.49 4.76 -14.45
N SER C 511 -29.04 5.81 -13.88
CA SER C 511 -28.46 6.48 -12.72
C SER C 511 -29.29 6.14 -11.51
N PHE C 512 -28.63 5.68 -10.46
CA PHE C 512 -29.29 5.18 -9.26
C PHE C 512 -29.16 6.21 -8.14
N GLU C 513 -30.24 6.91 -7.83
CA GLU C 513 -30.27 7.84 -6.72
C GLU C 513 -30.48 7.05 -5.44
N LEU C 514 -29.42 6.94 -4.63
CA LEU C 514 -29.44 6.26 -3.34
C LEU C 514 -29.22 7.33 -2.27
N LEU C 515 -30.30 7.97 -1.85
CA LEU C 515 -30.27 9.03 -0.87
C LEU C 515 -30.72 8.51 0.49
N HIS C 516 -30.91 9.42 1.45
CA HIS C 516 -31.45 9.04 2.75
C HIS C 516 -32.96 8.88 2.73
N ALA C 517 -33.61 9.19 1.61
CA ALA C 517 -35.05 9.10 1.52
C ALA C 517 -35.50 7.65 1.58
N PRO C 518 -36.78 7.40 1.87
CA PRO C 518 -37.29 6.03 1.77
C PRO C 518 -37.10 5.46 0.38
N ALA C 519 -36.74 4.18 0.32
CA ALA C 519 -36.52 3.52 -0.95
C ALA C 519 -37.81 3.40 -1.73
N THR C 520 -37.72 3.59 -3.04
CA THR C 520 -38.86 3.44 -3.93
C THR C 520 -38.65 2.42 -5.05
N VAL C 521 -37.41 2.23 -5.50
CA VAL C 521 -37.08 1.22 -6.50
C VAL C 521 -36.27 0.13 -5.82
N CYS C 522 -36.79 -1.08 -5.82
CA CYS C 522 -36.14 -2.20 -5.17
C CYS C 522 -36.07 -3.38 -6.12
N GLY C 523 -35.23 -4.35 -5.77
CA GLY C 523 -35.16 -5.58 -6.52
C GLY C 523 -36.18 -6.58 -6.02
N PRO C 524 -36.42 -7.64 -6.78
CA PRO C 524 -37.34 -8.67 -6.31
C PRO C 524 -36.75 -9.42 -5.12
N LYS C 525 -37.33 -9.21 -3.94
CA LYS C 525 -36.77 -9.77 -2.71
C LYS C 525 -37.89 -9.87 -1.69
N LYS C 526 -38.25 -11.08 -1.30
CA LYS C 526 -39.30 -11.26 -0.31
C LYS C 526 -38.80 -10.87 1.07
N SER C 527 -39.66 -10.19 1.82
CA SER C 527 -39.32 -9.69 3.15
C SER C 527 -39.95 -10.57 4.22
N THR C 528 -39.14 -11.04 5.16
CA THR C 528 -39.59 -11.93 6.20
C THR C 528 -40.12 -11.16 7.41
N ASN C 529 -40.50 -11.88 8.45
CA ASN C 529 -40.98 -11.25 9.67
C ASN C 529 -39.83 -10.59 10.42
N LEU C 530 -40.17 -9.59 11.21
CA LEU C 530 -39.20 -8.86 12.00
C LEU C 530 -38.97 -9.59 13.33
N VAL C 531 -37.71 -9.89 13.62
CA VAL C 531 -37.33 -10.60 14.83
C VAL C 531 -36.50 -9.66 15.69
N LYS C 532 -36.91 -9.49 16.95
CA LYS C 532 -36.24 -8.59 17.86
C LYS C 532 -35.65 -9.37 19.03
N ASN C 533 -34.66 -8.76 19.68
CA ASN C 533 -34.01 -9.32 20.86
C ASN C 533 -33.34 -10.66 20.56
N LYS C 534 -32.90 -10.84 19.33
CA LYS C 534 -32.15 -12.04 18.94
C LYS C 534 -31.06 -11.65 17.95
N CYS C 535 -29.97 -12.42 17.96
CA CYS C 535 -28.86 -12.19 17.05
C CYS C 535 -29.24 -12.73 15.68
N VAL C 536 -29.46 -11.84 14.72
CA VAL C 536 -29.91 -12.21 13.39
C VAL C 536 -29.07 -11.50 12.34
N ASN C 537 -29.11 -12.04 11.12
CA ASN C 537 -28.55 -11.38 9.94
C ASN C 537 -29.65 -10.54 9.31
N PHE C 538 -29.61 -9.24 9.51
CA PHE C 538 -30.67 -8.36 9.02
C PHE C 538 -30.29 -7.73 7.69
N ASN C 539 -31.31 -7.41 6.91
CA ASN C 539 -31.15 -6.79 5.59
C ASN C 539 -32.30 -5.79 5.42
N PHE C 540 -32.02 -4.51 5.67
CA PHE C 540 -32.99 -3.43 5.55
C PHE C 540 -32.67 -2.62 4.30
N ASN C 541 -33.47 -2.77 3.25
CA ASN C 541 -33.33 -1.99 2.02
C ASN C 541 -31.93 -2.12 1.43
N GLY C 542 -31.37 -3.32 1.47
CA GLY C 542 -30.04 -3.56 0.97
C GLY C 542 -28.93 -3.29 1.96
N LEU C 543 -29.21 -2.59 3.05
CA LEU C 543 -28.27 -2.41 4.14
C LEU C 543 -28.23 -3.71 4.93
N THR C 544 -27.15 -4.48 4.75
CA THR C 544 -27.01 -5.77 5.41
C THR C 544 -26.17 -5.63 6.67
N GLY C 545 -26.36 -6.55 7.59
CA GLY C 545 -25.57 -6.56 8.81
C GLY C 545 -25.95 -7.74 9.67
N THR C 546 -25.25 -7.86 10.79
CA THR C 546 -25.52 -8.91 11.77
C THR C 546 -25.59 -8.27 13.15
N GLY C 547 -26.65 -8.54 13.89
CA GLY C 547 -26.76 -7.95 15.20
C GLY C 547 -28.11 -8.26 15.85
N VAL C 548 -28.33 -7.59 16.96
CA VAL C 548 -29.54 -7.69 17.75
C VAL C 548 -30.36 -6.43 17.51
N LEU C 549 -31.63 -6.60 17.15
CA LEU C 549 -32.53 -5.49 16.89
C LEU C 549 -33.43 -5.30 18.11
N THR C 550 -33.42 -4.10 18.67
CA THR C 550 -34.23 -3.79 19.83
C THR C 550 -35.09 -2.58 19.55
N GLU C 551 -36.22 -2.48 20.25
CA GLU C 551 -37.03 -1.27 20.14
C GLU C 551 -36.26 -0.09 20.70
N SER C 552 -36.42 1.06 20.06
CA SER C 552 -35.65 2.25 20.38
C SER C 552 -36.55 3.42 20.70
N ASN C 553 -36.04 4.32 21.54
CA ASN C 553 -36.70 5.58 21.86
C ASN C 553 -35.96 6.78 21.29
N LYS C 554 -35.09 6.57 20.31
CA LYS C 554 -34.40 7.67 19.64
C LYS C 554 -35.42 8.58 18.96
N LYS C 555 -35.14 9.88 19.00
CA LYS C 555 -36.07 10.87 18.47
C LYS C 555 -35.72 11.17 17.01
N PHE C 556 -36.00 10.19 16.15
CA PHE C 556 -35.88 10.41 14.72
C PHE C 556 -36.91 11.42 14.27
N LEU C 557 -36.49 12.36 13.44
CA LEU C 557 -37.43 13.27 12.80
C LEU C 557 -38.12 12.56 11.64
N PRO C 558 -39.29 13.05 11.22
CA PRO C 558 -40.07 12.31 10.21
C PRO C 558 -39.33 12.07 8.91
N PHE C 559 -38.36 12.91 8.54
CA PHE C 559 -37.66 12.74 7.28
C PHE C 559 -36.48 11.78 7.37
N GLN C 560 -35.90 11.60 8.55
CA GLN C 560 -34.73 10.74 8.71
C GLN C 560 -35.12 9.27 8.55
N GLN C 561 -34.13 8.45 8.22
CA GLN C 561 -34.35 7.03 8.01
C GLN C 561 -33.35 6.10 8.68
N PHE C 562 -32.16 6.57 9.02
CA PHE C 562 -31.21 5.74 9.74
C PHE C 562 -30.26 6.64 10.52
N GLY C 563 -29.56 6.04 11.48
CA GLY C 563 -28.61 6.76 12.30
C GLY C 563 -27.24 6.15 12.21
N ARG C 564 -26.21 6.98 12.35
CA ARG C 564 -24.83 6.56 12.27
C ARG C 564 -24.15 6.75 13.62
N ASP C 565 -22.94 6.23 13.72
CA ASP C 565 -22.16 6.21 14.95
C ASP C 565 -20.84 6.95 14.72
N ILE C 566 -19.93 6.85 15.70
CA ILE C 566 -18.65 7.54 15.61
C ILE C 566 -17.85 7.01 14.42
N ALA C 567 -17.84 5.70 14.22
CA ALA C 567 -17.14 5.09 13.10
C ALA C 567 -18.04 4.92 11.87
N ASP C 568 -19.08 5.75 11.75
CA ASP C 568 -19.99 5.72 10.60
C ASP C 568 -20.66 4.36 10.43
N THR C 569 -20.87 3.65 11.54
CA THR C 569 -21.59 2.38 11.51
C THR C 569 -23.05 2.66 11.87
N THR C 570 -23.96 2.12 11.07
CA THR C 570 -25.38 2.32 11.30
C THR C 570 -25.78 1.70 12.64
N ASP C 571 -26.17 2.53 13.60
CA ASP C 571 -26.57 2.06 14.91
C ASP C 571 -28.07 1.97 15.09
N ALA C 572 -28.85 2.68 14.27
CA ALA C 572 -30.30 2.61 14.30
C ALA C 572 -30.83 2.62 12.89
N VAL C 573 -31.98 1.97 12.71
CA VAL C 573 -32.64 1.91 11.40
C VAL C 573 -34.12 2.18 11.58
N ARG C 574 -34.78 2.47 10.48
CA ARG C 574 -36.23 2.61 10.42
C ARG C 574 -36.77 1.47 9.56
N ASP C 575 -37.70 0.70 10.11
CA ASP C 575 -38.26 -0.42 9.38
C ASP C 575 -39.02 0.10 8.16
N PRO C 576 -38.73 -0.39 6.96
CA PRO C 576 -39.40 0.14 5.76
C PRO C 576 -40.91 -0.04 5.77
N GLN C 577 -41.44 -1.08 6.39
CA GLN C 577 -42.87 -1.35 6.36
C GLN C 577 -43.61 -0.71 7.53
N THR C 578 -43.21 -1.03 8.75
CA THR C 578 -43.76 -0.42 9.96
C THR C 578 -42.77 0.62 10.44
N LEU C 579 -43.11 1.90 10.28
CA LEU C 579 -42.12 2.96 10.45
C LEU C 579 -41.75 3.13 11.93
N GLU C 580 -41.02 2.17 12.48
CA GLU C 580 -40.52 2.23 13.83
C GLU C 580 -39.00 2.30 13.83
N ILE C 581 -38.43 2.67 14.98
CA ILE C 581 -37.00 2.86 15.12
C ILE C 581 -36.43 1.65 15.85
N LEU C 582 -35.43 1.00 15.25
CA LEU C 582 -34.78 -0.16 15.80
C LEU C 582 -33.32 0.14 16.06
N ASP C 583 -32.86 -0.17 17.28
CA ASP C 583 -31.46 -0.06 17.62
C ASP C 583 -30.74 -1.35 17.26
N ILE C 584 -29.60 -1.22 16.58
CA ILE C 584 -28.80 -2.35 16.16
C ILE C 584 -27.61 -2.47 17.10
N THR C 585 -27.41 -3.65 17.67
CA THR C 585 -26.29 -3.86 18.57
C THR C 585 -25.49 -5.07 18.13
N PRO C 586 -24.16 -5.04 18.24
CA PRO C 586 -23.38 -6.26 18.03
C PRO C 586 -23.83 -7.34 19.00
N CYS C 587 -23.88 -8.58 18.50
CA CYS C 587 -24.60 -9.64 19.20
C CYS C 587 -24.05 -9.93 20.59
N SER C 588 -22.84 -10.50 20.65
CA SER C 588 -22.13 -10.70 21.90
C SER C 588 -20.75 -11.26 21.58
N PHE C 589 -19.71 -10.71 22.19
CA PHE C 589 -18.36 -11.20 21.92
C PHE C 589 -17.44 -10.76 23.05
N GLY C 590 -16.31 -11.44 23.13
CA GLY C 590 -15.36 -11.14 24.18
C GLY C 590 -14.09 -11.94 24.00
N GLY C 591 -13.10 -11.62 24.83
CA GLY C 591 -11.83 -12.31 24.79
C GLY C 591 -11.83 -13.52 25.71
N VAL C 592 -11.11 -14.56 25.31
CA VAL C 592 -11.00 -15.80 26.06
C VAL C 592 -9.52 -16.08 26.24
N SER C 593 -9.07 -16.07 27.50
CA SER C 593 -7.71 -16.39 27.90
C SER C 593 -7.70 -17.72 28.64
N VAL C 594 -6.56 -18.39 28.60
CA VAL C 594 -6.42 -19.73 29.18
C VAL C 594 -5.33 -19.69 30.24
N ILE C 595 -5.72 -19.93 31.49
CA ILE C 595 -4.78 -20.06 32.60
C ILE C 595 -4.34 -21.51 32.65
N THR C 596 -3.03 -21.74 32.59
CA THR C 596 -2.56 -23.10 32.58
C THR C 596 -1.23 -23.24 33.30
N PRO C 597 -1.09 -24.20 34.20
CA PRO C 597 0.25 -24.67 34.57
C PRO C 597 0.88 -25.37 33.38
N GLY C 598 2.20 -25.44 33.39
CA GLY C 598 2.91 -26.01 32.26
C GLY C 598 2.44 -27.41 31.90
N THR C 599 2.45 -27.73 30.60
CA THR C 599 2.01 -29.06 30.18
C THR C 599 2.89 -30.15 30.77
N ASN C 600 4.10 -29.81 31.23
CA ASN C 600 4.90 -30.75 31.99
C ASN C 600 4.21 -31.15 33.29
N THR C 601 3.37 -30.27 33.83
CA THR C 601 2.73 -30.48 35.13
C THR C 601 1.33 -31.06 34.98
N SER C 602 0.44 -30.37 34.29
CA SER C 602 -0.94 -30.82 34.20
C SER C 602 -1.58 -30.29 32.93
N ASN C 603 -2.47 -31.09 32.35
CA ASN C 603 -3.25 -30.69 31.20
C ASN C 603 -4.55 -29.99 31.57
N GLN C 604 -4.82 -29.86 32.86
CA GLN C 604 -6.03 -29.18 33.30
C GLN C 604 -5.83 -27.67 33.22
N VAL C 605 -6.80 -26.96 32.66
CA VAL C 605 -6.70 -25.53 32.46
C VAL C 605 -7.94 -24.85 33.00
N ALA C 606 -7.81 -23.56 33.30
CA ALA C 606 -8.91 -22.69 33.63
C ALA C 606 -9.08 -21.68 32.51
N VAL C 607 -10.28 -21.12 32.40
CA VAL C 607 -10.61 -20.21 31.30
C VAL C 607 -11.09 -18.90 31.90
N LEU C 608 -10.69 -17.80 31.29
CA LEU C 608 -11.11 -16.46 31.70
C LEU C 608 -11.81 -15.80 30.52
N TYR C 609 -13.10 -15.53 30.67
CA TYR C 609 -13.84 -14.72 29.71
C TYR C 609 -13.75 -13.27 30.18
N GLN C 610 -13.04 -12.45 29.40
CA GLN C 610 -12.62 -11.15 29.89
C GLN C 610 -13.75 -10.13 29.77
N GLY C 611 -14.04 -9.45 30.87
CA GLY C 611 -14.95 -8.33 30.83
C GLY C 611 -16.40 -8.66 30.63
N VAL C 612 -16.81 -9.89 30.92
CA VAL C 612 -18.22 -10.26 30.81
C VAL C 612 -18.71 -10.73 32.17
N ASN C 613 -19.98 -10.47 32.44
CA ASN C 613 -20.65 -11.00 33.61
C ASN C 613 -20.71 -12.52 33.50
N CYS C 614 -20.81 -13.19 34.64
CA CYS C 614 -20.84 -14.65 34.60
C CYS C 614 -22.23 -15.13 34.24
N THR C 615 -22.80 -14.58 33.16
CA THR C 615 -24.09 -15.03 32.62
C THR C 615 -24.11 -15.12 31.11
N GLU C 616 -23.13 -14.56 30.40
CA GLU C 616 -23.11 -14.57 28.94
C GLU C 616 -22.20 -15.63 28.37
N VAL C 617 -21.67 -16.52 29.21
CA VAL C 617 -20.77 -17.57 28.74
C VAL C 617 -21.52 -18.53 27.82
N SER C 634 -16.19 -27.98 28.38
CA SER C 634 -15.73 -26.62 28.07
C SER C 634 -16.05 -25.68 29.24
N THR C 635 -17.21 -25.87 29.85
CA THR C 635 -17.69 -25.02 30.93
C THR C 635 -17.94 -25.90 32.16
N GLY C 636 -17.02 -25.84 33.12
CA GLY C 636 -17.19 -26.58 34.36
C GLY C 636 -18.12 -25.88 35.33
N SER C 637 -18.39 -26.56 36.44
CA SER C 637 -19.28 -26.04 37.48
C SER C 637 -18.48 -25.36 38.58
N ASN C 638 -17.51 -24.54 38.16
CA ASN C 638 -16.63 -23.83 39.07
C ASN C 638 -16.51 -22.37 38.64
N VAL C 639 -17.64 -21.76 38.29
CA VAL C 639 -17.63 -20.39 37.84
C VAL C 639 -17.34 -19.46 39.01
N PHE C 640 -16.61 -18.39 38.73
CA PHE C 640 -16.25 -17.38 39.72
C PHE C 640 -16.22 -16.03 39.02
N GLN C 641 -16.61 -14.99 39.74
CA GLN C 641 -16.74 -13.67 39.15
C GLN C 641 -15.63 -12.76 39.67
N THR C 642 -14.70 -12.40 38.81
CA THR C 642 -13.67 -11.43 39.12
C THR C 642 -13.94 -10.14 38.35
N ARG C 643 -13.35 -9.04 38.82
CA ARG C 643 -13.51 -7.78 38.11
C ARG C 643 -12.91 -7.83 36.72
N ALA C 644 -12.05 -8.82 36.46
CA ALA C 644 -11.48 -9.02 35.13
C ALA C 644 -12.36 -9.87 34.22
N GLY C 645 -13.34 -10.56 34.78
CA GLY C 645 -14.25 -11.33 33.93
C GLY C 645 -14.83 -12.51 34.69
N CYS C 646 -15.09 -13.58 33.95
CA CYS C 646 -15.63 -14.82 34.51
C CYS C 646 -14.58 -15.92 34.40
N LEU C 647 -14.26 -16.52 35.54
CA LEU C 647 -13.21 -17.53 35.64
C LEU C 647 -13.85 -18.89 35.86
N ILE C 648 -13.67 -19.78 34.89
CA ILE C 648 -14.29 -21.10 34.87
C ILE C 648 -13.19 -22.14 35.05
N GLY C 649 -13.37 -23.04 36.00
CA GLY C 649 -12.41 -24.09 36.25
C GLY C 649 -11.43 -23.82 37.38
N ALA C 650 -11.64 -22.76 38.15
CA ALA C 650 -10.77 -22.43 39.27
C ALA C 650 -11.60 -22.35 40.54
N GLU C 651 -11.16 -23.04 41.58
CA GLU C 651 -11.86 -23.07 42.87
C GLU C 651 -11.35 -21.92 43.73
N TYR C 652 -12.21 -20.92 43.97
CA TYR C 652 -11.80 -19.78 44.77
C TYR C 652 -11.57 -20.19 46.22
N VAL C 653 -10.50 -19.66 46.80
CA VAL C 653 -10.05 -20.03 48.14
C VAL C 653 -9.96 -18.77 48.98
N ASN C 654 -10.50 -18.83 50.20
CA ASN C 654 -10.45 -17.67 51.10
C ASN C 654 -9.04 -17.35 51.57
N ASN C 655 -8.09 -18.27 51.39
CA ASN C 655 -6.71 -17.99 51.75
C ASN C 655 -6.08 -17.05 50.72
N SER C 656 -4.93 -16.51 51.08
CA SER C 656 -4.16 -15.64 50.20
C SER C 656 -2.70 -16.08 50.22
N TYR C 657 -2.10 -16.19 49.05
CA TYR C 657 -0.69 -16.53 48.92
C TYR C 657 -0.04 -15.54 47.96
N GLU C 658 1.24 -15.72 47.71
CA GLU C 658 1.91 -14.90 46.71
C GLU C 658 1.33 -15.17 45.33
N CYS C 659 1.32 -14.14 44.49
CA CYS C 659 0.76 -14.29 43.16
C CYS C 659 1.60 -15.27 42.35
N ASP C 660 0.93 -16.25 41.74
CA ASP C 660 1.59 -17.23 40.88
C ASP C 660 1.30 -16.97 39.41
N ILE C 661 0.03 -16.98 39.03
CA ILE C 661 -0.39 -16.62 37.67
C ILE C 661 -1.30 -15.40 37.80
N PRO C 662 -0.85 -14.20 37.44
CA PRO C 662 -1.68 -13.00 37.61
C PRO C 662 -2.87 -13.05 36.66
N ILE C 663 -4.06 -12.95 37.22
CA ILE C 663 -5.29 -12.92 36.44
C ILE C 663 -5.82 -11.49 36.31
N GLY C 664 -5.85 -10.75 37.39
CA GLY C 664 -6.16 -9.34 37.32
C GLY C 664 -7.02 -8.86 38.46
N ALA C 665 -7.00 -7.55 38.69
CA ALA C 665 -7.79 -6.90 39.74
C ALA C 665 -7.54 -7.52 41.10
N GLY C 666 -6.29 -7.93 41.33
CA GLY C 666 -5.90 -8.54 42.58
C GLY C 666 -6.14 -10.03 42.70
N ILE C 667 -6.69 -10.66 41.68
CA ILE C 667 -6.94 -12.11 41.70
C ILE C 667 -5.82 -12.79 40.94
N CYS C 668 -5.24 -13.82 41.57
CA CYS C 668 -4.20 -14.65 41.00
C CYS C 668 -4.66 -16.10 41.03
N ALA C 669 -3.97 -16.95 40.25
CA ALA C 669 -4.29 -18.36 40.19
C ALA C 669 -3.02 -19.18 40.35
N SER C 670 -3.18 -20.37 40.92
CA SER C 670 -2.05 -21.28 41.11
C SER C 670 -2.54 -22.70 40.93
N TYR C 671 -1.60 -23.64 40.93
CA TYR C 671 -1.88 -25.07 40.81
C TYR C 671 -1.41 -25.74 42.09
N GLN C 672 -2.35 -26.07 42.98
CA GLN C 672 -2.01 -26.60 44.29
C GLN C 672 -2.98 -27.69 44.68
N THR C 673 -2.56 -28.51 45.64
CA THR C 673 -3.37 -29.62 46.13
C THR C 673 -4.67 -29.14 46.77
N SER C 686 -4.15 -35.01 44.55
CA SER C 686 -5.39 -34.26 44.34
C SER C 686 -5.09 -32.79 44.12
N GLN C 687 -4.38 -32.47 43.04
CA GLN C 687 -4.04 -31.10 42.72
C GLN C 687 -5.07 -30.49 41.77
N SER C 688 -5.29 -29.19 41.91
CA SER C 688 -6.26 -28.47 41.10
C SER C 688 -5.83 -27.01 41.03
N ILE C 689 -6.46 -26.29 40.10
CA ILE C 689 -6.19 -24.87 39.91
C ILE C 689 -7.09 -24.08 40.85
N ILE C 690 -6.48 -23.23 41.68
CA ILE C 690 -7.21 -22.42 42.64
C ILE C 690 -6.97 -20.95 42.32
N ALA C 691 -7.96 -20.13 42.68
CA ALA C 691 -7.89 -18.69 42.50
C ALA C 691 -8.03 -18.02 43.85
N TYR C 692 -7.27 -16.95 44.06
CA TYR C 692 -7.20 -16.33 45.37
C TYR C 692 -6.80 -14.87 45.24
N THR C 693 -7.09 -14.10 46.27
CA THR C 693 -6.56 -12.74 46.35
C THR C 693 -5.08 -12.80 46.69
N MET C 694 -4.25 -12.08 45.93
CA MET C 694 -2.83 -12.10 46.18
C MET C 694 -2.52 -11.49 47.54
N SER C 695 -1.43 -11.96 48.14
CA SER C 695 -1.00 -11.50 49.45
C SER C 695 0.15 -10.51 49.30
N LEU C 696 0.01 -9.34 49.90
CA LEU C 696 1.06 -8.34 49.85
C LEU C 696 2.22 -8.68 50.79
N GLY C 697 1.93 -9.33 51.91
CA GLY C 697 2.95 -9.71 52.86
C GLY C 697 2.36 -9.89 54.24
N ALA C 698 3.17 -10.45 55.12
CA ALA C 698 2.75 -10.68 56.49
C ALA C 698 2.69 -9.35 57.25
N GLU C 699 1.59 -9.12 57.95
CA GLU C 699 1.45 -7.91 58.75
C GLU C 699 2.45 -7.91 59.90
N ASN C 700 2.90 -6.72 60.27
CA ASN C 700 3.93 -6.59 61.31
C ASN C 700 3.84 -5.20 61.89
N LEU C 701 3.38 -5.10 63.15
CA LEU C 701 3.29 -3.81 63.81
C LEU C 701 4.56 -3.57 64.62
N VAL C 702 5.12 -2.37 64.46
CA VAL C 702 6.36 -2.01 65.16
C VAL C 702 6.01 -1.55 66.56
N ALA C 703 6.68 -2.13 67.56
CA ALA C 703 6.44 -1.80 68.96
C ALA C 703 7.06 -0.44 69.26
N TYR C 704 6.36 0.61 68.84
CA TYR C 704 6.87 1.96 68.95
C TYR C 704 6.40 2.63 70.24
N SER C 705 7.32 3.34 70.89
CA SER C 705 7.02 4.22 72.00
C SER C 705 8.13 5.25 72.08
N ASN C 706 7.92 6.27 72.90
CA ASN C 706 8.81 7.43 72.90
C ASN C 706 10.04 7.26 73.77
N ASN C 707 10.22 6.11 74.43
CA ASN C 707 11.45 5.84 75.15
C ASN C 707 11.89 4.41 74.93
N SER C 708 11.75 3.92 73.70
CA SER C 708 12.15 2.55 73.37
C SER C 708 12.86 2.55 72.02
N ILE C 709 14.05 1.96 71.98
CA ILE C 709 14.83 1.85 70.76
C ILE C 709 15.34 0.43 70.63
N ALA C 710 15.25 -0.13 69.43
CA ALA C 710 15.77 -1.45 69.14
C ALA C 710 17.13 -1.30 68.46
N ILE C 711 18.17 -1.87 69.06
CA ILE C 711 19.53 -1.75 68.56
C ILE C 711 20.04 -3.15 68.25
N PRO C 712 20.61 -3.39 67.08
CA PRO C 712 21.14 -4.72 66.76
C PRO C 712 22.39 -5.04 67.57
N THR C 713 22.59 -6.32 67.83
CA THR C 713 23.73 -6.81 68.57
C THR C 713 24.61 -7.74 67.74
N ASN C 714 24.26 -8.00 66.50
CA ASN C 714 25.01 -8.89 65.63
C ASN C 714 24.76 -8.45 64.19
N PHE C 715 25.42 -9.10 63.25
CA PHE C 715 25.29 -8.69 61.86
C PHE C 715 25.38 -9.90 60.95
N THR C 716 25.21 -9.65 59.66
CA THR C 716 25.25 -10.68 58.64
C THR C 716 25.83 -10.06 57.38
N ILE C 717 26.80 -10.74 56.77
CA ILE C 717 27.39 -10.29 55.52
C ILE C 717 26.70 -11.05 54.40
N SER C 718 25.88 -10.34 53.63
CA SER C 718 25.10 -10.96 52.57
C SER C 718 25.73 -10.66 51.21
N VAL C 719 25.63 -11.62 50.31
CA VAL C 719 26.08 -11.46 48.93
C VAL C 719 24.89 -11.71 48.03
N THR C 720 24.37 -10.63 47.45
CA THR C 720 23.26 -10.68 46.51
C THR C 720 23.80 -10.71 45.08
N THR C 721 22.96 -11.13 44.15
CA THR C 721 23.31 -11.20 42.73
C THR C 721 22.35 -10.32 41.94
N GLU C 722 22.89 -9.49 41.06
CA GLU C 722 22.09 -8.63 40.20
C GLU C 722 22.54 -8.82 38.76
N ILE C 723 21.61 -9.18 37.89
CA ILE C 723 21.89 -9.44 36.48
C ILE C 723 21.36 -8.28 35.66
N LEU C 724 22.21 -7.73 34.78
CA LEU C 724 21.85 -6.58 33.95
C LEU C 724 22.24 -6.85 32.51
N PRO C 725 21.30 -6.78 31.57
CA PRO C 725 21.67 -6.82 30.16
C PRO C 725 22.51 -5.61 29.79
N VAL C 726 23.42 -5.80 28.82
CA VAL C 726 24.33 -4.77 28.37
C VAL C 726 24.20 -4.52 26.88
N SER C 727 24.27 -5.57 26.08
CA SER C 727 24.21 -5.45 24.63
C SER C 727 23.25 -6.50 24.10
N MET C 728 22.92 -6.38 22.82
CA MET C 728 22.11 -7.40 22.16
C MET C 728 22.76 -7.85 20.87
N THR C 729 22.03 -8.63 20.08
CA THR C 729 22.60 -9.20 18.86
C THR C 729 22.71 -8.14 17.77
N LYS C 730 23.88 -8.06 17.15
CA LYS C 730 24.11 -7.16 16.01
C LYS C 730 23.63 -7.89 14.76
N THR C 731 22.53 -7.42 14.17
CA THR C 731 21.99 -8.04 12.98
C THR C 731 22.15 -7.12 11.79
N SER C 732 22.34 -7.73 10.63
CA SER C 732 22.45 -7.04 9.36
C SER C 732 21.47 -7.67 8.39
N VAL C 733 20.80 -6.83 7.60
CA VAL C 733 19.79 -7.29 6.65
C VAL C 733 20.16 -6.80 5.28
N ASP C 734 20.16 -7.71 4.30
CA ASP C 734 20.33 -7.36 2.90
C ASP C 734 18.94 -7.09 2.32
N CYS C 735 18.64 -5.82 2.08
CA CYS C 735 17.30 -5.43 1.63
C CYS C 735 16.97 -6.09 0.29
N THR C 736 17.89 -6.03 -0.65
CA THR C 736 17.63 -6.60 -1.97
C THR C 736 17.48 -8.11 -1.91
N MET C 737 18.34 -8.79 -1.14
CA MET C 737 18.27 -10.23 -1.04
C MET C 737 17.01 -10.68 -0.31
N TYR C 738 16.61 -9.94 0.72
CA TYR C 738 15.40 -10.32 1.46
C TYR C 738 14.15 -10.09 0.62
N ILE C 739 14.06 -8.94 -0.05
CA ILE C 739 12.85 -8.60 -0.78
C ILE C 739 12.82 -9.26 -2.15
N CYS C 740 13.95 -9.25 -2.86
CA CYS C 740 14.02 -9.65 -4.25
C CYS C 740 15.18 -10.59 -4.48
N GLY C 741 15.22 -11.71 -3.76
CA GLY C 741 16.35 -12.62 -3.85
C GLY C 741 16.63 -13.15 -5.24
N ASP C 742 17.72 -12.69 -5.85
CA ASP C 742 18.15 -13.13 -7.18
C ASP C 742 17.04 -12.95 -8.21
N SER C 743 16.62 -11.70 -8.39
CA SER C 743 15.60 -11.37 -9.37
C SER C 743 15.83 -9.96 -9.87
N THR C 744 16.11 -9.82 -11.17
CA THR C 744 16.42 -8.51 -11.72
C THR C 744 15.17 -7.65 -11.86
N GLU C 745 14.05 -8.24 -12.28
CA GLU C 745 12.83 -7.47 -12.43
C GLU C 745 12.37 -6.89 -11.10
N CYS C 746 12.42 -7.71 -10.05
CA CYS C 746 12.04 -7.23 -8.72
C CYS C 746 12.99 -6.14 -8.24
N SER C 747 14.29 -6.28 -8.51
CA SER C 747 15.25 -5.26 -8.12
C SER C 747 14.98 -3.94 -8.84
N ASN C 748 14.69 -4.01 -10.15
CA ASN C 748 14.40 -2.81 -10.91
C ASN C 748 13.11 -2.14 -10.41
N LEU C 749 12.11 -2.93 -10.05
CA LEU C 749 10.90 -2.35 -9.47
C LEU C 749 11.15 -1.80 -8.08
N LEU C 750 12.10 -2.38 -7.35
CA LEU C 750 12.41 -1.92 -6.00
C LEU C 750 13.15 -0.60 -6.02
N LEU C 751 13.92 -0.34 -7.09
CA LEU C 751 14.58 0.96 -7.20
C LEU C 751 13.58 2.12 -7.23
N GLN C 752 12.31 1.85 -7.57
CA GLN C 752 11.30 2.91 -7.64
C GLN C 752 10.96 3.45 -6.26
N TYR C 753 11.01 2.62 -5.24
CA TYR C 753 10.53 3.00 -3.91
C TYR C 753 11.53 3.84 -3.14
N GLY C 754 12.51 4.43 -3.83
CA GLY C 754 13.38 5.38 -3.19
C GLY C 754 14.44 4.75 -2.32
N SER C 755 14.70 5.38 -1.18
CA SER C 755 15.81 5.00 -0.30
C SER C 755 15.29 4.48 1.03
N PHE C 756 14.25 3.67 1.01
CA PHE C 756 13.83 2.97 2.22
C PHE C 756 14.89 1.99 2.68
N CYS C 757 15.46 1.24 1.74
CA CYS C 757 16.47 0.24 2.08
C CYS C 757 17.72 0.87 2.66
N THR C 758 18.14 2.02 2.12
CA THR C 758 19.35 2.66 2.63
C THR C 758 19.16 3.11 4.07
N GLN C 759 17.99 3.65 4.42
CA GLN C 759 17.81 4.07 5.80
C GLN C 759 17.54 2.90 6.74
N LEU C 760 16.96 1.80 6.25
CA LEU C 760 16.90 0.59 7.08
C LEU C 760 18.31 0.08 7.39
N LYS C 761 19.18 0.06 6.38
CA LYS C 761 20.56 -0.34 6.57
C LYS C 761 21.28 0.59 7.52
N ARG C 762 21.04 1.90 7.38
CA ARG C 762 21.67 2.89 8.25
C ARG C 762 21.21 2.70 9.70
N ALA C 763 19.92 2.44 9.92
CA ALA C 763 19.42 2.21 11.27
C ALA C 763 20.04 0.96 11.87
N LEU C 764 20.13 -0.12 11.10
CA LEU C 764 20.73 -1.34 11.62
C LEU C 764 22.20 -1.15 11.96
N THR C 765 22.93 -0.42 11.11
CA THR C 765 24.34 -0.14 11.40
C THR C 765 24.49 0.72 12.64
N GLY C 766 23.58 1.68 12.84
CA GLY C 766 23.62 2.48 14.04
C GLY C 766 23.43 1.64 15.29
N ILE C 767 22.47 0.71 15.26
CA ILE C 767 22.28 -0.18 16.40
C ILE C 767 23.52 -1.04 16.62
N ALA C 768 24.11 -1.53 15.54
CA ALA C 768 25.28 -2.39 15.65
C ALA C 768 26.45 -1.67 16.30
N VAL C 769 26.68 -0.41 15.92
CA VAL C 769 27.74 0.36 16.56
C VAL C 769 27.38 0.66 18.02
N GLU C 770 26.11 0.93 18.29
CA GLU C 770 25.67 1.24 19.64
C GLU C 770 25.93 0.07 20.59
N GLN C 771 25.79 -1.16 20.11
CA GLN C 771 26.00 -2.31 20.99
C GLN C 771 27.44 -2.39 21.48
N ASP C 772 28.40 -2.18 20.58
CA ASP C 772 29.80 -2.18 20.98
C ASP C 772 30.11 -1.00 21.89
N LYS C 773 29.47 0.15 21.63
CA LYS C 773 29.64 1.27 22.55
C LYS C 773 29.15 0.92 23.95
N ASN C 774 28.00 0.23 24.04
CA ASN C 774 27.47 -0.17 25.34
C ASN C 774 28.45 -1.08 26.08
N THR C 775 28.95 -2.09 25.39
CA THR C 775 29.89 -3.01 26.03
C THR C 775 31.14 -2.28 26.50
N GLN C 776 31.68 -1.39 25.65
CA GLN C 776 32.87 -0.64 26.00
C GLN C 776 32.62 0.24 27.22
N GLU C 777 31.47 0.89 27.29
CA GLU C 777 31.18 1.76 28.42
C GLU C 777 31.05 0.97 29.71
N VAL C 778 30.38 -0.18 29.68
CA VAL C 778 30.18 -0.94 30.90
C VAL C 778 31.50 -1.51 31.40
N PHE C 779 32.29 -2.12 30.52
CA PHE C 779 33.44 -2.90 30.97
C PHE C 779 34.76 -2.16 30.92
N ALA C 780 35.03 -1.39 29.86
CA ALA C 780 36.33 -0.74 29.69
C ALA C 780 36.40 0.55 30.52
N GLN C 781 36.17 0.41 31.81
CA GLN C 781 36.24 1.52 32.75
C GLN C 781 37.56 1.56 33.51
N VAL C 782 38.50 0.68 33.18
CA VAL C 782 39.77 0.58 33.87
C VAL C 782 40.87 0.92 32.88
N LYS C 783 41.81 1.76 33.31
CA LYS C 783 42.87 2.23 32.40
C LYS C 783 43.94 1.18 32.18
N GLN C 784 44.23 0.36 33.18
CA GLN C 784 45.27 -0.65 33.09
C GLN C 784 44.69 -2.01 33.44
N ILE C 785 45.32 -3.06 32.91
CA ILE C 785 44.90 -4.43 33.20
C ILE C 785 45.61 -4.84 34.49
N TYR C 786 44.95 -4.64 35.62
CA TYR C 786 45.52 -4.98 36.91
C TYR C 786 45.54 -6.48 37.11
N LYS C 787 46.39 -6.92 38.04
CA LYS C 787 46.43 -8.33 38.41
C LYS C 787 47.04 -8.46 39.79
N THR C 788 46.54 -9.44 40.54
CA THR C 788 46.96 -9.69 41.92
C THR C 788 48.28 -10.45 41.95
N PRO C 789 49.07 -10.29 43.00
CA PRO C 789 50.26 -11.12 43.19
C PRO C 789 49.86 -12.56 43.46
N PRO C 790 50.78 -13.51 43.28
CA PRO C 790 50.41 -14.92 43.45
C PRO C 790 49.93 -15.28 44.86
N ILE C 791 50.32 -14.52 45.89
CA ILE C 791 49.82 -14.79 47.23
C ILE C 791 48.36 -14.38 47.33
N LYS C 792 47.55 -15.24 47.93
CA LYS C 792 46.10 -15.07 47.95
C LYS C 792 45.55 -15.02 49.38
N TYR C 793 46.32 -14.43 50.30
CA TYR C 793 45.82 -14.20 51.65
C TYR C 793 45.18 -12.82 51.70
N PHE C 794 43.90 -12.77 51.36
CA PHE C 794 43.14 -11.53 51.41
C PHE C 794 42.35 -11.44 52.72
N GLY C 795 43.10 -11.47 53.81
CA GLY C 795 42.50 -11.30 55.13
C GLY C 795 41.55 -12.40 55.53
N GLY C 796 41.69 -13.59 54.97
CA GLY C 796 40.80 -14.70 55.25
C GLY C 796 39.63 -14.83 54.30
N PHE C 797 39.39 -13.86 53.44
CA PHE C 797 38.33 -13.94 52.46
C PHE C 797 38.78 -14.82 51.30
N ASN C 798 37.83 -15.54 50.72
CA ASN C 798 38.13 -16.56 49.71
C ASN C 798 37.59 -16.08 48.37
N PHE C 799 38.47 -15.52 47.55
CA PHE C 799 38.11 -15.00 46.23
C PHE C 799 38.46 -15.96 45.10
N SER C 800 38.79 -17.21 45.42
CA SER C 800 39.22 -18.15 44.40
C SER C 800 38.11 -18.47 43.40
N GLN C 801 36.85 -18.31 43.77
CA GLN C 801 35.75 -18.63 42.89
C GLN C 801 35.42 -17.51 41.90
N ILE C 802 35.94 -16.31 42.12
CA ILE C 802 35.69 -15.20 41.21
C ILE C 802 36.95 -14.75 40.49
N LEU C 803 38.14 -15.11 40.96
CA LEU C 803 39.37 -14.83 40.25
C LEU C 803 39.56 -15.85 39.11
N PRO C 804 40.27 -15.48 38.06
CA PRO C 804 40.40 -16.37 36.90
C PRO C 804 41.14 -17.65 37.24
N ASP C 805 40.80 -18.71 36.50
CA ASP C 805 41.50 -19.99 36.60
C ASP C 805 42.41 -20.17 35.39
N PRO C 806 43.73 -20.20 35.57
CA PRO C 806 44.62 -20.36 34.40
C PRO C 806 44.49 -21.71 33.70
N SER C 807 43.95 -22.72 34.38
CA SER C 807 43.84 -24.04 33.78
C SER C 807 42.96 -24.03 32.54
N LYS C 808 41.86 -23.29 32.60
CA LYS C 808 40.94 -23.24 31.48
C LYS C 808 41.57 -22.51 30.29
N PRO C 809 41.16 -22.85 29.06
CA PRO C 809 41.66 -22.12 27.89
C PRO C 809 41.35 -20.63 27.98
N SER C 810 40.06 -20.30 28.11
CA SER C 810 39.65 -18.93 28.42
C SER C 810 39.82 -18.70 29.90
N LYS C 811 40.47 -17.60 30.26
CA LYS C 811 40.81 -17.32 31.66
C LYS C 811 39.62 -16.73 32.40
N ARG C 812 38.51 -17.44 32.35
CA ARG C 812 37.33 -17.08 33.10
C ARG C 812 37.37 -17.72 34.50
N SER C 813 36.49 -17.24 35.36
CA SER C 813 36.40 -17.76 36.71
C SER C 813 35.38 -18.90 36.77
N PHE C 814 35.23 -19.49 37.95
CA PHE C 814 34.25 -20.55 38.15
C PHE C 814 32.84 -20.02 37.93
N ILE C 815 32.49 -18.92 38.60
CA ILE C 815 31.15 -18.38 38.51
C ILE C 815 30.87 -17.85 37.10
N GLU C 816 31.87 -17.26 36.46
CA GLU C 816 31.70 -16.80 35.08
C GLU C 816 31.39 -17.97 34.16
N ASP C 817 32.06 -19.10 34.36
CA ASP C 817 31.77 -20.27 33.53
C ASP C 817 30.37 -20.80 33.79
N LEU C 818 29.93 -20.80 35.05
CA LEU C 818 28.54 -21.20 35.32
C LEU C 818 27.56 -20.26 34.61
N LEU C 819 27.83 -18.96 34.66
CA LEU C 819 26.96 -17.99 34.00
C LEU C 819 26.92 -18.21 32.49
N PHE C 820 28.08 -18.50 31.89
CA PHE C 820 28.11 -18.76 30.46
C PHE C 820 27.40 -20.04 30.10
N ASN C 821 27.43 -21.05 30.98
CA ASN C 821 26.68 -22.27 30.73
C ASN C 821 25.19 -22.07 30.87
N LYS C 822 24.76 -21.15 31.74
CA LYS C 822 23.33 -20.96 31.96
C LYS C 822 22.62 -20.24 30.81
N VAL C 823 23.36 -19.61 29.92
CA VAL C 823 22.78 -18.89 28.78
C VAL C 823 23.31 -19.48 27.49
N THR C 824 22.41 -19.87 26.61
CA THR C 824 22.76 -20.42 25.31
C THR C 824 22.50 -19.40 24.22
N LEU C 825 23.45 -19.23 23.32
CA LEU C 825 23.37 -18.24 22.25
C LEU C 825 22.92 -18.90 20.96
N ALA C 826 21.91 -18.30 20.31
CA ALA C 826 21.44 -18.82 19.03
C ALA C 826 22.51 -18.70 17.96
N ASP C 827 23.20 -17.56 17.90
CA ASP C 827 24.26 -17.35 16.94
C ASP C 827 25.21 -16.29 17.46
N ALA C 828 26.51 -16.56 17.38
CA ALA C 828 27.53 -15.64 17.83
C ALA C 828 28.08 -14.77 16.71
N GLY C 829 27.57 -14.93 15.49
CA GLY C 829 28.04 -14.17 14.35
C GLY C 829 29.31 -14.69 13.71
N PHE C 830 29.89 -15.76 14.23
CA PHE C 830 31.16 -16.26 13.73
C PHE C 830 30.95 -16.92 12.36
N ILE C 831 32.05 -17.45 11.81
CA ILE C 831 32.03 -17.99 10.46
C ILE C 831 31.21 -19.27 10.44
N LYS C 832 30.27 -19.35 9.51
CA LYS C 832 29.46 -20.54 9.28
C LYS C 832 29.84 -21.11 7.92
N GLN C 833 30.58 -22.21 7.93
CA GLN C 833 31.02 -22.84 6.69
C GLN C 833 29.85 -23.47 5.95
N TYR C 834 30.10 -23.89 4.72
CA TYR C 834 29.09 -24.51 3.88
C TYR C 834 28.53 -25.79 4.52
N ASP C 845 18.08 -25.87 9.33
CA ASP C 845 18.16 -25.04 10.53
C ASP C 845 17.27 -23.81 10.40
N LEU C 846 17.09 -23.10 11.51
CA LEU C 846 16.41 -21.82 11.51
C LEU C 846 17.35 -20.67 11.18
N ILE C 847 18.65 -20.95 11.04
CA ILE C 847 19.65 -19.93 10.79
C ILE C 847 20.14 -19.97 9.34
N CYS C 848 20.22 -21.16 8.75
CA CYS C 848 20.54 -21.23 7.33
C CYS C 848 19.47 -20.54 6.49
N ALA C 849 18.21 -20.71 6.87
CA ALA C 849 17.13 -20.00 6.18
C ALA C 849 17.28 -18.49 6.32
N GLN C 850 17.67 -18.03 7.51
CA GLN C 850 17.93 -16.61 7.69
C GLN C 850 19.08 -16.14 6.83
N LYS C 851 20.18 -16.91 6.80
CA LYS C 851 21.35 -16.50 6.03
C LYS C 851 21.05 -16.43 4.55
N PHE C 852 20.30 -17.42 4.02
CA PHE C 852 19.99 -17.44 2.60
C PHE C 852 19.03 -16.34 2.19
N ASN C 853 18.34 -15.73 3.14
CA ASN C 853 17.40 -14.65 2.85
C ASN C 853 17.95 -13.28 3.21
N GLY C 854 19.25 -13.17 3.46
CA GLY C 854 19.88 -11.88 3.67
C GLY C 854 19.98 -11.42 5.10
N LEU C 855 19.57 -12.23 6.07
CA LEU C 855 19.63 -11.85 7.48
C LEU C 855 20.84 -12.54 8.12
N THR C 856 21.81 -11.76 8.55
CA THR C 856 23.03 -12.29 9.14
C THR C 856 23.30 -11.61 10.47
N VAL C 857 24.19 -12.21 11.26
CA VAL C 857 24.57 -11.70 12.57
C VAL C 857 26.06 -11.39 12.54
N LEU C 858 26.41 -10.20 13.02
CA LEU C 858 27.78 -9.69 13.08
C LEU C 858 28.40 -10.01 14.44
N PRO C 859 29.66 -10.42 14.47
CA PRO C 859 30.28 -10.75 15.75
C PRO C 859 30.57 -9.49 16.55
N PRO C 860 30.45 -9.55 17.87
CA PRO C 860 30.78 -8.38 18.68
C PRO C 860 32.25 -8.05 18.64
N LEU C 861 32.56 -6.77 18.82
CA LEU C 861 33.94 -6.31 18.71
C LEU C 861 34.81 -6.85 19.84
N LEU C 862 34.29 -6.87 21.06
CA LEU C 862 35.03 -7.39 22.20
C LEU C 862 34.68 -8.85 22.39
N THR C 863 35.66 -9.72 22.24
CA THR C 863 35.42 -11.14 22.47
C THR C 863 35.15 -11.41 23.95
N ASP C 864 34.62 -12.60 24.23
CA ASP C 864 34.37 -12.97 25.61
C ASP C 864 35.66 -13.02 26.42
N GLU C 865 36.78 -13.35 25.77
CA GLU C 865 38.06 -13.35 26.47
C GLU C 865 38.47 -11.94 26.87
N MET C 866 38.25 -10.96 26.00
CA MET C 866 38.55 -9.57 26.35
C MET C 866 37.65 -9.06 27.48
N ILE C 867 36.37 -9.42 27.45
CA ILE C 867 35.46 -9.05 28.52
C ILE C 867 35.90 -9.68 29.84
N ALA C 868 36.33 -10.94 29.78
CA ALA C 868 36.83 -11.61 30.97
C ALA C 868 38.09 -10.94 31.51
N GLN C 869 38.99 -10.51 30.61
CA GLN C 869 40.18 -9.80 31.05
C GLN C 869 39.81 -8.47 31.70
N TYR C 870 38.84 -7.77 31.14
CA TYR C 870 38.39 -6.51 31.72
C TYR C 870 37.83 -6.72 33.13
N THR C 871 36.97 -7.74 33.30
CA THR C 871 36.41 -7.98 34.61
C THR C 871 37.47 -8.46 35.59
N SER C 872 38.47 -9.20 35.10
CA SER C 872 39.57 -9.60 35.97
C SER C 872 40.38 -8.40 36.42
N ALA C 873 40.61 -7.44 35.53
CA ALA C 873 41.30 -6.22 35.92
C ALA C 873 40.51 -5.44 36.96
N LEU C 874 39.20 -5.31 36.75
CA LEU C 874 38.37 -4.61 37.72
C LEU C 874 38.39 -5.32 39.08
N LEU C 875 38.28 -6.64 39.07
CA LEU C 875 38.28 -7.40 40.32
C LEU C 875 39.61 -7.30 41.05
N ALA C 876 40.72 -7.43 40.32
CA ALA C 876 42.02 -7.36 40.96
C ALA C 876 42.27 -5.97 41.54
N GLY C 877 41.88 -4.92 40.80
CA GLY C 877 41.99 -3.59 41.34
C GLY C 877 41.17 -3.41 42.61
N THR C 878 39.92 -3.90 42.60
CA THR C 878 39.07 -3.77 43.78
C THR C 878 39.67 -4.48 44.98
N ILE C 879 40.20 -5.68 44.77
CA ILE C 879 40.70 -6.48 45.89
C ILE C 879 41.98 -5.87 46.44
N THR C 880 42.91 -5.49 45.56
CA THR C 880 44.23 -5.07 46.04
C THR C 880 44.35 -3.57 46.30
N SER C 881 43.35 -2.77 45.96
CA SER C 881 43.50 -1.33 46.12
C SER C 881 42.26 -0.61 46.63
N GLY C 882 41.17 -1.31 46.94
CA GLY C 882 39.97 -0.63 47.40
C GLY C 882 39.34 0.18 46.29
N TRP C 883 38.98 1.43 46.60
CA TRP C 883 38.41 2.34 45.62
C TRP C 883 39.44 3.31 45.06
N THR C 884 40.73 3.10 45.38
CA THR C 884 41.75 4.06 44.99
C THR C 884 42.10 3.99 43.51
N PHE C 885 41.87 2.84 42.87
CA PHE C 885 42.19 2.71 41.46
C PHE C 885 41.17 3.42 40.56
N GLY C 886 39.97 3.70 41.07
CA GLY C 886 38.98 4.42 40.29
C GLY C 886 39.20 5.92 40.23
N ALA C 887 40.05 6.44 41.12
CA ALA C 887 40.37 7.87 41.16
C ALA C 887 41.67 8.17 40.42
N GLY C 888 42.77 7.56 40.85
CA GLY C 888 44.05 7.73 40.20
C GLY C 888 44.77 6.42 40.01
N ALA C 889 46.05 6.38 40.39
CA ALA C 889 46.78 5.13 40.36
C ALA C 889 46.36 4.24 41.54
N ALA C 890 46.41 2.93 41.31
CA ALA C 890 46.02 1.98 42.35
C ALA C 890 47.01 2.03 43.50
N LEU C 891 46.49 2.12 44.72
CA LEU C 891 47.30 2.17 45.93
C LEU C 891 47.01 0.93 46.75
N GLN C 892 48.03 0.08 46.91
CA GLN C 892 47.83 -1.18 47.61
C GLN C 892 47.45 -0.94 49.06
N ILE C 893 46.63 -1.83 49.59
CA ILE C 893 46.19 -1.76 50.99
C ILE C 893 45.75 -3.16 51.40
N PRO C 894 46.11 -3.61 52.60
CA PRO C 894 45.67 -4.95 53.04
C PRO C 894 44.15 -5.03 53.07
N PHE C 895 43.63 -6.21 52.70
CA PHE C 895 42.18 -6.32 52.57
C PHE C 895 41.46 -6.15 53.90
N ALA C 896 42.11 -6.51 55.02
CA ALA C 896 41.51 -6.25 56.32
C ALA C 896 41.34 -4.75 56.55
N MET C 897 42.34 -3.96 56.18
CA MET C 897 42.22 -2.52 56.35
C MET C 897 41.23 -1.91 55.37
N GLN C 898 41.18 -2.42 54.14
CA GLN C 898 40.17 -1.97 53.19
C GLN C 898 38.77 -2.24 53.73
N MET C 899 38.55 -3.44 54.28
CA MET C 899 37.25 -3.75 54.85
C MET C 899 36.96 -2.92 56.07
N ALA C 900 37.98 -2.55 56.84
CA ALA C 900 37.77 -1.64 57.96
C ALA C 900 37.29 -0.28 57.48
N TYR C 901 37.86 0.22 56.38
CA TYR C 901 37.37 1.45 55.78
C TYR C 901 35.92 1.29 55.32
N ARG C 902 35.60 0.16 54.69
CA ARG C 902 34.24 -0.08 54.23
C ARG C 902 33.26 -0.09 55.39
N PHE C 903 33.66 -0.68 56.52
CA PHE C 903 32.80 -0.67 57.71
C PHE C 903 32.65 0.73 58.26
N ASN C 904 33.72 1.52 58.26
CA ASN C 904 33.63 2.91 58.70
C ASN C 904 32.69 3.70 57.80
N GLY C 905 32.58 3.31 56.53
CA GLY C 905 31.77 4.04 55.58
C GLY C 905 30.27 3.89 55.76
N ILE C 906 29.84 2.94 56.60
CA ILE C 906 28.41 2.73 56.86
C ILE C 906 28.05 3.04 58.31
N GLY C 907 28.96 3.64 59.07
CA GLY C 907 28.67 4.06 60.42
C GLY C 907 29.04 3.07 61.51
N VAL C 908 29.84 2.05 61.22
CA VAL C 908 30.30 1.09 62.20
C VAL C 908 31.79 1.29 62.39
N THR C 909 32.22 1.36 63.64
CA THR C 909 33.64 1.55 63.94
C THR C 909 34.45 0.35 63.46
N GLN C 910 35.72 0.62 63.14
CA GLN C 910 36.57 -0.41 62.55
C GLN C 910 36.96 -1.50 63.54
N ASN C 911 36.91 -1.22 64.84
CA ASN C 911 37.24 -2.26 65.80
C ASN C 911 36.23 -3.40 65.76
N VAL C 912 35.02 -3.14 65.27
CA VAL C 912 34.06 -4.22 65.05
C VAL C 912 34.58 -5.19 64.01
N LEU C 913 35.09 -4.68 62.90
CA LEU C 913 35.66 -5.54 61.87
C LEU C 913 36.91 -6.25 62.37
N TYR C 914 37.78 -5.53 63.08
CA TYR C 914 39.04 -6.14 63.51
C TYR C 914 38.81 -7.22 64.56
N GLU C 915 37.81 -7.06 65.41
CA GLU C 915 37.53 -8.03 66.46
C GLU C 915 36.59 -9.13 66.02
N ASN C 916 36.05 -9.05 64.80
CA ASN C 916 35.18 -10.08 64.25
C ASN C 916 35.63 -10.46 62.84
N GLN C 917 36.94 -10.45 62.59
CA GLN C 917 37.43 -10.66 61.23
C GLN C 917 37.14 -12.07 60.74
N LYS C 918 37.39 -13.07 61.58
CA LYS C 918 37.18 -14.46 61.17
C LYS C 918 35.72 -14.75 60.89
N LEU C 919 34.82 -14.25 61.74
CA LEU C 919 33.39 -14.46 61.53
C LEU C 919 32.93 -13.83 60.23
N ILE C 920 33.40 -12.62 59.95
CA ILE C 920 33.02 -11.94 58.71
C ILE C 920 33.56 -12.69 57.49
N ALA C 921 34.81 -13.16 57.57
CA ALA C 921 35.36 -13.93 56.48
C ALA C 921 34.56 -15.20 56.24
N ASN C 922 34.18 -15.89 57.32
CA ASN C 922 33.39 -17.11 57.18
C ASN C 922 32.02 -16.83 56.58
N GLN C 923 31.37 -15.75 57.01
CA GLN C 923 30.07 -15.39 56.44
C GLN C 923 30.19 -15.08 54.96
N PHE C 924 31.24 -14.36 54.57
CA PHE C 924 31.45 -14.07 53.15
C PHE C 924 31.67 -15.36 52.35
N ASN C 925 32.48 -16.28 52.90
CA ASN C 925 32.74 -17.52 52.19
C ASN C 925 31.46 -18.35 52.04
N SER C 926 30.64 -18.40 53.08
CA SER C 926 29.38 -19.12 53.00
C SER C 926 28.45 -18.50 51.97
N ALA C 927 28.40 -17.17 51.92
CA ALA C 927 27.55 -16.50 50.94
C ALA C 927 28.02 -16.77 49.52
N ILE C 928 29.33 -16.76 49.29
CA ILE C 928 29.85 -17.07 47.95
C ILE C 928 29.55 -18.51 47.59
N GLY C 929 29.67 -19.43 48.55
CA GLY C 929 29.32 -20.82 48.28
C GLY C 929 27.85 -20.99 47.94
N LYS C 930 26.98 -20.28 48.65
CA LYS C 930 25.55 -20.35 48.33
C LYS C 930 25.28 -19.77 46.95
N ILE C 931 26.00 -18.72 46.57
CA ILE C 931 25.87 -18.18 45.21
C ILE C 931 26.26 -19.24 44.19
N GLN C 932 27.37 -19.94 44.43
CA GLN C 932 27.78 -21.02 43.53
C GLN C 932 26.68 -22.07 43.40
N ASP C 933 26.14 -22.50 44.55
CA ASP C 933 25.12 -23.55 44.53
C ASP C 933 23.87 -23.09 43.77
N SER C 934 23.43 -21.85 44.02
CA SER C 934 22.25 -21.35 43.32
C SER C 934 22.48 -21.24 41.82
N LEU C 935 23.64 -20.73 41.42
CA LEU C 935 23.91 -20.57 39.99
C LEU C 935 24.21 -21.91 39.32
N SER C 936 24.51 -22.96 40.08
CA SER C 936 24.73 -24.27 39.49
C SER C 936 23.51 -25.17 39.55
N SER C 937 22.50 -24.85 40.36
CA SER C 937 21.31 -25.67 40.49
C SER C 937 20.18 -25.20 39.59
N THR C 938 19.70 -23.97 39.81
CA THR C 938 18.54 -23.46 39.09
C THR C 938 18.96 -23.08 37.67
N ALA C 939 18.44 -23.81 36.68
CA ALA C 939 18.76 -23.53 35.29
C ALA C 939 18.23 -22.16 34.88
N SER C 940 17.03 -21.81 35.33
CA SER C 940 16.41 -20.53 34.98
C SER C 940 16.90 -19.42 35.91
N ALA C 941 18.21 -19.19 35.88
CA ALA C 941 18.87 -18.21 36.72
C ALA C 941 19.04 -16.85 36.04
N LEU C 942 19.65 -16.84 34.85
CA LEU C 942 19.87 -15.60 34.10
C LEU C 942 18.70 -15.42 33.15
N GLY C 943 17.57 -14.98 33.70
CA GLY C 943 16.36 -14.85 32.91
C GLY C 943 16.42 -13.73 31.90
N LYS C 944 16.99 -12.58 32.30
CA LYS C 944 16.95 -11.40 31.44
C LYS C 944 17.79 -11.58 30.18
N LEU C 945 19.00 -12.13 30.32
CA LEU C 945 19.88 -12.30 29.18
C LEU C 945 19.29 -13.30 28.18
N GLN C 946 18.76 -14.42 28.69
CA GLN C 946 18.10 -15.38 27.81
C GLN C 946 16.87 -14.77 27.17
N ASP C 947 16.15 -13.92 27.89
CA ASP C 947 14.98 -13.26 27.31
C ASP C 947 15.39 -12.34 26.16
N VAL C 948 16.49 -11.62 26.32
CA VAL C 948 16.97 -10.76 25.23
C VAL C 948 17.32 -11.60 24.01
N VAL C 949 18.07 -12.69 24.23
CA VAL C 949 18.45 -13.56 23.12
C VAL C 949 17.21 -14.12 22.43
N ASN C 950 16.23 -14.56 23.22
CA ASN C 950 15.01 -15.13 22.66
C ASN C 950 14.23 -14.10 21.87
N HIS C 951 14.15 -12.86 22.36
CA HIS C 951 13.41 -11.82 21.64
C HIS C 951 14.06 -11.53 20.29
N ASN C 952 15.39 -11.41 20.26
CA ASN C 952 16.06 -11.16 18.99
C ASN C 952 15.86 -12.32 18.02
N ALA C 953 16.02 -13.56 18.51
CA ALA C 953 15.86 -14.72 17.64
C ALA C 953 14.44 -14.82 17.11
N GLN C 954 13.45 -14.54 17.96
CA GLN C 954 12.06 -14.59 17.54
C GLN C 954 11.76 -13.53 16.49
N ALA C 955 12.34 -12.33 16.64
CA ALA C 955 12.15 -11.30 15.63
C ALA C 955 12.70 -11.73 14.29
N LEU C 956 13.90 -12.32 14.28
CA LEU C 956 14.47 -12.78 13.01
C LEU C 956 13.65 -13.91 12.40
N ASN C 957 13.16 -14.83 13.22
CA ASN C 957 12.34 -15.93 12.70
C ASN C 957 11.03 -15.41 12.11
N THR C 958 10.41 -14.43 12.77
CA THR C 958 9.21 -13.83 12.21
C THR C 958 9.49 -13.15 10.89
N LEU C 959 10.63 -12.45 10.80
CA LEU C 959 11.00 -11.79 9.55
C LEU C 959 11.17 -12.80 8.43
N VAL C 960 11.76 -13.95 8.72
CA VAL C 960 11.90 -14.99 7.70
C VAL C 960 10.54 -15.56 7.30
N LYS C 961 9.70 -15.87 8.29
CA LYS C 961 8.40 -16.47 7.99
C LYS C 961 7.47 -15.51 7.24
N GLN C 962 7.72 -14.21 7.32
CA GLN C 962 6.92 -13.26 6.53
C GLN C 962 7.13 -13.42 5.03
N LEU C 963 8.16 -14.15 4.61
CA LEU C 963 8.42 -14.35 3.19
C LEU C 963 7.46 -15.34 2.54
N SER C 964 6.71 -16.10 3.32
CA SER C 964 5.76 -17.06 2.78
C SER C 964 4.35 -16.49 2.63
N SER C 965 4.18 -15.19 2.89
CA SER C 965 2.89 -14.54 2.77
C SER C 965 2.66 -14.05 1.34
N LYS C 966 1.44 -14.20 0.85
CA LYS C 966 1.11 -13.77 -0.49
C LYS C 966 0.90 -12.27 -0.59
N PHE C 967 0.40 -11.64 0.47
CA PHE C 967 0.12 -10.20 0.50
C PHE C 967 -0.85 -9.80 -0.60
N GLY C 968 -1.78 -10.68 -0.97
CA GLY C 968 -2.73 -10.42 -2.02
C GLY C 968 -2.30 -10.83 -3.41
N ALA C 969 -1.03 -11.22 -3.59
CA ALA C 969 -0.57 -11.70 -4.88
C ALA C 969 -1.03 -13.14 -5.09
N ILE C 970 -0.89 -13.61 -6.33
CA ILE C 970 -1.31 -14.98 -6.65
C ILE C 970 -0.41 -15.99 -5.95
N SER C 971 0.85 -15.62 -5.71
CA SER C 971 1.81 -16.54 -5.13
C SER C 971 2.82 -15.74 -4.33
N SER C 972 3.42 -16.39 -3.34
CA SER C 972 4.48 -15.78 -2.56
C SER C 972 5.86 -15.98 -3.15
N VAL C 973 5.97 -16.79 -4.20
CA VAL C 973 7.25 -17.12 -4.83
C VAL C 973 7.43 -16.18 -6.02
N LEU C 974 8.55 -15.46 -6.03
CA LEU C 974 8.81 -14.52 -7.12
C LEU C 974 8.96 -15.24 -8.45
N ASN C 975 9.62 -16.39 -8.45
CA ASN C 975 9.85 -17.13 -9.69
C ASN C 975 8.56 -17.60 -10.31
N ASP C 976 7.60 -18.05 -9.49
CA ASP C 976 6.32 -18.49 -10.03
C ASP C 976 5.57 -17.34 -10.70
N ILE C 977 5.55 -16.17 -10.07
CA ILE C 977 4.91 -15.00 -10.67
C ILE C 977 5.61 -14.64 -11.98
N LEU C 978 6.94 -14.65 -11.98
CA LEU C 978 7.67 -14.29 -13.19
C LEU C 978 7.42 -15.28 -14.32
N SER C 979 7.32 -16.57 -14.00
CA SER C 979 7.16 -17.59 -15.02
C SER C 979 5.74 -17.70 -15.54
N ARG C 980 4.73 -17.42 -14.70
CA ARG C 980 3.35 -17.61 -15.10
C ARG C 980 2.67 -16.37 -15.66
N LEU C 981 3.35 -15.22 -15.69
CA LEU C 981 2.71 -13.99 -16.11
C LEU C 981 3.64 -13.18 -17.00
N ASP C 982 3.05 -12.39 -17.89
CA ASP C 982 3.80 -11.42 -18.68
C ASP C 982 4.26 -10.27 -17.80
N LYS C 983 5.11 -9.41 -18.36
CA LYS C 983 5.70 -8.33 -17.58
C LYS C 983 4.64 -7.38 -17.04
N VAL C 984 3.67 -7.00 -17.88
CA VAL C 984 2.63 -6.08 -17.45
C VAL C 984 1.80 -6.70 -16.33
N GLU C 985 1.46 -7.97 -16.46
CA GLU C 985 0.66 -8.64 -15.44
C GLU C 985 1.48 -8.99 -14.20
N ALA C 986 2.76 -9.32 -14.37
CA ALA C 986 3.60 -9.69 -13.24
C ALA C 986 4.06 -8.49 -12.42
N GLU C 987 4.07 -7.29 -13.00
CA GLU C 987 4.49 -6.12 -12.25
C GLU C 987 3.59 -5.85 -11.06
N VAL C 988 2.28 -6.05 -11.23
CA VAL C 988 1.34 -5.81 -10.14
C VAL C 988 1.63 -6.73 -8.96
N GLN C 989 1.81 -8.02 -9.25
CA GLN C 989 2.06 -8.98 -8.17
C GLN C 989 3.41 -8.72 -7.51
N ILE C 990 4.42 -8.40 -8.31
CA ILE C 990 5.73 -8.11 -7.73
C ILE C 990 5.65 -6.86 -6.85
N ASP C 991 4.86 -5.86 -7.26
CA ASP C 991 4.69 -4.68 -6.44
C ASP C 991 4.02 -5.01 -5.12
N ARG C 992 3.00 -5.87 -5.15
CA ARG C 992 2.35 -6.27 -3.91
C ARG C 992 3.32 -6.96 -2.96
N LEU C 993 4.11 -7.91 -3.50
CA LEU C 993 5.09 -8.59 -2.66
C LEU C 993 6.15 -7.63 -2.12
N ILE C 994 6.63 -6.71 -2.96
CA ILE C 994 7.64 -5.75 -2.54
C ILE C 994 7.11 -4.89 -1.42
N THR C 995 5.88 -4.39 -1.56
CA THR C 995 5.30 -3.53 -0.53
C THR C 995 5.13 -4.30 0.78
N GLY C 996 4.61 -5.54 0.71
CA GLY C 996 4.43 -6.31 1.92
C GLY C 996 5.73 -6.59 2.64
N ARG C 997 6.75 -7.02 1.89
CA ARG C 997 8.03 -7.33 2.52
C ARG C 997 8.73 -6.07 3.02
N LEU C 998 8.56 -4.95 2.33
CA LEU C 998 9.11 -3.69 2.81
C LEU C 998 8.46 -3.26 4.12
N GLN C 999 7.14 -3.43 4.24
CA GLN C 999 6.48 -3.12 5.50
C GLN C 999 6.93 -4.05 6.61
N SER C 1000 7.13 -5.33 6.31
CA SER C 1000 7.62 -6.26 7.32
C SER C 1000 9.03 -5.87 7.80
N LEU C 1001 9.90 -5.49 6.87
CA LEU C 1001 11.22 -5.01 7.26
C LEU C 1001 11.14 -3.73 8.09
N GLN C 1002 10.22 -2.83 7.74
CA GLN C 1002 10.03 -1.61 8.51
C GLN C 1002 9.61 -1.93 9.95
N THR C 1003 8.68 -2.86 10.10
CA THR C 1003 8.26 -3.26 11.45
C THR C 1003 9.41 -3.86 12.24
N TYR C 1004 10.22 -4.70 11.58
CA TYR C 1004 11.37 -5.28 12.26
C TYR C 1004 12.35 -4.22 12.71
N VAL C 1005 12.64 -3.25 11.84
CA VAL C 1005 13.61 -2.21 12.20
C VAL C 1005 13.05 -1.32 13.32
N THR C 1006 11.75 -1.02 13.29
CA THR C 1006 11.16 -0.20 14.35
C THR C 1006 11.24 -0.90 15.70
N GLN C 1007 10.89 -2.18 15.72
CA GLN C 1007 10.98 -2.96 16.95
C GLN C 1007 12.43 -3.02 17.45
N GLN C 1008 13.38 -3.20 16.53
CA GLN C 1008 14.78 -3.23 16.90
C GLN C 1008 15.24 -1.90 17.49
N LEU C 1009 14.80 -0.79 16.91
CA LEU C 1009 15.20 0.52 17.43
C LEU C 1009 14.66 0.75 18.84
N ILE C 1010 13.40 0.39 19.08
CA ILE C 1010 12.84 0.54 20.41
C ILE C 1010 13.54 -0.37 21.42
N ARG C 1011 13.78 -1.62 21.04
CA ARG C 1011 14.47 -2.54 21.93
C ARG C 1011 15.91 -2.13 22.18
N ALA C 1012 16.56 -1.54 21.18
CA ALA C 1012 17.93 -1.06 21.35
C ALA C 1012 17.97 0.13 22.30
N ALA C 1013 16.97 1.00 22.23
CA ALA C 1013 16.90 2.07 23.23
C ALA C 1013 16.76 1.51 24.63
N GLU C 1014 15.92 0.47 24.79
CA GLU C 1014 15.79 -0.17 26.09
C GLU C 1014 17.11 -0.75 26.58
N ILE C 1015 17.82 -1.46 25.69
CA ILE C 1015 19.10 -2.07 26.05
C ILE C 1015 20.13 -1.00 26.37
N ARG C 1016 20.09 0.14 25.67
CA ARG C 1016 21.02 1.22 25.96
C ARG C 1016 20.77 1.80 27.35
N ALA C 1017 19.49 1.95 27.72
CA ALA C 1017 19.19 2.40 29.08
C ALA C 1017 19.72 1.41 30.12
N SER C 1018 19.53 0.11 29.88
CA SER C 1018 20.03 -0.89 30.80
C SER C 1018 21.55 -0.86 30.89
N ALA C 1019 22.22 -0.65 29.75
CA ALA C 1019 23.68 -0.60 29.74
C ALA C 1019 24.21 0.64 30.46
N ASN C 1020 23.50 1.75 30.33
CA ASN C 1020 23.87 2.94 31.11
C ASN C 1020 23.72 2.68 32.61
N LEU C 1021 22.66 1.98 33.00
CA LEU C 1021 22.50 1.61 34.41
C LEU C 1021 23.63 0.71 34.88
N ALA C 1022 24.02 -0.26 34.05
CA ALA C 1022 25.11 -1.15 34.42
C ALA C 1022 26.44 -0.40 34.52
N ALA C 1023 26.66 0.57 33.62
CA ALA C 1023 27.87 1.39 33.70
C ALA C 1023 27.89 2.22 34.98
N THR C 1024 26.74 2.78 35.37
CA THR C 1024 26.66 3.53 36.61
C THR C 1024 26.92 2.64 37.81
N LYS C 1025 26.38 1.43 37.81
CA LYS C 1025 26.61 0.52 38.92
C LYS C 1025 28.07 0.08 38.97
N MET C 1026 28.72 -0.07 37.81
CA MET C 1026 30.15 -0.36 37.82
C MET C 1026 30.94 0.80 38.40
N SER C 1027 30.57 2.03 38.04
CA SER C 1027 31.31 3.19 38.52
C SER C 1027 31.13 3.38 40.02
N GLU C 1028 29.92 3.16 40.54
CA GLU C 1028 29.61 3.52 41.91
C GLU C 1028 29.71 2.36 42.89
N CYS C 1029 29.29 1.16 42.50
CA CYS C 1029 29.31 0.00 43.39
C CYS C 1029 30.65 -0.70 43.39
N VAL C 1030 31.31 -0.79 42.25
CA VAL C 1030 32.58 -1.53 42.16
C VAL C 1030 33.78 -0.62 42.36
N LEU C 1031 33.79 0.54 41.70
CA LEU C 1031 34.89 1.48 41.85
C LEU C 1031 34.78 2.33 43.10
N GLY C 1032 33.83 2.03 43.99
CA GLY C 1032 33.68 2.78 45.21
C GLY C 1032 32.59 2.17 46.07
N GLN C 1033 32.35 2.81 47.20
CA GLN C 1033 31.28 2.40 48.10
C GLN C 1033 30.13 3.39 47.98
N SER C 1034 28.91 2.87 47.90
CA SER C 1034 27.73 3.67 47.59
C SER C 1034 26.92 3.95 48.85
N LYS C 1035 26.55 5.22 49.03
CA LYS C 1035 25.61 5.63 50.07
C LYS C 1035 24.16 5.58 49.61
N ARG C 1036 23.92 5.37 48.32
CA ARG C 1036 22.57 5.29 47.80
C ARG C 1036 21.89 4.01 48.29
N VAL C 1037 20.64 4.13 48.70
CA VAL C 1037 19.91 3.03 49.31
C VAL C 1037 19.33 2.14 48.22
N ASP C 1038 19.49 0.83 48.37
CA ASP C 1038 18.97 -0.19 47.46
C ASP C 1038 19.52 -0.04 46.05
N PHE C 1039 20.64 0.67 45.88
CA PHE C 1039 21.25 0.81 44.57
C PHE C 1039 22.26 -0.29 44.30
N CYS C 1040 23.05 -0.66 45.29
CA CYS C 1040 24.01 -1.74 45.18
C CYS C 1040 23.61 -2.90 46.10
N GLY C 1041 22.34 -3.26 46.07
CA GLY C 1041 21.84 -4.37 46.86
C GLY C 1041 21.11 -3.91 48.10
N LYS C 1042 20.32 -4.81 48.68
CA LYS C 1042 19.57 -4.51 49.87
C LYS C 1042 20.46 -4.60 51.10
N GLY C 1043 20.49 -3.53 51.88
CA GLY C 1043 21.33 -3.44 53.06
C GLY C 1043 22.35 -2.33 52.92
N TYR C 1044 23.18 -2.21 53.95
CA TYR C 1044 24.28 -1.25 53.91
C TYR C 1044 25.39 -1.80 53.00
N HIS C 1045 25.69 -1.06 51.94
CA HIS C 1045 26.62 -1.57 50.93
C HIS C 1045 28.05 -1.58 51.44
N LEU C 1046 28.72 -2.72 51.27
CA LEU C 1046 30.15 -2.82 51.53
C LEU C 1046 30.95 -2.78 50.24
N MET C 1047 30.68 -3.69 49.29
CA MET C 1047 31.42 -3.70 48.05
C MET C 1047 30.60 -4.43 46.99
N SER C 1048 31.19 -4.59 45.81
CA SER C 1048 30.55 -5.34 44.74
C SER C 1048 31.63 -5.88 43.81
N PHE C 1049 31.33 -7.02 43.19
CA PHE C 1049 32.26 -7.69 42.31
C PHE C 1049 31.60 -7.94 40.96
N PRO C 1050 32.22 -7.53 39.85
CA PRO C 1050 31.63 -7.78 38.55
C PRO C 1050 32.02 -9.12 37.96
N GLN C 1051 31.11 -9.68 37.18
CA GLN C 1051 31.35 -10.90 36.43
C GLN C 1051 30.68 -10.74 35.07
N SER C 1052 31.32 -11.23 34.03
CA SER C 1052 30.71 -11.13 32.72
C SER C 1052 29.66 -12.23 32.55
N ALA C 1053 28.82 -12.05 31.54
CA ALA C 1053 27.85 -13.07 31.15
C ALA C 1053 27.43 -12.79 29.72
N PRO C 1054 26.91 -13.80 29.02
CA PRO C 1054 26.51 -13.56 27.62
C PRO C 1054 25.55 -12.39 27.49
N HIS C 1055 26.00 -11.34 26.80
CA HIS C 1055 25.21 -10.13 26.58
C HIS C 1055 24.78 -9.48 27.90
N GLY C 1056 25.65 -9.49 28.90
CA GLY C 1056 25.27 -8.87 30.15
C GLY C 1056 26.35 -8.95 31.19
N VAL C 1057 26.06 -8.33 32.34
CA VAL C 1057 26.97 -8.28 33.47
C VAL C 1057 26.22 -8.74 34.70
N VAL C 1058 26.95 -9.30 35.66
CA VAL C 1058 26.39 -9.80 36.91
C VAL C 1058 27.20 -9.18 38.04
N PHE C 1059 26.52 -8.55 38.99
CA PHE C 1059 27.17 -7.95 40.14
C PHE C 1059 26.87 -8.80 41.37
N LEU C 1060 27.92 -9.18 42.07
CA LEU C 1060 27.80 -9.81 43.39
C LEU C 1060 27.98 -8.69 44.41
N HIS C 1061 26.88 -8.23 44.99
CA HIS C 1061 26.88 -7.11 45.92
C HIS C 1061 27.05 -7.64 47.33
N VAL C 1062 28.11 -7.23 48.01
CA VAL C 1062 28.36 -7.59 49.40
C VAL C 1062 27.85 -6.45 50.28
N THR C 1063 26.91 -6.78 51.16
CA THR C 1063 26.23 -5.81 52.01
C THR C 1063 26.23 -6.29 53.46
N TYR C 1064 26.02 -5.33 54.38
CA TYR C 1064 26.01 -5.56 55.81
C TYR C 1064 24.59 -5.39 56.32
N VAL C 1065 24.06 -6.42 56.97
CA VAL C 1065 22.67 -6.44 57.42
C VAL C 1065 22.63 -6.68 58.92
N PRO C 1066 22.04 -5.78 59.72
CA PRO C 1066 21.89 -6.06 61.15
C PRO C 1066 21.04 -7.30 61.39
N ALA C 1067 21.40 -8.08 62.41
CA ALA C 1067 20.85 -9.42 62.58
C ALA C 1067 20.00 -9.58 63.83
N GLN C 1068 20.55 -9.35 65.01
CA GLN C 1068 19.88 -9.67 66.27
C GLN C 1068 19.71 -8.40 67.08
N GLU C 1069 18.50 -7.87 67.11
CA GLU C 1069 18.23 -6.61 67.79
C GLU C 1069 17.63 -6.85 69.16
N LYS C 1070 17.86 -5.89 70.06
CA LYS C 1070 17.31 -5.94 71.40
C LYS C 1070 16.71 -4.59 71.76
N ASN C 1071 15.69 -4.64 72.61
CA ASN C 1071 15.04 -3.44 73.13
C ASN C 1071 15.92 -2.76 74.18
N PHE C 1072 15.86 -1.44 74.20
CA PHE C 1072 16.51 -0.65 75.23
C PHE C 1072 15.68 0.61 75.46
N THR C 1073 15.88 1.21 76.62
CA THR C 1073 15.26 2.48 76.96
C THR C 1073 16.23 3.60 76.63
N THR C 1074 15.76 4.59 75.88
CA THR C 1074 16.62 5.64 75.35
C THR C 1074 16.18 7.00 75.89
N ALA C 1075 17.02 8.00 75.67
CA ALA C 1075 16.79 9.36 76.11
C ALA C 1075 17.51 10.32 75.18
N PRO C 1076 16.89 11.42 74.78
CA PRO C 1076 17.58 12.37 73.90
C PRO C 1076 18.81 13.00 74.51
N ALA C 1077 18.80 13.26 75.82
CA ALA C 1077 19.92 13.92 76.47
C ALA C 1077 20.01 13.44 77.91
N ILE C 1078 20.96 14.00 78.65
CA ILE C 1078 21.21 13.62 80.04
C ILE C 1078 21.61 14.86 80.83
N CYS C 1079 21.11 14.96 82.05
CA CYS C 1079 21.44 16.06 82.96
C CYS C 1079 22.47 15.59 83.98
N HIS C 1080 23.57 16.33 84.09
CA HIS C 1080 24.60 16.01 85.07
C HIS C 1080 24.72 17.06 86.16
N ASP C 1081 24.97 18.32 85.80
CA ASP C 1081 25.11 19.40 86.76
C ASP C 1081 24.31 20.62 86.30
N GLY C 1082 23.09 20.38 85.85
CA GLY C 1082 22.27 21.42 85.27
C GLY C 1082 22.51 21.66 83.80
N LYS C 1083 23.39 20.90 83.17
CA LYS C 1083 23.64 20.98 81.73
C LYS C 1083 23.07 19.75 81.05
N ALA C 1084 22.78 19.89 79.76
CA ALA C 1084 22.25 18.79 78.96
C ALA C 1084 23.38 18.22 78.12
N HIS C 1085 23.63 16.92 78.28
CA HIS C 1085 24.69 16.24 77.53
C HIS C 1085 24.06 15.41 76.43
N PHE C 1086 24.51 15.64 75.19
CA PHE C 1086 24.07 14.94 74.00
C PHE C 1086 25.21 14.08 73.45
N PRO C 1087 24.91 12.98 72.77
CA PRO C 1087 25.97 12.12 72.26
C PRO C 1087 26.69 12.76 71.08
N ARG C 1088 28.03 12.68 71.09
CA ARG C 1088 28.79 13.14 69.93
C ARG C 1088 28.53 12.25 68.72
N GLU C 1089 28.66 10.93 68.91
CA GLU C 1089 28.41 9.95 67.85
C GLU C 1089 27.78 8.75 68.51
N GLY C 1090 26.46 8.62 68.42
CA GLY C 1090 25.78 7.49 69.00
C GLY C 1090 24.42 7.80 69.58
N VAL C 1091 24.00 6.98 70.54
CA VAL C 1091 22.68 7.08 71.14
C VAL C 1091 22.76 6.58 72.57
N PHE C 1092 22.05 7.26 73.47
CA PHE C 1092 21.97 6.85 74.85
C PHE C 1092 21.00 5.70 75.01
N VAL C 1093 21.42 4.65 75.70
CA VAL C 1093 20.60 3.48 75.97
C VAL C 1093 20.70 3.13 77.45
N SER C 1094 19.75 2.32 77.90
CA SER C 1094 19.75 1.83 79.27
C SER C 1094 19.26 0.39 79.27
N ASN C 1095 19.95 -0.46 80.03
CA ASN C 1095 19.57 -1.85 80.16
C ASN C 1095 18.62 -2.09 81.33
N GLY C 1096 18.17 -1.03 81.99
CA GLY C 1096 17.25 -1.15 83.09
C GLY C 1096 17.66 -0.37 84.31
N THR C 1097 18.96 -0.33 84.58
CA THR C 1097 19.48 0.37 85.76
C THR C 1097 20.57 1.37 85.43
N HIS C 1098 21.42 1.08 84.45
CA HIS C 1098 22.55 1.92 84.10
C HIS C 1098 22.36 2.51 82.71
N TRP C 1099 22.99 3.65 82.48
CA TRP C 1099 22.90 4.36 81.21
C TRP C 1099 24.26 4.32 80.52
N PHE C 1100 24.25 3.98 79.23
CA PHE C 1100 25.44 3.94 78.41
C PHE C 1100 25.19 4.70 77.13
N VAL C 1101 26.25 4.94 76.37
CA VAL C 1101 26.18 5.51 75.03
C VAL C 1101 26.77 4.50 74.06
N THR C 1102 26.04 4.19 72.99
CA THR C 1102 26.46 3.16 72.05
C THR C 1102 26.38 3.70 70.63
N GLN C 1103 26.89 2.92 69.69
CA GLN C 1103 26.72 3.25 68.28
C GLN C 1103 25.27 3.01 67.87
N ARG C 1104 24.91 3.54 66.72
CA ARG C 1104 23.54 3.42 66.23
C ARG C 1104 23.29 2.14 65.45
N ASN C 1105 24.34 1.41 65.06
CA ASN C 1105 24.20 0.22 64.23
C ASN C 1105 24.74 -1.04 64.87
N PHE C 1106 25.32 -0.96 66.06
CA PHE C 1106 25.94 -2.12 66.69
C PHE C 1106 26.04 -1.83 68.18
N TYR C 1107 25.48 -2.72 69.00
CA TYR C 1107 25.44 -2.48 70.44
C TYR C 1107 26.83 -2.65 71.03
N GLU C 1108 27.47 -1.53 71.35
CA GLU C 1108 28.77 -1.52 72.03
C GLU C 1108 28.73 -0.47 73.12
N PRO C 1109 28.07 -0.77 74.24
CA PRO C 1109 27.85 0.26 75.26
C PRO C 1109 29.15 0.68 75.93
N GLN C 1110 29.23 1.97 76.26
CA GLN C 1110 30.38 2.52 76.96
C GLN C 1110 29.90 3.47 78.05
N ILE C 1111 30.72 3.63 79.08
CA ILE C 1111 30.36 4.54 80.18
C ILE C 1111 30.28 5.96 79.64
N ILE C 1112 29.22 6.66 80.01
CA ILE C 1112 28.99 8.02 79.52
C ILE C 1112 29.98 8.94 80.22
N THR C 1113 30.96 9.44 79.47
CA THR C 1113 31.95 10.37 79.98
C THR C 1113 31.85 11.69 79.19
N THR C 1114 32.72 12.63 79.53
CA THR C 1114 32.73 13.92 78.85
C THR C 1114 33.33 13.83 77.46
N ASP C 1115 34.11 12.79 77.17
CA ASP C 1115 34.63 12.60 75.82
C ASP C 1115 33.56 12.08 74.87
N ASN C 1116 32.60 11.31 75.38
CA ASN C 1116 31.52 10.80 74.53
C ASN C 1116 30.50 11.87 74.19
N THR C 1117 30.28 12.84 75.08
CA THR C 1117 29.13 13.71 75.01
C THR C 1117 29.56 15.17 74.96
N PHE C 1118 28.64 16.03 74.52
CA PHE C 1118 28.86 17.47 74.53
C PHE C 1118 27.66 18.16 75.17
N VAL C 1119 27.93 19.28 75.82
CA VAL C 1119 26.90 20.03 76.54
C VAL C 1119 26.29 21.05 75.60
N SER C 1120 25.02 21.38 75.86
CA SER C 1120 24.35 22.42 75.09
C SER C 1120 23.19 22.96 75.94
N GLY C 1121 23.41 24.12 76.55
CA GLY C 1121 22.34 24.75 77.30
C GLY C 1121 22.07 24.06 78.64
N ASN C 1122 20.89 24.36 79.16
CA ASN C 1122 20.45 23.85 80.45
C ASN C 1122 19.50 22.67 80.26
N CYS C 1123 18.87 22.23 81.35
CA CYS C 1123 18.03 21.05 81.36
C CYS C 1123 16.55 21.38 81.53
N ASP C 1124 16.10 22.49 80.93
CA ASP C 1124 14.71 22.91 81.05
C ASP C 1124 13.99 22.96 79.70
N VAL C 1125 14.63 22.51 78.62
CA VAL C 1125 14.09 22.63 77.28
C VAL C 1125 13.89 21.27 76.63
N VAL C 1126 14.87 20.37 76.74
CA VAL C 1126 14.81 19.10 76.04
C VAL C 1126 13.66 18.26 76.59
N ILE C 1127 12.87 17.68 75.69
CA ILE C 1127 11.72 16.86 76.07
C ILE C 1127 12.17 15.40 76.12
N GLY C 1128 11.97 14.77 77.27
CA GLY C 1128 12.42 13.41 77.48
C GLY C 1128 13.79 13.28 78.10
N ILE C 1129 14.33 14.35 78.67
CA ILE C 1129 15.65 14.31 79.29
C ILE C 1129 15.61 13.46 80.56
N VAL C 1130 16.76 12.90 80.92
CA VAL C 1130 16.87 12.04 82.09
C VAL C 1130 18.04 12.50 82.95
N ASN C 1131 18.15 11.91 84.13
CA ASN C 1131 19.17 12.26 85.10
C ASN C 1131 20.18 11.13 85.22
N ASN C 1132 21.46 11.47 85.07
CA ASN C 1132 22.53 10.49 85.20
C ASN C 1132 23.84 11.24 85.40
N THR C 1133 24.86 10.51 85.83
CA THR C 1133 26.17 11.07 86.09
C THR C 1133 27.07 10.88 84.89
N VAL C 1134 27.79 11.92 84.51
CA VAL C 1134 28.75 11.87 83.41
C VAL C 1134 30.15 11.85 84.00
N TYR C 1135 30.90 10.79 83.70
CA TYR C 1135 32.22 10.61 84.27
C TYR C 1135 33.22 11.60 83.70
N ASP C 1136 34.14 12.04 84.55
CA ASP C 1136 35.18 12.98 84.14
C ASP C 1136 36.54 12.29 84.19
N PRO C 1137 37.20 12.06 83.04
CA PRO C 1137 38.50 11.38 83.08
C PRO C 1137 39.57 12.12 83.86
N LEU C 1138 39.53 13.46 83.87
CA LEU C 1138 40.58 14.23 84.52
C LEU C 1138 40.48 14.19 86.05
N GLN C 1139 39.30 13.90 86.59
CA GLN C 1139 39.14 13.92 88.05
C GLN C 1139 40.01 12.90 88.77
N PRO C 1140 40.01 11.61 88.42
CA PRO C 1140 40.90 10.68 89.12
C PRO C 1140 42.38 11.00 88.95
N GLU C 1141 42.78 11.47 87.77
CA GLU C 1141 44.18 11.80 87.55
C GLU C 1141 44.60 12.98 88.41
N LEU C 1142 43.73 14.00 88.53
CA LEU C 1142 44.02 15.11 89.42
C LEU C 1142 44.06 14.66 90.87
N ASP C 1143 43.12 13.78 91.25
CA ASP C 1143 43.06 13.32 92.64
C ASP C 1143 44.22 12.40 92.98
N SER C 1144 44.78 11.72 91.99
CA SER C 1144 45.94 10.84 92.22
C SER C 1144 47.22 11.64 92.24
N GLU D 1 -47.65 -20.90 -37.02
CA GLU D 1 -46.91 -21.54 -35.94
C GLU D 1 -46.59 -22.99 -36.27
N VAL D 2 -46.28 -23.77 -35.23
CA VAL D 2 -45.98 -25.18 -35.42
C VAL D 2 -47.20 -25.92 -35.95
N GLN D 3 -46.97 -26.84 -36.88
CA GLN D 3 -48.04 -27.63 -37.48
C GLN D 3 -47.88 -29.10 -37.09
N LEU D 4 -48.99 -29.72 -36.72
CA LEU D 4 -49.02 -31.12 -36.29
C LEU D 4 -49.82 -31.94 -37.29
N VAL D 5 -49.25 -33.05 -37.73
CA VAL D 5 -49.90 -33.95 -38.69
C VAL D 5 -49.92 -35.35 -38.10
N GLN D 6 -51.10 -35.98 -38.10
CA GLN D 6 -51.30 -37.29 -37.51
C GLN D 6 -51.45 -38.35 -38.60
N SER D 7 -51.64 -39.59 -38.18
CA SER D 7 -51.79 -40.71 -39.09
C SER D 7 -53.25 -40.86 -39.52
N GLY D 8 -53.56 -41.92 -40.25
CA GLY D 8 -54.90 -42.15 -40.75
C GLY D 8 -55.79 -42.86 -39.75
N ALA D 9 -57.02 -43.13 -40.20
CA ALA D 9 -58.02 -43.75 -39.35
C ALA D 9 -57.67 -45.22 -39.08
N GLU D 10 -58.17 -45.73 -37.96
CA GLU D 10 -57.91 -47.08 -37.51
C GLU D 10 -59.21 -47.79 -37.19
N VAL D 11 -59.27 -49.07 -37.55
CA VAL D 11 -60.41 -49.94 -37.24
C VAL D 11 -59.86 -51.13 -36.48
N LYS D 12 -60.38 -51.36 -35.27
CA LYS D 12 -59.81 -52.34 -34.37
C LYS D 12 -60.92 -53.19 -33.76
N GLU D 13 -60.52 -54.09 -32.87
CA GLU D 13 -61.36 -55.01 -32.13
C GLU D 13 -61.02 -54.91 -30.65
N PRO D 14 -61.98 -55.13 -29.76
CA PRO D 14 -61.66 -55.10 -28.32
C PRO D 14 -60.58 -56.11 -27.96
N GLY D 15 -59.70 -55.70 -27.05
CA GLY D 15 -58.57 -56.51 -26.66
C GLY D 15 -57.29 -56.26 -27.44
N SER D 16 -57.35 -55.43 -28.47
CA SER D 16 -56.20 -55.11 -29.29
C SER D 16 -55.55 -53.82 -28.82
N SER D 17 -54.59 -53.31 -29.60
CA SER D 17 -53.91 -52.06 -29.29
C SER D 17 -53.80 -51.22 -30.56
N VAL D 18 -53.71 -49.91 -30.37
CA VAL D 18 -53.64 -48.95 -31.48
C VAL D 18 -52.47 -48.02 -31.24
N LYS D 19 -51.69 -47.78 -32.29
CA LYS D 19 -50.56 -46.85 -32.24
C LYS D 19 -50.86 -45.68 -33.17
N VAL D 20 -50.83 -44.47 -32.61
CA VAL D 20 -51.17 -43.25 -33.35
C VAL D 20 -49.95 -42.34 -33.36
N SER D 21 -49.59 -41.87 -34.54
CA SER D 21 -48.41 -41.03 -34.72
C SER D 21 -48.82 -39.56 -34.78
N CYS D 22 -47.88 -38.69 -34.42
CA CYS D 22 -48.11 -37.25 -34.44
C CYS D 22 -46.77 -36.60 -34.76
N LYS D 23 -46.61 -36.17 -36.02
CA LYS D 23 -45.36 -35.59 -36.48
C LYS D 23 -45.43 -34.08 -36.39
N ALA D 24 -44.52 -33.48 -35.63
CA ALA D 24 -44.47 -32.04 -35.47
C ALA D 24 -43.62 -31.42 -36.57
N SER D 25 -44.10 -30.32 -37.15
CA SER D 25 -43.32 -29.60 -38.13
C SER D 25 -41.99 -29.16 -37.57
N GLY D 26 -41.97 -28.81 -36.29
CA GLY D 26 -40.75 -28.44 -35.59
C GLY D 26 -40.81 -27.02 -35.07
N GLY D 27 -39.84 -26.73 -34.21
CA GLY D 27 -39.66 -25.41 -33.66
C GLY D 27 -39.36 -25.39 -32.17
N SER D 28 -39.84 -26.38 -31.44
CA SER D 28 -39.49 -26.49 -30.03
C SER D 28 -39.40 -27.93 -29.54
N PHE D 29 -39.02 -28.86 -30.40
CA PHE D 29 -39.09 -30.27 -30.04
C PHE D 29 -38.06 -30.59 -28.96
N SER D 30 -38.36 -31.66 -28.22
CA SER D 30 -37.61 -32.13 -27.05
C SER D 30 -37.76 -31.21 -25.86
N THR D 31 -38.55 -30.13 -25.96
CA THR D 31 -38.88 -29.31 -24.82
C THR D 31 -40.36 -28.95 -24.74
N SER D 32 -41.14 -29.27 -25.76
CA SER D 32 -42.55 -28.90 -25.81
C SER D 32 -43.40 -30.12 -25.55
N GLY D 33 -44.29 -30.03 -24.56
CA GLY D 33 -45.15 -31.14 -24.22
C GLY D 33 -46.16 -31.40 -25.33
N ILE D 34 -46.20 -32.63 -25.83
CA ILE D 34 -47.15 -33.01 -26.88
C ILE D 34 -48.30 -33.72 -26.17
N SER D 35 -49.35 -32.96 -25.87
CA SER D 35 -50.50 -33.50 -25.18
C SER D 35 -51.44 -34.22 -26.14
N TRP D 36 -52.05 -35.30 -25.64
CA TRP D 36 -53.02 -36.07 -26.39
C TRP D 36 -54.39 -35.89 -25.76
N VAL D 37 -55.36 -35.45 -26.57
CA VAL D 37 -56.72 -35.21 -26.13
C VAL D 37 -57.67 -36.01 -27.01
N ARG D 38 -58.57 -36.77 -26.39
CA ARG D 38 -59.54 -37.58 -27.10
C ARG D 38 -60.94 -37.02 -26.91
N GLN D 39 -61.79 -37.23 -27.91
CA GLN D 39 -63.14 -36.69 -27.92
C GLN D 39 -64.09 -37.77 -28.44
N ALA D 40 -64.92 -38.31 -27.56
CA ALA D 40 -65.89 -39.30 -27.97
C ALA D 40 -66.94 -38.66 -28.89
N PRO D 41 -67.55 -39.44 -29.78
CA PRO D 41 -68.56 -38.87 -30.70
C PRO D 41 -69.74 -38.31 -29.93
N GLY D 42 -69.98 -37.01 -30.10
CA GLY D 42 -71.05 -36.33 -29.41
C GLY D 42 -70.79 -36.05 -27.95
N GLN D 43 -69.56 -36.23 -27.49
CA GLN D 43 -69.21 -36.03 -26.09
C GLN D 43 -68.14 -34.95 -25.98
N GLY D 44 -67.71 -34.69 -24.74
CA GLY D 44 -66.75 -33.64 -24.49
C GLY D 44 -65.31 -34.10 -24.62
N LEU D 45 -64.40 -33.13 -24.62
CA LEU D 45 -62.99 -33.43 -24.72
C LEU D 45 -62.48 -34.05 -23.43
N GLU D 46 -61.40 -34.82 -23.55
CA GLU D 46 -60.82 -35.50 -22.40
C GLU D 46 -59.32 -35.59 -22.57
N TRP D 47 -58.59 -35.22 -21.53
CA TRP D 47 -57.13 -35.19 -21.58
C TRP D 47 -56.58 -36.55 -21.18
N MET D 48 -55.80 -37.16 -22.06
CA MET D 48 -55.26 -38.50 -21.82
C MET D 48 -53.90 -38.43 -21.12
N GLY D 49 -52.93 -37.78 -21.75
CA GLY D 49 -51.61 -37.67 -21.17
C GLY D 49 -50.75 -36.70 -21.93
N VAL D 50 -49.60 -36.37 -21.34
CA VAL D 50 -48.63 -35.47 -21.94
C VAL D 50 -47.26 -36.11 -21.86
N ILE D 51 -46.41 -35.77 -22.83
CA ILE D 51 -45.03 -36.24 -22.86
C ILE D 51 -44.14 -35.07 -23.23
N ILE D 52 -43.02 -34.92 -22.53
CA ILE D 52 -41.94 -34.04 -22.93
C ILE D 52 -40.81 -34.93 -23.47
N PRO D 53 -40.49 -34.86 -24.75
CA PRO D 53 -39.64 -35.91 -25.34
C PRO D 53 -38.30 -36.11 -24.66
N ILE D 54 -37.71 -35.06 -24.09
CA ILE D 54 -36.41 -35.23 -23.42
C ILE D 54 -36.55 -35.93 -22.08
N GLN D 55 -37.74 -35.91 -21.46
CA GLN D 55 -37.94 -36.68 -20.23
C GLN D 55 -37.80 -38.17 -20.49
N GLY D 56 -38.31 -38.64 -21.62
CA GLY D 56 -38.19 -40.05 -21.98
C GLY D 56 -39.45 -40.83 -21.64
N THR D 57 -40.05 -40.53 -20.49
CA THR D 57 -41.26 -41.20 -20.06
C THR D 57 -42.47 -40.38 -20.48
N GLY D 58 -43.64 -40.76 -19.98
CA GLY D 58 -44.86 -40.03 -20.24
C GLY D 58 -45.76 -39.98 -19.02
N ASN D 59 -46.33 -38.82 -18.73
CA ASN D 59 -47.26 -38.68 -17.63
C ASN D 59 -48.69 -38.83 -18.12
N TYR D 60 -49.54 -39.46 -17.29
CA TYR D 60 -50.91 -39.74 -17.65
C TYR D 60 -51.84 -39.36 -16.51
N ALA D 61 -53.09 -39.10 -16.85
CA ALA D 61 -54.11 -38.76 -15.87
C ALA D 61 -54.52 -39.99 -15.07
N GLN D 62 -55.25 -39.76 -13.97
CA GLN D 62 -55.68 -40.87 -13.12
C GLN D 62 -56.99 -41.48 -13.63
N LYS D 63 -57.06 -41.65 -14.95
CA LYS D 63 -58.12 -42.42 -15.59
C LYS D 63 -57.60 -43.33 -16.69
N PHE D 64 -56.37 -43.14 -17.16
CA PHE D 64 -55.80 -43.94 -18.23
C PHE D 64 -54.50 -44.63 -17.83
N GLN D 65 -54.08 -44.51 -16.57
CA GLN D 65 -52.84 -45.14 -16.14
C GLN D 65 -52.94 -46.67 -16.26
N GLY D 66 -51.89 -47.27 -16.80
CA GLY D 66 -51.80 -48.72 -16.91
C GLY D 66 -52.10 -49.27 -18.29
N ARG D 67 -52.76 -48.50 -19.15
CA ARG D 67 -53.06 -48.98 -20.50
C ARG D 67 -52.76 -47.94 -21.57
N VAL D 68 -52.09 -46.84 -21.22
CA VAL D 68 -51.69 -45.82 -22.17
C VAL D 68 -50.18 -45.67 -22.11
N THR D 69 -49.53 -45.80 -23.28
CA THR D 69 -48.10 -45.60 -23.39
C THR D 69 -47.84 -44.55 -24.46
N ILE D 70 -47.11 -43.50 -24.09
CA ILE D 70 -46.74 -42.43 -25.02
C ILE D 70 -45.22 -42.38 -25.06
N THR D 71 -44.67 -42.44 -26.28
CA THR D 71 -43.24 -42.31 -26.49
C THR D 71 -43.00 -41.36 -27.65
N ALA D 72 -41.78 -40.80 -27.70
CA ALA D 72 -41.41 -39.83 -28.70
C ALA D 72 -40.18 -40.31 -29.47
N ASP D 73 -40.21 -40.16 -30.79
CA ASP D 73 -39.06 -40.42 -31.65
C ASP D 73 -38.42 -39.07 -31.96
N GLU D 74 -37.29 -38.79 -31.31
CA GLU D 74 -36.64 -37.50 -31.48
C GLU D 74 -36.11 -37.31 -32.90
N SER D 75 -35.55 -38.37 -33.49
CA SER D 75 -34.98 -38.26 -34.83
C SER D 75 -36.04 -37.92 -35.87
N THR D 76 -37.20 -38.56 -35.79
CA THR D 76 -38.28 -38.35 -36.75
C THR D 76 -39.25 -37.25 -36.31
N THR D 77 -39.05 -36.66 -35.14
CA THR D 77 -39.91 -35.60 -34.61
C THR D 77 -41.38 -36.05 -34.59
N THR D 78 -41.59 -37.28 -34.16
CA THR D 78 -42.92 -37.87 -34.12
C THR D 78 -43.20 -38.42 -32.73
N VAL D 79 -44.42 -38.20 -32.25
CA VAL D 79 -44.85 -38.66 -30.93
C VAL D 79 -45.87 -39.77 -31.15
N TYR D 80 -45.65 -40.91 -30.49
CA TYR D 80 -46.48 -42.08 -30.63
C TYR D 80 -47.24 -42.36 -29.35
N MET D 81 -48.54 -42.62 -29.48
CA MET D 81 -49.41 -42.95 -28.36
C MET D 81 -49.99 -44.34 -28.60
N GLU D 82 -49.72 -45.25 -27.66
CA GLU D 82 -50.18 -46.63 -27.76
C GLU D 82 -51.24 -46.87 -26.69
N LEU D 83 -52.49 -47.06 -27.14
CA LEU D 83 -53.60 -47.35 -26.25
C LEU D 83 -53.95 -48.83 -26.37
N SER D 84 -53.66 -49.60 -25.33
CA SER D 84 -53.89 -51.03 -25.33
C SER D 84 -55.19 -51.37 -24.61
N SER D 85 -55.63 -52.62 -24.80
CA SER D 85 -56.85 -53.15 -24.18
C SER D 85 -58.07 -52.31 -24.56
N LEU D 86 -58.32 -52.24 -25.86
CA LEU D 86 -59.41 -51.44 -26.37
C LEU D 86 -60.76 -52.01 -25.97
N ARG D 87 -61.73 -51.12 -25.78
CA ARG D 87 -63.08 -51.50 -25.40
C ARG D 87 -64.06 -50.63 -26.19
N SER D 88 -65.34 -50.67 -25.78
CA SER D 88 -66.36 -49.91 -26.49
C SER D 88 -66.21 -48.41 -26.26
N ASP D 89 -65.73 -48.00 -25.09
CA ASP D 89 -65.57 -46.59 -24.76
C ASP D 89 -64.30 -45.99 -25.33
N ASP D 90 -63.61 -46.68 -26.23
CA ASP D 90 -62.35 -46.20 -26.80
C ASP D 90 -62.50 -45.77 -28.26
N THR D 91 -63.73 -45.60 -28.74
CA THR D 91 -63.98 -45.08 -30.07
C THR D 91 -64.14 -43.57 -29.97
N ALA D 92 -63.17 -42.83 -30.52
CA ALA D 92 -63.16 -41.38 -30.38
C ALA D 92 -62.14 -40.81 -31.36
N LEU D 93 -62.18 -39.48 -31.51
CA LEU D 93 -61.13 -38.77 -32.22
C LEU D 93 -59.96 -38.50 -31.29
N TYR D 94 -58.75 -38.81 -31.73
CA TYR D 94 -57.55 -38.68 -30.91
C TYR D 94 -56.68 -37.56 -31.47
N TYR D 95 -56.71 -36.41 -30.81
CA TYR D 95 -55.89 -35.28 -31.19
C TYR D 95 -54.57 -35.29 -30.43
N CYS D 96 -53.55 -34.70 -31.05
CA CYS D 96 -52.29 -34.40 -30.37
C CYS D 96 -52.09 -32.90 -30.41
N ALA D 97 -51.66 -32.35 -29.27
CA ALA D 97 -51.55 -30.90 -29.13
C ALA D 97 -50.29 -30.54 -28.37
N ARG D 98 -49.82 -29.31 -28.58
CA ARG D 98 -48.59 -28.82 -28.00
C ARG D 98 -48.90 -27.76 -26.94
N ASP D 99 -48.25 -27.87 -25.79
CA ASP D 99 -48.46 -26.93 -24.69
C ASP D 99 -47.51 -25.74 -24.83
N GLN D 100 -47.92 -24.60 -24.26
CA GLN D 100 -47.10 -23.39 -24.27
C GLN D 100 -46.62 -23.00 -22.88
N HIS D 101 -47.53 -22.82 -21.92
CA HIS D 101 -47.20 -22.55 -20.53
C HIS D 101 -46.33 -21.29 -20.38
N ILE D 102 -46.94 -20.16 -20.69
CA ILE D 102 -46.31 -18.86 -20.47
C ILE D 102 -46.65 -18.38 -19.07
N TYR D 103 -45.62 -18.11 -18.27
CA TYR D 103 -45.77 -17.65 -16.89
C TYR D 103 -44.92 -16.39 -16.73
N ASP D 104 -45.46 -15.37 -16.05
CA ASP D 104 -44.71 -14.12 -15.93
C ASP D 104 -43.70 -14.16 -14.78
N SER D 105 -44.18 -14.10 -13.54
CA SER D 105 -43.31 -14.38 -12.40
C SER D 105 -44.02 -14.98 -11.20
N SER D 106 -45.35 -15.17 -11.24
CA SER D 106 -46.06 -15.54 -10.01
C SER D 106 -47.16 -16.57 -10.19
N GLY D 107 -47.56 -16.90 -11.42
CA GLY D 107 -48.63 -17.86 -11.63
C GLY D 107 -49.64 -17.35 -12.61
N HIS D 108 -49.42 -16.14 -13.12
CA HIS D 108 -50.31 -15.57 -14.13
C HIS D 108 -50.01 -16.16 -15.50
N GLY D 109 -51.07 -16.54 -16.20
CA GLY D 109 -50.94 -17.14 -17.51
C GLY D 109 -50.51 -18.59 -17.40
N GLY D 110 -51.26 -19.48 -18.04
CA GLY D 110 -51.04 -20.89 -17.89
C GLY D 110 -50.91 -21.58 -19.22
N LEU D 111 -51.19 -22.88 -19.26
CA LEU D 111 -50.99 -23.70 -20.45
C LEU D 111 -52.18 -23.60 -21.39
N TRP D 112 -51.91 -23.83 -22.68
CA TRP D 112 -52.96 -23.93 -23.67
C TRP D 112 -52.44 -24.71 -24.87
N PHE D 113 -53.37 -25.30 -25.62
CA PHE D 113 -53.06 -26.17 -26.75
C PHE D 113 -53.42 -25.43 -28.04
N ASP D 114 -52.48 -24.65 -28.55
CA ASP D 114 -52.76 -23.89 -29.78
C ASP D 114 -52.73 -24.79 -31.01
N PRO D 115 -51.69 -25.61 -31.25
CA PRO D 115 -51.74 -26.49 -32.42
C PRO D 115 -52.43 -27.81 -32.13
N TRP D 116 -53.36 -28.19 -32.99
CA TRP D 116 -54.04 -29.47 -32.90
C TRP D 116 -53.89 -30.22 -34.22
N GLY D 117 -53.77 -31.53 -34.13
CA GLY D 117 -53.78 -32.34 -35.34
C GLY D 117 -55.16 -32.41 -35.96
N GLN D 118 -55.19 -32.89 -37.22
CA GLN D 118 -56.47 -33.03 -37.90
C GLN D 118 -57.37 -34.08 -37.25
N GLY D 119 -56.81 -34.95 -36.41
CA GLY D 119 -57.60 -35.95 -35.73
C GLY D 119 -57.42 -37.33 -36.32
N THR D 120 -57.29 -38.33 -35.45
CA THR D 120 -57.13 -39.73 -35.85
C THR D 120 -58.33 -40.51 -35.33
N LEU D 121 -59.31 -40.72 -36.21
CA LEU D 121 -60.52 -41.47 -35.85
C LEU D 121 -60.16 -42.93 -35.63
N VAL D 122 -60.31 -43.41 -34.41
CA VAL D 122 -60.07 -44.80 -34.05
C VAL D 122 -61.40 -45.43 -33.68
N THR D 123 -61.80 -46.44 -34.44
CA THR D 123 -63.08 -47.12 -34.25
C THR D 123 -62.83 -48.53 -33.76
N VAL D 124 -63.43 -48.88 -32.63
CA VAL D 124 -63.30 -50.20 -32.04
C VAL D 124 -64.50 -51.02 -32.50
N SER D 125 -64.34 -51.68 -33.65
CA SER D 125 -65.42 -52.48 -34.19
C SER D 125 -65.71 -53.68 -33.30
N SER D 126 -67.00 -54.00 -33.15
CA SER D 126 -67.43 -55.08 -32.28
C SER D 126 -67.37 -56.42 -33.01
N ALA E 1 -58.00 -33.94 -9.67
CA ALA E 1 -59.25 -34.12 -8.95
C ALA E 1 -60.08 -32.85 -8.97
N ILE E 2 -59.75 -31.95 -9.89
CA ILE E 2 -60.43 -30.67 -10.05
C ILE E 2 -61.41 -30.79 -11.20
N ARG E 3 -62.66 -30.40 -10.96
CA ARG E 3 -63.72 -30.50 -11.95
C ARG E 3 -64.17 -29.10 -12.39
N MET E 4 -64.63 -29.01 -13.62
CA MET E 4 -65.12 -27.77 -14.20
C MET E 4 -66.56 -27.95 -14.62
N THR E 5 -67.42 -26.99 -14.27
CA THR E 5 -68.84 -27.04 -14.58
C THR E 5 -69.23 -25.79 -15.36
N GLN E 6 -69.91 -26.00 -16.47
CA GLN E 6 -70.35 -24.90 -17.33
C GLN E 6 -71.84 -24.63 -17.15
N SER E 7 -72.26 -23.45 -17.59
CA SER E 7 -73.67 -23.06 -17.60
C SER E 7 -73.86 -21.86 -18.52
N PRO E 8 -74.81 -21.92 -19.45
CA PRO E 8 -75.72 -23.04 -19.73
C PRO E 8 -75.06 -24.08 -20.64
N SER E 9 -75.79 -25.14 -20.99
CA SER E 9 -75.27 -26.15 -21.90
C SER E 9 -75.59 -25.85 -23.36
N SER E 10 -76.63 -25.06 -23.63
CA SER E 10 -76.98 -24.71 -24.99
C SER E 10 -77.80 -23.42 -24.95
N LEU E 11 -77.23 -22.34 -25.46
CA LEU E 11 -77.91 -21.05 -25.53
C LEU E 11 -78.10 -20.66 -26.99
N SER E 12 -79.27 -20.11 -27.29
CA SER E 12 -79.62 -19.68 -28.64
C SER E 12 -79.75 -18.15 -28.63
N ALA E 13 -78.92 -17.49 -29.43
CA ALA E 13 -78.90 -16.03 -29.52
C ALA E 13 -78.90 -15.62 -30.98
N SER E 14 -78.82 -14.30 -31.21
CA SER E 14 -78.83 -13.72 -32.55
C SER E 14 -77.53 -12.99 -32.81
N VAL E 15 -77.35 -12.60 -34.08
CA VAL E 15 -76.15 -11.87 -34.49
C VAL E 15 -76.14 -10.50 -33.83
N GLY E 16 -75.00 -10.11 -33.28
CA GLY E 16 -74.85 -8.82 -32.64
C GLY E 16 -75.22 -8.78 -31.17
N ASP E 17 -75.68 -9.90 -30.61
CA ASP E 17 -76.05 -9.95 -29.21
C ASP E 17 -74.83 -10.13 -28.33
N ARG E 18 -75.06 -10.06 -27.02
CA ARG E 18 -74.02 -10.27 -26.02
C ARG E 18 -74.22 -11.63 -25.37
N VAL E 19 -73.17 -12.46 -25.39
CA VAL E 19 -73.23 -13.83 -24.91
C VAL E 19 -72.33 -13.95 -23.69
N THR E 20 -72.85 -14.50 -22.60
CA THR E 20 -72.11 -14.70 -21.37
C THR E 20 -72.15 -16.17 -20.99
N ILE E 21 -70.98 -16.77 -20.84
CA ILE E 21 -70.83 -18.17 -20.48
C ILE E 21 -69.99 -18.26 -19.21
N THR E 22 -70.43 -19.06 -18.25
CA THR E 22 -69.76 -19.18 -16.96
C THR E 22 -69.10 -20.55 -16.86
N CYS E 23 -67.93 -20.58 -16.22
CA CYS E 23 -67.15 -21.80 -16.00
C CYS E 23 -66.69 -21.78 -14.54
N ARG E 24 -67.15 -22.75 -13.77
CA ARG E 24 -66.89 -22.79 -12.33
C ARG E 24 -65.99 -23.98 -11.99
N ALA E 25 -65.10 -23.77 -11.04
CA ALA E 25 -64.16 -24.78 -10.59
C ALA E 25 -64.51 -25.24 -9.18
N SER E 26 -64.27 -26.53 -8.92
CA SER E 26 -64.53 -27.06 -7.58
C SER E 26 -63.64 -26.38 -6.55
N GLN E 27 -62.36 -26.18 -6.89
CA GLN E 27 -61.43 -25.48 -6.02
C GLN E 27 -60.65 -24.47 -6.86
N SER E 28 -60.03 -23.51 -6.18
CA SER E 28 -59.37 -22.41 -6.86
C SER E 28 -58.27 -22.91 -7.77
N ILE E 29 -58.21 -22.37 -8.99
CA ILE E 29 -57.23 -22.73 -10.00
C ILE E 29 -56.40 -21.53 -10.43
N SER E 30 -56.41 -20.46 -9.63
CA SER E 30 -55.77 -19.20 -9.96
C SER E 30 -56.24 -18.68 -11.31
N SER E 31 -55.32 -18.48 -12.25
CA SER E 31 -55.63 -17.93 -13.56
C SER E 31 -55.16 -18.87 -14.66
N TYR E 32 -55.34 -20.16 -14.45
CA TYR E 32 -54.94 -21.20 -15.40
C TYR E 32 -56.13 -21.76 -16.15
N LEU E 33 -57.08 -20.91 -16.55
CA LEU E 33 -58.23 -21.34 -17.32
C LEU E 33 -58.05 -20.98 -18.80
N ASN E 34 -58.56 -21.85 -19.67
CA ASN E 34 -58.51 -21.62 -21.11
C ASN E 34 -59.88 -21.83 -21.71
N TRP E 35 -60.15 -21.14 -22.81
CA TRP E 35 -61.40 -21.29 -23.54
C TRP E 35 -61.11 -21.73 -24.96
N TYR E 36 -61.76 -22.81 -25.39
CA TYR E 36 -61.56 -23.37 -26.71
C TYR E 36 -62.86 -23.30 -27.50
N GLN E 37 -62.74 -23.01 -28.79
CA GLN E 37 -63.87 -22.96 -29.71
C GLN E 37 -63.68 -24.05 -30.74
N GLN E 38 -64.67 -24.93 -30.86
CA GLN E 38 -64.63 -26.07 -31.77
C GLN E 38 -65.78 -25.98 -32.77
N LYS E 39 -65.44 -26.03 -34.05
CA LYS E 39 -66.48 -26.14 -35.06
C LYS E 39 -66.60 -27.58 -35.53
N PRO E 40 -67.81 -27.99 -35.95
CA PRO E 40 -68.02 -29.40 -36.32
C PRO E 40 -67.07 -29.85 -37.41
N GLY E 41 -66.52 -31.05 -37.24
CA GLY E 41 -65.59 -31.61 -38.19
C GLY E 41 -64.19 -31.03 -38.14
N LYS E 42 -63.89 -30.17 -37.17
CA LYS E 42 -62.61 -29.51 -37.09
C LYS E 42 -62.08 -29.55 -35.66
N ALA E 43 -60.76 -29.40 -35.53
CA ALA E 43 -60.11 -29.41 -34.23
C ALA E 43 -60.34 -28.08 -33.51
N PRO E 44 -60.39 -28.10 -32.18
CA PRO E 44 -60.66 -26.87 -31.42
C PRO E 44 -59.57 -25.84 -31.61
N LYS E 45 -59.96 -24.58 -31.44
CA LYS E 45 -59.03 -23.45 -31.53
C LYS E 45 -59.08 -22.65 -30.24
N VAL E 46 -57.93 -22.10 -29.86
CA VAL E 46 -57.82 -21.32 -28.64
C VAL E 46 -58.38 -19.92 -28.85
N LEU E 47 -59.16 -19.45 -27.89
CA LEU E 47 -59.60 -18.07 -27.86
C LEU E 47 -59.07 -17.32 -26.65
N ILE E 48 -59.18 -17.89 -25.45
CA ILE E 48 -58.69 -17.28 -24.23
C ILE E 48 -57.75 -18.26 -23.55
N TYR E 49 -56.56 -17.79 -23.17
CA TYR E 49 -55.64 -18.52 -22.33
C TYR E 49 -55.25 -17.65 -21.15
N GLY E 50 -55.07 -18.24 -19.98
CA GLY E 50 -54.78 -17.46 -18.81
C GLY E 50 -55.96 -16.69 -18.26
N ALA E 51 -57.17 -16.98 -18.76
CA ALA E 51 -58.44 -16.44 -18.28
C ALA E 51 -58.61 -14.96 -18.62
N SER E 52 -57.54 -14.30 -19.08
CA SER E 52 -57.62 -12.88 -19.40
C SER E 52 -56.88 -12.48 -20.67
N SER E 53 -56.25 -13.42 -21.38
CA SER E 53 -55.40 -13.10 -22.51
C SER E 53 -56.04 -13.57 -23.81
N LEU E 54 -55.87 -12.76 -24.86
CA LEU E 54 -56.38 -13.07 -26.19
C LEU E 54 -55.26 -13.64 -27.04
N HIS E 55 -55.55 -14.76 -27.72
CA HIS E 55 -54.58 -15.34 -28.63
C HIS E 55 -54.42 -14.45 -29.86
N SER E 56 -53.27 -14.58 -30.52
CA SER E 56 -53.03 -13.83 -31.75
C SER E 56 -54.06 -14.22 -32.80
N GLY E 57 -54.69 -13.20 -33.41
CA GLY E 57 -55.71 -13.42 -34.41
C GLY E 57 -57.12 -13.50 -33.88
N VAL E 58 -57.29 -13.55 -32.56
CA VAL E 58 -58.64 -13.62 -31.99
C VAL E 58 -59.33 -12.26 -32.12
N PRO E 59 -60.55 -12.20 -32.66
CA PRO E 59 -61.25 -10.92 -32.75
C PRO E 59 -61.49 -10.31 -31.38
N SER E 60 -61.47 -8.97 -31.34
CA SER E 60 -61.56 -8.24 -30.08
C SER E 60 -62.92 -8.40 -29.39
N ARG E 61 -63.93 -8.91 -30.09
CA ARG E 61 -65.24 -9.07 -29.48
C ARG E 61 -65.23 -10.08 -28.33
N PHE E 62 -64.30 -11.04 -28.35
CA PHE E 62 -64.20 -12.01 -27.27
C PHE E 62 -63.47 -11.38 -26.08
N SER E 63 -63.98 -11.65 -24.88
CA SER E 63 -63.37 -11.14 -23.67
C SER E 63 -63.61 -12.12 -22.53
N GLY E 64 -62.55 -12.43 -21.79
CA GLY E 64 -62.65 -13.34 -20.66
C GLY E 64 -62.15 -12.65 -19.40
N SER E 65 -62.72 -13.05 -18.26
CA SER E 65 -62.37 -12.46 -16.98
C SER E 65 -62.64 -13.46 -15.87
N GLY E 66 -62.32 -13.06 -14.65
CA GLY E 66 -62.55 -13.89 -13.48
C GLY E 66 -61.28 -14.57 -13.00
N SER E 67 -61.31 -14.98 -11.75
CA SER E 67 -60.18 -15.68 -11.13
C SER E 67 -60.70 -16.50 -9.97
N GLY E 68 -59.90 -17.48 -9.55
CA GLY E 68 -60.29 -18.36 -8.47
C GLY E 68 -61.20 -19.49 -8.92
N THR E 69 -62.47 -19.42 -8.53
CA THR E 69 -63.46 -20.44 -8.88
C THR E 69 -64.55 -19.93 -9.80
N ASP E 70 -64.60 -18.63 -10.07
CA ASP E 70 -65.62 -18.03 -10.93
C ASP E 70 -64.95 -17.47 -12.17
N PHE E 71 -65.46 -17.85 -13.34
CA PHE E 71 -64.91 -17.38 -14.60
C PHE E 71 -66.03 -17.10 -15.58
N THR E 72 -65.74 -16.24 -16.56
CA THR E 72 -66.75 -15.82 -17.53
C THR E 72 -66.08 -15.52 -18.86
N LEU E 73 -66.64 -16.08 -19.94
CA LEU E 73 -66.30 -15.70 -21.30
C LEU E 73 -67.45 -14.88 -21.87
N THR E 74 -67.12 -13.72 -22.45
CA THR E 74 -68.12 -12.79 -22.94
C THR E 74 -67.84 -12.44 -24.40
N ILE E 75 -68.88 -12.52 -25.22
CA ILE E 75 -68.81 -12.10 -26.62
C ILE E 75 -69.64 -10.83 -26.74
N SER E 76 -68.98 -9.72 -27.04
CA SER E 76 -69.67 -8.43 -27.06
C SER E 76 -70.71 -8.36 -28.18
N ARG E 77 -70.30 -8.71 -29.39
CA ARG E 77 -71.19 -8.68 -30.55
C ARG E 77 -71.09 -10.01 -31.27
N LEU E 78 -72.15 -10.81 -31.19
CA LEU E 78 -72.17 -12.12 -31.83
C LEU E 78 -72.13 -11.96 -33.35
N GLN E 79 -71.55 -12.94 -34.02
CA GLN E 79 -71.38 -12.96 -35.46
C GLN E 79 -71.88 -14.27 -36.02
N PRO E 80 -72.22 -14.30 -37.32
CA PRO E 80 -72.68 -15.58 -37.91
C PRO E 80 -71.65 -16.69 -37.85
N GLU E 81 -70.36 -16.35 -37.79
CA GLU E 81 -69.30 -17.36 -37.68
C GLU E 81 -68.89 -17.63 -36.25
N ASP E 82 -69.57 -17.05 -35.27
CA ASP E 82 -69.29 -17.28 -33.86
C ASP E 82 -70.17 -18.35 -33.26
N PHE E 83 -70.99 -19.04 -34.06
CA PHE E 83 -71.85 -20.11 -33.57
C PHE E 83 -71.06 -21.41 -33.59
N ALA E 84 -70.70 -21.89 -32.40
CA ALA E 84 -69.92 -23.12 -32.26
C ALA E 84 -70.07 -23.62 -30.83
N THR E 85 -69.25 -24.59 -30.45
CA THR E 85 -69.22 -25.12 -29.10
C THR E 85 -68.00 -24.55 -28.38
N TYR E 86 -68.21 -24.06 -27.16
CA TYR E 86 -67.15 -23.44 -26.37
C TYR E 86 -66.85 -24.32 -25.16
N TYR E 87 -65.59 -24.70 -25.02
CA TYR E 87 -65.13 -25.51 -23.89
C TYR E 87 -64.16 -24.70 -23.03
N CYS E 88 -64.30 -24.82 -21.72
CA CYS E 88 -63.37 -24.21 -20.78
C CYS E 88 -62.53 -25.30 -20.12
N GLN E 89 -61.22 -25.11 -20.12
CA GLN E 89 -60.28 -26.07 -19.59
C GLN E 89 -59.42 -25.44 -18.51
N GLN E 90 -59.20 -26.18 -17.43
CA GLN E 90 -58.35 -25.73 -16.33
C GLN E 90 -56.96 -26.34 -16.49
N SER E 91 -55.93 -25.50 -16.35
CA SER E 91 -54.55 -25.94 -16.48
C SER E 91 -53.83 -25.98 -15.13
N HIS E 92 -54.57 -25.89 -14.02
CA HIS E 92 -53.92 -25.77 -12.72
C HIS E 92 -53.10 -27.01 -12.39
N SER E 93 -53.66 -28.20 -12.61
CA SER E 93 -52.96 -29.43 -12.29
C SER E 93 -53.57 -30.58 -13.06
N SER E 94 -52.81 -31.67 -13.14
CA SER E 94 -53.30 -32.86 -13.82
C SER E 94 -54.45 -33.49 -13.04
N PRO E 95 -55.49 -33.98 -13.73
CA PRO E 95 -55.72 -33.90 -15.17
C PRO E 95 -56.28 -32.56 -15.60
N ARG E 96 -56.00 -32.13 -16.83
CA ARG E 96 -56.62 -30.93 -17.37
C ARG E 96 -58.07 -31.24 -17.72
N SER E 97 -59.00 -30.77 -16.89
CA SER E 97 -60.40 -31.15 -17.00
C SER E 97 -61.14 -30.14 -17.87
N PHE E 98 -61.63 -30.59 -19.01
CA PHE E 98 -62.48 -29.76 -19.86
C PHE E 98 -63.88 -29.70 -19.28
N GLY E 99 -64.56 -28.56 -19.50
CA GLY E 99 -65.92 -28.42 -19.07
C GLY E 99 -66.90 -29.19 -19.94
N GLY E 100 -68.17 -29.14 -19.54
CA GLY E 100 -69.22 -29.81 -20.30
C GLY E 100 -69.41 -29.23 -21.69
N GLY E 101 -69.01 -27.99 -21.90
CA GLY E 101 -69.11 -27.36 -23.22
C GLY E 101 -70.45 -26.71 -23.49
N THR E 102 -70.41 -25.45 -23.90
CA THR E 102 -71.62 -24.69 -24.20
C THR E 102 -71.73 -24.50 -25.72
N LYS E 103 -72.88 -24.85 -26.27
CA LYS E 103 -73.13 -24.75 -27.69
C LYS E 103 -73.97 -23.50 -27.97
N VAL E 104 -73.48 -22.63 -28.83
CA VAL E 104 -74.13 -21.38 -29.17
C VAL E 104 -74.82 -21.55 -30.52
N GLU E 105 -76.14 -21.38 -30.53
CA GLU E 105 -76.95 -21.61 -31.72
C GLU E 105 -77.63 -20.32 -32.13
N ILE E 106 -78.21 -20.34 -33.33
CA ILE E 106 -78.89 -19.17 -33.90
C ILE E 106 -80.32 -19.15 -33.39
N LYS E 107 -80.77 -17.99 -32.93
CA LYS E 107 -82.13 -17.84 -32.43
C LYS E 107 -83.14 -17.92 -33.56
N GLU F 1 -6.82 -26.49 -57.99
CA GLU F 1 -5.74 -25.72 -57.38
C GLU F 1 -5.15 -24.73 -58.38
N VAL F 2 -3.94 -24.25 -58.08
CA VAL F 2 -3.27 -23.31 -58.97
C VAL F 2 -2.97 -23.97 -60.30
N GLN F 3 -3.13 -23.22 -61.38
CA GLN F 3 -2.88 -23.69 -62.73
C GLN F 3 -1.69 -22.95 -63.32
N LEU F 4 -0.79 -23.68 -63.97
CA LEU F 4 0.39 -23.11 -64.60
C LEU F 4 0.31 -23.31 -66.10
N VAL F 5 0.56 -22.23 -66.84
CA VAL F 5 0.52 -22.25 -68.31
C VAL F 5 1.84 -21.72 -68.84
N GLN F 6 2.46 -22.46 -69.74
CA GLN F 6 3.76 -22.13 -70.29
C GLN F 6 3.62 -21.62 -71.72
N SER F 7 4.76 -21.28 -72.33
CA SER F 7 4.79 -20.77 -73.69
C SER F 7 4.84 -21.92 -74.69
N GLY F 8 5.02 -21.60 -75.97
CA GLY F 8 5.04 -22.60 -77.01
C GLY F 8 6.42 -23.21 -77.23
N ALA F 9 6.49 -24.09 -78.23
CA ALA F 9 7.72 -24.81 -78.51
C ALA F 9 8.77 -23.88 -79.12
N GLU F 10 10.03 -24.26 -78.95
CA GLU F 10 11.17 -23.48 -79.40
C GLU F 10 12.11 -24.35 -80.23
N VAL F 11 12.65 -23.76 -81.30
CA VAL F 11 13.65 -24.40 -82.15
C VAL F 11 14.86 -23.49 -82.17
N LYS F 12 16.01 -24.03 -81.77
CA LYS F 12 17.21 -23.22 -81.58
C LYS F 12 18.41 -23.90 -82.21
N GLU F 13 19.57 -23.27 -82.04
CA GLU F 13 20.86 -23.71 -82.52
C GLU F 13 21.86 -23.67 -81.37
N PRO F 14 22.85 -24.56 -81.36
CA PRO F 14 23.86 -24.51 -80.29
C PRO F 14 24.56 -23.17 -80.23
N GLY F 15 24.81 -22.72 -79.00
CA GLY F 15 25.40 -21.41 -78.76
C GLY F 15 24.41 -20.30 -78.54
N SER F 16 23.11 -20.56 -78.69
CA SER F 16 22.07 -19.57 -78.51
C SER F 16 21.49 -19.67 -77.10
N SER F 17 20.39 -18.94 -76.86
CA SER F 17 19.71 -18.97 -75.58
C SER F 17 18.21 -19.06 -75.80
N VAL F 18 17.51 -19.60 -74.81
CA VAL F 18 16.06 -19.82 -74.88
C VAL F 18 15.43 -19.25 -73.62
N LYS F 19 14.34 -18.51 -73.79
CA LYS F 19 13.58 -17.94 -72.67
C LYS F 19 12.20 -18.60 -72.65
N VAL F 20 11.86 -19.22 -71.53
CA VAL F 20 10.62 -19.96 -71.37
C VAL F 20 9.80 -19.30 -70.26
N SER F 21 8.54 -19.00 -70.55
CA SER F 21 7.65 -18.33 -69.62
C SER F 21 6.77 -19.34 -68.90
N CYS F 22 6.32 -18.96 -67.71
CA CYS F 22 5.45 -19.82 -66.91
C CYS F 22 4.53 -18.89 -66.10
N LYS F 23 3.30 -18.75 -66.56
CA LYS F 23 2.34 -17.84 -65.93
C LYS F 23 1.48 -18.63 -64.95
N ALA F 24 1.50 -18.21 -63.68
CA ALA F 24 0.71 -18.84 -62.64
C ALA F 24 -0.67 -18.20 -62.59
N SER F 25 -1.70 -19.04 -62.48
CA SER F 25 -3.06 -18.54 -62.30
C SER F 25 -3.16 -17.66 -61.06
N GLY F 26 -2.41 -18.01 -60.03
CA GLY F 26 -2.35 -17.22 -58.82
C GLY F 26 -2.82 -18.01 -57.61
N GLY F 27 -2.57 -17.42 -56.45
CA GLY F 27 -3.01 -17.96 -55.19
C GLY F 27 -1.96 -17.87 -54.10
N SER F 28 -0.68 -17.97 -54.45
CA SER F 28 0.37 -17.81 -53.46
C SER F 28 1.63 -17.16 -54.02
N PHE F 29 1.49 -16.27 -55.00
CA PHE F 29 2.67 -15.77 -55.69
C PHE F 29 3.52 -14.90 -54.77
N SER F 30 4.80 -14.80 -55.11
CA SER F 30 5.86 -14.12 -54.36
C SER F 30 6.23 -14.85 -53.09
N THR F 31 5.63 -16.01 -52.80
CA THR F 31 6.07 -16.85 -51.70
C THR F 31 6.20 -18.32 -52.08
N SER F 32 5.73 -18.71 -53.26
CA SER F 32 5.74 -20.11 -53.67
C SER F 32 6.88 -20.33 -54.66
N GLY F 33 7.74 -21.30 -54.35
CA GLY F 33 8.85 -21.62 -55.24
C GLY F 33 8.35 -22.21 -56.54
N ILE F 34 8.71 -21.58 -57.66
CA ILE F 34 8.34 -22.07 -58.99
C ILE F 34 9.53 -22.87 -59.49
N SER F 35 9.48 -24.18 -59.28
CA SER F 35 10.58 -25.06 -59.68
C SER F 35 10.48 -25.40 -61.17
N TRP F 36 11.64 -25.52 -61.80
CA TRP F 36 11.75 -25.90 -63.20
C TRP F 36 12.37 -27.29 -63.29
N VAL F 37 11.68 -28.20 -63.96
CA VAL F 37 12.13 -29.58 -64.12
C VAL F 37 12.14 -29.91 -65.60
N ARG F 38 13.26 -30.45 -66.08
CA ARG F 38 13.41 -30.82 -67.48
C ARG F 38 13.47 -32.34 -67.61
N GLN F 39 13.03 -32.82 -68.76
CA GLN F 39 12.94 -34.26 -69.03
C GLN F 39 13.39 -34.52 -70.45
N ALA F 40 14.57 -35.13 -70.59
CA ALA F 40 15.06 -35.47 -71.91
C ALA F 40 14.17 -36.54 -72.55
N PRO F 41 14.11 -36.59 -73.88
CA PRO F 41 13.26 -37.59 -74.55
C PRO F 41 13.72 -39.00 -74.22
N GLY F 42 12.82 -39.77 -73.62
CA GLY F 42 13.13 -41.13 -73.22
C GLY F 42 13.99 -41.26 -71.99
N GLN F 43 14.22 -40.17 -71.26
CA GLN F 43 15.07 -40.17 -70.09
C GLN F 43 14.28 -39.73 -68.87
N GLY F 44 14.96 -39.68 -67.72
CA GLY F 44 14.31 -39.35 -66.47
C GLY F 44 14.23 -37.86 -66.22
N LEU F 45 13.45 -37.50 -65.21
CA LEU F 45 13.28 -36.10 -64.84
C LEU F 45 14.55 -35.57 -64.19
N GLU F 46 14.73 -34.25 -64.29
CA GLU F 46 15.92 -33.62 -63.74
C GLU F 46 15.55 -32.23 -63.24
N TRP F 47 15.96 -31.92 -62.01
CA TRP F 47 15.63 -30.65 -61.39
C TRP F 47 16.69 -29.61 -61.77
N MET F 48 16.25 -28.51 -62.38
CA MET F 48 17.17 -27.47 -62.82
C MET F 48 17.39 -26.41 -61.74
N GLY F 49 16.32 -25.75 -61.31
CA GLY F 49 16.44 -24.74 -60.28
C GLY F 49 15.09 -24.32 -59.76
N VAL F 50 15.11 -23.55 -58.68
CA VAL F 50 13.91 -23.03 -58.06
C VAL F 50 14.11 -21.54 -57.81
N ILE F 51 13.01 -20.80 -57.85
CA ILE F 51 13.01 -19.37 -57.56
C ILE F 51 11.83 -19.05 -56.66
N ILE F 52 12.07 -18.25 -55.63
CA ILE F 52 11.01 -17.64 -54.84
C ILE F 52 10.94 -16.17 -55.26
N PRO F 53 9.86 -15.70 -55.87
CA PRO F 53 9.88 -14.39 -56.52
C PRO F 53 10.26 -13.24 -55.59
N ILE F 54 9.96 -13.33 -54.29
CA ILE F 54 10.31 -12.25 -53.38
C ILE F 54 11.81 -12.24 -53.08
N GLN F 55 12.50 -13.37 -53.22
CA GLN F 55 13.95 -13.38 -53.05
C GLN F 55 14.63 -12.53 -54.11
N GLY F 56 14.13 -12.57 -55.34
CA GLY F 56 14.69 -11.79 -56.42
C GLY F 56 15.69 -12.57 -57.25
N THR F 57 16.50 -13.37 -56.59
CA THR F 57 17.48 -14.21 -57.26
C THR F 57 16.89 -15.58 -57.54
N GLY F 58 17.73 -16.51 -57.99
CA GLY F 58 17.31 -17.88 -58.22
C GLY F 58 18.39 -18.87 -57.81
N ASN F 59 17.99 -19.95 -57.14
CA ASN F 59 18.93 -20.99 -56.76
C ASN F 59 18.92 -22.11 -57.79
N TYR F 60 20.09 -22.69 -58.05
CA TYR F 60 20.25 -23.71 -59.06
C TYR F 60 21.06 -24.88 -58.50
N ALA F 61 20.86 -26.05 -59.11
CA ALA F 61 21.58 -27.26 -58.71
C ALA F 61 23.04 -27.16 -59.17
N GLN F 62 23.87 -28.07 -58.64
CA GLN F 62 25.30 -28.06 -58.98
C GLN F 62 25.56 -28.85 -60.26
N LYS F 63 24.68 -28.65 -61.24
CA LYS F 63 24.89 -29.12 -62.61
C LYS F 63 24.52 -28.09 -63.65
N PHE F 64 23.81 -27.02 -63.29
CA PHE F 64 23.39 -25.99 -64.23
C PHE F 64 23.87 -24.60 -63.85
N GLN F 65 24.67 -24.47 -62.78
CA GLN F 65 25.15 -23.16 -62.36
C GLN F 65 26.03 -22.54 -63.45
N GLY F 66 25.80 -21.26 -63.71
CA GLY F 66 26.60 -20.51 -64.66
C GLY F 66 25.95 -20.31 -66.02
N ARG F 67 24.94 -21.11 -66.37
CA ARG F 67 24.28 -20.95 -67.65
C ARG F 67 22.76 -21.00 -67.54
N VAL F 68 22.21 -20.97 -66.34
CA VAL F 68 20.77 -20.93 -66.12
C VAL F 68 20.44 -19.68 -65.33
N THR F 69 19.51 -18.89 -65.85
CA THR F 69 19.01 -17.69 -65.18
C THR F 69 17.50 -17.79 -65.08
N ILE F 70 16.98 -17.68 -63.85
CA ILE F 70 15.54 -17.70 -63.61
C ILE F 70 15.18 -16.40 -62.92
N THR F 71 14.19 -15.70 -63.49
CA THR F 71 13.67 -14.47 -62.92
C THR F 71 12.15 -14.51 -62.94
N ALA F 72 11.54 -13.69 -62.08
CA ALA F 72 10.10 -13.65 -61.94
C ALA F 72 9.59 -12.23 -62.19
N ASP F 73 8.49 -12.13 -62.95
CA ASP F 73 7.79 -10.88 -63.16
C ASP F 73 6.58 -10.87 -62.23
N GLU F 74 6.68 -10.11 -61.14
CA GLU F 74 5.61 -10.10 -60.14
C GLU F 74 4.33 -9.51 -60.70
N SER F 75 4.43 -8.45 -61.50
CA SER F 75 3.24 -7.80 -62.02
C SER F 75 2.45 -8.73 -62.94
N THR F 76 3.13 -9.47 -63.81
CA THR F 76 2.48 -10.36 -64.75
C THR F 76 2.31 -11.77 -64.20
N THR F 77 2.80 -12.04 -62.98
CA THR F 77 2.71 -13.37 -62.35
C THR F 77 3.28 -14.44 -63.26
N THR F 78 4.42 -14.14 -63.87
CA THR F 78 5.07 -15.05 -64.81
C THR F 78 6.52 -15.26 -64.39
N VAL F 79 6.98 -16.50 -64.49
CA VAL F 79 8.35 -16.87 -64.14
C VAL F 79 9.08 -17.22 -65.43
N TYR F 80 10.25 -16.61 -65.63
CA TYR F 80 11.03 -16.78 -66.84
C TYR F 80 12.32 -17.52 -66.53
N MET F 81 12.63 -18.52 -67.36
CA MET F 81 13.85 -19.30 -67.24
C MET F 81 14.65 -19.13 -68.52
N GLU F 82 15.88 -18.64 -68.39
CA GLU F 82 16.75 -18.39 -69.52
C GLU F 82 17.92 -19.37 -69.47
N LEU F 83 17.94 -20.31 -70.41
CA LEU F 83 19.02 -21.29 -70.52
C LEU F 83 19.90 -20.92 -71.69
N SER F 84 21.12 -20.47 -71.39
CA SER F 84 22.06 -20.02 -72.40
C SER F 84 23.07 -21.10 -72.73
N SER F 85 23.80 -20.89 -73.83
CA SER F 85 24.84 -21.81 -74.30
C SER F 85 24.27 -23.21 -74.56
N LEU F 86 23.29 -23.26 -75.45
CA LEU F 86 22.60 -24.50 -75.74
C LEU F 86 23.53 -25.50 -76.44
N ARG F 87 23.30 -26.77 -76.19
CA ARG F 87 24.09 -27.85 -76.78
C ARG F 87 23.14 -28.98 -77.16
N SER F 88 23.72 -30.14 -77.49
CA SER F 88 22.91 -31.29 -77.89
C SER F 88 22.11 -31.87 -76.73
N ASP F 89 22.66 -31.80 -75.51
CA ASP F 89 22.00 -32.35 -74.33
C ASP F 89 20.96 -31.41 -73.75
N ASP F 90 20.55 -30.36 -74.47
CA ASP F 90 19.58 -29.39 -73.98
C ASP F 90 18.24 -29.49 -74.71
N THR F 91 18.01 -30.59 -75.44
CA THR F 91 16.73 -30.84 -76.07
C THR F 91 15.89 -31.68 -75.12
N ALA F 92 14.82 -31.10 -74.58
CA ALA F 92 14.01 -31.77 -73.58
C ALA F 92 12.71 -30.98 -73.38
N LEU F 93 11.79 -31.60 -72.65
CA LEU F 93 10.59 -30.89 -72.19
C LEU F 93 10.90 -30.14 -70.91
N TYR F 94 10.52 -28.87 -70.86
CA TYR F 94 10.83 -28.00 -69.73
C TYR F 94 9.53 -27.66 -69.00
N TYR F 95 9.32 -28.30 -67.86
CA TYR F 95 8.16 -28.04 -67.02
C TYR F 95 8.50 -27.00 -65.96
N CYS F 96 7.48 -26.28 -65.53
CA CYS F 96 7.55 -25.41 -64.36
C CYS F 96 6.54 -25.91 -63.33
N ALA F 97 6.98 -25.97 -62.08
CA ALA F 97 6.17 -26.56 -61.02
C ALA F 97 6.27 -25.73 -59.75
N ARG F 98 5.26 -25.84 -58.91
CA ARG F 98 5.15 -25.07 -57.67
C ARG F 98 5.34 -25.99 -56.47
N ASP F 99 6.16 -25.56 -55.52
CA ASP F 99 6.43 -26.33 -54.32
C ASP F 99 5.41 -26.03 -53.23
N GLN F 100 5.22 -26.99 -52.32
CA GLN F 100 4.30 -26.82 -51.21
C GLN F 100 5.01 -26.80 -49.86
N HIS F 101 5.80 -27.83 -49.54
CA HIS F 101 6.64 -27.89 -48.35
C HIS F 101 5.81 -27.70 -47.07
N ILE F 102 4.96 -28.69 -46.81
CA ILE F 102 4.20 -28.77 -45.57
C ILE F 102 5.04 -29.50 -44.54
N TYR F 103 5.30 -28.84 -43.41
CA TYR F 103 6.06 -29.41 -42.30
C TYR F 103 5.25 -29.22 -41.03
N ASP F 104 5.19 -30.26 -40.19
CA ASP F 104 4.35 -30.17 -39.00
C ASP F 104 5.06 -29.45 -37.84
N SER F 105 6.05 -30.11 -37.23
CA SER F 105 6.92 -29.40 -36.31
C SER F 105 8.34 -29.94 -36.24
N SER F 106 8.69 -31.02 -36.94
CA SER F 106 9.98 -31.66 -36.71
C SER F 106 10.70 -32.11 -37.96
N GLY F 107 10.07 -32.13 -39.12
CA GLY F 107 10.72 -32.60 -40.33
C GLY F 107 9.85 -33.59 -41.08
N HIS F 108 8.65 -33.85 -40.54
CA HIS F 108 7.72 -34.74 -41.21
C HIS F 108 7.00 -33.99 -42.33
N GLY F 109 6.88 -34.65 -43.47
CA GLY F 109 6.25 -34.05 -44.63
C GLY F 109 7.18 -33.07 -45.31
N GLY F 110 7.36 -33.24 -46.61
CA GLY F 110 8.34 -32.45 -47.34
C GLY F 110 7.73 -31.79 -48.56
N LEU F 111 8.57 -31.43 -49.51
CA LEU F 111 8.14 -30.69 -50.69
C LEU F 111 7.58 -31.63 -51.76
N TRP F 112 6.70 -31.08 -52.60
CA TRP F 112 6.20 -31.81 -53.76
C TRP F 112 5.67 -30.83 -54.78
N PHE F 113 5.66 -31.25 -56.04
CA PHE F 113 5.29 -30.41 -57.17
C PHE F 113 3.93 -30.85 -57.68
N ASP F 114 2.87 -30.30 -57.10
CA ASP F 114 1.52 -30.70 -57.52
C ASP F 114 1.15 -30.08 -58.87
N PRO F 115 1.28 -28.75 -59.07
CA PRO F 115 0.95 -28.22 -60.39
C PRO F 115 2.14 -28.27 -61.35
N TRP F 116 1.89 -28.77 -62.56
CA TRP F 116 2.90 -28.80 -63.61
C TRP F 116 2.33 -28.12 -64.85
N GLY F 117 3.19 -27.42 -65.59
CA GLY F 117 2.78 -26.89 -66.87
C GLY F 117 2.61 -27.97 -67.91
N GLN F 118 1.99 -27.60 -69.03
CA GLN F 118 1.81 -28.56 -70.11
C GLN F 118 3.13 -28.97 -70.76
N GLY F 119 4.20 -28.21 -70.52
CA GLY F 119 5.49 -28.55 -71.08
C GLY F 119 5.88 -27.68 -72.25
N THR F 120 7.14 -27.23 -72.27
CA THR F 120 7.67 -26.40 -73.34
C THR F 120 8.78 -27.18 -74.04
N LEU F 121 8.43 -27.81 -75.16
CA LEU F 121 9.41 -28.57 -75.94
C LEU F 121 10.42 -27.62 -76.57
N VAL F 122 11.67 -27.73 -76.16
CA VAL F 122 12.76 -26.93 -76.72
C VAL F 122 13.69 -27.86 -77.46
N THR F 123 13.83 -27.64 -78.77
CA THR F 123 14.64 -28.49 -79.63
C THR F 123 15.85 -27.71 -80.10
N VAL F 124 17.04 -28.26 -79.87
CA VAL F 124 18.30 -27.62 -80.28
C VAL F 124 18.67 -28.24 -81.62
N SER F 125 18.20 -27.61 -82.70
CA SER F 125 18.49 -28.12 -84.04
C SER F 125 19.97 -27.97 -84.35
N SER F 126 20.52 -28.96 -85.03
CA SER F 126 21.94 -28.97 -85.37
C SER F 126 22.21 -28.22 -86.67
N ALA G 1 24.03 -33.79 -53.41
CA ALA G 1 24.93 -34.92 -53.61
C ALA G 1 24.28 -36.22 -53.18
N ILE G 2 22.96 -36.20 -53.05
CA ILE G 2 22.18 -37.37 -52.65
C ILE G 2 21.57 -38.00 -53.88
N ARG G 3 21.75 -39.31 -54.02
CA ARG G 3 21.25 -40.04 -55.19
C ARG G 3 20.15 -41.01 -54.78
N MET G 4 19.23 -41.25 -55.71
CA MET G 4 18.11 -42.15 -55.50
C MET G 4 18.19 -43.27 -56.53
N THR G 5 18.02 -44.51 -56.07
CA THR G 5 18.09 -45.68 -56.92
C THR G 5 16.80 -46.47 -56.80
N GLN G 6 16.22 -46.81 -57.94
CA GLN G 6 14.97 -47.57 -57.98
C GLN G 6 15.24 -49.02 -58.34
N SER G 7 14.24 -49.86 -58.06
CA SER G 7 14.26 -51.27 -58.43
C SER G 7 12.85 -51.83 -58.35
N PRO G 8 12.36 -52.51 -59.40
CA PRO G 8 13.03 -52.74 -60.69
C PRO G 8 12.87 -51.56 -61.64
N SER G 9 13.41 -51.66 -62.86
CA SER G 9 13.26 -50.61 -63.85
C SER G 9 12.02 -50.80 -64.71
N SER G 10 11.52 -52.02 -64.83
CA SER G 10 10.33 -52.29 -65.64
C SER G 10 9.73 -53.60 -65.16
N LEU G 11 8.54 -53.53 -64.55
CA LEU G 11 7.82 -54.70 -64.08
C LEU G 11 6.51 -54.82 -64.84
N SER G 12 6.17 -56.05 -65.22
CA SER G 12 4.94 -56.35 -65.95
C SER G 12 4.02 -57.16 -65.03
N ALA G 13 2.85 -56.61 -64.75
CA ALA G 13 1.87 -57.23 -63.86
C ALA G 13 0.50 -57.22 -64.53
N SER G 14 -0.50 -57.71 -63.79
CA SER G 14 -1.86 -57.81 -64.28
C SER G 14 -2.79 -56.96 -63.41
N VAL G 15 -4.01 -56.77 -63.90
CA VAL G 15 -5.00 -55.98 -63.18
C VAL G 15 -5.38 -56.69 -61.89
N GLY G 16 -5.43 -55.95 -60.79
CA GLY G 16 -5.78 -56.49 -59.50
C GLY G 16 -4.63 -57.06 -58.71
N ASP G 17 -3.41 -57.06 -59.26
CA ASP G 17 -2.25 -57.58 -58.56
C ASP G 17 -1.71 -56.56 -57.56
N ARG G 18 -0.71 -56.99 -56.79
CA ARG G 18 -0.03 -56.13 -55.83
C ARG G 18 1.35 -55.77 -56.38
N VAL G 19 1.64 -54.48 -56.46
CA VAL G 19 2.88 -53.99 -57.04
C VAL G 19 3.70 -53.31 -55.95
N THR G 20 4.97 -53.70 -55.84
CA THR G 20 5.89 -53.15 -54.85
C THR G 20 7.10 -52.57 -55.56
N ILE G 21 7.37 -51.29 -55.32
CA ILE G 21 8.49 -50.57 -55.92
C ILE G 21 9.33 -49.99 -54.80
N THR G 22 10.64 -50.17 -54.89
CA THR G 22 11.57 -49.71 -53.86
C THR G 22 12.38 -48.53 -54.37
N CYS G 23 12.65 -47.58 -53.46
CA CYS G 23 13.43 -46.38 -53.76
C CYS G 23 14.43 -46.20 -52.62
N ARG G 24 15.72 -46.29 -52.93
CA ARG G 24 16.76 -46.25 -51.93
C ARG G 24 17.60 -44.99 -52.08
N ALA G 25 18.03 -44.44 -50.95
CA ALA G 25 18.81 -43.22 -50.89
C ALA G 25 20.24 -43.55 -50.45
N SER G 26 21.20 -42.79 -50.99
CA SER G 26 22.59 -42.97 -50.59
C SER G 26 22.77 -42.66 -49.10
N GLN G 27 22.13 -41.59 -48.63
CA GLN G 27 22.16 -41.21 -47.23
C GLN G 27 20.74 -40.87 -46.78
N SER G 28 20.55 -40.87 -45.46
CA SER G 28 19.22 -40.69 -44.90
C SER G 28 18.62 -39.35 -45.31
N ILE G 29 17.36 -39.38 -45.72
CA ILE G 29 16.62 -38.20 -46.17
C ILE G 29 15.38 -37.96 -45.31
N SER G 30 15.31 -38.60 -44.14
CA SER G 30 14.14 -38.57 -43.27
C SER G 30 12.89 -39.00 -44.02
N SER G 31 11.89 -38.13 -44.07
CA SER G 31 10.61 -38.43 -44.70
C SER G 31 10.28 -37.43 -45.78
N TYR G 32 11.30 -36.99 -46.52
CA TYR G 32 11.14 -36.02 -47.60
C TYR G 32 11.16 -36.69 -48.97
N LEU G 33 10.50 -37.85 -49.10
CA LEU G 33 10.42 -38.55 -50.37
C LEU G 33 9.04 -38.35 -50.99
N ASN G 34 9.01 -38.26 -52.32
CA ASN G 34 7.78 -38.11 -53.08
C ASN G 34 7.73 -39.12 -54.20
N TRP G 35 6.51 -39.50 -54.59
CA TRP G 35 6.29 -40.43 -55.69
C TRP G 35 5.44 -39.74 -56.74
N TYR G 36 5.90 -39.76 -57.99
CA TYR G 36 5.22 -39.13 -59.11
C TYR G 36 4.82 -40.18 -60.13
N GLN G 37 3.63 -40.00 -60.71
CA GLN G 37 3.13 -40.87 -61.76
C GLN G 37 3.00 -40.05 -63.04
N GLN G 38 3.66 -40.50 -64.10
CA GLN G 38 3.68 -39.81 -65.38
C GLN G 38 3.09 -40.71 -66.45
N LYS G 39 2.09 -40.20 -67.16
CA LYS G 39 1.60 -40.91 -68.33
C LYS G 39 2.17 -40.30 -69.60
N PRO G 40 2.35 -41.10 -70.66
CA PRO G 40 2.99 -40.58 -71.87
C PRO G 40 2.24 -39.38 -72.44
N GLY G 41 3.00 -38.37 -72.85
CA GLY G 41 2.44 -37.16 -73.40
C GLY G 41 1.85 -36.21 -72.39
N LYS G 42 2.01 -36.48 -71.09
CA LYS G 42 1.40 -35.67 -70.06
C LYS G 42 2.41 -35.40 -68.95
N ALA G 43 2.17 -34.33 -68.20
CA ALA G 43 3.03 -33.94 -67.10
C ALA G 43 2.79 -34.86 -65.89
N PRO G 44 3.81 -35.09 -65.08
CA PRO G 44 3.66 -36.01 -63.94
C PRO G 44 2.67 -35.49 -62.92
N LYS G 45 2.08 -36.43 -62.18
CA LYS G 45 1.14 -36.12 -61.12
C LYS G 45 1.61 -36.73 -59.81
N VAL G 46 1.32 -36.04 -58.71
CA VAL G 46 1.75 -36.47 -57.39
C VAL G 46 0.82 -37.56 -56.89
N LEU G 47 1.40 -38.62 -56.32
CA LEU G 47 0.66 -39.65 -55.62
C LEU G 47 0.99 -39.71 -54.14
N ILE G 48 2.28 -39.72 -53.80
CA ILE G 48 2.73 -39.76 -52.41
C ILE G 48 3.68 -38.60 -52.18
N TYR G 49 3.44 -37.84 -51.11
CA TYR G 49 4.36 -36.82 -50.63
C TYR G 49 4.62 -37.06 -49.16
N GLY G 50 5.85 -36.80 -48.72
CA GLY G 50 6.18 -37.08 -47.34
C GLY G 50 6.34 -38.56 -47.04
N ALA G 51 6.39 -39.40 -48.07
CA ALA G 51 6.65 -40.84 -47.98
C ALA G 51 5.50 -41.61 -47.33
N SER G 52 4.54 -40.90 -46.74
CA SER G 52 3.43 -41.56 -46.06
C SER G 52 2.07 -40.90 -46.31
N SER G 53 2.01 -39.81 -47.07
CA SER G 53 0.78 -39.04 -47.21
C SER G 53 0.22 -39.18 -48.62
N LEU G 54 -1.11 -39.24 -48.70
CA LEU G 54 -1.83 -39.35 -49.97
C LEU G 54 -2.33 -37.97 -50.38
N HIS G 55 -2.09 -37.61 -51.64
CA HIS G 55 -2.61 -36.36 -52.16
C HIS G 55 -4.13 -36.45 -52.32
N SER G 56 -4.76 -35.28 -52.32
CA SER G 56 -6.21 -35.23 -52.52
C SER G 56 -6.57 -35.79 -53.89
N GLY G 57 -7.54 -36.71 -53.91
CA GLY G 57 -7.95 -37.36 -55.14
C GLY G 57 -7.23 -38.65 -55.46
N VAL G 58 -6.18 -38.98 -54.73
CA VAL G 58 -5.43 -40.21 -55.00
C VAL G 58 -6.26 -41.41 -54.53
N PRO G 59 -6.45 -42.43 -55.37
CA PRO G 59 -7.19 -43.62 -54.93
C PRO G 59 -6.49 -44.32 -53.77
N SER G 60 -7.29 -44.91 -52.88
CA SER G 60 -6.78 -45.52 -51.67
C SER G 60 -5.90 -46.73 -51.92
N ARG G 61 -5.91 -47.29 -53.14
CA ARG G 61 -5.08 -48.46 -53.42
C ARG G 61 -3.59 -48.16 -53.32
N PHE G 62 -3.19 -46.91 -53.54
CA PHE G 62 -1.78 -46.54 -53.43
C PHE G 62 -1.42 -46.36 -51.95
N SER G 63 -0.25 -46.87 -51.58
CA SER G 63 0.23 -46.74 -50.22
C SER G 63 1.75 -46.69 -50.22
N GLY G 64 2.30 -45.74 -49.47
CA GLY G 64 3.74 -45.59 -49.36
C GLY G 64 4.16 -45.65 -47.91
N SER G 65 5.39 -46.14 -47.70
CA SER G 65 5.91 -46.30 -46.35
C SER G 65 7.44 -46.26 -46.40
N GLY G 66 8.05 -46.34 -45.23
CA GLY G 66 9.50 -46.33 -45.11
C GLY G 66 10.04 -44.98 -44.68
N SER G 67 11.26 -45.00 -44.16
CA SER G 67 11.94 -43.79 -43.73
C SER G 67 13.44 -44.05 -43.72
N GLY G 68 14.20 -42.97 -43.74
CA GLY G 68 15.65 -43.07 -43.78
C GLY G 68 16.20 -43.30 -45.17
N THR G 69 16.69 -44.51 -45.44
CA THR G 69 17.25 -44.85 -46.73
C THR G 69 16.45 -45.91 -47.48
N ASP G 70 15.44 -46.50 -46.85
CA ASP G 70 14.61 -47.53 -47.47
C ASP G 70 13.19 -47.01 -47.61
N PHE G 71 12.64 -47.12 -48.81
CA PHE G 71 11.28 -46.64 -49.07
C PHE G 71 10.58 -47.61 -50.01
N THR G 72 9.24 -47.60 -49.97
CA THR G 72 8.45 -48.51 -50.76
C THR G 72 7.12 -47.86 -51.13
N LEU G 73 6.76 -47.93 -52.41
CA LEU G 73 5.44 -47.60 -52.89
C LEU G 73 4.71 -48.89 -53.24
N THR G 74 3.50 -49.05 -52.73
CA THR G 74 2.72 -50.28 -52.88
C THR G 74 1.36 -49.97 -53.46
N ILE G 75 0.96 -50.71 -54.49
CA ILE G 75 -0.36 -50.62 -55.08
C ILE G 75 -1.08 -51.91 -54.72
N SER G 76 -2.14 -51.79 -53.92
CA SER G 76 -2.83 -52.99 -53.41
C SER G 76 -3.50 -53.76 -54.54
N ARG G 77 -4.28 -53.07 -55.37
CA ARG G 77 -5.00 -53.69 -56.48
C ARG G 77 -4.72 -52.88 -57.74
N LEU G 78 -3.96 -53.47 -58.66
CA LEU G 78 -3.62 -52.79 -59.90
C LEU G 78 -4.87 -52.60 -60.75
N GLN G 79 -4.87 -51.54 -61.54
CA GLN G 79 -5.98 -51.15 -62.39
C GLN G 79 -5.51 -50.91 -63.80
N PRO G 80 -6.41 -50.99 -64.79
CA PRO G 80 -5.99 -50.72 -66.18
C PRO G 80 -5.44 -49.32 -66.38
N GLU G 81 -5.84 -48.35 -65.57
CA GLU G 81 -5.34 -46.98 -65.68
C GLU G 81 -4.15 -46.72 -64.78
N ASP G 82 -3.64 -47.74 -64.09
CA ASP G 82 -2.49 -47.59 -63.21
C ASP G 82 -1.19 -47.98 -63.88
N PHE G 83 -1.21 -48.26 -65.19
CA PHE G 83 -0.01 -48.60 -65.93
C PHE G 83 0.64 -47.31 -66.41
N ALA G 84 1.76 -46.94 -65.81
CA ALA G 84 2.48 -45.72 -66.15
C ALA G 84 3.91 -45.85 -65.62
N THR G 85 4.64 -44.74 -65.65
CA THR G 85 5.99 -44.68 -65.10
C THR G 85 5.95 -43.98 -63.76
N TYR G 86 6.59 -44.58 -62.76
CA TYR G 86 6.59 -44.05 -61.41
C TYR G 86 8.00 -43.57 -61.06
N TYR G 87 8.12 -42.32 -60.65
CA TYR G 87 9.37 -41.72 -60.25
C TYR G 87 9.33 -41.37 -58.76
N CYS G 88 10.43 -41.64 -58.06
CA CYS G 88 10.58 -41.25 -56.67
C CYS G 88 11.59 -40.11 -56.57
N GLN G 89 11.22 -39.05 -55.86
CA GLN G 89 12.03 -37.85 -55.73
C GLN G 89 12.31 -37.57 -54.26
N GLN G 90 13.54 -37.21 -53.95
CA GLN G 90 13.93 -36.83 -52.60
C GLN G 90 13.92 -35.31 -52.47
N SER G 91 13.30 -34.81 -51.40
CA SER G 91 13.22 -33.39 -51.15
C SER G 91 14.13 -32.95 -50.00
N HIS G 92 15.05 -33.82 -49.59
CA HIS G 92 15.87 -33.51 -48.40
C HIS G 92 16.72 -32.27 -48.62
N SER G 93 17.41 -32.19 -49.75
CA SER G 93 18.29 -31.06 -50.01
C SER G 93 18.56 -30.97 -51.50
N SER G 94 19.06 -29.80 -51.91
CA SER G 94 19.38 -29.57 -53.31
C SER G 94 20.56 -30.44 -53.72
N PRO G 95 20.53 -31.03 -54.93
CA PRO G 95 19.42 -31.02 -55.90
C PRO G 95 18.35 -32.05 -55.56
N ARG G 96 17.11 -31.79 -55.94
CA ARG G 96 16.05 -32.78 -55.80
C ARG G 96 16.26 -33.86 -56.85
N SER G 97 16.77 -35.02 -56.42
CA SER G 97 17.19 -36.06 -57.36
C SER G 97 16.05 -37.04 -57.59
N PHE G 98 15.56 -37.07 -58.82
CA PHE G 98 14.57 -38.06 -59.21
C PHE G 98 15.23 -39.42 -59.42
N GLY G 99 14.50 -40.48 -59.11
CA GLY G 99 15.00 -41.82 -59.34
C GLY G 99 15.00 -42.18 -60.81
N GLY G 100 15.54 -43.37 -61.09
CA GLY G 100 15.58 -43.86 -62.46
C GLY G 100 14.20 -44.09 -63.07
N GLY G 101 13.18 -44.27 -62.24
CA GLY G 101 11.82 -44.45 -62.73
C GLY G 101 11.47 -45.87 -63.07
N THR G 102 10.36 -46.36 -62.52
CA THR G 102 9.88 -47.71 -62.75
C THR G 102 8.66 -47.67 -63.65
N LYS G 103 8.68 -48.45 -64.74
CA LYS G 103 7.59 -48.50 -65.68
C LYS G 103 6.76 -49.76 -65.44
N VAL G 104 5.47 -49.58 -65.22
CA VAL G 104 4.56 -50.70 -64.94
C VAL G 104 3.78 -50.99 -66.21
N GLU G 105 3.91 -52.22 -66.71
CA GLU G 105 3.30 -52.64 -67.95
C GLU G 105 2.31 -53.78 -67.69
N ILE G 106 1.53 -54.10 -68.72
CA ILE G 106 0.52 -55.14 -68.63
C ILE G 106 1.17 -56.48 -68.92
N LYS G 107 0.86 -57.48 -68.09
CA LYS G 107 1.40 -58.81 -68.28
C LYS G 107 0.78 -59.48 -69.50
N GLU H 1 -27.26 15.69 -56.62
CA GLU H 1 -27.40 16.15 -55.23
C GLU H 1 -28.86 16.42 -54.90
N VAL H 2 -29.09 17.23 -53.86
CA VAL H 2 -30.45 17.58 -53.48
C VAL H 2 -31.09 18.41 -54.58
N GLN H 3 -32.37 18.15 -54.84
CA GLN H 3 -33.14 18.87 -55.83
C GLN H 3 -34.21 19.71 -55.16
N LEU H 4 -34.36 20.94 -55.62
CA LEU H 4 -35.35 21.87 -55.09
C LEU H 4 -36.37 22.19 -56.18
N VAL H 5 -37.65 22.10 -55.82
CA VAL H 5 -38.75 22.37 -56.74
C VAL H 5 -39.66 23.42 -56.11
N GLN H 6 -39.94 24.48 -56.86
CA GLN H 6 -40.76 25.58 -56.38
C GLN H 6 -42.15 25.52 -57.02
N SER H 7 -42.99 26.49 -56.66
CA SER H 7 -44.35 26.55 -57.18
C SER H 7 -44.37 27.32 -58.50
N GLY H 8 -45.57 27.61 -59.01
CA GLY H 8 -45.74 28.31 -60.26
C GLY H 8 -45.71 29.82 -60.11
N ALA H 9 -45.91 30.50 -61.23
CA ALA H 9 -45.83 31.95 -61.28
C ALA H 9 -47.03 32.60 -60.58
N GLU H 10 -46.83 33.84 -60.15
CA GLU H 10 -47.84 34.59 -59.42
C GLU H 10 -48.05 35.95 -60.07
N VAL H 11 -49.30 36.39 -60.08
CA VAL H 11 -49.68 37.73 -60.51
C VAL H 11 -50.44 38.38 -59.36
N LYS H 12 -49.98 39.56 -58.94
CA LYS H 12 -50.51 40.21 -57.75
C LYS H 12 -50.74 41.68 -58.03
N GLU H 13 -51.14 42.40 -56.99
CA GLU H 13 -51.39 43.83 -56.97
C GLU H 13 -50.64 44.44 -55.79
N PRO H 14 -50.21 45.70 -55.90
CA PRO H 14 -49.56 46.34 -54.74
C PRO H 14 -50.46 46.35 -53.52
N GLY H 15 -49.86 46.12 -52.36
CA GLY H 15 -50.59 46.01 -51.11
C GLY H 15 -50.99 44.61 -50.72
N SER H 16 -50.76 43.62 -51.59
CA SER H 16 -51.11 42.24 -51.32
C SER H 16 -49.89 41.48 -50.81
N SER H 17 -50.02 40.17 -50.69
CA SER H 17 -48.93 39.30 -50.25
C SER H 17 -48.85 38.08 -51.14
N VAL H 18 -47.65 37.50 -51.23
CA VAL H 18 -47.38 36.35 -52.07
C VAL H 18 -46.69 35.28 -51.22
N LYS H 19 -47.15 34.03 -51.36
CA LYS H 19 -46.56 32.89 -50.67
C LYS H 19 -45.97 31.95 -51.70
N VAL H 20 -44.67 31.67 -51.57
CA VAL H 20 -43.94 30.84 -52.52
C VAL H 20 -43.39 29.63 -51.79
N SER H 21 -43.62 28.44 -52.35
CA SER H 21 -43.19 27.19 -51.75
C SER H 21 -41.89 26.71 -52.38
N CYS H 22 -41.14 25.92 -51.61
CA CYS H 22 -39.87 25.36 -52.08
C CYS H 22 -39.72 24.00 -51.43
N LYS H 23 -40.00 22.93 -52.17
CA LYS H 23 -39.95 21.58 -51.65
C LYS H 23 -38.58 20.98 -51.95
N ALA H 24 -37.88 20.57 -50.90
CA ALA H 24 -36.59 19.92 -51.03
C ALA H 24 -36.80 18.43 -51.24
N SER H 25 -36.05 17.86 -52.19
CA SER H 25 -36.08 16.40 -52.37
C SER H 25 -35.65 15.69 -51.08
N GLY H 26 -34.69 16.27 -50.39
CA GLY H 26 -34.32 15.80 -49.06
C GLY H 26 -32.86 15.39 -49.00
N GLY H 27 -32.43 15.13 -47.76
CA GLY H 27 -31.13 14.55 -47.48
C GLY H 27 -30.38 15.21 -46.34
N SER H 28 -30.71 16.47 -46.03
CA SER H 28 -30.18 17.13 -44.86
C SER H 28 -31.17 18.09 -44.20
N PHE H 29 -32.47 17.81 -44.34
CA PHE H 29 -33.47 18.78 -43.89
C PHE H 29 -33.44 18.93 -42.37
N SER H 30 -33.92 20.08 -41.90
CA SER H 30 -33.93 20.53 -40.52
C SER H 30 -32.54 20.92 -40.03
N THR H 31 -31.51 20.86 -40.88
CA THR H 31 -30.21 21.40 -40.54
C THR H 31 -29.60 22.23 -41.66
N SER H 32 -30.21 22.26 -42.84
CA SER H 32 -29.64 22.96 -44.00
C SER H 32 -30.40 24.26 -44.21
N GLY H 33 -29.66 25.36 -44.27
CA GLY H 33 -30.27 26.65 -44.52
C GLY H 33 -30.83 26.74 -45.92
N ILE H 34 -32.12 27.03 -46.04
CA ILE H 34 -32.78 27.19 -47.34
C ILE H 34 -32.83 28.69 -47.60
N SER H 35 -31.84 29.18 -48.34
CA SER H 35 -31.74 30.60 -48.65
C SER H 35 -32.64 30.97 -49.81
N TRP H 36 -33.20 32.17 -49.75
CA TRP H 36 -34.03 32.73 -50.81
C TRP H 36 -33.31 33.90 -51.46
N VAL H 37 -33.14 33.84 -52.77
CA VAL H 37 -32.47 34.88 -53.53
C VAL H 37 -33.40 35.33 -54.64
N ARG H 38 -33.59 36.65 -54.75
CA ARG H 38 -34.46 37.23 -55.77
C ARG H 38 -33.60 37.95 -56.80
N GLN H 39 -34.12 38.01 -58.03
CA GLN H 39 -33.39 38.60 -59.15
C GLN H 39 -34.36 39.44 -59.97
N ALA H 40 -34.19 40.77 -59.91
CA ALA H 40 -35.04 41.65 -60.69
C ALA H 40 -34.75 41.46 -62.18
N PRO H 41 -35.72 41.75 -63.05
CA PRO H 41 -35.50 41.59 -64.49
C PRO H 41 -34.40 42.52 -64.98
N GLY H 42 -33.34 41.92 -65.52
CA GLY H 42 -32.22 42.68 -66.02
C GLY H 42 -31.30 43.24 -64.96
N GLN H 43 -31.47 42.82 -63.71
CA GLN H 43 -30.67 43.32 -62.60
C GLN H 43 -29.94 42.15 -61.93
N GLY H 44 -29.15 42.49 -60.91
CA GLY H 44 -28.34 41.49 -60.23
C GLY H 44 -29.10 40.75 -59.16
N LEU H 45 -28.47 39.68 -58.66
CA LEU H 45 -29.07 38.87 -57.62
C LEU H 45 -29.08 39.63 -56.29
N GLU H 46 -30.00 39.24 -55.42
CA GLU H 46 -30.13 39.88 -54.12
C GLU H 46 -30.58 38.84 -53.11
N TRP H 47 -29.90 38.80 -51.96
CA TRP H 47 -30.19 37.81 -50.93
C TRP H 47 -31.27 38.37 -50.00
N MET H 48 -32.37 37.63 -49.87
CA MET H 48 -33.49 38.07 -49.05
C MET H 48 -33.37 37.59 -47.61
N GLY H 49 -33.31 36.27 -47.42
CA GLY H 49 -33.18 35.72 -46.08
C GLY H 49 -32.90 34.24 -46.13
N VAL H 50 -32.55 33.70 -44.97
CA VAL H 50 -32.26 32.28 -44.81
C VAL H 50 -33.04 31.75 -43.62
N ILE H 51 -33.37 30.47 -43.67
CA ILE H 51 -34.05 29.79 -42.58
C ILE H 51 -33.40 28.44 -42.37
N ILE H 52 -33.13 28.09 -41.12
CA ILE H 52 -32.78 26.73 -40.73
C ILE H 52 -34.00 26.11 -40.06
N PRO H 53 -34.58 25.05 -40.64
CA PRO H 53 -35.91 24.62 -40.18
C PRO H 53 -35.99 24.29 -38.70
N ILE H 54 -34.90 23.82 -38.09
CA ILE H 54 -34.95 23.50 -36.67
C ILE H 54 -34.95 24.74 -35.79
N GLN H 55 -34.46 25.88 -36.29
CA GLN H 55 -34.54 27.12 -35.54
C GLN H 55 -35.98 27.55 -35.31
N GLY H 56 -36.82 27.40 -36.34
CA GLY H 56 -38.22 27.76 -36.24
C GLY H 56 -38.50 29.14 -36.78
N THR H 57 -37.58 30.07 -36.55
CA THR H 57 -37.72 31.44 -37.02
C THR H 57 -37.01 31.59 -38.37
N GLY H 58 -36.89 32.82 -38.83
CA GLY H 58 -36.17 33.11 -40.07
C GLY H 58 -35.36 34.39 -39.96
N ASN H 59 -34.12 34.37 -40.43
CA ASN H 59 -33.28 35.56 -40.42
C ASN H 59 -33.32 36.24 -41.78
N TYR H 60 -33.28 37.57 -41.77
CA TYR H 60 -33.42 38.37 -42.97
C TYR H 60 -32.37 39.48 -42.98
N ALA H 61 -32.09 39.97 -44.19
CA ALA H 61 -31.14 41.05 -44.38
C ALA H 61 -31.72 42.38 -43.92
N GLN H 62 -30.86 43.37 -43.76
CA GLN H 62 -31.29 44.69 -43.30
C GLN H 62 -31.79 45.55 -44.46
N LYS H 63 -32.55 44.91 -45.34
CA LYS H 63 -33.31 45.57 -46.39
C LYS H 63 -34.72 45.02 -46.55
N PHE H 64 -35.02 43.86 -45.97
CA PHE H 64 -36.34 43.25 -46.07
C PHE H 64 -36.99 42.99 -44.72
N GLN H 65 -36.36 43.39 -43.62
CA GLN H 65 -36.92 43.14 -42.30
C GLN H 65 -38.25 43.86 -42.14
N GLY H 66 -39.24 43.14 -41.61
CA GLY H 66 -40.55 43.69 -41.33
C GLY H 66 -41.62 43.34 -42.35
N ARG H 67 -41.25 42.86 -43.53
CA ARG H 67 -42.25 42.50 -44.53
C ARG H 67 -41.93 41.18 -45.22
N VAL H 68 -40.96 40.42 -44.73
CA VAL H 68 -40.64 39.10 -45.26
C VAL H 68 -40.77 38.09 -44.12
N THR H 69 -41.55 37.05 -44.36
CA THR H 69 -41.73 35.96 -43.40
C THR H 69 -41.41 34.65 -44.09
N ILE H 70 -40.46 33.90 -43.54
CA ILE H 70 -40.08 32.59 -44.06
C ILE H 70 -40.33 31.55 -42.98
N THR H 71 -41.08 30.51 -43.33
CA THR H 71 -41.35 29.41 -42.42
C THR H 71 -41.14 28.10 -43.16
N ALA H 72 -40.90 27.03 -42.40
CA ALA H 72 -40.60 25.72 -42.95
C ALA H 72 -41.61 24.71 -42.43
N ASP H 73 -42.11 23.87 -43.34
CA ASP H 73 -43.00 22.75 -42.98
C ASP H 73 -42.13 21.49 -42.97
N GLU H 74 -41.80 21.02 -41.77
CA GLU H 74 -40.89 19.89 -41.63
C GLU H 74 -41.50 18.61 -42.20
N SER H 75 -42.79 18.38 -41.95
CA SER H 75 -43.43 17.15 -42.42
C SER H 75 -43.43 17.07 -43.94
N THR H 76 -43.74 18.18 -44.62
CA THR H 76 -43.82 18.20 -46.07
C THR H 76 -42.49 18.56 -46.72
N THR H 77 -41.45 18.84 -45.93
CA THR H 77 -40.13 19.20 -46.44
C THR H 77 -40.21 20.37 -47.42
N THR H 78 -41.01 21.36 -47.06
CA THR H 78 -41.24 22.52 -47.91
C THR H 78 -40.99 23.80 -47.12
N VAL H 79 -40.33 24.76 -47.77
CA VAL H 79 -40.01 26.05 -47.16
C VAL H 79 -40.86 27.11 -47.82
N TYR H 80 -41.55 27.91 -47.01
CA TYR H 80 -42.48 28.92 -47.51
C TYR H 80 -41.95 30.31 -47.21
N MET H 81 -42.00 31.18 -48.22
CA MET H 81 -41.58 32.56 -48.09
C MET H 81 -42.77 33.46 -48.41
N GLU H 82 -43.16 34.30 -47.44
CA GLU H 82 -44.30 35.19 -47.58
C GLU H 82 -43.79 36.62 -47.60
N LEU H 83 -43.90 37.26 -48.77
CA LEU H 83 -43.50 38.66 -48.95
C LEU H 83 -44.77 39.51 -48.99
N SER H 84 -44.97 40.31 -47.96
CA SER H 84 -46.15 41.16 -47.84
C SER H 84 -45.83 42.59 -48.27
N SER H 85 -46.90 43.36 -48.48
CA SER H 85 -46.80 44.77 -48.87
C SER H 85 -46.04 44.92 -50.19
N LEU H 86 -46.58 44.28 -51.22
CA LEU H 86 -45.93 44.29 -52.53
C LEU H 86 -45.96 45.68 -53.15
N ARG H 87 -44.94 45.97 -53.96
CA ARG H 87 -44.81 47.24 -54.64
C ARG H 87 -44.25 46.99 -56.04
N SER H 88 -43.84 48.06 -56.70
CA SER H 88 -43.30 47.93 -58.06
C SER H 88 -41.94 47.26 -58.06
N ASP H 89 -41.13 47.46 -57.01
CA ASP H 89 -39.80 46.88 -56.92
C ASP H 89 -39.82 45.44 -56.41
N ASP H 90 -40.97 44.77 -56.43
CA ASP H 90 -41.08 43.39 -55.96
C ASP H 90 -41.39 42.42 -57.09
N THR H 91 -41.23 42.85 -58.34
CA THR H 91 -41.39 41.96 -59.49
C THR H 91 -40.02 41.39 -59.84
N ALA H 92 -39.84 40.09 -59.66
CA ALA H 92 -38.55 39.46 -59.83
C ALA H 92 -38.72 37.95 -59.84
N LEU H 93 -37.66 37.24 -60.21
CA LEU H 93 -37.59 35.80 -60.04
C LEU H 93 -37.13 35.46 -58.63
N TYR H 94 -37.85 34.56 -57.98
CA TYR H 94 -37.58 34.20 -56.58
C TYR H 94 -37.06 32.77 -56.55
N TYR H 95 -35.76 32.61 -56.31
CA TYR H 95 -35.14 31.31 -56.16
C TYR H 95 -35.04 30.92 -54.69
N CYS H 96 -35.02 29.62 -54.45
CA CYS H 96 -34.66 29.07 -53.15
C CYS H 96 -33.43 28.20 -53.31
N ALA H 97 -32.49 28.34 -52.37
CA ALA H 97 -31.21 27.66 -52.47
C ALA H 97 -30.78 27.15 -51.11
N ARG H 98 -29.91 26.13 -51.12
CA ARG H 98 -29.45 25.46 -49.92
C ARG H 98 -27.97 25.78 -49.69
N ASP H 99 -27.63 26.12 -48.45
CA ASP H 99 -26.26 26.46 -48.08
C ASP H 99 -25.49 25.20 -47.70
N GLN H 100 -24.16 25.28 -47.85
CA GLN H 100 -23.28 24.18 -47.47
C GLN H 100 -22.38 24.54 -46.29
N HIS H 101 -21.61 25.61 -46.40
CA HIS H 101 -20.77 26.14 -45.31
C HIS H 101 -19.81 25.07 -44.78
N ILE H 102 -18.88 24.68 -45.65
CA ILE H 102 -17.76 23.83 -45.26
C ILE H 102 -16.65 24.71 -44.70
N TYR H 103 -16.25 24.44 -43.47
CA TYR H 103 -15.14 25.13 -42.82
C TYR H 103 -14.19 24.08 -42.25
N ASP H 104 -12.89 24.25 -42.47
CA ASP H 104 -11.96 23.19 -42.06
C ASP H 104 -11.63 23.28 -40.57
N SER H 105 -10.84 24.29 -40.18
CA SER H 105 -10.66 24.54 -38.75
C SER H 105 -10.42 26.00 -38.39
N SER H 106 -10.35 26.91 -39.36
CA SER H 106 -9.95 28.28 -39.03
C SER H 106 -10.72 29.37 -39.74
N GLY H 107 -11.50 29.06 -40.76
CA GLY H 107 -12.19 30.08 -41.52
C GLY H 107 -12.00 29.92 -43.01
N HIS H 108 -11.26 28.89 -43.41
CA HIS H 108 -11.10 28.58 -44.82
C HIS H 108 -12.35 27.89 -45.33
N GLY H 109 -12.76 28.26 -46.54
CA GLY H 109 -14.01 27.75 -47.09
C GLY H 109 -15.22 28.42 -46.51
N GLY H 110 -16.18 28.78 -47.36
CA GLY H 110 -17.36 29.49 -46.91
C GLY H 110 -18.63 28.87 -47.44
N LEU H 111 -19.72 29.63 -47.42
CA LEU H 111 -21.02 29.15 -47.86
C LEU H 111 -21.17 29.26 -49.37
N TRP H 112 -22.01 28.41 -49.94
CA TRP H 112 -22.35 28.52 -51.35
C TRP H 112 -23.69 27.84 -51.58
N PHE H 113 -24.37 28.27 -52.64
CA PHE H 113 -25.72 27.81 -52.96
C PHE H 113 -25.64 26.91 -54.20
N ASP H 114 -25.40 25.63 -53.97
CA ASP H 114 -25.30 24.71 -55.10
C ASP H 114 -26.66 24.39 -55.71
N PRO H 115 -27.68 23.96 -54.93
CA PRO H 115 -28.98 23.71 -55.55
C PRO H 115 -29.83 24.97 -55.63
N TRP H 116 -30.42 25.22 -56.79
CA TRP H 116 -31.34 26.33 -56.98
C TRP H 116 -32.63 25.79 -57.59
N GLY H 117 -33.75 26.38 -57.20
CA GLY H 117 -35.01 26.05 -57.82
C GLY H 117 -35.10 26.61 -59.23
N GLN H 118 -36.10 26.13 -59.98
CA GLN H 118 -36.30 26.62 -61.34
C GLN H 118 -36.69 28.09 -61.37
N GLY H 119 -37.15 28.65 -60.25
CA GLY H 119 -37.52 30.05 -60.20
C GLY H 119 -39.02 30.28 -60.20
N THR H 120 -39.49 31.18 -59.34
CA THR H 120 -40.90 31.50 -59.22
C THR H 120 -41.10 32.96 -59.63
N LEU H 121 -41.50 33.17 -60.89
CA LEU H 121 -41.73 34.52 -61.41
C LEU H 121 -42.95 35.11 -60.73
N VAL H 122 -42.75 36.18 -59.95
CA VAL H 122 -43.83 36.88 -59.28
C VAL H 122 -43.94 38.26 -59.91
N THR H 123 -45.10 38.57 -60.49
CA THR H 123 -45.33 39.83 -61.17
C THR H 123 -46.34 40.64 -60.38
N VAL H 124 -45.97 41.87 -60.04
CA VAL H 124 -46.84 42.78 -59.30
C VAL H 124 -47.51 43.67 -60.34
N SER H 125 -48.66 43.22 -60.84
CA SER H 125 -49.39 43.98 -61.85
C SER H 125 -49.91 45.28 -61.26
N SER H 126 -49.88 46.34 -62.07
CA SER H 126 -50.36 47.64 -61.64
C SER H 126 -51.87 47.76 -61.81
N ALA I 1 -23.24 44.96 -44.12
CA ALA I 1 -22.80 46.27 -44.55
C ALA I 1 -21.53 46.15 -45.41
N ILE I 2 -21.32 44.98 -45.99
CA ILE I 2 -20.18 44.70 -46.84
C ILE I 2 -20.65 44.71 -48.29
N ARG I 3 -19.94 45.45 -49.14
CA ARG I 3 -20.28 45.58 -50.54
C ARG I 3 -19.21 44.95 -51.42
N MET I 4 -19.65 44.43 -52.56
CA MET I 4 -18.76 43.80 -53.53
C MET I 4 -18.83 44.55 -54.85
N THR I 5 -17.67 44.86 -55.41
CA THR I 5 -17.57 45.62 -56.65
C THR I 5 -16.81 44.79 -57.68
N GLN I 6 -17.39 44.69 -58.87
CA GLN I 6 -16.77 43.93 -59.95
C GLN I 6 -16.15 44.87 -60.99
N SER I 7 -15.28 44.31 -61.81
CA SER I 7 -14.67 45.01 -62.94
C SER I 7 -14.06 44.01 -63.90
N PRO I 8 -14.38 44.09 -65.20
CA PRO I 8 -15.31 45.04 -65.83
C PRO I 8 -16.76 44.58 -65.73
N SER I 9 -17.69 45.36 -66.29
CA SER I 9 -19.09 44.98 -66.30
C SER I 9 -19.47 44.14 -67.52
N SER I 10 -18.72 44.28 -68.62
CA SER I 10 -19.00 43.51 -69.83
C SER I 10 -17.73 43.45 -70.65
N LEU I 11 -17.15 42.25 -70.76
CA LEU I 11 -15.96 42.04 -71.56
C LEU I 11 -16.28 41.10 -72.72
N SER I 12 -15.72 41.40 -73.88
CA SER I 12 -15.94 40.61 -75.09
C SER I 12 -14.62 39.97 -75.49
N ALA I 13 -14.57 38.64 -75.50
CA ALA I 13 -13.38 37.89 -75.82
C ALA I 13 -13.71 36.81 -76.85
N SER I 14 -12.70 36.01 -77.19
CA SER I 14 -12.84 34.95 -78.18
C SER I 14 -12.59 33.59 -77.53
N VAL I 15 -12.91 32.55 -78.28
CA VAL I 15 -12.74 31.17 -77.80
C VAL I 15 -11.25 30.89 -77.62
N GLY I 16 -10.89 30.29 -76.49
CA GLY I 16 -9.51 29.96 -76.21
C GLY I 16 -8.69 31.05 -75.55
N ASP I 17 -9.28 32.22 -75.32
CA ASP I 17 -8.57 33.32 -74.69
C ASP I 17 -8.52 33.14 -73.18
N ARG I 18 -7.79 34.04 -72.52
CA ARG I 18 -7.70 34.07 -71.07
C ARG I 18 -8.52 35.24 -70.54
N VAL I 19 -9.44 34.95 -69.62
CA VAL I 19 -10.37 35.94 -69.08
C VAL I 19 -10.06 36.13 -67.60
N THR I 20 -9.91 37.39 -67.20
CA THR I 20 -9.63 37.74 -65.81
C THR I 20 -10.70 38.70 -65.32
N ILE I 21 -11.38 38.33 -64.23
CA ILE I 21 -12.43 39.14 -63.63
C ILE I 21 -12.06 39.39 -62.17
N THR I 22 -12.19 40.64 -61.74
CA THR I 22 -11.82 41.04 -60.39
C THR I 22 -13.07 41.32 -59.56
N CYS I 23 -13.01 40.96 -58.28
CA CYS I 23 -14.10 41.18 -57.33
C CYS I 23 -13.48 41.74 -56.06
N ARG I 24 -13.84 42.97 -55.71
CA ARG I 24 -13.25 43.66 -54.58
C ARG I 24 -14.29 43.91 -53.50
N ALA I 25 -13.85 43.79 -52.24
CA ALA I 25 -14.71 43.97 -51.09
C ALA I 25 -14.34 45.26 -50.35
N SER I 26 -15.34 45.89 -49.75
CA SER I 26 -15.08 47.10 -48.96
C SER I 26 -14.17 46.80 -47.78
N GLN I 27 -14.41 45.67 -47.10
CA GLN I 27 -13.59 45.23 -45.98
C GLN I 27 -13.27 43.75 -46.13
N SER I 28 -12.22 43.33 -45.44
CA SER I 28 -11.72 41.97 -45.60
C SER I 28 -12.79 40.93 -45.24
N ILE I 29 -12.94 39.93 -46.11
CA ILE I 29 -13.91 38.87 -45.94
C ILE I 29 -13.23 37.51 -45.84
N SER I 30 -11.93 37.49 -45.59
CA SER I 30 -11.11 36.28 -45.59
C SER I 30 -11.26 35.53 -46.90
N SER I 31 -11.71 34.27 -46.83
CA SER I 31 -11.83 33.41 -48.00
C SER I 31 -13.26 32.92 -48.16
N TYR I 32 -14.22 33.79 -47.86
CA TYR I 32 -15.64 33.46 -47.94
C TYR I 32 -16.28 34.02 -49.21
N LEU I 33 -15.58 33.97 -50.33
CA LEU I 33 -16.09 34.45 -51.61
C LEU I 33 -16.51 33.28 -52.48
N ASN I 34 -17.56 33.51 -53.27
CA ASN I 34 -18.07 32.50 -54.21
C ASN I 34 -18.26 33.14 -55.57
N TRP I 35 -18.16 32.32 -56.61
CA TRP I 35 -18.39 32.74 -57.98
C TRP I 35 -19.51 31.92 -58.59
N TYR I 36 -20.50 32.59 -59.16
CA TYR I 36 -21.65 31.95 -59.76
C TYR I 36 -21.71 32.26 -61.25
N GLN I 37 -22.10 31.27 -62.04
CA GLN I 37 -22.29 31.42 -63.48
C GLN I 37 -23.77 31.23 -63.79
N GLN I 38 -24.37 32.24 -64.42
CA GLN I 38 -25.79 32.21 -64.75
C GLN I 38 -25.98 32.32 -66.26
N LYS I 39 -26.69 31.37 -66.83
CA LYS I 39 -27.06 31.49 -68.23
C LYS I 39 -28.50 31.98 -68.34
N PRO I 40 -28.82 32.70 -69.42
CA PRO I 40 -30.18 33.28 -69.54
C PRO I 40 -31.25 32.21 -69.47
N GLY I 41 -32.31 32.51 -68.73
CA GLY I 41 -33.42 31.59 -68.55
C GLY I 41 -33.16 30.44 -67.60
N LYS I 42 -32.03 30.44 -66.90
CA LYS I 42 -31.68 29.35 -66.02
C LYS I 42 -31.14 29.89 -64.70
N ALA I 43 -31.23 29.07 -63.65
CA ALA I 43 -30.75 29.42 -62.34
C ALA I 43 -29.22 29.35 -62.28
N PRO I 44 -28.59 30.19 -61.45
CA PRO I 44 -27.13 30.23 -61.41
C PRO I 44 -26.53 28.91 -60.94
N LYS I 45 -25.30 28.66 -61.35
CA LYS I 45 -24.55 27.49 -60.95
C LYS I 45 -23.23 27.90 -60.31
N VAL I 46 -22.80 27.12 -59.33
CA VAL I 46 -21.57 27.42 -58.61
C VAL I 46 -20.36 26.97 -59.43
N LEU I 47 -19.35 27.82 -59.49
CA LEU I 47 -18.06 27.46 -60.07
C LEU I 47 -16.95 27.48 -59.04
N ILE I 48 -16.85 28.53 -58.24
CA ILE I 48 -15.83 28.66 -57.20
C ILE I 48 -16.51 28.94 -55.88
N TYR I 49 -16.15 28.17 -54.85
CA TYR I 49 -16.57 28.43 -53.48
C TYR I 49 -15.32 28.46 -52.60
N GLY I 50 -15.32 29.35 -51.61
CA GLY I 50 -14.13 29.48 -50.79
C GLY I 50 -12.99 30.20 -51.46
N ALA I 51 -13.23 30.80 -52.63
CA ALA I 51 -12.29 31.63 -53.36
C ALA I 51 -11.15 30.83 -53.97
N SER I 52 -11.02 29.56 -53.60
CA SER I 52 -9.94 28.73 -54.13
C SER I 52 -10.36 27.31 -54.48
N SER I 53 -11.62 26.93 -54.28
CA SER I 53 -12.06 25.55 -54.46
C SER I 53 -12.96 25.41 -55.68
N LEU I 54 -12.81 24.29 -56.38
CA LEU I 54 -13.61 23.97 -57.55
C LEU I 54 -14.74 23.02 -57.15
N HIS I 55 -15.95 23.35 -57.58
CA HIS I 55 -17.08 22.46 -57.35
C HIS I 55 -16.95 21.20 -58.20
N SER I 56 -17.60 20.14 -57.76
CA SER I 56 -17.61 18.89 -58.52
C SER I 56 -18.25 19.11 -59.88
N GLY I 57 -17.55 18.66 -60.93
CA GLY I 57 -18.02 18.83 -62.29
C GLY I 57 -17.53 20.08 -62.98
N VAL I 58 -16.91 21.00 -62.26
CA VAL I 58 -16.43 22.24 -62.87
C VAL I 58 -15.20 21.95 -63.73
N PRO I 59 -15.17 22.39 -64.98
CA PRO I 59 -13.98 22.17 -65.81
C PRO I 59 -12.75 22.83 -65.22
N SER I 60 -11.59 22.19 -65.44
CA SER I 60 -10.33 22.63 -64.84
C SER I 60 -9.87 23.99 -65.38
N ARG I 61 -10.46 24.48 -66.47
CA ARG I 61 -10.05 25.77 -67.02
C ARG I 61 -10.36 26.93 -66.08
N PHE I 62 -11.39 26.79 -65.23
CA PHE I 62 -11.71 27.84 -64.27
C PHE I 62 -10.76 27.77 -63.08
N SER I 63 -10.30 28.94 -62.64
CA SER I 63 -9.41 29.03 -61.50
C SER I 63 -9.65 30.34 -60.76
N GLY I 64 -9.75 30.25 -59.45
CA GLY I 64 -9.95 31.41 -58.60
C GLY I 64 -8.84 31.54 -57.58
N SER I 65 -8.55 32.77 -57.18
CA SER I 65 -7.50 33.04 -56.22
C SER I 65 -7.80 34.36 -55.52
N GLY I 66 -6.93 34.72 -54.58
CA GLY I 66 -7.06 35.96 -53.85
C GLY I 66 -7.65 35.74 -52.46
N SER I 67 -7.40 36.72 -51.59
CA SER I 67 -7.91 36.69 -50.23
C SER I 67 -7.95 38.12 -49.70
N GLY I 68 -8.74 38.31 -48.65
CA GLY I 68 -8.88 39.62 -48.06
C GLY I 68 -9.89 40.49 -48.80
N THR I 69 -9.38 41.50 -49.53
CA THR I 69 -10.23 42.42 -50.27
C THR I 69 -10.02 42.34 -51.77
N ASP I 70 -9.03 41.59 -52.25
CA ASP I 70 -8.76 41.44 -53.67
C ASP I 70 -9.00 39.99 -54.07
N PHE I 71 -9.78 39.79 -55.13
CA PHE I 71 -10.08 38.46 -55.61
C PHE I 71 -10.09 38.47 -57.13
N THR I 72 -9.89 37.28 -57.72
CA THR I 72 -9.81 37.16 -59.16
C THR I 72 -10.31 35.78 -59.58
N LEU I 73 -11.20 35.75 -60.57
CA LEU I 73 -11.59 34.53 -61.27
C LEU I 73 -10.93 34.53 -62.63
N THR I 74 -10.28 33.43 -62.98
CA THR I 74 -9.53 33.32 -64.22
C THR I 74 -9.98 32.11 -65.01
N ILE I 75 -10.24 32.31 -66.30
CA ILE I 75 -10.57 31.24 -67.22
C ILE I 75 -9.37 31.10 -68.17
N SER I 76 -8.70 29.95 -68.09
CA SER I 76 -7.47 29.77 -68.88
C SER I 76 -7.76 29.75 -70.36
N ARG I 77 -8.73 28.93 -70.78
CA ARG I 77 -9.09 28.79 -72.19
C ARG I 77 -10.60 28.95 -72.32
N LEU I 78 -11.03 30.07 -72.89
CA LEU I 78 -12.44 30.32 -73.08
C LEU I 78 -13.06 29.33 -74.06
N GLN I 79 -14.33 29.02 -73.86
CA GLN I 79 -15.06 28.03 -74.64
C GLN I 79 -16.35 28.64 -75.14
N PRO I 80 -16.93 28.09 -76.22
CA PRO I 80 -18.21 28.62 -76.71
C PRO I 80 -19.32 28.55 -75.69
N GLU I 81 -19.27 27.61 -74.75
CA GLU I 81 -20.29 27.49 -73.72
C GLU I 81 -19.94 28.24 -72.44
N ASP I 82 -18.83 28.98 -72.44
CA ASP I 82 -18.41 29.74 -71.27
C ASP I 82 -18.86 31.19 -71.32
N PHE I 83 -19.65 31.57 -72.33
CA PHE I 83 -20.18 32.93 -72.43
C PHE I 83 -21.45 33.03 -71.60
N ALA I 84 -21.37 33.72 -70.46
CA ALA I 84 -22.50 33.88 -69.57
C ALA I 84 -22.21 35.07 -68.66
N THR I 85 -23.03 35.25 -67.62
CA THR I 85 -22.83 36.29 -66.63
C THR I 85 -22.24 35.67 -65.38
N TYR I 86 -21.19 36.28 -64.85
CA TYR I 86 -20.49 35.77 -63.67
C TYR I 86 -20.71 36.72 -62.51
N TYR I 87 -21.23 36.19 -61.40
CA TYR I 87 -21.47 36.95 -60.18
C TYR I 87 -20.54 36.46 -59.08
N CYS I 88 -19.98 37.39 -58.32
CA CYS I 88 -19.19 37.07 -57.14
C CYS I 88 -19.97 37.45 -55.89
N GLN I 89 -20.06 36.51 -54.95
CA GLN I 89 -20.83 36.69 -53.74
C GLN I 89 -19.93 36.49 -52.53
N GLN I 90 -20.09 37.34 -51.53
CA GLN I 90 -19.35 37.23 -50.28
C GLN I 90 -20.22 36.52 -49.24
N SER I 91 -19.64 35.53 -48.57
CA SER I 91 -20.32 34.80 -47.51
C SER I 91 -19.83 35.21 -46.13
N HIS I 92 -19.14 36.35 -46.03
CA HIS I 92 -18.55 36.74 -44.75
C HIS I 92 -19.61 36.95 -43.69
N SER I 93 -20.63 37.75 -44.00
CA SER I 93 -21.63 38.12 -43.02
C SER I 93 -22.89 38.60 -43.72
N SER I 94 -23.98 38.62 -42.99
CA SER I 94 -25.25 39.06 -43.55
C SER I 94 -25.19 40.56 -43.82
N PRO I 95 -25.72 41.02 -44.96
CA PRO I 95 -26.29 40.24 -46.06
C PRO I 95 -25.23 39.66 -46.99
N ARG I 96 -25.50 38.51 -47.61
CA ARG I 96 -24.62 38.00 -48.65
C ARG I 96 -24.78 38.86 -49.89
N SER I 97 -23.82 39.74 -50.15
CA SER I 97 -23.94 40.75 -51.18
C SER I 97 -23.34 40.22 -52.48
N PHE I 98 -24.17 40.06 -53.50
CA PHE I 98 -23.69 39.70 -54.82
C PHE I 98 -23.08 40.91 -55.51
N GLY I 99 -22.09 40.66 -56.36
CA GLY I 99 -21.48 41.72 -57.12
C GLY I 99 -22.37 42.20 -58.25
N GLY I 100 -21.91 43.25 -58.92
CA GLY I 100 -22.64 43.77 -60.06
C GLY I 100 -22.77 42.79 -61.22
N GLY I 101 -21.89 41.79 -61.29
CA GLY I 101 -21.97 40.79 -62.32
C GLY I 101 -21.27 41.17 -63.61
N THR I 102 -20.40 40.30 -64.10
CA THR I 102 -19.65 40.53 -65.32
C THR I 102 -20.19 39.62 -66.42
N LYS I 103 -20.52 40.19 -67.56
CA LYS I 103 -21.07 39.46 -68.70
C LYS I 103 -19.97 39.24 -69.73
N VAL I 104 -19.74 37.99 -70.08
CA VAL I 104 -18.70 37.62 -71.04
C VAL I 104 -19.37 37.32 -72.38
N GLU I 105 -18.99 38.08 -73.39
CA GLU I 105 -19.60 37.99 -74.72
C GLU I 105 -18.55 37.56 -75.74
N ILE I 106 -19.02 37.23 -76.94
CA ILE I 106 -18.16 36.77 -78.02
C ILE I 106 -17.61 37.99 -78.76
N LYS I 107 -16.31 37.98 -79.03
CA LYS I 107 -15.68 39.08 -79.74
C LYS I 107 -16.11 39.09 -81.21
#